data_9CRO
#
_entry.id   9CRO
#
_cell.length_a   1.00
_cell.length_b   1.00
_cell.length_c   1.00
_cell.angle_alpha   90.00
_cell.angle_beta   90.00
_cell.angle_gamma   90.00
#
_symmetry.space_group_name_H-M   'P 1'
#
loop_
_entity.id
_entity.type
_entity.pdbx_description
1 polymer 'CRISPR type I-A cluster 2/Apern-associated protein Csa5-2'
2 polymer 'CRISPR-associated aCascade subunit Cas7/Csa2 2'
3 polymer 'CRISPR system aCascade subunit Cas5 1'
4 polymer 'RNA (44-MER)'
5 non-polymer 2-AMINO-2-HYDROXYMETHYL-PROPANE-1,3-DIOL
#
loop_
_entity_poly.entity_id
_entity_poly.type
_entity_poly.pdbx_seq_one_letter_code
_entity_poly.pdbx_strand_id
1 'polypeptide(L)'
;HHHHHHMAQKSEKENIIGRIANLLAVGFLYSESPTLVDRFANALSKEAVTKVLYDVQRIVQMGIDRSEIATTTITIQGKD
YPAQGKDYPAVNVNSSGAKYTVVGYLPTSQDIEDFLRMIEEDVYYARKAGALAMSIANRIKLGSKQSKSEQGGEKK
;
J,I,K,L,M,N
2 'polypeptide(L)'
;MISGSVRFLVNLESLNGVESIGNLTKHRTAPVVLKTSTGYLVRYVPVISGEALAHAYQASLVDIAKKEGLPVGSLSSQYE
FIKFSTDEALKIEGIKEPKDYNDARRFEVEVMLKDVIADVGGFMYAGGAPVRRTSRIKLGYMIPALRGDEIPAQLEAQFH
VRFSNKPVSGSQAIFNVEVSSALYTFSFELDEDLIAVPSTFGEKVKGEEELERQKAKRVKSAIKALYSLLSGNFGGKRSR
FLPSMKLMSLVVTKTDFPFMPEPAHDDDYIKTTIMRLGKAKGVLNGNLAKAYVINNEGIEVGEGVTVLSTVEDLVVKLEE
E
;
B,C,D,A,E,F,G
3 'polypeptide(L)'
;MIYSKVFLKLHWGFSVVKPLAAKAKPGFYLPPPTTLIGALSYGKFRGVDNINLGNVYGSPAYNFRNIMATARLESEGVYT
EDIIRNVISYFQRKERRENPRYIYGVIPTGKVYIPNGRLVVVYVTDSISKEELEKLCWSITRIGCKECLASVENVEVGEA
KKVSGRVKTRYYFRDTVKVVGRKEFLEYVTFWEENGYIWGKEGSPVRYILPITTYPLASKEVEVEAKEAYEVGGEYVVFS
;
H
4 'polyribonucleotide' AUUGAAAGUUCUGUUUCGAAGAAAACCCGCCUCAGAUUCAUUAUGGGGAUAAUCUCUUAUAGA S
#
loop_
_chem_comp.id
_chem_comp.type
_chem_comp.name
_chem_comp.formula
A RNA linking ADENOSINE-5'-MONOPHOSPHATE 'C10 H14 N5 O7 P'
C RNA linking CYTIDINE-5'-MONOPHOSPHATE 'C9 H14 N3 O8 P'
G RNA linking GUANOSINE-5'-MONOPHOSPHATE 'C10 H14 N5 O8 P'
TRS non-polymer 2-AMINO-2-HYDROXYMETHYL-PROPANE-1,3-DIOL 'C4 H12 N O3 1'
U RNA linking URIDINE-5'-MONOPHOSPHATE 'C9 H13 N2 O9 P'
#
# COMPACT_ATOMS: atom_id res chain seq x y z
N GLU A 12 7.97 37.72 29.21
CA GLU A 12 7.90 38.42 30.50
C GLU A 12 7.00 37.67 31.50
N LYS A 13 5.91 37.03 31.03
CA LYS A 13 5.07 36.16 31.87
C LYS A 13 5.88 35.00 32.46
N GLU A 14 6.72 34.33 31.66
CA GLU A 14 7.58 33.25 32.15
C GLU A 14 8.63 33.75 33.16
N ASN A 15 9.18 34.94 32.95
CA ASN A 15 10.12 35.54 33.89
C ASN A 15 9.44 35.82 35.25
N ILE A 16 8.21 36.36 35.23
CA ILE A 16 7.42 36.59 36.45
C ILE A 16 7.17 35.26 37.17
N ILE A 17 6.68 34.24 36.46
CA ILE A 17 6.42 32.91 37.03
C ILE A 17 7.71 32.32 37.64
N GLY A 18 8.84 32.45 36.94
CA GLY A 18 10.14 31.98 37.43
C GLY A 18 10.59 32.70 38.71
N ARG A 19 10.37 34.01 38.81
CA ARG A 19 10.69 34.78 40.01
C ARG A 19 9.77 34.43 41.19
N ILE A 20 8.48 34.18 40.94
CA ILE A 20 7.56 33.66 41.96
C ILE A 20 7.99 32.26 42.42
N ALA A 21 8.39 31.39 41.49
CA ALA A 21 8.90 30.05 41.83
C ALA A 21 10.17 30.13 42.71
N ASN A 22 11.08 31.06 42.43
CA ASN A 22 12.25 31.30 43.26
C ASN A 22 11.85 31.72 44.69
N LEU A 23 10.87 32.62 44.83
CA LEU A 23 10.36 33.02 46.14
C LEU A 23 9.79 31.83 46.92
N LEU A 24 8.95 31.01 46.28
CA LEU A 24 8.38 29.81 46.89
C LEU A 24 9.47 28.80 47.29
N ALA A 25 10.48 28.59 46.44
CA ALA A 25 11.60 27.69 46.73
C ALA A 25 12.45 28.18 47.91
N VAL A 26 12.75 29.47 47.97
CA VAL A 26 13.46 30.08 49.10
C VAL A 26 12.67 29.91 50.40
N GLY A 27 11.37 30.21 50.37
CA GLY A 27 10.49 30.03 51.53
C GLY A 27 10.41 28.58 51.99
N PHE A 28 10.34 27.62 51.07
CA PHE A 28 10.34 26.19 51.38
C PHE A 28 11.65 25.73 51.99
N LEU A 29 12.79 26.08 51.39
CA LEU A 29 14.11 25.69 51.90
C LEU A 29 14.41 26.28 53.28
N TYR A 30 13.97 27.53 53.52
CA TYR A 30 14.16 28.20 54.80
C TYR A 30 13.27 27.63 55.91
N SER A 31 11.99 27.41 55.61
CA SER A 31 11.02 26.88 56.59
C SER A 31 11.08 25.37 56.76
N GLU A 32 11.74 24.65 55.84
CA GLU A 32 11.75 23.19 55.74
C GLU A 32 10.35 22.56 55.65
N SER A 33 9.35 23.36 55.24
CA SER A 33 7.96 22.95 55.11
C SER A 33 7.46 23.10 53.69
N PRO A 34 6.88 22.03 53.09
CA PRO A 34 6.26 22.12 51.76
C PRO A 34 4.85 22.72 51.79
N THR A 35 4.28 22.96 52.97
CA THR A 35 2.86 23.31 53.15
C THR A 35 2.40 24.51 52.30
N LEU A 36 3.21 25.55 52.22
CA LEU A 36 2.86 26.73 51.43
C LEU A 36 2.90 26.44 49.92
N VAL A 37 3.87 25.64 49.47
CA VAL A 37 3.96 25.25 48.05
C VAL A 37 2.79 24.32 47.68
N ASP A 38 2.43 23.38 48.57
CA ASP A 38 1.26 22.52 48.40
C ASP A 38 -0.02 23.35 48.27
N ARG A 39 -0.21 24.33 49.15
CA ARG A 39 -1.36 25.25 49.10
C ARG A 39 -1.39 26.04 47.79
N PHE A 40 -0.23 26.51 47.33
CA PHE A 40 -0.11 27.29 46.10
C PHE A 40 -0.45 26.47 44.85
N ALA A 41 0.11 25.26 44.74
CA ALA A 41 -0.11 24.38 43.60
C ALA A 41 -1.52 23.77 43.55
N ASN A 42 -2.22 23.69 44.69
CA ASN A 42 -3.59 23.20 44.77
C ASN A 42 -4.65 24.33 44.79
N ALA A 43 -4.24 25.59 44.73
CA ALA A 43 -5.15 26.72 44.75
C ALA A 43 -6.20 26.65 43.63
N LEU A 44 -7.45 26.91 44.00
CA LEU A 44 -8.59 27.01 43.08
C LEU A 44 -9.21 28.42 43.07
N SER A 45 -8.66 29.34 43.86
CA SER A 45 -9.12 30.72 43.95
C SER A 45 -7.94 31.69 44.13
N LYS A 46 -8.15 32.94 43.74
CA LYS A 46 -7.19 34.03 43.98
C LYS A 46 -6.91 34.26 45.47
N GLU A 47 -7.87 33.94 46.35
CA GLU A 47 -7.73 34.05 47.80
C GLU A 47 -6.60 33.16 48.32
N ALA A 48 -6.60 31.88 47.95
CA ALA A 48 -5.57 30.93 48.36
C ALA A 48 -4.18 31.34 47.86
N VAL A 49 -4.08 31.77 46.60
CA VAL A 49 -2.82 32.23 46.00
C VAL A 49 -2.28 33.45 46.74
N THR A 50 -3.12 34.45 46.96
CA THR A 50 -2.73 35.70 47.62
C THR A 50 -2.29 35.45 49.07
N LYS A 51 -2.99 34.57 49.78
CA LYS A 51 -2.64 34.18 51.15
C LYS A 51 -1.24 33.53 51.20
N VAL A 52 -0.93 32.63 50.27
CA VAL A 52 0.40 32.01 50.20
C VAL A 52 1.47 33.05 49.84
N LEU A 53 1.21 33.94 48.89
CA LEU A 53 2.16 35.00 48.53
C LEU A 53 2.51 35.89 49.72
N TYR A 54 1.54 36.22 50.57
CA TYR A 54 1.82 36.92 51.81
C TYR A 54 2.63 36.05 52.79
N ASP A 55 2.17 34.84 53.09
CA ASP A 55 2.78 33.99 54.12
C ASP A 55 4.22 33.62 53.77
N VAL A 56 4.53 33.32 52.50
CA VAL A 56 5.89 33.01 52.06
C VAL A 56 6.80 34.23 52.17
N GLN A 57 6.33 35.41 51.78
CA GLN A 57 7.10 36.65 51.94
C GLN A 57 7.31 37.00 53.41
N ARG A 58 6.36 36.71 54.28
CA ARG A 58 6.51 36.90 55.73
C ARG A 58 7.60 35.98 56.31
N ILE A 59 7.69 34.73 55.84
CA ILE A 59 8.78 33.81 56.19
C ILE A 59 10.12 34.33 55.68
N VAL A 60 10.17 34.76 54.42
CA VAL A 60 11.40 35.33 53.82
C VAL A 60 11.83 36.59 54.56
N GLN A 61 10.90 37.46 54.95
CA GLN A 61 11.18 38.66 55.77
C GLN A 61 11.86 38.29 57.10
N MET A 62 11.42 37.26 57.80
CA MET A 62 12.09 36.79 59.02
C MET A 62 13.51 36.31 58.74
N GLY A 63 13.72 35.57 57.65
CA GLY A 63 15.04 35.12 57.23
C GLY A 63 15.98 36.26 56.87
N ILE A 64 15.45 37.31 56.24
CA ILE A 64 16.19 38.54 55.94
C ILE A 64 16.59 39.25 57.24
N ASP A 65 15.65 39.44 58.18
CA ASP A 65 15.93 40.13 59.45
C ASP A 65 16.96 39.37 60.30
N ARG A 66 16.96 38.04 60.24
CA ARG A 66 17.95 37.18 60.90
C ARG A 66 19.28 37.06 60.13
N SER A 67 19.40 37.69 58.96
CA SER A 67 20.54 37.52 58.04
C SER A 67 20.78 36.08 57.61
N GLU A 68 19.75 35.24 57.64
CA GLU A 68 19.78 33.85 57.17
C GLU A 68 19.35 33.72 55.71
N ILE A 69 18.68 34.75 55.17
CA ILE A 69 18.40 34.89 53.74
C ILE A 69 19.07 36.16 53.24
N ALA A 70 19.92 36.04 52.23
CA ALA A 70 20.62 37.16 51.64
C ALA A 70 20.75 37.01 50.12
N THR A 71 20.66 38.10 49.40
CA THR A 71 20.98 38.11 47.97
C THR A 71 22.50 38.10 47.78
N THR A 72 22.94 37.44 46.72
CA THR A 72 24.36 37.30 46.36
C THR A 72 24.49 37.14 44.85
N THR A 73 25.72 37.14 44.37
CA THR A 73 26.05 36.68 43.02
C THR A 73 26.93 35.45 43.12
N ILE A 74 26.76 34.52 42.20
CA ILE A 74 27.57 33.31 42.12
C ILE A 74 28.04 33.10 40.68
N THR A 75 29.28 32.67 40.54
CA THR A 75 29.83 32.27 39.24
C THR A 75 29.51 30.79 39.02
N ASP A 87 28.86 35.95 36.44
CA ASP A 87 28.13 36.05 37.69
C ASP A 87 26.63 36.04 37.43
N TYR A 88 25.93 35.16 38.16
CA TYR A 88 24.48 35.08 38.17
C TYR A 88 23.95 35.57 39.52
N PRO A 89 22.81 36.30 39.53
CA PRO A 89 22.14 36.64 40.78
C PRO A 89 21.66 35.36 41.47
N ALA A 90 21.77 35.32 42.79
CA ALA A 90 21.34 34.20 43.60
C ALA A 90 20.85 34.66 44.98
N VAL A 91 20.19 33.76 45.68
CA VAL A 91 19.76 33.94 47.07
C VAL A 91 20.36 32.82 47.91
N ASN A 92 21.19 33.18 48.89
CA ASN A 92 21.69 32.24 49.89
C ASN A 92 20.66 32.09 51.01
N VAL A 93 20.41 30.85 51.39
CA VAL A 93 19.50 30.48 52.48
C VAL A 93 20.24 29.59 53.46
N ASN A 94 20.29 29.99 54.72
CA ASN A 94 20.79 29.16 55.81
C ASN A 94 19.62 28.67 56.65
N SER A 95 19.46 27.35 56.76
CA SER A 95 18.40 26.74 57.57
C SER A 95 18.93 25.53 58.31
N SER A 96 18.71 25.48 59.64
CA SER A 96 19.09 24.34 60.49
C SER A 96 20.54 23.84 60.29
N GLY A 97 21.48 24.76 60.02
CA GLY A 97 22.88 24.45 59.70
C GLY A 97 23.13 24.00 58.25
N ALA A 98 22.10 23.80 57.45
CA ALA A 98 22.24 23.59 56.02
C ALA A 98 22.35 24.93 55.28
N LYS A 99 23.20 24.97 54.26
CA LYS A 99 23.32 26.12 53.35
C LYS A 99 22.81 25.75 51.98
N TYR A 100 21.89 26.53 51.46
CA TYR A 100 21.33 26.37 50.13
C TYR A 100 21.55 27.66 49.32
N THR A 101 21.66 27.53 48.02
CA THR A 101 21.75 28.67 47.11
C THR A 101 20.75 28.48 45.97
N VAL A 102 19.76 29.37 45.88
CA VAL A 102 18.78 29.42 44.79
C VAL A 102 19.30 30.43 43.77
N VAL A 103 19.44 30.01 42.51
CA VAL A 103 19.93 30.89 41.43
C VAL A 103 18.75 31.64 40.82
N GLY A 104 18.86 32.96 40.72
CA GLY A 104 17.83 33.83 40.15
C GLY A 104 17.46 34.99 41.07
N TYR A 105 16.54 35.83 40.57
CA TYR A 105 16.00 36.96 41.34
C TYR A 105 14.74 36.55 42.09
N LEU A 106 14.48 37.24 43.22
CA LEU A 106 13.17 37.26 43.86
C LEU A 106 12.22 38.22 43.10
N PRO A 107 10.90 38.01 43.17
CA PRO A 107 9.94 38.89 42.50
C PRO A 107 9.95 40.29 43.11
N THR A 108 9.71 41.28 42.25
CA THR A 108 9.45 42.66 42.64
C THR A 108 7.98 42.84 43.06
N SER A 109 7.64 44.00 43.63
CA SER A 109 6.24 44.35 43.89
C SER A 109 5.39 44.33 42.61
N GLN A 110 5.98 44.80 41.49
CA GLN A 110 5.30 44.76 40.20
C GLN A 110 5.08 43.33 39.71
N ASP A 111 6.04 42.42 39.93
CA ASP A 111 5.88 41.01 39.58
C ASP A 111 4.74 40.36 40.36
N ILE A 112 4.59 40.66 41.65
CA ILE A 112 3.48 40.16 42.46
C ILE A 112 2.14 40.67 41.93
N GLU A 113 2.08 41.97 41.59
CA GLU A 113 0.85 42.59 41.07
C GLU A 113 0.47 42.02 39.69
N ASP A 114 1.44 41.89 38.80
CA ASP A 114 1.23 41.30 37.47
C ASP A 114 0.90 39.81 37.58
N PHE A 115 1.53 39.06 38.52
CA PHE A 115 1.20 37.67 38.77
C PHE A 115 -0.23 37.51 39.30
N LEU A 116 -0.66 38.35 40.24
CA LEU A 116 -2.05 38.35 40.72
C LEU A 116 -3.04 38.62 39.59
N ARG A 117 -2.72 39.54 38.66
CA ARG A 117 -3.54 39.77 37.46
C ARG A 117 -3.61 38.53 36.56
N MET A 118 -2.48 37.80 36.39
CA MET A 118 -2.46 36.53 35.66
C MET A 118 -3.32 35.45 36.35
N ILE A 119 -3.31 35.40 37.69
CA ILE A 119 -4.14 34.48 38.47
C ILE A 119 -5.63 34.80 38.37
N GLU A 120 -6.00 36.08 38.30
CA GLU A 120 -7.38 36.51 38.10
C GLU A 120 -7.92 36.08 36.72
N GLU A 121 -7.04 35.93 35.71
CA GLU A 121 -7.38 35.37 34.41
C GLU A 121 -7.37 33.82 34.43
N ASP A 122 -6.33 33.20 34.99
CA ASP A 122 -6.19 31.74 35.03
C ASP A 122 -5.31 31.27 36.20
N VAL A 123 -5.92 30.57 37.16
CA VAL A 123 -5.24 29.98 38.32
C VAL A 123 -4.20 28.91 37.94
N TYR A 124 -4.16 28.46 36.68
CA TYR A 124 -3.11 27.60 36.12
C TYR A 124 -1.69 28.12 36.42
N TYR A 125 -1.47 29.42 36.37
CA TYR A 125 -0.14 29.99 36.62
C TYR A 125 0.38 29.73 38.03
N ALA A 126 -0.50 29.57 39.03
CA ALA A 126 -0.10 29.16 40.37
C ALA A 126 0.44 27.73 40.38
N ARG A 127 -0.20 26.81 39.64
CA ARG A 127 0.28 25.43 39.48
C ARG A 127 1.63 25.39 38.76
N LYS A 128 1.82 26.20 37.73
CA LYS A 128 3.10 26.30 37.01
C LYS A 128 4.21 26.80 37.93
N ALA A 129 3.98 27.86 38.69
CA ALA A 129 4.95 28.38 39.65
C ALA A 129 5.26 27.36 40.77
N GLY A 130 4.25 26.67 41.29
CA GLY A 130 4.43 25.62 42.29
C GLY A 130 5.27 24.46 41.79
N ALA A 131 5.03 23.98 40.56
CA ALA A 131 5.82 22.92 39.93
C ALA A 131 7.29 23.31 39.76
N LEU A 132 7.55 24.54 39.31
CA LEU A 132 8.90 25.08 39.21
C LEU A 132 9.58 25.20 40.57
N ALA A 133 8.88 25.73 41.58
CA ALA A 133 9.42 25.90 42.93
C ALA A 133 9.84 24.56 43.55
N MET A 134 8.99 23.54 43.43
CA MET A 134 9.29 22.20 43.94
C MET A 134 10.49 21.57 43.20
N SER A 135 10.63 21.81 41.90
CA SER A 135 11.77 21.35 41.11
C SER A 135 13.09 21.98 41.59
N ILE A 136 13.08 23.30 41.84
CA ILE A 136 14.24 24.02 42.37
C ILE A 136 14.64 23.45 43.73
N ALA A 137 13.68 23.32 44.64
CA ALA A 137 13.92 22.83 45.98
C ALA A 137 14.43 21.39 45.99
N ASN A 138 13.83 20.49 45.20
CA ASN A 138 14.25 19.10 45.10
C ASN A 138 15.68 18.95 44.59
N ARG A 139 16.05 19.68 43.54
CA ARG A 139 17.41 19.64 42.99
C ARG A 139 18.44 20.10 44.01
N ILE A 140 18.14 21.18 44.75
CA ILE A 140 19.02 21.70 45.78
C ILE A 140 19.15 20.72 46.95
N LYS A 141 18.05 20.14 47.42
CA LYS A 141 18.06 19.14 48.51
C LYS A 141 18.83 17.88 48.12
N LEU A 142 18.67 17.38 46.89
CA LEU A 142 19.42 16.24 46.38
C LEU A 142 20.93 16.51 46.37
N GLY A 143 21.35 17.65 45.82
CA GLY A 143 22.77 18.03 45.79
C GLY A 143 23.38 18.17 47.18
N SER A 144 22.65 18.77 48.12
CA SER A 144 23.10 18.91 49.51
C SER A 144 23.25 17.56 50.22
N LYS A 145 22.34 16.61 50.01
CA LYS A 145 22.45 15.25 50.59
C LYS A 145 23.62 14.47 49.99
N GLN A 146 23.87 14.60 48.70
CA GLN A 146 24.97 13.92 48.04
C GLN A 146 26.33 14.40 48.57
N SER A 147 26.53 15.70 48.69
CA SER A 147 27.77 16.25 49.25
C SER A 147 28.03 15.82 50.71
N LYS A 148 26.98 15.68 51.52
CA LYS A 148 27.12 15.16 52.88
C LYS A 148 27.49 13.66 52.90
N GLU B 12 18.12 17.43 21.86
CA GLU B 12 17.82 17.96 23.20
C GLU B 12 16.38 17.68 23.62
N LYS B 13 15.41 17.72 22.68
CA LYS B 13 14.02 17.32 22.94
C LYS B 13 13.93 15.86 23.42
N GLU B 14 14.65 14.93 22.78
CA GLU B 14 14.69 13.53 23.20
C GLU B 14 15.33 13.35 24.59
N ASN B 15 16.36 14.12 24.88
CA ASN B 15 17.00 14.09 26.20
C ASN B 15 16.03 14.55 27.30
N ILE B 16 15.27 15.63 27.04
CA ILE B 16 14.25 16.13 27.97
C ILE B 16 13.18 15.05 28.18
N ILE B 17 12.62 14.48 27.11
CA ILE B 17 11.62 13.42 27.19
C ILE B 17 12.16 12.21 27.98
N GLY B 18 13.40 11.81 27.73
CA GLY B 18 14.05 10.73 28.46
C GLY B 18 14.19 11.00 29.96
N ARG B 19 14.65 12.22 30.28
CA ARG B 19 14.78 12.56 31.71
C ARG B 19 13.37 12.52 32.32
N ILE B 20 12.37 12.89 31.52
CA ILE B 20 10.99 12.91 32.05
C ILE B 20 10.59 11.48 32.36
N ALA B 21 10.69 10.61 31.35
CA ALA B 21 10.48 9.16 31.54
C ALA B 21 11.11 8.73 32.86
N ASN B 22 12.38 9.04 33.05
CA ASN B 22 13.08 8.58 34.25
C ASN B 22 12.37 9.03 35.54
N LEU B 23 11.91 10.28 35.60
CA LEU B 23 11.14 10.78 36.74
C LEU B 23 9.85 9.97 36.95
N LEU B 24 9.09 9.74 35.89
CA LEU B 24 7.86 8.94 35.93
C LEU B 24 8.14 7.49 36.36
N ALA B 25 9.21 6.88 35.86
CA ALA B 25 9.60 5.52 36.22
C ALA B 25 10.02 5.41 37.70
N VAL B 26 10.80 6.37 38.20
CA VAL B 26 11.17 6.44 39.62
C VAL B 26 9.93 6.58 40.50
N GLY B 27 9.02 7.50 40.15
CA GLY B 27 7.78 7.69 40.88
C GLY B 27 6.90 6.44 40.89
N PHE B 28 6.79 5.73 39.75
CA PHE B 28 6.06 4.47 39.65
C PHE B 28 6.66 3.35 40.50
N LEU B 29 7.98 3.15 40.41
CA LEU B 29 8.67 2.10 41.17
C LEU B 29 8.60 2.36 42.68
N TYR B 30 8.69 3.62 43.11
CA TYR B 30 8.62 3.99 44.51
C TYR B 30 7.19 3.87 45.08
N SER B 31 6.19 4.35 44.36
CA SER B 31 4.78 4.30 44.78
C SER B 31 4.11 2.94 44.57
N GLU B 32 4.71 2.07 43.74
CA GLU B 32 4.13 0.82 43.25
C GLU B 32 2.76 0.99 42.56
N SER B 33 2.47 2.21 42.09
CA SER B 33 1.22 2.56 41.42
C SER B 33 1.47 3.06 40.01
N PRO B 34 0.79 2.48 38.99
CA PRO B 34 0.85 2.98 37.62
C PRO B 34 -0.03 4.20 37.37
N THR B 35 -0.87 4.60 38.32
CA THR B 35 -1.94 5.59 38.13
C THR B 35 -1.44 6.93 37.55
N LEU B 36 -0.32 7.43 38.01
CA LEU B 36 0.24 8.69 37.50
C LEU B 36 0.76 8.54 36.05
N VAL B 37 1.37 7.40 35.72
CA VAL B 37 1.86 7.14 34.36
C VAL B 37 0.67 6.95 33.41
N ASP B 38 -0.39 6.25 33.85
CA ASP B 38 -1.65 6.11 33.10
C ASP B 38 -2.26 7.49 32.80
N ARG B 39 -2.35 8.36 33.81
CA ARG B 39 -2.86 9.73 33.65
C ARG B 39 -2.00 10.53 32.67
N PHE B 40 -0.68 10.39 32.74
CA PHE B 40 0.26 11.10 31.86
C PHE B 40 0.14 10.67 30.40
N ALA B 41 0.10 9.35 30.15
CA ALA B 41 0.01 8.80 28.79
C ALA B 41 -1.37 8.98 28.15
N ASN B 42 -2.43 9.17 28.95
CA ASN B 42 -3.77 9.45 28.46
C ASN B 42 -4.15 10.94 28.45
N ALA B 43 -3.25 11.83 28.86
CA ALA B 43 -3.51 13.25 28.91
C ALA B 43 -3.92 13.81 27.53
N LEU B 44 -4.97 14.63 27.54
CA LEU B 44 -5.47 15.37 26.39
C LEU B 44 -5.37 16.89 26.56
N SER B 45 -4.85 17.34 27.69
CA SER B 45 -4.66 18.76 28.02
C SER B 45 -3.37 18.98 28.80
N LYS B 46 -2.83 20.19 28.72
CA LYS B 46 -1.69 20.63 29.54
C LYS B 46 -1.98 20.56 31.04
N GLU B 47 -3.24 20.70 31.45
CA GLU B 47 -3.67 20.61 32.85
C GLU B 47 -3.35 19.22 33.45
N ALA B 48 -3.75 18.15 32.75
CA ALA B 48 -3.50 16.79 33.20
C ALA B 48 -2.00 16.49 33.29
N VAL B 49 -1.23 16.91 32.29
CA VAL B 49 0.24 16.72 32.26
C VAL B 49 0.90 17.44 33.43
N THR B 50 0.56 18.71 33.64
CA THR B 50 1.15 19.52 34.71
C THR B 50 0.80 18.97 36.10
N LYS B 51 -0.44 18.51 36.28
CA LYS B 51 -0.87 17.87 37.53
C LYS B 51 -0.05 16.62 37.84
N VAL B 52 0.19 15.77 36.85
CA VAL B 52 1.03 14.58 37.04
C VAL B 52 2.48 14.95 37.33
N LEU B 53 3.05 15.93 36.63
CA LEU B 53 4.41 16.39 36.88
C LEU B 53 4.60 16.89 38.32
N TYR B 54 3.61 17.59 38.86
CA TYR B 54 3.63 17.95 40.28
C TYR B 54 3.52 16.71 41.18
N ASP B 55 2.50 15.88 40.98
CA ASP B 55 2.20 14.76 41.88
C ASP B 55 3.36 13.73 41.91
N VAL B 56 3.99 13.43 40.78
CA VAL B 56 5.14 12.52 40.73
C VAL B 56 6.36 13.10 41.44
N GLN B 57 6.63 14.39 41.26
CA GLN B 57 7.72 15.06 41.97
C GLN B 57 7.44 15.13 43.48
N ARG B 58 6.20 15.28 43.89
CA ARG B 58 5.81 15.25 45.31
C ARG B 58 6.06 13.87 45.94
N ILE B 59 5.79 12.79 45.20
CA ILE B 59 6.12 11.42 45.61
C ILE B 59 7.63 11.23 45.70
N VAL B 60 8.39 11.68 44.69
CA VAL B 60 9.85 11.61 44.68
C VAL B 60 10.44 12.41 45.84
N GLN B 61 9.91 13.60 46.14
CA GLN B 61 10.32 14.42 47.29
C GLN B 61 10.17 13.65 48.60
N MET B 62 9.08 12.92 48.83
CA MET B 62 8.93 12.08 50.02
C MET B 62 9.98 10.98 50.09
N GLY B 63 10.27 10.34 48.96
CA GLY B 63 11.30 9.31 48.88
C GLY B 63 12.70 9.85 49.16
N ILE B 64 12.99 11.07 48.70
CA ILE B 64 14.24 11.78 48.99
C ILE B 64 14.34 12.10 50.48
N ASP B 65 13.28 12.64 51.10
CA ASP B 65 13.30 12.99 52.52
C ASP B 65 13.44 11.75 53.42
N ARG B 66 12.90 10.62 53.00
CA ARG B 66 13.07 9.32 53.68
C ARG B 66 14.39 8.61 53.36
N SER B 67 15.23 9.19 52.51
CA SER B 67 16.45 8.56 51.99
C SER B 67 16.20 7.22 51.28
N GLU B 68 15.01 7.01 50.75
CA GLU B 68 14.61 5.84 49.97
C GLU B 68 14.80 6.07 48.46
N ILE B 69 14.92 7.33 48.04
CA ILE B 69 15.34 7.72 46.68
C ILE B 69 16.63 8.52 46.78
N ALA B 70 17.67 8.07 46.10
CA ALA B 70 18.97 8.73 46.09
C ALA B 70 19.62 8.65 44.70
N THR B 71 20.30 9.72 44.31
CA THR B 71 21.16 9.68 43.12
C THR B 71 22.45 8.92 43.41
N THR B 72 22.95 8.22 42.41
CA THR B 72 24.18 7.42 42.49
C THR B 72 24.83 7.35 41.12
N THR B 73 26.01 6.76 41.06
CA THR B 73 26.63 6.31 39.81
C THR B 73 26.77 4.79 39.85
N ILE B 74 26.60 4.16 38.71
CA ILE B 74 26.77 2.72 38.56
C ILE B 74 27.65 2.42 37.34
N THR B 75 28.52 1.44 37.48
CA THR B 75 29.31 0.92 36.37
C THR B 75 28.51 -0.17 35.68
N ASP B 87 31.25 4.82 34.51
CA ASP B 87 30.20 5.17 35.45
C ASP B 87 29.08 5.93 34.74
N TYR B 88 27.86 5.47 34.95
CA TYR B 88 26.65 6.12 34.48
C TYR B 88 25.88 6.70 35.67
N PRO B 89 25.27 7.89 35.52
CA PRO B 89 24.36 8.42 36.53
C PRO B 89 23.14 7.50 36.67
N ALA B 90 22.70 7.31 37.89
CA ALA B 90 21.53 6.50 38.19
C ALA B 90 20.77 7.03 39.41
N VAL B 91 19.57 6.51 39.60
CA VAL B 91 18.73 6.77 40.78
C VAL B 91 18.39 5.44 41.43
N ASN B 92 18.82 5.25 42.69
CA ASN B 92 18.42 4.12 43.50
C ASN B 92 17.06 4.39 44.15
N VAL B 93 16.17 3.42 44.09
CA VAL B 93 14.84 3.48 44.68
C VAL B 93 14.65 2.25 45.58
N ASN B 94 14.35 2.47 46.84
CA ASN B 94 13.96 1.41 47.77
C ASN B 94 12.46 1.51 48.03
N SER B 95 11.72 0.45 47.73
CA SER B 95 10.27 0.38 47.95
C SER B 95 9.87 -0.99 48.48
N SER B 96 9.15 -1.02 49.62
CA SER B 96 8.62 -2.28 50.19
C SER B 96 9.65 -3.41 50.33
N GLY B 97 10.90 -3.07 50.62
CA GLY B 97 12.03 -4.01 50.68
C GLY B 97 12.63 -4.41 49.34
N ALA B 98 12.04 -3.99 48.22
CA ALA B 98 12.65 -4.13 46.91
C ALA B 98 13.60 -2.98 46.63
N LYS B 99 14.73 -3.27 45.98
CA LYS B 99 15.69 -2.27 45.51
C LYS B 99 15.67 -2.23 43.99
N TYR B 100 15.48 -1.03 43.45
CA TYR B 100 15.49 -0.79 42.02
C TYR B 100 16.55 0.28 41.69
N THR B 101 17.12 0.22 40.51
CA THR B 101 18.05 1.24 40.02
C THR B 101 17.63 1.67 38.62
N VAL B 102 17.25 2.93 38.47
CA VAL B 102 16.93 3.57 37.19
C VAL B 102 18.19 4.26 36.68
N VAL B 103 18.65 3.93 35.47
CA VAL B 103 19.85 4.53 34.88
C VAL B 103 19.47 5.82 34.16
N GLY B 104 20.16 6.90 34.46
CA GLY B 104 19.94 8.22 33.86
C GLY B 104 19.77 9.33 34.89
N TYR B 105 19.60 10.56 34.38
CA TYR B 105 19.34 11.73 35.21
C TYR B 105 17.84 11.96 35.39
N LEU B 106 17.46 12.59 36.51
CA LEU B 106 16.15 13.21 36.69
C LEU B 106 16.12 14.56 35.97
N PRO B 107 14.93 15.05 35.56
CA PRO B 107 14.80 16.33 34.89
C PRO B 107 15.17 17.49 35.82
N THR B 108 15.75 18.54 35.22
CA THR B 108 15.98 19.83 35.88
C THR B 108 14.71 20.68 35.84
N SER B 109 14.70 21.80 36.57
CA SER B 109 13.61 22.79 36.46
C SER B 109 13.45 23.30 35.02
N GLN B 110 14.57 23.50 34.32
CA GLN B 110 14.54 23.92 32.92
C GLN B 110 13.94 22.84 32.02
N ASP B 111 14.23 21.55 32.28
CA ASP B 111 13.64 20.45 31.53
C ASP B 111 12.12 20.40 31.70
N ILE B 112 11.61 20.63 32.91
CA ILE B 112 10.16 20.67 33.17
C ILE B 112 9.51 21.84 32.40
N GLU B 113 10.16 23.01 32.41
CA GLU B 113 9.65 24.20 31.73
C GLU B 113 9.67 24.02 30.20
N ASP B 114 10.76 23.49 29.66
CA ASP B 114 10.87 23.20 28.24
C ASP B 114 9.91 22.07 27.81
N PHE B 115 9.73 21.05 28.67
CA PHE B 115 8.75 19.99 28.42
C PHE B 115 7.32 20.51 28.41
N LEU B 116 6.95 21.39 29.36
CA LEU B 116 5.63 22.03 29.35
C LEU B 116 5.41 22.86 28.09
N ARG B 117 6.44 23.57 27.60
CA ARG B 117 6.37 24.28 26.30
C ARG B 117 6.15 23.33 25.13
N MET B 118 6.81 22.15 25.13
CA MET B 118 6.57 21.09 24.13
C MET B 118 5.14 20.55 24.20
N ILE B 119 4.57 20.38 25.40
CA ILE B 119 3.19 19.94 25.61
C ILE B 119 2.18 20.98 25.13
N GLU B 120 2.46 22.27 25.31
CA GLU B 120 1.62 23.35 24.81
C GLU B 120 1.56 23.36 23.26
N GLU B 121 2.61 22.89 22.58
CA GLU B 121 2.61 22.67 21.13
C GLU B 121 1.96 21.34 20.73
N ASP B 122 2.30 20.23 21.41
CA ASP B 122 1.76 18.90 21.08
C ASP B 122 1.79 17.95 22.30
N VAL B 123 0.61 17.59 22.80
CA VAL B 123 0.43 16.63 23.90
C VAL B 123 0.97 15.22 23.60
N TYR B 124 1.32 14.93 22.34
CA TYR B 124 2.02 13.70 21.93
C TYR B 124 3.26 13.41 22.79
N TYR B 125 4.02 14.42 23.17
CA TYR B 125 5.24 14.23 23.96
C TYR B 125 4.98 13.63 25.34
N ALA B 126 3.79 13.84 25.93
CA ALA B 126 3.38 13.18 27.16
C ALA B 126 3.21 11.68 26.95
N ARG B 127 2.59 11.27 25.83
CA ARG B 127 2.46 9.86 25.46
C ARG B 127 3.81 9.21 25.23
N LYS B 128 4.73 9.89 24.57
CA LYS B 128 6.09 9.40 24.33
C LYS B 128 6.84 9.18 25.66
N ALA B 129 6.80 10.15 26.55
CA ALA B 129 7.42 10.03 27.88
C ALA B 129 6.77 8.91 28.72
N GLY B 130 5.46 8.77 28.69
CA GLY B 130 4.74 7.70 29.37
C GLY B 130 5.12 6.31 28.87
N ALA B 131 5.22 6.13 27.55
CA ALA B 131 5.64 4.88 26.93
C ALA B 131 7.08 4.49 27.34
N LEU B 132 7.99 5.45 27.35
CA LEU B 132 9.36 5.25 27.81
C LEU B 132 9.41 4.90 29.31
N ALA B 133 8.67 5.62 30.15
CA ALA B 133 8.62 5.39 31.60
C ALA B 133 8.13 3.97 31.93
N MET B 134 7.05 3.53 31.27
CA MET B 134 6.52 2.18 31.47
C MET B 134 7.51 1.10 31.01
N SER B 135 8.25 1.33 29.93
CA SER B 135 9.30 0.43 29.45
C SER B 135 10.44 0.29 30.47
N ILE B 136 10.89 1.40 31.05
CA ILE B 136 11.93 1.39 32.08
C ILE B 136 11.45 0.59 33.30
N ALA B 137 10.26 0.89 33.79
CA ALA B 137 9.69 0.23 34.96
C ALA B 137 9.47 -1.27 34.74
N ASN B 138 8.93 -1.67 33.59
CA ASN B 138 8.70 -3.07 33.23
C ASN B 138 10.01 -3.88 33.19
N ARG B 139 11.04 -3.34 32.55
CA ARG B 139 12.34 -4.02 32.46
C ARG B 139 12.95 -4.23 33.84
N ILE B 140 12.87 -3.21 34.71
CA ILE B 140 13.40 -3.29 36.07
C ILE B 140 12.59 -4.30 36.91
N LYS B 141 11.26 -4.28 36.83
CA LYS B 141 10.41 -5.24 37.56
C LYS B 141 10.64 -6.68 37.10
N LEU B 142 10.79 -6.93 35.80
CA LEU B 142 11.11 -8.24 35.26
C LEU B 142 12.45 -8.76 35.80
N GLY B 143 13.51 -7.95 35.74
CA GLY B 143 14.83 -8.32 36.26
C GLY B 143 14.81 -8.63 37.76
N SER B 144 14.10 -7.83 38.54
CA SER B 144 13.96 -8.05 39.98
C SER B 144 13.21 -9.34 40.32
N LYS B 145 12.16 -9.69 39.57
CA LYS B 145 11.43 -10.96 39.78
C LYS B 145 12.26 -12.17 39.39
N GLN B 146 13.04 -12.08 38.32
CA GLN B 146 13.91 -13.17 37.87
C GLN B 146 15.00 -13.47 38.92
N SER B 147 15.68 -12.46 39.45
CA SER B 147 16.69 -12.67 40.50
C SER B 147 16.12 -13.29 41.78
N LYS B 148 16.75 -14.38 42.15
CA LYS B 148 16.26 -15.25 43.22
C LYS B 148 15.51 -16.45 42.66
N GLU C 12 19.95 -4.36 12.45
CA GLU C 12 19.43 -3.88 13.74
C GLU C 12 17.96 -3.45 13.64
N LYS C 13 17.54 -2.87 12.50
CA LYS C 13 16.13 -2.55 12.23
C LYS C 13 15.26 -3.82 12.27
N GLU C 14 15.69 -4.92 11.67
CA GLU C 14 14.97 -6.19 11.70
C GLU C 14 14.89 -6.78 13.13
N ASN C 15 15.96 -6.65 13.91
CA ASN C 15 15.96 -7.10 15.29
C ASN C 15 14.95 -6.30 16.13
N ILE C 16 14.89 -4.98 15.95
CA ILE C 16 13.92 -4.12 16.63
C ILE C 16 12.49 -4.55 16.25
N ILE C 17 12.20 -4.68 14.95
CA ILE C 17 10.89 -5.12 14.46
C ILE C 17 10.51 -6.50 15.04
N GLY C 18 11.46 -7.43 15.08
CA GLY C 18 11.24 -8.76 15.66
C GLY C 18 10.92 -8.72 17.16
N ARG C 19 11.60 -7.85 17.92
CA ARG C 19 11.31 -7.66 19.35
C ARG C 19 9.94 -7.00 19.60
N ILE C 20 9.55 -6.03 18.77
CA ILE C 20 8.20 -5.45 18.80
C ILE C 20 7.14 -6.52 18.46
N ALA C 21 7.40 -7.36 17.45
CA ALA C 21 6.51 -8.45 17.10
C ALA C 21 6.35 -9.46 18.26
N ASN C 22 7.42 -9.78 18.99
CA ASN C 22 7.34 -10.62 20.17
C ASN C 22 6.46 -9.99 21.27
N LEU C 23 6.59 -8.69 21.51
CA LEU C 23 5.73 -7.97 22.47
C LEU C 23 4.25 -8.05 22.08
N LEU C 24 3.94 -7.79 20.82
CA LEU C 24 2.57 -7.88 20.30
C LEU C 24 2.01 -9.31 20.40
N ALA C 25 2.82 -10.33 20.09
CA ALA C 25 2.43 -11.73 20.19
C ALA C 25 2.16 -12.15 21.64
N VAL C 26 3.02 -11.75 22.59
CA VAL C 26 2.82 -11.99 24.03
C VAL C 26 1.53 -11.33 24.50
N GLY C 27 1.31 -10.06 24.17
CA GLY C 27 0.09 -9.35 24.52
C GLY C 27 -1.17 -10.00 23.95
N PHE C 28 -1.12 -10.46 22.70
CA PHE C 28 -2.22 -11.18 22.06
C PHE C 28 -2.53 -12.52 22.73
N LEU C 29 -1.52 -13.35 22.98
CA LEU C 29 -1.69 -14.65 23.61
C LEU C 29 -2.20 -14.52 25.06
N TYR C 30 -1.74 -13.51 25.80
CA TYR C 30 -2.18 -13.27 27.17
C TYR C 30 -3.61 -12.73 27.25
N SER C 31 -3.96 -11.75 26.40
CA SER C 31 -5.29 -11.15 26.37
C SER C 31 -6.34 -11.97 25.62
N GLU C 32 -5.90 -12.94 24.80
CA GLU C 32 -6.73 -13.70 23.86
C GLU C 32 -7.51 -12.81 22.86
N SER C 33 -7.06 -11.57 22.67
CA SER C 33 -7.68 -10.60 21.79
C SER C 33 -6.73 -10.15 20.67
N PRO C 34 -7.17 -10.23 19.40
CA PRO C 34 -6.38 -9.72 18.28
C PRO C 34 -6.48 -8.21 18.10
N THR C 35 -7.35 -7.51 18.84
CA THR C 35 -7.72 -6.11 18.61
C THR C 35 -6.52 -5.16 18.56
N LEU C 36 -5.55 -5.33 19.45
CA LEU C 36 -4.34 -4.48 19.46
C LEU C 36 -3.45 -4.74 18.24
N VAL C 37 -3.31 -6.00 17.82
CA VAL C 37 -2.52 -6.35 16.63
C VAL C 37 -3.21 -5.84 15.37
N ASP C 38 -4.55 -5.94 15.29
CA ASP C 38 -5.34 -5.37 14.20
C ASP C 38 -5.14 -3.86 14.10
N ARG C 39 -5.22 -3.14 15.23
CA ARG C 39 -4.98 -1.70 15.28
C ARG C 39 -3.57 -1.34 14.84
N PHE C 40 -2.57 -2.13 15.24
CA PHE C 40 -1.17 -1.91 14.89
C PHE C 40 -0.90 -2.09 13.40
N ALA C 41 -1.40 -3.18 12.82
CA ALA C 41 -1.21 -3.50 11.40
C ALA C 41 -2.00 -2.60 10.44
N ASN C 42 -3.09 -1.97 10.93
CA ASN C 42 -3.89 -1.02 10.16
C ASN C 42 -3.54 0.45 10.44
N ALA C 43 -2.56 0.73 11.30
CA ALA C 43 -2.18 2.09 11.64
C ALA C 43 -1.74 2.89 10.39
N LEU C 44 -2.24 4.12 10.30
CA LEU C 44 -1.88 5.10 9.28
C LEU C 44 -1.21 6.35 9.87
N SER C 45 -1.04 6.39 11.19
CA SER C 45 -0.40 7.49 11.91
C SER C 45 0.45 6.98 13.07
N LYS C 46 1.43 7.79 13.49
CA LYS C 46 2.23 7.53 14.68
C LYS C 46 1.40 7.46 15.97
N GLU C 47 0.26 8.16 16.01
CA GLU C 47 -0.67 8.16 17.14
C GLU C 47 -1.23 6.75 17.41
N ALA C 48 -1.74 6.09 16.38
CA ALA C 48 -2.31 4.76 16.49
C ALA C 48 -1.25 3.73 16.92
N VAL C 49 -0.05 3.80 16.33
CA VAL C 49 1.08 2.90 16.68
C VAL C 49 1.48 3.09 18.14
N THR C 50 1.67 4.34 18.57
CA THR C 50 2.10 4.65 19.94
C THR C 50 1.06 4.24 20.98
N LYS C 51 -0.23 4.44 20.67
CA LYS C 51 -1.33 4.01 21.53
C LYS C 51 -1.32 2.48 21.73
N VAL C 52 -1.12 1.71 20.67
CA VAL C 52 -1.00 0.25 20.77
C VAL C 52 0.24 -0.16 21.57
N LEU C 53 1.38 0.47 21.34
CA LEU C 53 2.61 0.18 22.09
C LEU C 53 2.42 0.39 23.59
N TYR C 54 1.68 1.43 24.00
CA TYR C 54 1.33 1.60 25.41
C TYR C 54 0.36 0.51 25.89
N ASP C 55 -0.75 0.32 25.19
CA ASP C 55 -1.82 -0.60 25.63
C ASP C 55 -1.33 -2.05 25.75
N VAL C 56 -0.51 -2.53 24.80
CA VAL C 56 0.06 -3.87 24.85
C VAL C 56 1.04 -4.04 26.01
N GLN C 57 1.87 -3.03 26.26
CA GLN C 57 2.79 -3.05 27.41
C GLN C 57 2.04 -2.98 28.73
N ARG C 58 0.90 -2.28 28.79
CA ARG C 58 0.04 -2.24 29.97
C ARG C 58 -0.59 -3.61 30.26
N ILE C 59 -0.99 -4.35 29.23
CA ILE C 59 -1.45 -5.74 29.35
C ILE C 59 -0.33 -6.65 29.84
N VAL C 60 0.86 -6.53 29.24
CA VAL C 60 2.04 -7.30 29.65
C VAL C 60 2.44 -6.99 31.10
N GLN C 61 2.36 -5.73 31.52
CA GLN C 61 2.61 -5.30 32.91
C GLN C 61 1.68 -6.02 33.90
N MET C 62 0.39 -6.14 33.59
CA MET C 62 -0.55 -6.89 34.44
C MET C 62 -0.17 -8.38 34.52
N GLY C 63 0.20 -8.98 33.40
CA GLY C 63 0.68 -10.37 33.38
C GLY C 63 1.96 -10.58 34.18
N ILE C 64 2.89 -9.62 34.15
CA ILE C 64 4.09 -9.62 34.97
C ILE C 64 3.73 -9.53 36.45
N ASP C 65 2.84 -8.61 36.84
CA ASP C 65 2.46 -8.43 38.24
C ASP C 65 1.75 -9.65 38.81
N ARG C 66 0.93 -10.32 38.00
CA ARG C 66 0.26 -11.58 38.34
C ARG C 66 1.18 -12.82 38.24
N SER C 67 2.44 -12.65 37.84
CA SER C 67 3.38 -13.75 37.55
C SER C 67 2.87 -14.74 36.49
N GLU C 68 1.99 -14.30 35.60
CA GLU C 68 1.48 -15.07 34.46
C GLU C 68 2.33 -14.83 33.19
N ILE C 69 3.11 -13.76 33.17
CA ILE C 69 4.13 -13.50 32.15
C ILE C 69 5.49 -13.44 32.84
N ALA C 70 6.43 -14.28 32.40
CA ALA C 70 7.78 -14.31 32.93
C ALA C 70 8.81 -14.58 31.82
N THR C 71 9.98 -13.97 31.93
CA THR C 71 11.11 -14.33 31.07
C THR C 71 11.73 -15.64 31.54
N THR C 72 12.20 -16.42 30.58
CA THR C 72 12.84 -17.72 30.82
C THR C 72 13.87 -17.99 29.72
N THR C 73 14.60 -19.07 29.86
CA THR C 73 15.39 -19.67 28.79
C THR C 73 14.85 -21.06 28.48
N ILE C 74 14.88 -21.43 27.22
CA ILE C 74 14.46 -22.76 26.76
C ILE C 74 15.51 -23.34 25.83
N THR C 75 15.75 -24.63 25.96
CA THR C 75 16.61 -25.37 25.04
C THR C 75 15.77 -25.86 23.87
N ASP C 87 20.59 -22.73 24.94
CA ASP C 87 19.51 -22.00 25.56
C ASP C 87 19.18 -20.73 24.76
N TYR C 88 17.90 -20.58 24.46
CA TYR C 88 17.35 -19.40 23.82
C TYR C 88 16.51 -18.61 24.83
N PRO C 89 16.56 -17.27 24.80
CA PRO C 89 15.66 -16.45 25.59
C PRO C 89 14.21 -16.67 25.13
N ALA C 90 13.30 -16.72 26.07
CA ALA C 90 11.87 -16.90 25.80
C ALA C 90 11.02 -16.17 26.85
N VAL C 91 9.74 -16.04 26.53
CA VAL C 91 8.72 -15.50 27.44
C VAL C 91 7.62 -16.55 27.60
N ASN C 92 7.41 -17.01 28.83
CA ASN C 92 6.29 -17.87 29.18
C ASN C 92 5.05 -17.02 29.44
N VAL C 93 3.92 -17.42 28.87
CA VAL C 93 2.63 -16.78 29.03
C VAL C 93 1.61 -17.82 29.50
N ASN C 94 0.97 -17.59 30.62
CA ASN C 94 -0.15 -18.39 31.09
C ASN C 94 -1.44 -17.59 30.91
N SER C 95 -2.40 -18.13 30.16
CA SER C 95 -3.70 -17.50 29.93
C SER C 95 -4.81 -18.54 29.94
N SER C 96 -5.84 -18.31 30.75
CA SER C 96 -7.03 -19.19 30.82
C SER C 96 -6.70 -20.69 30.97
N GLY C 97 -5.65 -21.03 31.71
CA GLY C 97 -5.13 -22.39 31.87
C GLY C 97 -4.30 -22.92 30.69
N ALA C 98 -4.20 -22.18 29.59
CA ALA C 98 -3.27 -22.50 28.52
C ALA C 98 -1.87 -21.94 28.83
N LYS C 99 -0.83 -22.69 28.47
CA LYS C 99 0.56 -22.27 28.56
C LYS C 99 1.13 -22.09 27.17
N TYR C 100 1.70 -20.92 26.92
CA TYR C 100 2.37 -20.59 25.68
C TYR C 100 3.81 -20.17 25.96
N THR C 101 4.70 -20.40 25.02
CA THR C 101 6.09 -19.92 25.10
C THR C 101 6.46 -19.22 23.79
N VAL C 102 6.74 -17.93 23.88
CA VAL C 102 7.24 -17.13 22.76
C VAL C 102 8.77 -17.09 22.83
N VAL C 103 9.45 -17.49 21.77
CA VAL C 103 10.91 -17.51 21.73
C VAL C 103 11.43 -16.14 21.28
N GLY C 104 12.35 -15.57 22.03
CA GLY C 104 12.96 -14.27 21.74
C GLY C 104 12.90 -13.30 22.92
N TYR C 105 13.47 -12.11 22.71
CA TYR C 105 13.43 -11.03 23.70
C TYR C 105 12.23 -10.12 23.48
N LEU C 106 11.78 -9.48 24.56
CA LEU C 106 10.89 -8.31 24.49
C LEU C 106 11.72 -7.06 24.18
N PRO C 107 11.11 -6.03 23.56
CA PRO C 107 11.81 -4.79 23.23
C PRO C 107 12.25 -4.05 24.48
N THR C 108 13.39 -3.36 24.35
CA THR C 108 13.88 -2.40 25.34
C THR C 108 13.18 -1.04 25.14
N SER C 109 13.35 -0.11 26.10
CA SER C 109 12.91 1.27 25.91
C SER C 109 13.57 1.90 24.68
N GLN C 110 14.85 1.60 24.44
CA GLN C 110 15.55 2.09 23.26
C GLN C 110 14.97 1.50 21.96
N ASP C 111 14.55 0.23 21.97
CA ASP C 111 13.89 -0.39 20.82
C ASP C 111 12.55 0.29 20.51
N ILE C 112 11.77 0.62 21.53
CA ILE C 112 10.50 1.35 21.36
C ILE C 112 10.75 2.73 20.76
N GLU C 113 11.78 3.43 21.25
CA GLU C 113 12.12 4.77 20.78
C GLU C 113 12.66 4.76 19.33
N ASP C 114 13.55 3.82 19.02
CA ASP C 114 14.06 3.64 17.67
C ASP C 114 12.96 3.17 16.72
N PHE C 115 12.05 2.29 17.18
CA PHE C 115 10.89 1.87 16.40
C PHE C 115 9.93 3.03 16.12
N LEU C 116 9.65 3.89 17.10
CA LEU C 116 8.83 5.08 16.88
C LEU C 116 9.48 6.03 15.88
N ARG C 117 10.80 6.18 15.89
CA ARG C 117 11.52 6.95 14.87
C ARG C 117 11.38 6.33 13.47
N MET C 118 11.45 5.00 13.36
CA MET C 118 11.18 4.29 12.11
C MET C 118 9.75 4.51 11.61
N ILE C 119 8.77 4.55 12.53
CA ILE C 119 7.36 4.82 12.22
C ILE C 119 7.13 6.27 11.75
N GLU C 120 7.85 7.22 12.35
CA GLU C 120 7.79 8.62 11.94
C GLU C 120 8.34 8.82 10.51
N GLU C 121 9.27 7.96 10.05
CA GLU C 121 9.74 7.90 8.66
C GLU C 121 8.79 7.11 7.76
N ASP C 122 8.36 5.91 8.19
CA ASP C 122 7.50 5.03 7.40
C ASP C 122 6.65 4.09 8.28
N VAL C 123 5.33 4.31 8.29
CA VAL C 123 4.35 3.48 9.01
C VAL C 123 4.31 2.01 8.53
N TYR C 124 4.94 1.69 7.39
CA TYR C 124 5.15 0.33 6.91
C TYR C 124 5.72 -0.62 7.97
N TYR C 125 6.63 -0.15 8.80
CA TYR C 125 7.24 -0.98 9.84
C TYR C 125 6.24 -1.50 10.88
N ALA C 126 5.14 -0.78 11.14
CA ALA C 126 4.06 -1.26 11.99
C ALA C 126 3.34 -2.46 11.35
N ARG C 127 3.10 -2.40 10.03
CA ARG C 127 2.51 -3.54 9.29
C ARG C 127 3.43 -4.75 9.31
N LYS C 128 4.73 -4.55 9.13
CA LYS C 128 5.72 -5.64 9.19
C LYS C 128 5.74 -6.30 10.57
N ALA C 129 5.78 -5.52 11.64
CA ALA C 129 5.73 -6.04 13.01
C ALA C 129 4.41 -6.77 13.30
N GLY C 130 3.28 -6.23 12.86
CA GLY C 130 1.96 -6.86 13.00
C GLY C 130 1.87 -8.20 12.29
N ALA C 131 2.38 -8.29 11.06
CA ALA C 131 2.41 -9.54 10.29
C ALA C 131 3.27 -10.61 10.98
N LEU C 132 4.42 -10.23 11.52
CA LEU C 132 5.28 -11.14 12.29
C LEU C 132 4.60 -11.58 13.60
N ALA C 133 4.00 -10.67 14.33
CA ALA C 133 3.30 -10.97 15.59
C ALA C 133 2.16 -11.97 15.39
N MET C 134 1.33 -11.77 14.37
CA MET C 134 0.25 -12.69 14.04
C MET C 134 0.77 -14.08 13.63
N SER C 135 1.88 -14.13 12.91
CA SER C 135 2.54 -15.40 12.54
C SER C 135 3.03 -16.17 13.78
N ILE C 136 3.65 -15.48 14.74
CA ILE C 136 4.11 -16.08 16.00
C ILE C 136 2.91 -16.64 16.77
N ALA C 137 1.87 -15.84 16.96
CA ALA C 137 0.68 -16.22 17.70
C ALA C 137 -0.06 -17.40 17.04
N ASN C 138 -0.25 -17.38 15.73
CA ASN C 138 -0.91 -18.44 14.99
C ASN C 138 -0.16 -19.78 15.12
N ARG C 139 1.16 -19.77 14.96
CA ARG C 139 1.97 -20.99 15.09
C ARG C 139 1.86 -21.59 16.49
N ILE C 140 1.91 -20.75 17.52
CA ILE C 140 1.79 -21.19 18.91
C ILE C 140 0.38 -21.73 19.20
N LYS C 141 -0.67 -21.05 18.76
CA LYS C 141 -2.06 -21.50 18.93
C LYS C 141 -2.32 -22.84 18.21
N LEU C 142 -1.82 -23.01 16.99
CA LEU C 142 -1.93 -24.26 16.25
C LEU C 142 -1.25 -25.42 17.00
N GLY C 143 -0.02 -25.23 17.45
CA GLY C 143 0.72 -26.25 18.22
C GLY C 143 0.02 -26.62 19.53
N SER C 144 -0.52 -25.64 20.25
CA SER C 144 -1.27 -25.88 21.48
C SER C 144 -2.57 -26.66 21.25
N LYS C 145 -3.30 -26.37 20.18
CA LYS C 145 -4.52 -27.12 19.84
C LYS C 145 -4.22 -28.56 19.41
N GLN C 146 -3.13 -28.78 18.68
CA GLN C 146 -2.73 -30.11 18.25
C GLN C 146 -2.36 -31.00 19.45
N SER C 147 -1.57 -30.49 20.39
CA SER C 147 -1.22 -31.25 21.60
C SER C 147 -2.44 -31.61 22.46
N LYS C 148 -3.44 -30.73 22.54
CA LYS C 148 -4.70 -31.03 23.23
C LYS C 148 -5.52 -32.12 22.52
N GLU D 12 15.49 -23.30 -1.35
CA GLU D 12 14.78 -22.74 -0.19
C GLU D 12 13.78 -21.64 -0.61
N LYS D 13 14.11 -20.85 -1.64
CA LYS D 13 13.17 -19.88 -2.22
C LYS D 13 11.89 -20.57 -2.74
N GLU D 14 12.01 -21.70 -3.44
CA GLU D 14 10.86 -22.47 -3.92
C GLU D 14 10.03 -23.04 -2.77
N ASN D 15 10.69 -23.51 -1.71
CA ASN D 15 9.99 -24.01 -0.53
C ASN D 15 9.18 -22.90 0.16
N ILE D 16 9.76 -21.70 0.29
CA ILE D 16 9.06 -20.53 0.84
C ILE D 16 7.84 -20.19 -0.03
N ILE D 17 8.02 -20.07 -1.34
CA ILE D 17 6.93 -19.78 -2.28
C ILE D 17 5.82 -20.84 -2.18
N GLY D 18 6.19 -22.13 -2.09
CA GLY D 18 5.24 -23.22 -1.93
C GLY D 18 4.44 -23.15 -0.62
N ARG D 19 5.09 -22.78 0.48
CA ARG D 19 4.41 -22.59 1.77
C ARG D 19 3.48 -21.38 1.77
N ILE D 20 3.87 -20.27 1.13
CA ILE D 20 2.98 -19.12 0.90
C ILE D 20 1.78 -19.50 0.03
N ALA D 21 2.01 -20.28 -1.03
CA ALA D 21 0.92 -20.79 -1.88
C ALA D 21 -0.06 -21.67 -1.10
N ASN D 22 0.42 -22.51 -0.20
CA ASN D 22 -0.43 -23.32 0.69
C ASN D 22 -1.29 -22.43 1.59
N LEU D 23 -0.72 -21.37 2.17
CA LEU D 23 -1.46 -20.40 3.00
C LEU D 23 -2.59 -19.73 2.19
N LEU D 24 -2.28 -19.24 0.99
CA LEU D 24 -3.26 -18.64 0.10
C LEU D 24 -4.37 -19.62 -0.31
N ALA D 25 -4.02 -20.87 -0.61
CA ALA D 25 -4.98 -21.91 -0.97
C ALA D 25 -5.91 -22.26 0.21
N VAL D 26 -5.37 -22.39 1.42
CA VAL D 26 -6.16 -22.62 2.63
C VAL D 26 -7.12 -21.46 2.88
N GLY D 27 -6.65 -20.23 2.80
CA GLY D 27 -7.48 -19.03 2.95
C GLY D 27 -8.59 -18.95 1.90
N PHE D 28 -8.28 -19.28 0.65
CA PHE D 28 -9.26 -19.31 -0.44
C PHE D 28 -10.33 -20.39 -0.22
N LEU D 29 -9.94 -21.62 0.09
CA LEU D 29 -10.87 -22.72 0.32
C LEU D 29 -11.77 -22.48 1.54
N TYR D 30 -11.23 -21.86 2.60
CA TYR D 30 -11.99 -21.55 3.81
C TYR D 30 -12.97 -20.40 3.61
N SER D 31 -12.53 -19.32 2.95
CA SER D 31 -13.37 -18.14 2.69
C SER D 31 -14.31 -18.28 1.49
N GLU D 32 -14.06 -19.27 0.62
CA GLU D 32 -14.72 -19.46 -0.67
C GLU D 32 -14.62 -18.23 -1.60
N SER D 33 -13.65 -17.35 -1.34
CA SER D 33 -13.43 -16.12 -2.11
C SER D 33 -12.05 -16.11 -2.77
N PRO D 34 -11.97 -15.87 -4.10
CA PRO D 34 -10.68 -15.72 -4.79
C PRO D 34 -10.06 -14.35 -4.62
N THR D 35 -10.76 -13.38 -4.00
CA THR D 35 -10.38 -11.96 -3.98
C THR D 35 -8.95 -11.72 -3.47
N LEU D 36 -8.54 -12.40 -2.40
CA LEU D 36 -7.20 -12.24 -1.85
C LEU D 36 -6.12 -12.81 -2.78
N VAL D 37 -6.39 -13.94 -3.44
CA VAL D 37 -5.46 -14.54 -4.40
C VAL D 37 -5.34 -13.66 -5.63
N ASP D 38 -6.46 -13.09 -6.13
CA ASP D 38 -6.47 -12.13 -7.23
C ASP D 38 -5.62 -10.90 -6.89
N ARG D 39 -5.80 -10.33 -5.71
CA ARG D 39 -5.01 -9.19 -5.24
C ARG D 39 -3.52 -9.54 -5.16
N PHE D 40 -3.19 -10.73 -4.69
CA PHE D 40 -1.80 -11.18 -4.55
C PHE D 40 -1.11 -11.37 -5.90
N ALA D 41 -1.78 -12.03 -6.85
CA ALA D 41 -1.23 -12.29 -8.18
C ALA D 41 -1.16 -11.04 -9.08
N ASN D 42 -1.96 -10.00 -8.78
CA ASN D 42 -1.93 -8.73 -9.50
C ASN D 42 -1.11 -7.64 -8.80
N ALA D 43 -0.51 -7.93 -7.65
CA ALA D 43 0.27 -6.96 -6.89
C ALA D 43 1.43 -6.37 -7.72
N LEU D 44 1.57 -5.05 -7.65
CA LEU D 44 2.67 -4.30 -8.25
C LEU D 44 3.52 -3.57 -7.21
N SER D 45 3.19 -3.73 -5.94
CA SER D 45 3.93 -3.13 -4.81
C SER D 45 3.97 -4.08 -3.61
N LYS D 46 4.97 -3.89 -2.75
CA LYS D 46 5.09 -4.59 -1.47
C LYS D 46 3.89 -4.35 -0.53
N GLU D 47 3.24 -3.19 -0.65
CA GLU D 47 2.05 -2.83 0.14
C GLU D 47 0.90 -3.81 -0.10
N ALA D 48 0.56 -4.05 -1.38
CA ALA D 48 -0.50 -4.95 -1.76
C ALA D 48 -0.23 -6.41 -1.31
N VAL D 49 1.01 -6.88 -1.49
CA VAL D 49 1.42 -8.22 -1.06
C VAL D 49 1.30 -8.36 0.46
N THR D 50 1.83 -7.41 1.21
CA THR D 50 1.81 -7.45 2.67
C THR D 50 0.39 -7.39 3.23
N LYS D 51 -0.47 -6.57 2.64
CA LYS D 51 -1.88 -6.48 3.02
C LYS D 51 -2.59 -7.83 2.84
N VAL D 52 -2.36 -8.52 1.72
CA VAL D 52 -2.93 -9.86 1.49
C VAL D 52 -2.36 -10.86 2.49
N LEU D 53 -1.07 -10.85 2.76
CA LEU D 53 -0.45 -11.76 3.73
C LEU D 53 -1.07 -11.60 5.12
N TYR D 54 -1.39 -10.37 5.54
CA TYR D 54 -2.13 -10.17 6.78
C TYR D 54 -3.57 -10.69 6.69
N ASP D 55 -4.32 -10.26 5.68
CA ASP D 55 -5.74 -10.58 5.56
C ASP D 55 -5.99 -12.09 5.45
N VAL D 56 -5.16 -12.82 4.69
CA VAL D 56 -5.28 -14.28 4.57
C VAL D 56 -4.96 -14.98 5.89
N GLN D 57 -3.94 -14.53 6.62
CA GLN D 57 -3.62 -15.07 7.94
C GLN D 57 -4.70 -14.76 8.97
N ARG D 58 -5.35 -13.61 8.86
CA ARG D 58 -6.49 -13.25 9.72
C ARG D 58 -7.69 -14.16 9.48
N ILE D 59 -7.96 -14.53 8.22
CA ILE D 59 -8.98 -15.51 7.86
C ILE D 59 -8.61 -16.90 8.42
N VAL D 60 -7.36 -17.32 8.24
CA VAL D 60 -6.87 -18.60 8.77
C VAL D 60 -6.94 -18.63 10.30
N GLN D 61 -6.62 -17.53 10.98
CA GLN D 61 -6.74 -17.40 12.43
C GLN D 61 -8.18 -17.65 12.92
N MET D 62 -9.19 -17.11 12.24
CA MET D 62 -10.60 -17.37 12.57
C MET D 62 -10.94 -18.86 12.40
N GLY D 63 -10.48 -19.48 11.31
CA GLY D 63 -10.67 -20.91 11.10
C GLY D 63 -9.99 -21.78 12.16
N ILE D 64 -8.82 -21.38 12.62
CA ILE D 64 -8.10 -22.03 13.73
C ILE D 64 -8.91 -21.90 15.04
N ASP D 65 -9.40 -20.70 15.36
CA ASP D 65 -10.15 -20.46 16.59
C ASP D 65 -11.48 -21.22 16.62
N ARG D 66 -12.13 -21.34 15.47
CA ARG D 66 -13.35 -22.15 15.28
C ARG D 66 -13.08 -23.67 15.17
N SER D 67 -11.83 -24.09 15.19
CA SER D 67 -11.41 -25.47 14.93
C SER D 67 -11.86 -26.03 13.56
N GLU D 68 -12.07 -25.15 12.59
CA GLU D 68 -12.39 -25.49 11.21
C GLU D 68 -11.13 -25.60 10.33
N ILE D 69 -10.03 -25.03 10.79
CA ILE D 69 -8.70 -25.21 10.20
C ILE D 69 -7.79 -25.86 11.25
N ALA D 70 -7.21 -27.00 10.91
CA ALA D 70 -6.30 -27.74 11.78
C ALA D 70 -5.16 -28.38 10.98
N THR D 71 -3.97 -28.40 11.55
CA THR D 71 -2.87 -29.19 11.00
C THR D 71 -3.08 -30.68 11.30
N THR D 72 -2.68 -31.53 10.35
CA THR D 72 -2.78 -32.98 10.45
C THR D 72 -1.65 -33.62 9.67
N THR D 73 -1.55 -34.93 9.76
CA THR D 73 -0.74 -35.75 8.85
C THR D 73 -1.66 -36.68 8.06
N ILE D 74 -1.33 -36.92 6.82
CA ILE D 74 -2.06 -37.85 5.95
C ILE D 74 -1.10 -38.78 5.25
N THR D 75 -1.49 -40.04 5.13
CA THR D 75 -0.74 -41.02 4.36
C THR D 75 -1.20 -40.96 2.91
N ASP D 87 3.72 -40.59 6.04
CA ASP D 87 2.88 -39.48 6.48
C ASP D 87 3.43 -38.15 5.95
N TYR D 88 2.54 -37.39 5.33
CA TYR D 88 2.81 -36.04 4.87
C TYR D 88 2.07 -35.04 5.75
N PRO D 89 2.69 -33.90 6.06
CA PRO D 89 2.00 -32.81 6.73
C PRO D 89 0.87 -32.28 5.83
N ALA D 90 -0.25 -31.96 6.42
CA ALA D 90 -1.40 -31.41 5.73
C ALA D 90 -2.19 -30.43 6.61
N VAL D 91 -3.09 -29.69 6.00
CA VAL D 91 -4.04 -28.80 6.66
C VAL D 91 -5.45 -29.20 6.26
N ASN D 92 -6.27 -29.59 7.22
CA ASN D 92 -7.69 -29.82 7.01
C ASN D 92 -8.45 -28.50 7.11
N VAL D 93 -9.35 -28.27 6.16
CA VAL D 93 -10.21 -27.08 6.09
C VAL D 93 -11.66 -27.55 5.97
N ASN D 94 -12.52 -27.11 6.89
CA ASN D 94 -13.96 -27.31 6.81
C ASN D 94 -14.61 -25.97 6.46
N SER D 95 -15.36 -25.91 5.35
CA SER D 95 -16.07 -24.70 4.91
C SER D 95 -17.44 -25.07 4.36
N SER D 96 -18.49 -24.44 4.88
CA SER D 96 -19.87 -24.63 4.41
C SER D 96 -20.30 -26.10 4.25
N GLY D 97 -19.86 -26.99 5.16
CA GLY D 97 -20.07 -28.44 5.11
C GLY D 97 -19.17 -29.20 4.13
N ALA D 98 -18.36 -28.53 3.32
CA ALA D 98 -17.33 -29.17 2.52
C ALA D 98 -16.05 -29.37 3.34
N LYS D 99 -15.38 -30.50 3.12
CA LYS D 99 -14.09 -30.81 3.72
C LYS D 99 -13.02 -30.83 2.64
N TYR D 100 -11.96 -30.09 2.86
CA TYR D 100 -10.81 -30.02 1.98
C TYR D 100 -9.55 -30.37 2.76
N THR D 101 -8.55 -30.93 2.09
CA THR D 101 -7.24 -31.20 2.67
C THR D 101 -6.15 -30.66 1.75
N VAL D 102 -5.39 -29.67 2.21
CA VAL D 102 -4.23 -29.14 1.51
C VAL D 102 -2.99 -29.84 2.03
N VAL D 103 -2.20 -30.44 1.14
CA VAL D 103 -0.97 -31.15 1.51
C VAL D 103 0.20 -30.18 1.58
N GLY D 104 0.93 -30.17 2.67
CA GLY D 104 2.09 -29.32 2.89
C GLY D 104 2.02 -28.54 4.20
N TYR D 105 3.08 -27.76 4.45
CA TYR D 105 3.15 -26.87 5.62
C TYR D 105 2.61 -25.48 5.29
N LEU D 106 2.11 -24.79 6.31
CA LEU D 106 1.90 -23.35 6.28
C LEU D 106 3.24 -22.63 6.52
N PRO D 107 3.39 -21.39 6.02
CA PRO D 107 4.62 -20.62 6.21
C PRO D 107 4.85 -20.27 7.68
N THR D 108 6.13 -20.22 8.05
CA THR D 108 6.58 -19.69 9.33
C THR D 108 6.66 -18.17 9.28
N SER D 109 6.84 -17.52 10.43
CA SER D 109 7.13 -16.07 10.47
C SER D 109 8.40 -15.73 9.67
N GLN D 110 9.41 -16.60 9.73
CA GLN D 110 10.63 -16.42 8.95
C GLN D 110 10.38 -16.55 7.45
N ASP D 111 9.50 -17.46 7.03
CA ASP D 111 9.11 -17.59 5.63
C ASP D 111 8.40 -16.34 5.12
N ILE D 112 7.52 -15.74 5.92
CA ILE D 112 6.84 -14.49 5.58
C ILE D 112 7.86 -13.34 5.43
N GLU D 113 8.81 -13.28 6.34
CA GLU D 113 9.85 -12.23 6.33
C GLU D 113 10.80 -12.39 5.14
N ASP D 114 11.26 -13.61 4.88
CA ASP D 114 12.11 -13.91 3.73
C ASP D 114 11.34 -13.72 2.41
N PHE D 115 10.06 -14.08 2.37
CA PHE D 115 9.21 -13.84 1.21
C PHE D 115 9.01 -12.34 0.97
N LEU D 116 8.78 -11.54 1.99
CA LEU D 116 8.68 -10.08 1.85
C LEU D 116 9.98 -9.48 1.33
N ARG D 117 11.14 -9.99 1.75
CA ARG D 117 12.44 -9.59 1.20
C ARG D 117 12.58 -9.95 -0.28
N MET D 118 12.12 -11.14 -0.68
CA MET D 118 12.05 -11.53 -2.09
C MET D 118 11.14 -10.61 -2.91
N ILE D 119 10.01 -10.18 -2.34
CA ILE D 119 9.07 -9.23 -2.97
C ILE D 119 9.67 -7.84 -3.10
N GLU D 120 10.44 -7.39 -2.12
CA GLU D 120 11.15 -6.11 -2.18
C GLU D 120 12.20 -6.09 -3.30
N GLU D 121 12.77 -7.25 -3.66
CA GLU D 121 13.65 -7.42 -4.83
C GLU D 121 12.87 -7.59 -6.15
N ASP D 122 11.84 -8.45 -6.15
CA ASP D 122 11.05 -8.74 -7.35
C ASP D 122 9.62 -9.24 -7.01
N VAL D 123 8.62 -8.40 -7.33
CA VAL D 123 7.19 -8.72 -7.14
C VAL D 123 6.73 -9.95 -7.96
N TYR D 124 7.52 -10.43 -8.92
CA TYR D 124 7.30 -11.70 -9.63
C TYR D 124 6.96 -12.88 -8.70
N TYR D 125 7.59 -12.97 -7.55
CA TYR D 125 7.37 -14.07 -6.63
C TYR D 125 5.93 -14.11 -6.07
N ALA D 126 5.25 -12.97 -5.96
CA ALA D 126 3.83 -12.94 -5.60
C ALA D 126 2.97 -13.58 -6.69
N ARG D 127 3.27 -13.32 -7.97
CA ARG D 127 2.58 -13.97 -9.09
C ARG D 127 2.82 -15.48 -9.11
N LYS D 128 4.03 -15.92 -8.85
CA LYS D 128 4.38 -17.35 -8.77
C LYS D 128 3.60 -18.05 -7.65
N ALA D 129 3.58 -17.47 -6.45
CA ALA D 129 2.81 -18.00 -5.33
C ALA D 129 1.30 -18.01 -5.60
N GLY D 130 0.76 -16.97 -6.22
CA GLY D 130 -0.65 -16.90 -6.61
C GLY D 130 -1.04 -17.97 -7.62
N ALA D 131 -0.21 -18.20 -8.64
CA ALA D 131 -0.43 -19.24 -9.63
C ALA D 131 -0.44 -20.65 -9.01
N LEU D 132 0.48 -20.92 -8.10
CA LEU D 132 0.53 -22.18 -7.36
C LEU D 132 -0.70 -22.34 -6.44
N ALA D 133 -1.09 -21.30 -5.71
CA ALA D 133 -2.24 -21.33 -4.81
C ALA D 133 -3.55 -21.63 -5.56
N MET D 134 -3.76 -20.98 -6.70
CA MET D 134 -4.94 -21.23 -7.53
C MET D 134 -4.95 -22.65 -8.10
N SER D 135 -3.79 -23.20 -8.47
CA SER D 135 -3.66 -24.60 -8.91
C SER D 135 -4.03 -25.59 -7.82
N ILE D 136 -3.58 -25.37 -6.59
CA ILE D 136 -3.90 -26.21 -5.43
C ILE D 136 -5.42 -26.18 -5.19
N ALA D 137 -6.00 -24.98 -5.12
CA ALA D 137 -7.42 -24.80 -4.87
C ALA D 137 -8.31 -25.42 -5.96
N ASN D 138 -7.97 -25.21 -7.24
CA ASN D 138 -8.70 -25.77 -8.37
C ASN D 138 -8.71 -27.30 -8.36
N ARG D 139 -7.56 -27.92 -8.13
CA ARG D 139 -7.45 -29.39 -8.07
C ARG D 139 -8.31 -29.96 -6.94
N ILE D 140 -8.30 -29.33 -5.77
CA ILE D 140 -9.09 -29.76 -4.62
C ILE D 140 -10.59 -29.57 -4.88
N LYS D 141 -11.01 -28.43 -5.43
CA LYS D 141 -12.42 -28.17 -5.77
C LYS D 141 -12.93 -29.14 -6.83
N LEU D 142 -12.15 -29.44 -7.86
CA LEU D 142 -12.52 -30.43 -8.89
C LEU D 142 -12.72 -31.82 -8.28
N GLY D 143 -11.79 -32.29 -7.46
CA GLY D 143 -11.89 -33.58 -6.79
C GLY D 143 -13.12 -33.68 -5.86
N SER D 144 -13.40 -32.62 -5.10
CA SER D 144 -14.57 -32.55 -4.23
C SER D 144 -15.89 -32.59 -5.00
N LYS D 145 -16.00 -31.89 -6.14
CA LYS D 145 -17.20 -31.93 -6.99
C LYS D 145 -17.41 -33.29 -7.64
N GLN D 146 -16.35 -33.95 -8.07
CA GLN D 146 -16.42 -35.27 -8.67
C GLN D 146 -16.94 -36.31 -7.67
N SER D 147 -16.43 -36.33 -6.45
CA SER D 147 -16.90 -37.25 -5.40
C SER D 147 -18.37 -37.04 -5.04
N LYS D 148 -18.85 -35.78 -5.03
CA LYS D 148 -20.27 -35.50 -4.81
C LYS D 148 -21.15 -35.98 -5.96
N GLU E 12 8.84 -36.70 -19.82
CA GLU E 12 8.06 -35.97 -18.82
C GLU E 12 7.85 -34.49 -19.22
N LYS E 13 8.85 -33.88 -19.89
CA LYS E 13 8.71 -32.53 -20.48
C LYS E 13 7.57 -32.48 -21.50
N GLU E 14 7.46 -33.47 -22.38
CA GLU E 14 6.36 -33.54 -23.35
C GLU E 14 5.00 -33.74 -22.69
N ASN E 15 4.93 -34.54 -21.63
CA ASN E 15 3.70 -34.73 -20.87
C ASN E 15 3.25 -33.43 -20.20
N ILE E 16 4.18 -32.67 -19.61
CA ILE E 16 3.90 -31.36 -19.02
C ILE E 16 3.36 -30.40 -20.10
N ILE E 17 4.05 -30.28 -21.23
CA ILE E 17 3.63 -29.43 -22.35
C ILE E 17 2.24 -29.83 -22.85
N GLY E 18 1.97 -31.13 -22.98
CA GLY E 18 0.66 -31.64 -23.38
C GLY E 18 -0.46 -31.29 -22.38
N ARG E 19 -0.19 -31.37 -21.09
CA ARG E 19 -1.16 -30.97 -20.05
C ARG E 19 -1.41 -29.45 -20.03
N ILE E 20 -0.38 -28.63 -20.24
CA ILE E 20 -0.53 -27.18 -20.42
C ILE E 20 -1.35 -26.88 -21.68
N ALA E 21 -1.10 -27.59 -22.79
CA ALA E 21 -1.87 -27.44 -24.02
C ALA E 21 -3.36 -27.79 -23.81
N ASN E 22 -3.66 -28.84 -23.04
CA ASN E 22 -5.03 -29.18 -22.67
C ASN E 22 -5.71 -28.06 -21.88
N LEU E 23 -5.01 -27.46 -20.90
CA LEU E 23 -5.53 -26.32 -20.13
C LEU E 23 -5.86 -25.13 -21.04
N LEU E 24 -4.95 -24.76 -21.94
CA LEU E 24 -5.16 -23.68 -22.90
C LEU E 24 -6.33 -23.98 -23.85
N ALA E 25 -6.46 -25.21 -24.33
CA ALA E 25 -7.56 -25.63 -25.20
C ALA E 25 -8.91 -25.58 -24.48
N VAL E 26 -8.99 -26.05 -23.23
CA VAL E 26 -10.20 -25.96 -22.41
C VAL E 26 -10.59 -24.50 -22.18
N GLY E 27 -9.64 -23.65 -21.80
CA GLY E 27 -9.89 -22.23 -21.62
C GLY E 27 -10.37 -21.53 -22.90
N PHE E 28 -9.77 -21.86 -24.05
CA PHE E 28 -10.19 -21.34 -25.34
C PHE E 28 -11.61 -21.78 -25.74
N LEU E 29 -11.93 -23.07 -25.61
CA LEU E 29 -13.25 -23.60 -25.95
C LEU E 29 -14.35 -23.04 -25.04
N TYR E 30 -14.05 -22.84 -23.76
CA TYR E 30 -15.00 -22.30 -22.79
C TYR E 30 -15.23 -20.80 -22.98
N SER E 31 -14.16 -20.02 -23.19
CA SER E 31 -14.25 -18.56 -23.38
C SER E 31 -14.63 -18.14 -24.79
N GLU E 32 -14.52 -19.05 -25.76
CA GLU E 32 -14.65 -18.79 -27.20
C GLU E 32 -13.71 -17.70 -27.73
N SER E 33 -12.63 -17.41 -26.99
CA SER E 33 -11.64 -16.39 -27.33
C SER E 33 -10.25 -17.00 -27.52
N PRO E 34 -9.59 -16.73 -28.66
CA PRO E 34 -8.21 -17.18 -28.88
C PRO E 34 -7.16 -16.29 -28.21
N THR E 35 -7.55 -15.15 -27.62
CA THR E 35 -6.64 -14.10 -27.15
C THR E 35 -5.55 -14.61 -26.18
N LEU E 36 -5.92 -15.48 -25.24
CA LEU E 36 -4.95 -16.04 -24.30
C LEU E 36 -3.95 -17.00 -24.98
N VAL E 37 -4.41 -17.79 -25.94
CA VAL E 37 -3.53 -18.70 -26.70
C VAL E 37 -2.59 -17.88 -27.60
N ASP E 38 -3.09 -16.82 -28.23
CA ASP E 38 -2.28 -15.87 -29.02
C ASP E 38 -1.17 -15.24 -28.16
N ARG E 39 -1.53 -14.76 -26.99
CA ARG E 39 -0.57 -14.19 -26.04
C ARG E 39 0.48 -15.20 -25.60
N PHE E 40 0.07 -16.45 -25.36
CA PHE E 40 0.96 -17.53 -24.94
C PHE E 40 1.97 -17.91 -26.03
N ALA E 41 1.50 -18.09 -27.25
CA ALA E 41 2.33 -18.47 -28.39
C ALA E 41 3.26 -17.34 -28.88
N ASN E 42 2.93 -16.08 -28.60
CA ASN E 42 3.77 -14.93 -28.93
C ASN E 42 4.63 -14.43 -27.77
N ALA E 43 4.58 -15.06 -26.61
CA ALA E 43 5.34 -14.66 -25.44
C ALA E 43 6.85 -14.64 -25.72
N LEU E 44 7.52 -13.56 -25.30
CA LEU E 44 8.97 -13.38 -25.34
C LEU E 44 9.59 -13.26 -23.95
N SER E 45 8.77 -13.32 -22.91
CA SER E 45 9.20 -13.24 -21.51
C SER E 45 8.38 -14.18 -20.62
N LYS E 46 8.96 -14.55 -19.48
CA LYS E 46 8.27 -15.32 -18.42
C LYS E 46 7.04 -14.61 -17.87
N GLU E 47 7.03 -13.27 -17.88
CA GLU E 47 5.90 -12.45 -17.43
C GLU E 47 4.63 -12.72 -18.25
N ALA E 48 4.74 -12.69 -19.57
CA ALA E 48 3.63 -12.94 -20.48
C ALA E 48 3.07 -14.36 -20.32
N VAL E 49 3.95 -15.36 -20.22
CA VAL E 49 3.57 -16.76 -20.02
C VAL E 49 2.83 -16.94 -18.70
N THR E 50 3.38 -16.41 -17.62
CA THR E 50 2.80 -16.56 -16.28
C THR E 50 1.44 -15.86 -16.17
N LYS E 51 1.30 -14.69 -16.79
CA LYS E 51 0.03 -13.96 -16.84
C LYS E 51 -1.06 -14.78 -17.54
N VAL E 52 -0.74 -15.41 -18.66
CA VAL E 52 -1.68 -16.28 -19.37
C VAL E 52 -2.02 -17.52 -18.53
N LEU E 53 -1.06 -18.15 -17.89
CA LEU E 53 -1.30 -19.30 -17.02
C LEU E 53 -2.26 -18.98 -15.89
N TYR E 54 -2.17 -17.79 -15.30
CA TYR E 54 -3.16 -17.34 -14.32
C TYR E 54 -4.53 -17.10 -14.97
N ASP E 55 -4.59 -16.28 -16.03
CA ASP E 55 -5.85 -15.86 -16.63
C ASP E 55 -6.66 -17.06 -17.19
N VAL E 56 -6.00 -18.04 -17.81
CA VAL E 56 -6.67 -19.25 -18.31
C VAL E 56 -7.20 -20.11 -17.17
N GLN E 57 -6.45 -20.26 -16.08
CA GLN E 57 -6.91 -20.99 -14.90
C GLN E 57 -8.05 -20.27 -14.20
N ARG E 58 -8.07 -18.94 -14.22
CA ARG E 58 -9.18 -18.14 -13.68
C ARG E 58 -10.47 -18.34 -14.49
N ILE E 59 -10.36 -18.44 -15.82
CA ILE E 59 -11.49 -18.79 -16.70
C ILE E 59 -11.97 -20.21 -16.41
N VAL E 60 -11.06 -21.17 -16.31
CA VAL E 60 -11.39 -22.57 -15.97
C VAL E 60 -12.04 -22.66 -14.60
N GLN E 61 -11.57 -21.90 -13.61
CA GLN E 61 -12.17 -21.84 -12.26
C GLN E 61 -13.64 -21.39 -12.31
N MET E 62 -13.99 -20.38 -13.10
CA MET E 62 -15.38 -19.97 -13.29
C MET E 62 -16.22 -21.08 -13.92
N GLY E 63 -15.70 -21.77 -14.92
CA GLY E 63 -16.38 -22.91 -15.53
C GLY E 63 -16.60 -24.07 -14.57
N ILE E 64 -15.64 -24.33 -13.68
CA ILE E 64 -15.75 -25.32 -12.61
C ILE E 64 -16.85 -24.91 -11.62
N ASP E 65 -16.87 -23.66 -11.18
CA ASP E 65 -17.86 -23.17 -10.20
C ASP E 65 -19.28 -23.20 -10.76
N ARG E 66 -19.44 -22.90 -12.04
CA ARG E 66 -20.70 -23.00 -12.78
C ARG E 66 -21.08 -24.45 -13.17
N SER E 67 -20.23 -25.43 -12.88
CA SER E 67 -20.37 -26.83 -13.34
C SER E 67 -20.45 -26.98 -14.85
N GLU E 68 -19.89 -26.04 -15.60
CA GLU E 68 -19.78 -26.07 -17.07
C GLU E 68 -18.45 -26.72 -17.53
N ILE E 69 -17.47 -26.80 -16.64
CA ILE E 69 -16.23 -27.55 -16.82
C ILE E 69 -16.17 -28.63 -15.75
N ALA E 70 -16.04 -29.90 -16.18
CA ALA E 70 -15.93 -31.04 -15.27
C ALA E 70 -14.97 -32.09 -15.83
N THR E 71 -14.22 -32.74 -14.95
CA THR E 71 -13.44 -33.93 -15.33
C THR E 71 -14.36 -35.13 -15.48
N THR E 72 -14.03 -35.99 -16.45
CA THR E 72 -14.77 -37.22 -16.75
C THR E 72 -13.81 -38.27 -17.30
N THR E 73 -14.33 -39.47 -17.52
CA THR E 73 -13.67 -40.49 -18.33
C THR E 73 -14.52 -40.78 -19.56
N ILE E 74 -13.89 -41.06 -20.68
CA ILE E 74 -14.56 -41.44 -21.92
C ILE E 74 -13.90 -42.68 -22.51
N THR E 75 -14.72 -43.56 -23.07
CA THR E 75 -14.23 -44.72 -23.81
C THR E 75 -14.06 -44.31 -25.27
N ASP E 87 -11.04 -46.66 -20.85
CA ASP E 87 -11.41 -45.34 -20.40
C ASP E 87 -10.18 -44.42 -20.39
N TYR E 88 -10.34 -43.26 -21.02
CA TYR E 88 -9.37 -42.19 -21.03
C TYR E 88 -9.87 -41.03 -20.18
N PRO E 89 -8.99 -40.35 -19.43
CA PRO E 89 -9.36 -39.13 -18.74
C PRO E 89 -9.70 -38.04 -19.77
N ALA E 90 -10.72 -37.25 -19.47
CA ALA E 90 -11.17 -36.17 -20.32
C ALA E 90 -11.73 -35.00 -19.49
N VAL E 91 -11.92 -33.87 -20.14
CA VAL E 91 -12.58 -32.68 -19.58
C VAL E 91 -13.75 -32.32 -20.47
N ASN E 92 -14.96 -32.34 -19.91
CA ASN E 92 -16.16 -31.84 -20.58
C ASN E 92 -16.24 -30.31 -20.39
N VAL E 93 -16.54 -29.61 -21.48
CA VAL E 93 -16.72 -28.15 -21.51
C VAL E 93 -18.06 -27.85 -22.16
N ASN E 94 -18.93 -27.14 -21.45
CA ASN E 94 -20.17 -26.60 -22.00
C ASN E 94 -20.01 -25.09 -22.19
N SER E 95 -20.18 -24.59 -23.42
CA SER E 95 -20.10 -23.16 -23.74
C SER E 95 -21.18 -22.78 -24.74
N SER E 96 -21.97 -21.76 -24.43
CA SER E 96 -23.01 -21.22 -25.32
C SER E 96 -23.93 -22.30 -25.95
N GLY E 97 -24.27 -23.35 -25.18
CA GLY E 97 -25.04 -24.51 -25.63
C GLY E 97 -24.26 -25.54 -26.46
N ALA E 98 -23.01 -25.28 -26.81
CA ALA E 98 -22.13 -26.27 -27.41
C ALA E 98 -21.47 -27.13 -26.31
N LYS E 99 -21.32 -28.42 -26.60
CA LYS E 99 -20.60 -29.37 -25.74
C LYS E 99 -19.32 -29.81 -26.43
N TYR E 100 -18.21 -29.68 -25.73
CA TYR E 100 -16.91 -30.12 -26.20
C TYR E 100 -16.31 -31.09 -25.18
N THR E 101 -15.47 -32.01 -25.66
CA THR E 101 -14.71 -32.93 -24.79
C THR E 101 -13.25 -32.91 -25.21
N VAL E 102 -12.38 -32.45 -24.30
CA VAL E 102 -10.92 -32.49 -24.48
C VAL E 102 -10.40 -33.75 -23.81
N VAL E 103 -9.67 -34.59 -24.54
CA VAL E 103 -9.11 -35.83 -24.01
C VAL E 103 -7.76 -35.55 -23.36
N GLY E 104 -7.58 -35.98 -22.12
CA GLY E 104 -6.34 -35.82 -21.36
C GLY E 104 -6.56 -35.19 -19.98
N TYR E 105 -5.47 -35.05 -19.23
CA TYR E 105 -5.48 -34.40 -17.92
C TYR E 105 -5.20 -32.91 -18.04
N LEU E 106 -5.71 -32.14 -17.08
CA LEU E 106 -5.26 -30.77 -16.81
C LEU E 106 -3.94 -30.80 -16.02
N PRO E 107 -3.10 -29.76 -16.12
CA PRO E 107 -1.84 -29.70 -15.40
C PRO E 107 -2.06 -29.63 -13.89
N THR E 108 -1.13 -30.22 -13.15
CA THR E 108 -1.03 -30.07 -11.71
C THR E 108 -0.30 -28.76 -11.35
N SER E 109 -0.32 -28.38 -10.07
CA SER E 109 0.52 -27.27 -9.60
C SER E 109 2.01 -27.52 -9.87
N GLN E 110 2.46 -28.77 -9.73
CA GLN E 110 3.84 -29.14 -10.03
C GLN E 110 4.15 -29.01 -11.52
N ASP E 111 3.20 -29.36 -12.41
CA ASP E 111 3.36 -29.18 -13.84
C ASP E 111 3.50 -27.70 -14.21
N ILE E 112 2.71 -26.82 -13.59
CA ILE E 112 2.82 -25.37 -13.80
C ILE E 112 4.20 -24.86 -13.36
N GLU E 113 4.67 -25.32 -12.22
CA GLU E 113 5.96 -24.90 -11.67
C GLU E 113 7.14 -25.41 -12.52
N ASP E 114 7.09 -26.69 -12.92
CA ASP E 114 8.10 -27.27 -13.80
C ASP E 114 8.06 -26.63 -15.20
N PHE E 115 6.86 -26.33 -15.71
CA PHE E 115 6.71 -25.61 -16.98
C PHE E 115 7.27 -24.19 -16.91
N LEU E 116 7.02 -23.46 -15.82
CA LEU E 116 7.62 -22.13 -15.62
C LEU E 116 9.15 -22.20 -15.56
N ARG E 117 9.72 -23.25 -14.97
CA ARG E 117 11.17 -23.47 -14.98
C ARG E 117 11.70 -23.75 -16.40
N MET E 118 10.96 -24.53 -17.20
CA MET E 118 11.28 -24.74 -18.62
C MET E 118 11.24 -23.42 -19.41
N ILE E 119 10.26 -22.55 -19.13
CA ILE E 119 10.13 -21.21 -19.75
C ILE E 119 11.27 -20.28 -19.36
N GLU E 120 11.73 -20.34 -18.11
CA GLU E 120 12.87 -19.56 -17.63
C GLU E 120 14.17 -19.97 -18.35
N GLU E 121 14.28 -21.23 -18.81
CA GLU E 121 15.38 -21.71 -19.66
C GLU E 121 15.15 -21.38 -21.16
N ASP E 122 13.94 -21.63 -21.68
CA ASP E 122 13.62 -21.40 -23.09
C ASP E 122 12.11 -21.16 -23.32
N VAL E 123 11.76 -19.93 -23.70
CA VAL E 123 10.37 -19.53 -24.02
C VAL E 123 9.78 -20.29 -25.22
N TYR E 124 10.58 -21.04 -25.99
CA TYR E 124 10.13 -21.97 -27.04
C TYR E 124 9.01 -22.91 -26.58
N TYR E 125 9.07 -23.38 -25.34
CA TYR E 125 8.07 -24.31 -24.81
C TYR E 125 6.66 -23.70 -24.74
N ALA E 126 6.54 -22.38 -24.57
CA ALA E 126 5.25 -21.70 -24.65
C ALA E 126 4.67 -21.76 -26.07
N ARG E 127 5.51 -21.56 -27.09
CA ARG E 127 5.09 -21.70 -28.50
C ARG E 127 4.65 -23.13 -28.81
N LYS E 128 5.37 -24.14 -28.32
CA LYS E 128 5.03 -25.55 -28.51
C LYS E 128 3.66 -25.87 -27.86
N ALA E 129 3.44 -25.45 -26.63
CA ALA E 129 2.16 -25.64 -25.94
C ALA E 129 1.00 -24.90 -26.64
N GLY E 130 1.23 -23.68 -27.11
CA GLY E 130 0.25 -22.90 -27.87
C GLY E 130 -0.14 -23.56 -29.19
N ALA E 131 0.83 -24.07 -29.94
CA ALA E 131 0.58 -24.80 -31.19
C ALA E 131 -0.26 -26.07 -30.97
N LEU E 132 0.05 -26.83 -29.92
CA LEU E 132 -0.72 -28.01 -29.53
C LEU E 132 -2.14 -27.64 -29.09
N ALA E 133 -2.31 -26.60 -28.27
CA ALA E 133 -3.60 -26.14 -27.79
C ALA E 133 -4.53 -25.72 -28.94
N MET E 134 -4.01 -24.95 -29.89
CA MET E 134 -4.77 -24.53 -31.07
C MET E 134 -5.16 -25.72 -31.95
N SER E 135 -4.30 -26.73 -32.08
CA SER E 135 -4.62 -27.96 -32.80
C SER E 135 -5.76 -28.75 -32.15
N ILE E 136 -5.74 -28.88 -30.82
CA ILE E 136 -6.81 -29.53 -30.06
C ILE E 136 -8.14 -28.80 -30.27
N ALA E 137 -8.15 -27.48 -30.08
CA ALA E 137 -9.33 -26.66 -30.22
C ALA E 137 -9.90 -26.69 -31.64
N ASN E 138 -9.07 -26.56 -32.67
CA ASN E 138 -9.48 -26.60 -34.06
C ASN E 138 -10.13 -27.94 -34.44
N ARG E 139 -9.54 -29.06 -34.04
CA ARG E 139 -10.10 -30.39 -34.32
C ARG E 139 -11.47 -30.56 -33.68
N ILE E 140 -11.63 -30.11 -32.43
CA ILE E 140 -12.90 -30.19 -31.70
C ILE E 140 -13.95 -29.28 -32.34
N LYS E 141 -13.62 -28.03 -32.68
CA LYS E 141 -14.54 -27.10 -33.36
C LYS E 141 -14.98 -27.61 -34.72
N LEU E 142 -14.08 -28.17 -35.53
CA LEU E 142 -14.41 -28.76 -36.81
C LEU E 142 -15.39 -29.93 -36.66
N GLY E 143 -15.13 -30.85 -35.76
CA GLY E 143 -16.02 -31.99 -35.49
C GLY E 143 -17.42 -31.56 -35.01
N SER E 144 -17.49 -30.56 -34.14
CA SER E 144 -18.76 -30.02 -33.64
C SER E 144 -19.58 -29.34 -34.74
N LYS E 145 -18.94 -28.59 -35.66
CA LYS E 145 -19.63 -27.96 -36.79
C LYS E 145 -20.14 -29.00 -37.80
N GLN E 146 -19.38 -30.05 -38.05
CA GLN E 146 -19.78 -31.11 -38.97
C GLN E 146 -21.02 -31.85 -38.45
N SER E 147 -21.07 -32.22 -37.18
CA SER E 147 -22.25 -32.87 -36.59
C SER E 147 -23.50 -32.00 -36.64
N LYS E 148 -23.38 -30.69 -36.46
CA LYS E 148 -24.50 -29.76 -36.60
C LYS E 148 -24.99 -29.65 -38.04
N GLU F 12 5.02 -43.53 -42.86
CA GLU F 12 4.30 -42.63 -41.95
C GLU F 12 4.88 -41.21 -41.96
N LYS F 13 6.22 -41.08 -42.10
CA LYS F 13 6.86 -39.77 -42.30
C LYS F 13 6.33 -39.07 -43.57
N GLU F 14 6.17 -39.79 -44.68
CA GLU F 14 5.62 -39.21 -45.91
C GLU F 14 4.15 -38.83 -45.76
N ASN F 15 3.36 -39.61 -45.00
CA ASN F 15 1.98 -39.27 -44.72
C ASN F 15 1.88 -37.98 -43.88
N ILE F 16 2.72 -37.84 -42.86
CA ILE F 16 2.79 -36.62 -42.05
C ILE F 16 3.16 -35.42 -42.93
N ILE F 17 4.22 -35.53 -43.72
CA ILE F 17 4.64 -34.46 -44.64
C ILE F 17 3.50 -34.09 -45.61
N GLY F 18 2.80 -35.09 -46.14
CA GLY F 18 1.65 -34.86 -47.04
C GLY F 18 0.51 -34.12 -46.35
N ARG F 19 0.21 -34.45 -45.10
CA ARG F 19 -0.82 -33.75 -44.31
C ARG F 19 -0.42 -32.32 -43.96
N ILE F 20 0.85 -32.07 -43.64
CA ILE F 20 1.40 -30.71 -43.47
C ILE F 20 1.32 -29.92 -44.78
N ALA F 21 1.65 -30.55 -45.92
CA ALA F 21 1.54 -29.91 -47.22
C ALA F 21 0.08 -29.53 -47.55
N ASN F 22 -0.88 -30.38 -47.21
CA ASN F 22 -2.30 -30.07 -47.36
C ASN F 22 -2.70 -28.85 -46.52
N LEU F 23 -2.24 -28.76 -45.26
CA LEU F 23 -2.50 -27.60 -44.39
C LEU F 23 -1.94 -26.31 -45.00
N LEU F 24 -0.69 -26.33 -45.47
CA LEU F 24 -0.05 -25.19 -46.13
C LEU F 24 -0.79 -24.78 -47.41
N ALA F 25 -1.22 -25.76 -48.22
CA ALA F 25 -1.97 -25.50 -49.44
C ALA F 25 -3.35 -24.88 -49.16
N VAL F 26 -4.07 -25.38 -48.16
CA VAL F 26 -5.35 -24.81 -47.72
C VAL F 26 -5.16 -23.37 -47.24
N GLY F 27 -4.16 -23.12 -46.40
CA GLY F 27 -3.84 -21.78 -45.92
C GLY F 27 -3.47 -20.82 -47.05
N PHE F 28 -2.68 -21.27 -48.04
CA PHE F 28 -2.32 -20.49 -49.21
C PHE F 28 -3.53 -20.15 -50.09
N LEU F 29 -4.37 -21.13 -50.40
CA LEU F 29 -5.57 -20.93 -51.23
C LEU F 29 -6.59 -20.00 -50.55
N TYR F 30 -6.74 -20.11 -49.24
CA TYR F 30 -7.66 -19.27 -48.47
C TYR F 30 -7.16 -17.83 -48.31
N SER F 31 -5.87 -17.65 -47.98
CA SER F 31 -5.26 -16.32 -47.80
C SER F 31 -4.87 -15.64 -49.11
N GLU F 32 -4.78 -16.39 -50.22
CA GLU F 32 -4.25 -15.96 -51.51
C GLU F 32 -2.80 -15.40 -51.44
N SER F 33 -2.07 -15.75 -50.38
CA SER F 33 -0.70 -15.32 -50.13
C SER F 33 0.28 -16.50 -50.10
N PRO F 34 1.38 -16.45 -50.87
CA PRO F 34 2.43 -17.46 -50.80
C PRO F 34 3.39 -17.28 -49.63
N THR F 35 3.33 -16.17 -48.90
CA THR F 35 4.34 -15.75 -47.91
C THR F 35 4.64 -16.81 -46.84
N LEU F 36 3.62 -17.48 -46.32
CA LEU F 36 3.82 -18.53 -45.32
C LEU F 36 4.51 -19.77 -45.91
N VAL F 37 4.16 -20.14 -47.15
CA VAL F 37 4.81 -21.27 -47.85
C VAL F 37 6.26 -20.94 -48.17
N ASP F 38 6.54 -19.70 -48.61
CA ASP F 38 7.90 -19.21 -48.84
C ASP F 38 8.74 -19.27 -47.56
N ARG F 39 8.19 -18.78 -46.46
CA ARG F 39 8.86 -18.85 -45.14
C ARG F 39 9.13 -20.29 -44.72
N PHE F 40 8.17 -21.19 -44.94
CA PHE F 40 8.30 -22.60 -44.58
C PHE F 40 9.38 -23.31 -45.41
N ALA F 41 9.39 -23.07 -46.72
CA ALA F 41 10.36 -23.68 -47.63
C ALA F 41 11.78 -23.13 -47.48
N ASN F 42 11.92 -21.89 -46.97
CA ASN F 42 13.21 -21.26 -46.72
C ASN F 42 13.69 -21.37 -45.26
N ALA F 43 12.92 -22.00 -44.38
CA ALA F 43 13.27 -22.14 -42.98
C ALA F 43 14.63 -22.83 -42.78
N LEU F 44 15.46 -22.26 -41.90
CA LEU F 44 16.75 -22.80 -41.48
C LEU F 44 16.77 -23.17 -39.99
N SER F 45 15.68 -22.94 -39.28
CA SER F 45 15.56 -23.23 -37.86
C SER F 45 14.15 -23.75 -37.52
N LYS F 46 14.06 -24.47 -36.39
CA LYS F 46 12.78 -24.91 -35.84
C LYS F 46 11.84 -23.76 -35.49
N GLU F 47 12.39 -22.59 -35.14
CA GLU F 47 11.64 -21.37 -34.82
C GLU F 47 10.80 -20.91 -36.01
N ALA F 48 11.41 -20.79 -37.20
CA ALA F 48 10.74 -20.36 -38.41
C ALA F 48 9.62 -21.34 -38.83
N VAL F 49 9.91 -22.64 -38.76
CA VAL F 49 8.92 -23.70 -39.08
C VAL F 49 7.73 -23.65 -38.13
N THR F 50 8.00 -23.57 -36.83
CA THR F 50 6.94 -23.55 -35.81
C THR F 50 6.08 -22.31 -35.91
N LYS F 51 6.68 -21.15 -36.18
CA LYS F 51 5.95 -19.90 -36.40
C LYS F 51 4.99 -20.00 -37.59
N VAL F 52 5.43 -20.59 -38.71
CA VAL F 52 4.55 -20.82 -39.86
C VAL F 52 3.44 -21.81 -39.54
N LEU F 53 3.75 -22.90 -38.84
CA LEU F 53 2.73 -23.88 -38.44
C LEU F 53 1.63 -23.25 -37.58
N TYR F 54 1.98 -22.33 -36.69
CA TYR F 54 0.97 -21.56 -35.95
C TYR F 54 0.18 -20.63 -36.86
N ASP F 55 0.87 -19.77 -37.63
CA ASP F 55 0.24 -18.73 -38.45
C ASP F 55 -0.71 -19.33 -39.50
N VAL F 56 -0.34 -20.44 -40.15
CA VAL F 56 -1.20 -21.10 -41.13
C VAL F 56 -2.44 -21.72 -40.47
N GLN F 57 -2.28 -22.34 -39.30
CA GLN F 57 -3.42 -22.87 -38.54
C GLN F 57 -4.33 -21.76 -38.03
N ARG F 58 -3.79 -20.60 -37.69
CA ARG F 58 -4.57 -19.43 -37.30
C ARG F 58 -5.43 -18.89 -38.46
N ILE F 59 -4.87 -18.88 -39.67
CA ILE F 59 -5.61 -18.54 -40.90
C ILE F 59 -6.71 -19.58 -41.16
N VAL F 60 -6.39 -20.87 -41.07
CA VAL F 60 -7.37 -21.95 -41.23
C VAL F 60 -8.48 -21.86 -40.18
N GLN F 61 -8.15 -21.54 -38.92
CA GLN F 61 -9.12 -21.34 -37.84
C GLN F 61 -10.14 -20.23 -38.19
N MET F 62 -9.69 -19.10 -38.74
CA MET F 62 -10.60 -18.04 -39.20
C MET F 62 -11.53 -18.54 -40.31
N GLY F 63 -11.00 -19.30 -41.27
CA GLY F 63 -11.82 -19.89 -42.34
C GLY F 63 -12.84 -20.90 -41.82
N ILE F 64 -12.48 -21.67 -40.80
CA ILE F 64 -13.40 -22.59 -40.12
C ILE F 64 -14.51 -21.81 -39.42
N ASP F 65 -14.17 -20.75 -38.68
CA ASP F 65 -15.16 -19.95 -37.93
C ASP F 65 -16.15 -19.24 -38.87
N ARG F 66 -15.66 -18.75 -40.01
CA ARG F 66 -16.47 -18.16 -41.08
C ARG F 66 -17.23 -19.20 -41.93
N SER F 67 -17.05 -20.48 -41.69
CA SER F 67 -17.57 -21.58 -42.51
C SER F 67 -17.13 -21.54 -43.98
N GLU F 68 -15.98 -20.91 -44.26
CA GLU F 68 -15.36 -20.84 -45.57
C GLU F 68 -14.35 -21.99 -45.79
N ILE F 69 -13.89 -22.62 -44.72
CA ILE F 69 -13.12 -23.86 -44.74
C ILE F 69 -13.92 -24.95 -44.02
N ALA F 70 -14.19 -26.06 -44.72
CA ALA F 70 -14.90 -27.20 -44.16
C ALA F 70 -14.32 -28.52 -44.67
N THR F 71 -14.31 -29.54 -43.84
CA THR F 71 -14.00 -30.90 -44.27
C THR F 71 -15.19 -31.50 -45.00
N THR F 72 -14.90 -32.31 -46.03
CA THR F 72 -15.91 -32.99 -46.85
C THR F 72 -15.33 -34.31 -47.37
N THR F 73 -16.16 -35.09 -48.05
CA THR F 73 -15.72 -36.20 -48.87
C THR F 73 -16.07 -35.93 -50.33
N ILE F 74 -15.22 -36.37 -51.24
CA ILE F 74 -15.45 -36.26 -52.68
C ILE F 74 -15.17 -37.59 -53.37
N THR F 75 -15.99 -37.92 -54.35
CA THR F 75 -15.76 -39.09 -55.19
C THR F 75 -14.87 -38.68 -56.36
N ASP F 87 -15.07 -42.61 -52.10
CA ASP F 87 -15.02 -41.32 -51.42
C ASP F 87 -13.64 -41.10 -50.80
N TYR F 88 -13.06 -39.95 -51.12
CA TYR F 88 -11.81 -39.48 -50.55
C TYR F 88 -12.08 -38.31 -49.60
N PRO F 89 -11.38 -38.22 -48.46
CA PRO F 89 -11.43 -37.05 -47.61
C PRO F 89 -10.89 -35.82 -48.36
N ALA F 90 -11.54 -34.69 -48.19
CA ALA F 90 -11.13 -33.44 -48.80
C ALA F 90 -11.44 -32.25 -47.89
N VAL F 91 -10.88 -31.09 -48.23
CA VAL F 91 -11.16 -29.80 -47.59
C VAL F 91 -11.64 -28.83 -48.65
N ASN F 92 -12.86 -28.33 -48.50
CA ASN F 92 -13.38 -27.25 -49.32
C ASN F 92 -12.90 -25.90 -48.76
N VAL F 93 -12.45 -25.03 -49.66
CA VAL F 93 -11.98 -23.68 -49.35
C VAL F 93 -12.72 -22.69 -50.24
N ASN F 94 -13.42 -21.73 -49.65
CA ASN F 94 -14.01 -20.61 -50.37
C ASN F 94 -13.18 -19.35 -50.09
N SER F 95 -12.52 -18.85 -51.12
CA SER F 95 -11.88 -17.53 -50.98
C SER F 95 -12.84 -16.66 -51.77
N SER F 96 -14.09 -16.52 -51.29
CA SER F 96 -15.20 -15.84 -52.02
C SER F 96 -15.77 -16.83 -53.06
N GLY F 97 -16.18 -16.36 -54.24
CA GLY F 97 -16.66 -17.27 -55.31
C GLY F 97 -15.60 -18.29 -55.72
N ALA F 98 -14.32 -17.98 -55.52
CA ALA F 98 -13.21 -18.90 -55.87
C ALA F 98 -13.26 -20.13 -54.97
N LYS F 99 -13.99 -21.17 -55.40
CA LYS F 99 -14.11 -22.42 -54.65
C LYS F 99 -12.98 -23.35 -55.03
N TYR F 100 -12.26 -23.85 -54.05
CA TYR F 100 -11.18 -24.81 -54.21
C TYR F 100 -11.47 -26.05 -53.37
N THR F 101 -10.98 -27.19 -53.81
CA THR F 101 -11.04 -28.45 -53.04
C THR F 101 -9.67 -29.09 -53.00
N VAL F 102 -9.10 -29.20 -51.80
CA VAL F 102 -7.84 -29.91 -51.55
C VAL F 102 -8.17 -31.34 -51.13
N VAL F 103 -7.63 -32.33 -51.83
CA VAL F 103 -7.87 -33.74 -51.51
C VAL F 103 -6.88 -34.22 -50.46
N GLY F 104 -7.38 -34.81 -49.39
CA GLY F 104 -6.58 -35.34 -48.29
C GLY F 104 -7.04 -34.84 -46.93
N TYR F 105 -6.36 -35.34 -45.89
CA TYR F 105 -6.60 -34.91 -44.51
C TYR F 105 -5.71 -33.72 -44.14
N LEU F 106 -6.19 -32.90 -43.19
CA LEU F 106 -5.36 -31.96 -42.45
C LEU F 106 -4.59 -32.70 -41.35
N PRO F 107 -3.42 -32.19 -40.93
CA PRO F 107 -2.63 -32.82 -39.87
C PRO F 107 -3.36 -32.81 -38.53
N THR F 108 -3.13 -33.86 -37.76
CA THR F 108 -3.54 -33.93 -36.36
C THR F 108 -2.54 -33.19 -35.45
N SER F 109 -2.88 -32.99 -34.18
CA SER F 109 -1.92 -32.48 -33.20
C SER F 109 -0.69 -33.39 -33.08
N GLN F 110 -0.88 -34.71 -33.17
CA GLN F 110 0.21 -35.66 -33.15
C GLN F 110 1.09 -35.54 -34.40
N ASP F 111 0.50 -35.28 -35.57
CA ASP F 111 1.26 -35.06 -36.80
C ASP F 111 2.12 -33.80 -36.70
N ILE F 112 1.60 -32.72 -36.12
CA ILE F 112 2.36 -31.47 -35.89
C ILE F 112 3.54 -31.74 -34.94
N GLU F 113 3.30 -32.50 -33.88
CA GLU F 113 4.33 -32.82 -32.89
C GLU F 113 5.42 -33.74 -33.47
N ASP F 114 5.01 -34.78 -34.21
CA ASP F 114 5.95 -35.68 -34.89
C ASP F 114 6.69 -34.95 -36.02
N PHE F 115 6.02 -34.04 -36.75
CA PHE F 115 6.67 -33.21 -37.76
C PHE F 115 7.69 -32.26 -37.15
N LEU F 116 7.38 -31.62 -36.02
CA LEU F 116 8.34 -30.78 -35.31
C LEU F 116 9.55 -31.58 -34.82
N ARG F 117 9.37 -32.83 -34.39
CA ARG F 117 10.49 -33.72 -34.07
C ARG F 117 11.34 -34.05 -35.30
N MET F 118 10.71 -34.29 -36.45
CA MET F 118 11.43 -34.46 -37.72
C MET F 118 12.21 -33.21 -38.11
N ILE F 119 11.68 -32.01 -37.88
CA ILE F 119 12.34 -30.73 -38.14
C ILE F 119 13.52 -30.51 -37.20
N GLU F 120 13.40 -30.89 -35.93
CA GLU F 120 14.48 -30.83 -34.95
C GLU F 120 15.66 -31.73 -35.37
N GLU F 121 15.41 -32.84 -36.09
CA GLU F 121 16.42 -33.68 -36.72
C GLU F 121 16.91 -33.14 -38.08
N ASP F 122 15.99 -32.70 -38.95
CA ASP F 122 16.30 -32.21 -40.29
C ASP F 122 15.24 -31.23 -40.84
N VAL F 123 15.62 -29.95 -40.92
CA VAL F 123 14.79 -28.88 -41.52
C VAL F 123 14.45 -29.11 -43.01
N TYR F 124 15.14 -30.06 -43.70
CA TYR F 124 14.78 -30.50 -45.05
C TYR F 124 13.30 -30.87 -45.19
N TYR F 125 12.70 -31.46 -44.18
CA TYR F 125 11.30 -31.87 -44.24
C TYR F 125 10.35 -30.67 -44.40
N ALA F 126 10.70 -29.48 -43.92
CA ALA F 126 9.95 -28.25 -44.16
C ALA F 126 10.01 -27.87 -45.65
N ARG F 127 11.19 -27.96 -46.29
CA ARG F 127 11.33 -27.73 -47.73
C ARG F 127 10.52 -28.72 -48.56
N LYS F 128 10.54 -30.01 -48.17
CA LYS F 128 9.75 -31.05 -48.85
C LYS F 128 8.24 -30.77 -48.75
N ALA F 129 7.74 -30.42 -47.56
CA ALA F 129 6.35 -30.05 -47.36
C ALA F 129 5.96 -28.79 -48.15
N GLY F 130 6.82 -27.77 -48.17
CA GLY F 130 6.61 -26.54 -48.94
C GLY F 130 6.52 -26.79 -50.44
N ALA F 131 7.40 -27.62 -50.99
CA ALA F 131 7.37 -28.01 -52.40
C ALA F 131 6.06 -28.74 -52.77
N LEU F 132 5.62 -29.66 -51.92
CA LEU F 132 4.36 -30.37 -52.10
C LEU F 132 3.15 -29.41 -52.01
N ALA F 133 3.14 -28.52 -51.03
CA ALA F 133 2.06 -27.55 -50.83
C ALA F 133 1.91 -26.63 -52.05
N MET F 134 3.02 -26.10 -52.56
CA MET F 134 3.00 -25.25 -53.75
C MET F 134 2.51 -26.02 -55.00
N SER F 135 2.88 -27.28 -55.14
CA SER F 135 2.39 -28.16 -56.22
C SER F 135 0.88 -28.36 -56.15
N ILE F 136 0.34 -28.63 -54.96
CA ILE F 136 -1.10 -28.78 -54.74
C ILE F 136 -1.83 -27.49 -55.11
N ALA F 137 -1.39 -26.36 -54.58
CA ALA F 137 -1.99 -25.06 -54.82
C ALA F 137 -1.96 -24.66 -56.30
N ASN F 138 -0.82 -24.87 -56.97
CA ASN F 138 -0.66 -24.57 -58.39
C ASN F 138 -1.61 -25.39 -59.26
N ARG F 139 -1.71 -26.71 -59.00
CA ARG F 139 -2.62 -27.58 -59.76
C ARG F 139 -4.07 -27.15 -59.60
N ILE F 140 -4.49 -26.78 -58.39
CA ILE F 140 -5.85 -26.33 -58.11
C ILE F 140 -6.11 -24.96 -58.77
N LYS F 141 -5.19 -24.00 -58.66
CA LYS F 141 -5.33 -22.68 -59.31
C LYS F 141 -5.40 -22.79 -60.84
N LEU F 142 -4.59 -23.67 -61.46
CA LEU F 142 -4.64 -23.93 -62.90
C LEU F 142 -6.00 -24.47 -63.32
N GLY F 143 -6.52 -25.47 -62.63
CA GLY F 143 -7.84 -26.05 -62.91
C GLY F 143 -8.98 -25.03 -62.76
N SER F 144 -8.94 -24.21 -61.73
CA SER F 144 -9.93 -23.16 -61.49
C SER F 144 -9.91 -22.07 -62.57
N MET G 1 36.96 12.44 -39.56
CA MET G 1 35.75 11.64 -39.34
C MET G 1 35.08 12.01 -38.02
N ILE G 2 33.77 11.78 -37.95
CA ILE G 2 33.00 12.01 -36.73
C ILE G 2 32.29 10.71 -36.39
N SER G 3 32.63 10.12 -35.26
CA SER G 3 32.05 8.85 -34.83
C SER G 3 31.40 9.02 -33.47
N GLY G 4 30.18 8.53 -33.32
CA GLY G 4 29.42 8.77 -32.10
C GLY G 4 28.71 7.52 -31.62
N SER G 5 28.58 7.44 -30.30
CA SER G 5 27.80 6.41 -29.63
C SER G 5 26.80 7.08 -28.70
N VAL G 6 25.53 6.66 -28.79
CA VAL G 6 24.43 7.33 -28.11
C VAL G 6 23.58 6.28 -27.41
N ARG G 7 23.11 6.62 -26.20
CA ARG G 7 22.21 5.78 -25.43
C ARG G 7 20.93 6.53 -25.16
N PHE G 8 19.80 5.87 -25.38
CA PHE G 8 18.47 6.45 -25.22
C PHE G 8 17.62 5.55 -24.33
N LEU G 9 16.63 6.15 -23.66
CA LEU G 9 15.65 5.42 -22.87
C LEU G 9 14.26 5.75 -23.41
N VAL G 10 13.55 4.75 -23.91
CA VAL G 10 12.26 4.95 -24.56
C VAL G 10 11.22 4.04 -23.91
N ASN G 11 10.04 4.59 -23.69
CA ASN G 11 8.96 3.87 -23.02
C ASN G 11 7.68 4.01 -23.82
N LEU G 12 6.92 2.91 -23.91
CA LEU G 12 5.64 2.86 -24.62
C LEU G 12 5.83 3.31 -26.07
N GLU G 13 6.59 2.49 -26.79
CA GLU G 13 7.15 2.80 -28.09
C GLU G 13 6.65 1.85 -29.17
N SER G 14 6.35 2.42 -30.34
CA SER G 14 6.14 1.65 -31.55
C SER G 14 6.41 2.57 -32.73
N LEU G 15 7.66 2.55 -33.22
CA LEU G 15 8.03 3.37 -34.37
C LEU G 15 8.31 2.56 -35.63
N ASN G 16 8.59 1.27 -35.50
CA ASN G 16 8.92 0.41 -36.62
C ASN G 16 7.94 -0.76 -36.67
N GLY G 17 7.49 -1.08 -37.88
CA GLY G 17 6.50 -2.12 -38.05
C GLY G 17 6.94 -3.16 -39.06
N VAL G 18 6.27 -4.31 -39.01
CA VAL G 18 6.52 -5.45 -39.88
C VAL G 18 5.16 -5.99 -40.34
N GLU G 19 5.18 -7.09 -41.09
CA GLU G 19 3.94 -7.67 -41.61
C GLU G 19 3.00 -8.03 -40.47
N SER G 20 1.70 -7.86 -40.72
CA SER G 20 0.66 -8.04 -39.72
C SER G 20 -0.04 -9.38 -39.92
N ILE G 21 -0.46 -9.97 -38.80
CA ILE G 21 -1.19 -11.24 -38.80
C ILE G 21 -2.56 -10.98 -38.18
N GLY G 22 -3.61 -11.26 -38.95
CA GLY G 22 -4.96 -11.01 -38.45
C GLY G 22 -5.17 -9.53 -38.16
N ASN G 23 -5.67 -9.24 -36.96
CA ASN G 23 -5.89 -7.87 -36.50
C ASN G 23 -4.79 -7.41 -35.55
N LEU G 24 -3.58 -7.94 -35.71
CA LEU G 24 -2.45 -7.62 -34.84
C LEU G 24 -1.34 -6.99 -35.66
N THR G 25 -0.86 -5.83 -35.21
CA THR G 25 0.29 -5.17 -35.80
C THR G 25 1.52 -5.49 -34.97
N LYS G 26 2.54 -6.05 -35.61
CA LYS G 26 3.70 -6.59 -34.90
C LYS G 26 4.86 -5.61 -34.94
N HIS G 27 5.72 -5.72 -33.92
CA HIS G 27 6.93 -4.92 -33.81
C HIS G 27 8.13 -5.76 -34.23
N ARG G 28 9.09 -5.12 -34.90
CA ARG G 28 10.26 -5.83 -35.40
C ARG G 28 11.04 -6.44 -34.26
N THR G 29 11.43 -7.70 -34.41
CA THR G 29 12.20 -8.44 -33.42
C THR G 29 13.36 -9.15 -34.11
N ALA G 30 14.47 -9.27 -33.39
CA ALA G 30 15.68 -9.87 -33.92
C ALA G 30 16.32 -10.73 -32.84
N PRO G 31 17.10 -11.74 -33.24
CA PRO G 31 17.84 -12.54 -32.27
C PRO G 31 19.15 -11.88 -31.86
N VAL G 32 19.48 -12.06 -30.59
CA VAL G 32 20.72 -11.51 -30.02
C VAL G 32 21.39 -12.61 -29.19
N VAL G 33 22.71 -12.65 -29.23
CA VAL G 33 23.52 -13.56 -28.43
C VAL G 33 24.08 -12.78 -27.25
N LEU G 34 23.80 -13.24 -26.03
CA LEU G 34 24.17 -12.54 -24.83
C LEU G 34 24.96 -13.46 -23.91
N LYS G 35 25.92 -12.89 -23.20
CA LYS G 35 26.79 -13.65 -22.31
C LYS G 35 26.34 -13.48 -20.86
N THR G 36 26.11 -14.60 -20.19
CA THR G 36 25.75 -14.63 -18.78
C THR G 36 26.79 -15.47 -18.03
N SER G 37 26.67 -15.48 -16.69
CA SER G 37 27.60 -16.24 -15.88
C SER G 37 27.55 -17.73 -16.16
N THR G 38 26.45 -18.22 -16.75
CA THR G 38 26.32 -19.62 -17.10
C THR G 38 26.76 -19.93 -18.53
N GLY G 39 27.20 -18.93 -19.28
CA GLY G 39 27.65 -19.18 -20.64
C GLY G 39 27.10 -18.18 -21.65
N TYR G 40 26.55 -18.70 -22.75
CA TYR G 40 26.00 -17.86 -23.81
C TYR G 40 24.59 -18.31 -24.14
N LEU G 41 23.71 -17.34 -24.38
CA LEU G 41 22.30 -17.61 -24.63
C LEU G 41 21.82 -16.80 -25.83
N VAL G 42 20.72 -17.25 -26.42
CA VAL G 42 20.10 -16.61 -27.57
C VAL G 42 18.71 -16.12 -27.15
N ARG G 43 18.42 -14.86 -27.43
CA ARG G 43 17.15 -14.26 -27.05
C ARG G 43 16.55 -13.52 -28.23
N TYR G 44 15.25 -13.27 -28.16
CA TYR G 44 14.53 -12.50 -29.16
C TYR G 44 14.14 -11.16 -28.57
N VAL G 45 14.59 -10.07 -29.19
CA VAL G 45 14.41 -8.74 -28.62
C VAL G 45 13.92 -7.80 -29.70
N PRO G 46 12.99 -6.91 -29.36
CA PRO G 46 12.58 -5.88 -30.31
C PRO G 46 13.73 -4.96 -30.70
N VAL G 47 13.75 -4.56 -31.97
CA VAL G 47 14.79 -3.72 -32.53
C VAL G 47 14.14 -2.71 -33.47
N ILE G 48 14.92 -1.71 -33.89
CA ILE G 48 14.49 -0.69 -34.84
C ILE G 48 15.50 -0.63 -35.97
N SER G 49 15.01 -0.68 -37.20
CA SER G 49 15.90 -0.67 -38.37
C SER G 49 16.55 0.69 -38.55
N GLY G 50 17.70 0.68 -39.21
CA GLY G 50 18.45 1.91 -39.44
C GLY G 50 17.97 2.68 -40.65
N GLU G 51 17.13 2.06 -41.48
CA GLU G 51 16.62 2.74 -42.67
C GLU G 51 15.69 3.89 -42.29
N ALA G 52 14.93 3.74 -41.21
CA ALA G 52 14.10 4.84 -40.74
C ALA G 52 14.96 6.02 -40.30
N LEU G 53 16.06 5.74 -39.60
CA LEU G 53 16.98 6.80 -39.20
C LEU G 53 17.58 7.50 -40.42
N ALA G 54 17.95 6.72 -41.44
CA ALA G 54 18.49 7.31 -42.65
C ALA G 54 17.46 8.19 -43.35
N HIS G 55 16.21 7.73 -43.39
CA HIS G 55 15.15 8.52 -44.02
C HIS G 55 14.93 9.83 -43.27
N ALA G 56 14.91 9.77 -41.93
CA ALA G 56 14.74 11.00 -41.15
C ALA G 56 15.90 11.96 -41.37
N TYR G 57 17.13 11.44 -41.38
CA TYR G 57 18.30 12.29 -41.62
C TYR G 57 18.23 12.93 -43.00
N GLN G 58 17.83 12.17 -44.02
CA GLN G 58 17.77 12.72 -45.37
C GLN G 58 16.67 13.75 -45.49
N ALA G 59 15.53 13.54 -44.83
CA ALA G 59 14.47 14.53 -44.85
C ALA G 59 14.90 15.83 -44.19
N SER G 60 15.58 15.73 -43.05
CA SER G 60 16.08 16.93 -42.39
C SER G 60 17.11 17.65 -43.26
N LEU G 61 17.97 16.88 -43.93
CA LEU G 61 18.95 17.48 -44.84
C LEU G 61 18.25 18.19 -46.00
N VAL G 62 17.17 17.60 -46.53
CA VAL G 62 16.40 18.25 -47.59
C VAL G 62 15.85 19.58 -47.10
N ASP G 63 15.26 19.58 -45.90
CA ASP G 63 14.70 20.81 -45.36
C ASP G 63 15.77 21.88 -45.19
N ILE G 64 16.91 21.50 -44.62
CA ILE G 64 17.98 22.47 -44.39
C ILE G 64 18.52 23.01 -45.71
N ALA G 65 18.72 22.13 -46.70
CA ALA G 65 19.24 22.57 -47.99
C ALA G 65 18.26 23.51 -48.69
N LYS G 66 16.96 23.20 -48.62
CA LYS G 66 15.98 24.10 -49.22
C LYS G 66 15.96 25.45 -48.51
N LYS G 67 16.12 25.44 -47.18
CA LYS G 67 16.13 26.70 -46.45
C LYS G 67 17.38 27.53 -46.76
N GLU G 68 18.52 26.88 -46.97
CA GLU G 68 19.79 27.58 -47.18
C GLU G 68 20.10 27.86 -48.64
N GLY G 69 19.22 27.47 -49.56
CA GLY G 69 19.41 27.77 -50.97
C GLY G 69 20.20 26.75 -51.76
N LEU G 70 20.67 25.67 -51.13
CA LEU G 70 21.38 24.64 -51.86
C LEU G 70 20.42 23.91 -52.81
N PRO G 71 20.92 23.46 -53.96
CA PRO G 71 20.04 22.78 -54.92
C PRO G 71 19.49 21.48 -54.37
N VAL G 72 18.24 21.19 -54.74
CA VAL G 72 17.55 19.97 -54.34
C VAL G 72 16.87 19.37 -55.57
N GLY G 73 16.95 18.05 -55.71
CA GLY G 73 16.38 17.40 -56.87
C GLY G 73 14.87 17.50 -56.90
N SER G 74 14.32 17.33 -58.11
CA SER G 74 12.88 17.45 -58.30
C SER G 74 12.13 16.34 -57.57
N LEU G 75 12.54 15.09 -57.78
CA LEU G 75 11.91 13.98 -57.07
C LEU G 75 12.25 14.01 -55.59
N SER G 76 13.47 14.41 -55.25
CA SER G 76 13.87 14.49 -53.85
C SER G 76 13.23 15.67 -53.13
N SER G 77 12.68 16.63 -53.87
CA SER G 77 11.95 17.73 -53.23
C SER G 77 10.76 17.19 -52.47
N GLN G 78 10.00 16.29 -53.09
CA GLN G 78 9.05 15.46 -52.36
C GLN G 78 9.82 14.39 -51.60
N TYR G 79 9.30 13.99 -50.43
CA TYR G 79 10.02 13.04 -49.58
C TYR G 79 9.87 11.62 -50.15
N GLU G 80 10.54 11.42 -51.29
CA GLU G 80 10.58 10.12 -51.96
C GLU G 80 12.01 9.95 -52.48
N PHE G 81 12.82 9.18 -51.76
CA PHE G 81 14.23 9.05 -52.06
C PHE G 81 14.53 7.89 -53.01
N ILE G 82 13.89 7.92 -54.18
CA ILE G 82 14.25 6.94 -55.21
C ILE G 82 15.60 7.30 -55.84
N LYS G 83 15.99 8.56 -55.75
CA LYS G 83 17.27 9.08 -56.26
C LYS G 83 17.29 8.86 -57.77
N PHE G 84 18.39 8.36 -58.33
CA PHE G 84 18.50 8.21 -59.78
C PHE G 84 18.72 6.76 -60.17
N SER G 85 17.95 5.86 -59.56
CA SER G 85 18.14 4.43 -59.80
C SER G 85 17.55 4.00 -61.14
N THR G 86 16.31 4.35 -61.40
CA THR G 86 15.59 3.91 -62.59
C THR G 86 15.66 4.96 -63.70
N ASP G 87 15.22 4.56 -64.90
CA ASP G 87 15.23 5.47 -66.02
C ASP G 87 14.12 6.51 -65.93
N GLU G 88 13.02 6.18 -65.24
CA GLU G 88 11.94 7.14 -65.08
C GLU G 88 12.40 8.36 -64.28
N ALA G 89 13.20 8.13 -63.24
CA ALA G 89 13.74 9.26 -62.47
C ALA G 89 14.63 10.14 -63.33
N LEU G 90 15.48 9.53 -64.16
CA LEU G 90 16.34 10.30 -65.05
C LEU G 90 15.51 11.11 -66.04
N LYS G 91 14.45 10.51 -66.59
CA LYS G 91 13.59 11.23 -67.52
C LYS G 91 12.89 12.39 -66.85
N ILE G 92 12.42 12.19 -65.62
CA ILE G 92 11.74 13.27 -64.90
C ILE G 92 12.70 14.41 -64.60
N GLU G 93 13.89 14.08 -64.09
CA GLU G 93 14.87 15.11 -63.77
C GLU G 93 15.44 15.74 -65.03
N GLY G 94 15.69 14.93 -66.06
CA GLY G 94 16.22 15.45 -67.31
C GLY G 94 17.73 15.34 -67.43
N ILE G 95 18.28 14.17 -67.11
CA ILE G 95 19.70 13.90 -67.20
C ILE G 95 19.91 12.74 -68.15
N LYS G 96 20.79 12.92 -69.13
CA LYS G 96 21.07 11.87 -70.10
C LYS G 96 21.84 10.73 -69.46
N GLU G 97 21.53 9.51 -69.86
CA GLU G 97 22.22 8.34 -69.34
C GLU G 97 23.65 8.30 -69.86
N PRO G 98 24.57 7.72 -69.09
CA PRO G 98 25.97 7.62 -69.55
C PRO G 98 26.07 6.74 -70.79
N LYS G 99 27.00 7.10 -71.68
CA LYS G 99 27.18 6.36 -72.92
C LYS G 99 28.16 5.19 -72.72
N ASP G 100 29.37 5.48 -72.26
CA ASP G 100 30.38 4.47 -72.03
C ASP G 100 30.99 4.68 -70.65
N TYR G 101 32.04 3.93 -70.34
CA TYR G 101 32.70 4.07 -69.05
C TYR G 101 33.35 5.45 -68.90
N ASN G 102 33.99 5.93 -69.96
CA ASN G 102 34.73 7.19 -69.89
C ASN G 102 33.81 8.38 -69.59
N ASP G 103 32.53 8.28 -69.92
CA ASP G 103 31.58 9.34 -69.64
C ASP G 103 30.99 9.28 -68.24
N ALA G 104 31.24 8.19 -67.50
CA ALA G 104 30.57 7.97 -66.22
C ALA G 104 30.81 9.13 -65.27
N ARG G 105 32.06 9.58 -65.17
CA ARG G 105 32.40 10.70 -64.30
C ARG G 105 31.51 11.90 -64.58
N ARG G 106 31.34 12.24 -65.87
CA ARG G 106 30.49 13.36 -66.23
C ARG G 106 29.08 13.18 -65.66
N PHE G 107 28.52 11.99 -65.87
CA PHE G 107 27.18 11.71 -65.34
C PHE G 107 27.15 11.92 -63.84
N GLU G 108 28.16 11.43 -63.13
CA GLU G 108 28.20 11.59 -61.69
C GLU G 108 28.16 13.07 -61.33
N VAL G 109 28.96 13.89 -62.02
CA VAL G 109 28.98 15.32 -61.73
C VAL G 109 27.61 15.92 -61.98
N GLU G 110 26.94 15.49 -63.06
CA GLU G 110 25.62 16.03 -63.36
C GLU G 110 24.64 15.68 -62.27
N VAL G 111 24.77 14.47 -61.69
CA VAL G 111 23.92 14.10 -60.58
C VAL G 111 24.29 14.87 -59.32
N MET G 112 25.57 15.20 -59.18
CA MET G 112 26.11 15.77 -57.95
C MET G 112 25.87 17.28 -57.83
N LEU G 113 25.62 17.95 -58.95
CA LEU G 113 25.37 19.39 -58.95
C LEU G 113 23.89 19.74 -58.86
N LYS G 114 23.01 18.74 -58.77
CA LYS G 114 21.57 18.98 -58.74
C LYS G 114 20.92 18.61 -57.42
N ASP G 115 21.41 17.57 -56.73
CA ASP G 115 20.81 17.11 -55.49
C ASP G 115 21.90 16.85 -54.47
N VAL G 116 21.80 17.51 -53.32
CA VAL G 116 22.75 17.26 -52.24
C VAL G 116 22.56 15.88 -51.65
N ILE G 117 21.33 15.36 -51.71
CA ILE G 117 21.04 14.04 -51.14
C ILE G 117 21.84 12.96 -51.86
N ALA G 118 21.92 13.03 -53.18
CA ALA G 118 22.72 12.07 -53.93
C ALA G 118 24.19 12.17 -53.55
N ASP G 119 24.67 13.39 -53.31
CA ASP G 119 26.07 13.58 -52.92
C ASP G 119 26.36 12.98 -51.56
N VAL G 120 25.48 13.22 -50.58
CA VAL G 120 25.77 12.80 -49.21
C VAL G 120 25.45 11.33 -49.00
N GLY G 121 24.22 10.93 -49.32
CA GLY G 121 23.78 9.57 -49.09
C GLY G 121 24.12 8.57 -50.17
N GLY G 122 24.84 8.98 -51.21
CA GLY G 122 25.22 8.08 -52.27
C GLY G 122 24.06 7.71 -53.17
N PHE G 123 24.38 6.99 -54.24
CA PHE G 123 23.35 6.58 -55.19
C PHE G 123 23.89 5.46 -56.05
N MET G 124 22.99 4.87 -56.84
CA MET G 124 23.32 3.78 -57.75
C MET G 124 22.56 3.93 -59.05
N TYR G 125 23.24 3.68 -60.17
CA TYR G 125 22.60 3.57 -61.46
C TYR G 125 23.06 2.28 -62.12
N ALA G 126 22.09 1.47 -62.55
CA ALA G 126 22.35 0.17 -63.14
C ALA G 126 22.03 0.21 -64.63
N GLY G 127 22.96 -0.32 -65.44
CA GLY G 127 22.77 -0.29 -66.87
C GLY G 127 24.03 -0.74 -67.60
N GLY G 128 24.20 -0.25 -68.82
CA GLY G 128 25.39 -0.58 -69.59
C GLY G 128 26.66 -0.11 -68.92
N ALA G 129 26.61 1.06 -68.28
CA ALA G 129 27.75 1.64 -67.56
C ALA G 129 27.28 1.97 -66.15
N PRO G 130 27.28 0.99 -65.24
CA PRO G 130 26.80 1.25 -63.89
C PRO G 130 27.65 2.28 -63.17
N VAL G 131 26.99 3.07 -62.32
CA VAL G 131 27.64 4.11 -61.54
C VAL G 131 27.27 3.92 -60.07
N ARG G 132 28.28 3.94 -59.20
CA ARG G 132 28.09 3.71 -57.78
C ARG G 132 28.64 4.87 -56.98
N ARG G 133 27.99 5.17 -55.86
CA ARG G 133 28.51 6.15 -54.91
C ARG G 133 28.06 5.74 -53.52
N THR G 134 29.01 5.36 -52.68
CA THR G 134 28.73 4.92 -51.32
C THR G 134 28.29 6.10 -50.46
N SER G 135 27.37 5.83 -49.54
CA SER G 135 26.88 6.86 -48.64
C SER G 135 27.99 7.36 -47.73
N ARG G 136 27.96 8.65 -47.42
CA ARG G 136 28.93 9.27 -46.53
C ARG G 136 28.49 9.25 -45.07
N ILE G 137 27.29 8.74 -44.78
CA ILE G 137 26.81 8.58 -43.42
C ILE G 137 26.46 7.11 -43.22
N LYS G 138 26.95 6.53 -42.13
CA LYS G 138 26.75 5.11 -41.84
C LYS G 138 26.07 4.95 -40.49
N LEU G 139 24.97 4.22 -40.49
CA LEU G 139 24.17 3.94 -39.29
C LEU G 139 23.99 2.43 -39.16
N GLY G 140 23.33 2.03 -38.08
CA GLY G 140 23.09 0.62 -37.82
C GLY G 140 21.78 0.43 -37.08
N TYR G 141 21.48 -0.83 -36.82
CA TYR G 141 20.25 -1.16 -36.09
C TYR G 141 20.32 -0.64 -34.66
N MET G 142 19.16 -0.32 -34.10
CA MET G 142 19.07 0.19 -32.74
C MET G 142 18.77 -0.97 -31.81
N ILE G 143 19.76 -1.35 -31.00
CA ILE G 143 19.67 -2.53 -30.15
C ILE G 143 19.75 -2.10 -28.69
N PRO G 144 18.92 -2.64 -27.80
CA PRO G 144 19.07 -2.34 -26.37
C PRO G 144 20.36 -2.93 -25.82
N ALA G 145 20.85 -2.29 -24.75
CA ALA G 145 22.11 -2.69 -24.16
C ALA G 145 22.04 -4.12 -23.63
N LEU G 146 23.05 -4.93 -23.98
CA LEU G 146 23.14 -6.30 -23.51
C LEU G 146 24.03 -6.38 -22.26
N ARG G 147 23.58 -5.69 -21.23
CA ARG G 147 24.31 -5.58 -19.97
C ARG G 147 23.75 -6.55 -18.95
N GLY G 148 24.65 -7.19 -18.20
CA GLY G 148 24.23 -8.11 -17.17
C GLY G 148 23.61 -9.38 -17.73
N ASP G 149 22.76 -10.00 -16.91
CA ASP G 149 22.08 -11.23 -17.29
C ASP G 149 20.64 -11.04 -17.70
N GLU G 150 20.06 -9.86 -17.43
CA GLU G 150 18.68 -9.56 -17.77
C GLU G 150 18.64 -8.42 -18.78
N ILE G 151 17.93 -8.63 -19.89
CA ILE G 151 17.79 -7.62 -20.93
C ILE G 151 16.76 -6.59 -20.50
N PRO G 152 17.11 -5.31 -20.45
CA PRO G 152 16.13 -4.28 -20.03
C PRO G 152 15.21 -3.87 -21.17
N ALA G 153 14.34 -4.80 -21.57
CA ALA G 153 13.40 -4.55 -22.65
C ALA G 153 12.14 -5.38 -22.40
N GLN G 154 11.02 -4.89 -22.93
CA GLN G 154 9.76 -5.61 -22.78
C GLN G 154 8.84 -5.25 -23.93
N LEU G 155 8.01 -6.22 -24.34
CA LEU G 155 7.07 -6.06 -25.43
C LEU G 155 5.73 -6.66 -25.03
N GLU G 156 4.63 -6.01 -25.43
CA GLU G 156 3.30 -6.50 -25.09
C GLU G 156 2.34 -6.03 -26.18
N ALA G 157 1.10 -6.51 -26.10
CA ALA G 157 0.05 -6.15 -27.04
C ALA G 157 -1.04 -5.38 -26.32
N GLN G 158 -1.67 -4.45 -27.04
CA GLN G 158 -2.71 -3.60 -26.49
C GLN G 158 -3.96 -3.69 -27.36
N PHE G 159 -5.11 -3.51 -26.72
CA PHE G 159 -6.42 -3.76 -27.29
C PHE G 159 -7.10 -2.43 -27.61
N HIS G 160 -7.66 -2.31 -28.82
CA HIS G 160 -8.33 -1.08 -29.22
C HIS G 160 -9.59 -1.41 -30.02
N VAL G 161 -10.59 -0.53 -29.89
CA VAL G 161 -11.89 -0.70 -30.53
C VAL G 161 -12.25 0.60 -31.24
N ARG G 162 -13.06 0.48 -32.29
CA ARG G 162 -13.61 1.62 -33.02
C ARG G 162 -15.11 1.69 -32.75
N PHE G 163 -15.58 2.87 -32.35
CA PHE G 163 -16.97 3.06 -31.99
C PHE G 163 -17.85 3.16 -33.24
N SER G 164 -19.05 2.61 -33.14
CA SER G 164 -20.03 2.67 -34.22
C SER G 164 -21.43 2.47 -33.64
N ASN G 165 -22.39 3.22 -34.15
CA ASN G 165 -23.77 3.12 -33.66
C ASN G 165 -24.53 1.95 -34.26
N LYS G 166 -24.02 1.34 -35.33
CA LYS G 166 -24.68 0.21 -35.99
C LYS G 166 -23.67 -0.90 -36.17
N PRO G 167 -23.43 -1.69 -35.11
CA PRO G 167 -22.46 -2.79 -35.23
C PRO G 167 -22.87 -3.79 -36.31
N VAL G 168 -21.88 -4.29 -37.03
CA VAL G 168 -22.12 -5.25 -38.10
C VAL G 168 -21.11 -6.39 -38.01
N ALA G 173 -13.87 -3.78 -36.25
CA ALA G 173 -13.85 -2.60 -35.39
C ALA G 173 -12.99 -2.83 -34.16
N ILE G 174 -12.20 -3.90 -34.19
CA ILE G 174 -11.32 -4.28 -33.09
C ILE G 174 -9.95 -4.59 -33.66
N PHE G 175 -8.90 -4.04 -33.04
CA PHE G 175 -7.54 -4.31 -33.47
C PHE G 175 -6.60 -4.32 -32.27
N ASN G 176 -5.39 -4.79 -32.51
CA ASN G 176 -4.36 -4.91 -31.48
C ASN G 176 -3.07 -4.26 -31.98
N VAL G 177 -2.36 -3.60 -31.07
CA VAL G 177 -1.14 -2.88 -31.41
C VAL G 177 -0.03 -3.28 -30.44
N GLU G 178 1.15 -3.59 -30.98
CA GLU G 178 2.29 -4.00 -30.16
C GLU G 178 3.02 -2.77 -29.66
N VAL G 179 3.37 -2.78 -28.37
CA VAL G 179 4.03 -1.67 -27.70
C VAL G 179 5.22 -2.22 -26.91
N SER G 180 6.36 -1.54 -27.03
CA SER G 180 7.61 -1.96 -26.41
C SER G 180 8.19 -0.85 -25.55
N SER G 181 9.05 -1.25 -24.61
CA SER G 181 9.76 -0.31 -23.77
C SER G 181 11.16 -0.84 -23.53
N ALA G 182 12.17 0.01 -23.75
CA ALA G 182 13.55 -0.48 -23.68
C ALA G 182 14.51 0.68 -23.47
N LEU G 183 15.78 0.32 -23.31
CA LEU G 183 16.89 1.26 -23.21
C LEU G 183 17.78 1.00 -24.43
N TYR G 184 17.58 1.79 -25.49
CA TYR G 184 18.23 1.56 -26.76
C TYR G 184 19.62 2.18 -26.81
N THR G 185 20.47 1.63 -27.67
CA THR G 185 21.80 2.17 -27.91
C THR G 185 22.09 2.06 -29.41
N PHE G 186 22.83 3.05 -29.93
CA PHE G 186 23.20 2.98 -31.33
C PHE G 186 24.42 3.86 -31.59
N SER G 187 25.13 3.56 -32.67
CA SER G 187 26.33 4.28 -33.05
C SER G 187 26.22 4.73 -34.50
N PHE G 188 26.97 5.78 -34.82
CA PHE G 188 26.93 6.37 -36.16
C PHE G 188 28.32 6.86 -36.54
N GLU G 189 28.52 7.07 -37.85
CA GLU G 189 29.84 7.54 -38.37
C GLU G 189 29.68 8.20 -39.73
N LEU G 190 30.16 9.43 -39.89
CA LEU G 190 30.03 10.18 -41.17
C LEU G 190 31.40 10.76 -41.52
N ASP G 191 31.80 10.69 -42.79
CA ASP G 191 33.15 11.20 -43.17
C ASP G 191 33.01 12.54 -43.85
N GLU G 192 33.32 13.64 -43.16
CA GLU G 192 33.06 14.91 -43.83
C GLU G 192 34.19 15.33 -44.77
N ASP G 193 35.30 14.58 -44.81
CA ASP G 193 36.41 14.93 -45.68
C ASP G 193 36.20 14.51 -47.13
N LEU G 194 35.16 13.73 -47.41
CA LEU G 194 34.86 13.31 -48.77
C LEU G 194 33.58 13.91 -49.32
N ILE G 195 32.92 14.81 -48.58
CA ILE G 195 31.72 15.47 -49.07
C ILE G 195 32.10 16.42 -50.20
N ALA G 196 31.27 16.44 -51.26
CA ALA G 196 31.48 17.28 -52.42
C ALA G 196 32.79 16.96 -53.13
N VAL G 197 33.17 15.68 -53.15
CA VAL G 197 34.35 15.21 -53.85
C VAL G 197 33.95 14.04 -54.74
N PRO G 198 34.22 14.08 -56.04
CA PRO G 198 33.87 12.96 -56.91
C PRO G 198 34.62 11.69 -56.52
N SER G 199 33.95 10.55 -56.71
CA SER G 199 34.53 9.26 -56.35
C SER G 199 34.97 8.43 -57.54
N THR G 200 34.36 8.60 -58.71
CA THR G 200 34.74 7.84 -59.88
C THR G 200 36.05 8.37 -60.44
N PHE G 201 36.99 7.47 -60.71
CA PHE G 201 38.30 7.87 -61.22
C PHE G 201 38.19 8.26 -62.70
N GLY G 202 38.93 9.31 -63.07
CA GLY G 202 38.91 9.78 -64.44
C GLY G 202 39.64 11.10 -64.57
N GLU G 203 39.33 11.81 -65.63
CA GLU G 203 39.95 13.11 -65.93
C GLU G 203 39.06 14.24 -65.41
N LYS G 204 39.63 15.44 -65.40
CA LYS G 204 38.90 16.60 -64.93
C LYS G 204 37.76 16.95 -65.87
N VAL G 205 36.62 17.34 -65.30
CA VAL G 205 35.42 17.66 -66.05
C VAL G 205 34.91 19.01 -65.56
N LYS G 206 34.49 19.87 -66.50
CA LYS G 206 33.98 21.18 -66.15
C LYS G 206 32.78 21.06 -65.21
N GLY G 207 32.76 21.91 -64.19
CA GLY G 207 31.75 21.87 -63.16
C GLY G 207 32.27 21.54 -61.78
N GLU G 208 33.54 21.14 -61.66
CA GLU G 208 34.09 20.85 -60.34
C GLU G 208 34.37 22.12 -59.55
N GLU G 209 34.53 23.26 -60.22
CA GLU G 209 34.74 24.52 -59.52
C GLU G 209 33.54 24.89 -58.67
N GLU G 210 32.33 24.67 -59.19
CA GLU G 210 31.13 24.93 -58.41
C GLU G 210 31.07 24.03 -57.18
N LEU G 211 31.43 22.76 -57.34
CA LEU G 211 31.47 21.85 -56.21
C LEU G 211 32.47 22.31 -55.16
N GLU G 212 33.65 22.77 -55.60
CA GLU G 212 34.63 23.30 -54.66
C GLU G 212 34.10 24.53 -53.93
N ARG G 213 33.37 25.39 -54.66
CA ARG G 213 32.79 26.57 -54.02
C ARG G 213 31.76 26.18 -52.97
N GLN G 214 30.93 25.19 -53.26
CA GLN G 214 29.83 24.81 -52.38
C GLN G 214 30.21 23.77 -51.34
N LYS G 215 31.46 23.32 -51.31
CA LYS G 215 31.88 22.28 -50.39
C LYS G 215 31.63 22.66 -48.94
N ALA G 216 31.98 23.91 -48.58
CA ALA G 216 31.83 24.33 -47.18
C ALA G 216 30.37 24.31 -46.76
N LYS G 217 29.48 24.84 -47.60
CA LYS G 217 28.06 24.86 -47.28
C LYS G 217 27.50 23.44 -47.19
N ARG G 218 27.92 22.55 -48.09
CA ARG G 218 27.45 21.17 -48.04
C ARG G 218 27.90 20.49 -46.75
N VAL G 219 29.15 20.70 -46.35
CA VAL G 219 29.65 20.10 -45.11
C VAL G 219 28.88 20.65 -43.91
N LYS G 220 28.64 21.97 -43.89
CA LYS G 220 27.90 22.57 -42.80
C LYS G 220 26.49 22.01 -42.71
N SER G 221 25.81 21.85 -43.85
CA SER G 221 24.47 21.29 -43.85
C SER G 221 24.46 19.84 -43.39
N ALA G 222 25.46 19.06 -43.82
CA ALA G 222 25.54 17.66 -43.40
C ALA G 222 25.76 17.56 -41.91
N ILE G 223 26.60 18.42 -41.34
CA ILE G 223 26.81 18.42 -39.90
C ILE G 223 25.54 18.84 -39.16
N LYS G 224 24.85 19.86 -39.68
CA LYS G 224 23.62 20.33 -39.04
C LYS G 224 22.53 19.26 -39.06
N ALA G 225 22.50 18.43 -40.10
CA ALA G 225 21.42 17.46 -40.24
C ALA G 225 21.42 16.41 -39.13
N LEU G 226 22.53 16.23 -38.41
CA LEU G 226 22.59 15.25 -37.33
C LEU G 226 21.76 15.63 -36.12
N TYR G 227 21.29 16.88 -36.04
CA TYR G 227 20.52 17.32 -34.88
C TYR G 227 19.22 16.53 -34.76
N SER G 228 18.56 16.26 -35.90
CA SER G 228 17.31 15.51 -35.86
C SER G 228 17.53 14.10 -35.32
N LEU G 229 18.61 13.43 -35.76
CA LEU G 229 18.89 12.10 -35.27
C LEU G 229 19.26 12.12 -33.78
N LEU G 230 20.02 13.13 -33.36
CA LEU G 230 20.43 13.19 -31.96
C LEU G 230 19.31 13.68 -31.05
N SER G 231 18.24 14.24 -31.59
CA SER G 231 17.14 14.75 -30.78
C SER G 231 16.03 13.73 -30.59
N GLY G 232 15.70 12.96 -31.62
CA GLY G 232 14.66 11.96 -31.50
C GLY G 232 13.52 12.10 -32.49
N ASN G 233 13.79 12.73 -33.63
CA ASN G 233 12.77 12.92 -34.66
C ASN G 233 12.93 11.84 -35.73
N PHE G 234 12.43 10.65 -35.40
CA PHE G 234 12.47 9.52 -36.34
C PHE G 234 11.38 8.54 -35.96
N GLY G 235 11.06 7.65 -36.91
CA GLY G 235 10.08 6.62 -36.70
C GLY G 235 8.68 7.05 -37.09
N GLY G 236 7.78 6.06 -37.14
CA GLY G 236 6.40 6.28 -37.50
C GLY G 236 5.44 6.07 -36.34
N LYS G 237 4.16 6.19 -36.66
CA LYS G 237 3.08 6.10 -35.66
C LYS G 237 3.28 7.10 -34.53
N ARG G 238 3.68 8.31 -34.89
CA ARG G 238 3.86 9.38 -33.92
C ARG G 238 2.59 10.18 -33.67
N SER G 239 1.51 9.92 -34.42
CA SER G 239 0.30 10.70 -34.25
C SER G 239 -0.44 10.32 -32.99
N ARG G 240 -0.49 9.02 -32.68
CA ARG G 240 -1.19 8.54 -31.50
C ARG G 240 -0.32 7.77 -30.52
N PHE G 241 0.93 7.47 -30.89
CA PHE G 241 1.85 6.73 -30.04
C PHE G 241 3.16 7.48 -29.90
N LEU G 242 3.08 8.77 -29.57
CA LEU G 242 4.26 9.60 -29.41
C LEU G 242 5.10 9.06 -28.25
N PRO G 243 6.36 8.72 -28.47
CA PRO G 243 7.17 8.12 -27.40
C PRO G 243 7.76 9.16 -26.46
N SER G 244 8.22 8.67 -25.32
CA SER G 244 8.91 9.49 -24.32
C SER G 244 10.39 9.13 -24.36
N MET G 245 11.21 10.07 -24.84
CA MET G 245 12.63 9.83 -25.01
C MET G 245 13.43 10.73 -24.07
N LYS G 246 14.58 10.22 -23.64
CA LYS G 246 15.45 10.96 -22.73
C LYS G 246 16.89 10.51 -22.95
N LEU G 247 17.76 11.45 -23.29
CA LEU G 247 19.17 11.13 -23.49
C LEU G 247 19.84 10.78 -22.17
N MET G 248 20.72 9.79 -22.21
CA MET G 248 21.42 9.33 -21.02
C MET G 248 22.94 9.43 -21.14
N SER G 249 23.51 9.09 -22.29
CA SER G 249 24.95 9.15 -22.48
C SER G 249 25.27 9.32 -23.95
N LEU G 250 26.30 10.11 -24.23
CA LEU G 250 26.70 10.39 -25.60
C LEU G 250 28.20 10.61 -25.67
N VAL G 251 28.85 9.96 -26.63
CA VAL G 251 30.27 10.15 -26.88
C VAL G 251 30.46 10.47 -28.35
N VAL G 252 31.23 11.52 -28.63
CA VAL G 252 31.52 11.93 -30.01
C VAL G 252 33.02 12.12 -30.15
N THR G 253 33.59 11.56 -31.22
CA THR G 253 35.02 11.61 -31.46
C THR G 253 35.27 12.16 -32.86
N LYS G 254 36.17 13.13 -32.95
CA LYS G 254 36.59 13.74 -34.21
C LYS G 254 38.06 13.40 -34.43
N THR G 255 38.36 12.71 -35.52
CA THR G 255 39.71 12.25 -35.80
C THR G 255 40.03 12.46 -37.28
N ASP G 256 41.33 12.43 -37.58
CA ASP G 256 41.81 12.44 -38.95
C ASP G 256 42.17 11.06 -39.47
N PHE G 257 41.96 10.03 -38.66
CA PHE G 257 42.27 8.65 -38.99
C PHE G 257 41.08 7.77 -38.63
N PRO G 258 40.95 6.60 -39.27
CA PRO G 258 39.82 5.72 -38.93
C PRO G 258 39.82 5.32 -37.47
N PHE G 259 38.62 5.27 -36.89
CA PHE G 259 38.46 4.95 -35.48
C PHE G 259 37.00 4.56 -35.24
N MET G 260 36.80 3.67 -34.26
CA MET G 260 35.45 3.23 -33.91
C MET G 260 35.30 3.16 -32.40
N PRO G 261 34.42 3.98 -31.82
CA PRO G 261 34.22 3.94 -30.37
C PRO G 261 33.53 2.64 -29.94
N GLU G 262 33.71 2.31 -28.66
CA GLU G 262 33.13 1.10 -28.12
C GLU G 262 31.61 1.19 -28.11
N PRO G 263 30.91 0.08 -28.36
CA PRO G 263 29.45 0.09 -28.28
C PRO G 263 28.97 0.36 -26.86
N ALA G 264 27.79 0.97 -26.77
CA ALA G 264 27.22 1.35 -25.48
C ALA G 264 26.51 0.17 -24.80
N HIS G 265 27.24 -0.94 -24.64
CA HIS G 265 26.69 -2.12 -23.97
C HIS G 265 27.15 -2.25 -22.53
N ASP G 266 28.36 -1.82 -22.22
CA ASP G 266 28.89 -1.88 -20.87
C ASP G 266 28.80 -0.51 -20.20
N ASP G 267 28.72 -0.53 -18.87
CA ASP G 267 28.63 0.72 -18.12
C ASP G 267 29.88 1.57 -18.27
N ASP G 268 31.03 0.97 -18.51
CA ASP G 268 32.30 1.67 -18.68
C ASP G 268 32.71 1.57 -20.15
N TYR G 269 32.23 2.50 -20.96
CA TYR G 269 32.60 2.55 -22.37
C TYR G 269 33.06 3.94 -22.81
N ILE G 270 33.31 4.85 -21.87
CA ILE G 270 33.85 6.16 -22.20
C ILE G 270 35.36 6.22 -21.90
N LYS G 271 35.75 5.76 -20.71
CA LYS G 271 37.18 5.70 -20.40
C LYS G 271 37.93 4.81 -21.37
N THR G 272 37.34 3.65 -21.70
CA THR G 272 37.98 2.72 -22.62
C THR G 272 38.18 3.35 -23.99
N THR G 273 37.14 4.03 -24.50
CA THR G 273 37.26 4.59 -25.85
C THR G 273 38.21 5.79 -25.86
N ILE G 274 38.29 6.55 -24.76
CA ILE G 274 39.24 7.65 -24.71
C ILE G 274 40.68 7.12 -24.69
N MET G 275 40.94 6.09 -23.88
CA MET G 275 42.27 5.51 -23.87
C MET G 275 42.63 4.91 -25.23
N ARG G 276 41.66 4.23 -25.86
CA ARG G 276 41.91 3.66 -27.18
C ARG G 276 42.17 4.75 -28.21
N LEU G 277 41.46 5.88 -28.11
CA LEU G 277 41.69 6.99 -29.01
C LEU G 277 43.10 7.55 -28.85
N GLY G 278 43.54 7.73 -27.60
CA GLY G 278 44.89 8.23 -27.38
C GLY G 278 45.94 7.29 -27.94
N LYS G 279 45.80 5.98 -27.66
CA LYS G 279 46.78 5.02 -28.16
C LYS G 279 46.74 4.90 -29.68
N ALA G 280 45.55 4.99 -30.28
CA ALA G 280 45.44 4.92 -31.73
C ALA G 280 46.08 6.13 -32.39
N LYS G 281 45.89 7.32 -31.81
CA LYS G 281 46.58 8.50 -32.32
C LYS G 281 48.08 8.35 -32.19
N GLY G 282 48.55 7.77 -31.09
CA GLY G 282 49.97 7.54 -30.93
C GLY G 282 50.54 6.57 -31.97
N VAL G 283 49.79 5.51 -32.27
CA VAL G 283 50.35 4.42 -33.07
C VAL G 283 50.17 4.68 -34.57
N LEU G 284 49.10 5.37 -34.96
CA LEU G 284 48.77 5.55 -36.37
C LEU G 284 49.34 6.83 -36.96
N ASN G 285 50.11 7.60 -36.19
CA ASN G 285 50.73 8.85 -36.65
C ASN G 285 49.68 9.83 -37.14
N GLY G 286 48.74 10.13 -36.24
CA GLY G 286 47.69 11.10 -36.51
C GLY G 286 48.13 12.52 -36.14
N ASN G 287 47.21 13.46 -36.39
CA ASN G 287 47.48 14.86 -36.09
C ASN G 287 46.29 15.57 -35.47
N LEU G 288 45.18 14.87 -35.21
CA LEU G 288 44.01 15.50 -34.63
C LEU G 288 43.13 14.43 -34.00
N ALA G 289 42.78 14.63 -32.74
CA ALA G 289 41.92 13.68 -32.03
C ALA G 289 41.24 14.41 -30.89
N LYS G 290 39.93 14.63 -31.02
CA LYS G 290 39.15 15.35 -30.01
C LYS G 290 37.95 14.51 -29.59
N ALA G 291 37.55 14.66 -28.33
CA ALA G 291 36.44 13.90 -27.77
C ALA G 291 35.51 14.82 -27.01
N TYR G 292 34.21 14.54 -27.12
CA TYR G 292 33.17 15.25 -26.38
C TYR G 292 32.25 14.23 -25.73
N VAL G 293 31.90 14.48 -24.47
CA VAL G 293 31.12 13.55 -23.67
C VAL G 293 29.96 14.28 -23.02
N ILE G 294 28.76 13.72 -23.17
CA ILE G 294 27.58 14.19 -22.46
C ILE G 294 27.10 13.07 -21.55
N ASN G 295 27.05 13.35 -20.26
CA ASN G 295 26.72 12.35 -19.24
C ASN G 295 25.58 12.86 -18.36
N ASN G 296 24.57 12.01 -18.17
CA ASN G 296 23.45 12.37 -17.31
C ASN G 296 23.08 11.24 -16.34
N GLU G 297 23.89 10.19 -16.26
CA GLU G 297 23.60 9.06 -15.38
C GLU G 297 24.67 8.85 -14.31
N GLY G 298 25.68 9.72 -14.25
CA GLY G 298 26.69 9.66 -13.21
C GLY G 298 27.58 8.42 -13.26
N ILE G 299 28.05 8.07 -14.45
CA ILE G 299 28.97 6.96 -14.62
C ILE G 299 30.38 7.52 -14.80
N GLU G 300 31.37 6.63 -14.71
CA GLU G 300 32.76 7.05 -14.81
C GLU G 300 33.07 7.60 -16.20
N VAL G 301 33.84 8.69 -16.23
CA VAL G 301 34.18 9.35 -17.48
C VAL G 301 35.69 9.32 -17.69
N GLY G 302 36.43 9.93 -16.76
CA GLY G 302 37.87 9.99 -16.87
C GLY G 302 38.44 11.34 -16.49
N GLU G 303 39.56 11.72 -17.11
CA GLU G 303 40.21 12.98 -16.82
C GLU G 303 40.59 13.67 -18.12
N GLY G 304 40.63 15.00 -18.08
CA GLY G 304 40.98 15.77 -19.27
C GLY G 304 40.02 15.61 -20.41
N VAL G 305 38.72 15.60 -20.13
CA VAL G 305 37.68 15.40 -21.14
C VAL G 305 36.71 16.56 -21.07
N THR G 306 36.40 17.14 -22.24
CA THR G 306 35.43 18.21 -22.29
C THR G 306 34.03 17.67 -22.00
N VAL G 307 33.29 18.35 -21.13
CA VAL G 307 31.95 17.94 -20.72
C VAL G 307 30.97 19.01 -21.17
N LEU G 308 29.95 18.59 -21.91
CA LEU G 308 28.91 19.48 -22.40
C LEU G 308 27.63 19.29 -21.58
N SER G 309 26.60 20.02 -21.97
CA SER G 309 25.32 19.97 -21.28
C SER G 309 24.16 19.52 -22.16
N THR G 310 24.08 20.03 -23.38
CA THR G 310 22.99 19.69 -24.29
C THR G 310 23.60 19.21 -25.61
N VAL G 311 22.74 18.99 -26.60
CA VAL G 311 23.20 18.55 -27.91
C VAL G 311 23.49 19.73 -28.83
N GLU G 312 22.78 20.86 -28.65
CA GLU G 312 23.01 22.02 -29.51
C GLU G 312 24.42 22.55 -29.35
N ASP G 313 24.96 22.53 -28.13
CA ASP G 313 26.34 22.94 -27.93
C ASP G 313 27.30 22.03 -28.69
N LEU G 314 27.03 20.73 -28.69
CA LEU G 314 27.87 19.80 -29.45
C LEU G 314 27.81 20.11 -30.95
N VAL G 315 26.61 20.40 -31.46
CA VAL G 315 26.47 20.71 -32.88
C VAL G 315 27.23 21.99 -33.22
N VAL G 316 27.12 23.01 -32.37
CA VAL G 316 27.83 24.25 -32.61
C VAL G 316 29.34 24.03 -32.59
N LYS G 317 29.83 23.24 -31.62
CA LYS G 317 31.25 22.98 -31.54
C LYS G 317 31.74 22.21 -32.76
N LEU G 318 30.96 21.23 -33.23
CA LEU G 318 31.33 20.50 -34.43
C LEU G 318 31.37 21.41 -35.65
N GLU G 319 30.40 22.33 -35.76
CA GLU G 319 30.39 23.26 -36.89
C GLU G 319 31.60 24.19 -36.85
N GLU G 320 31.93 24.71 -35.66
CA GLU G 320 33.02 25.68 -35.57
C GLU G 320 34.36 25.06 -35.94
N MET H 1 5.13 26.17 -34.49
CA MET H 1 4.68 25.00 -33.75
C MET H 1 4.38 25.35 -32.29
N ILE H 2 3.51 24.57 -31.67
CA ILE H 2 3.17 24.73 -30.26
C ILE H 2 3.40 23.37 -29.59
N SER H 3 4.36 23.32 -28.67
CA SER H 3 4.71 22.08 -27.98
C SER H 3 4.56 22.28 -26.47
N GLY H 4 3.90 21.34 -25.81
CA GLY H 4 3.58 21.50 -24.41
C GLY H 4 3.84 20.24 -23.61
N SER H 5 4.21 20.45 -22.35
CA SER H 5 4.36 19.38 -21.37
C SER H 5 3.53 19.72 -20.14
N VAL H 6 2.72 18.77 -19.68
CA VAL H 6 1.74 19.01 -18.63
C VAL H 6 1.84 17.90 -17.59
N ARG H 7 1.70 18.28 -16.32
CA ARG H 7 1.70 17.35 -15.20
C ARG H 7 0.37 17.48 -14.45
N PHE H 8 -0.25 16.34 -14.17
CA PHE H 8 -1.54 16.28 -13.49
C PHE H 8 -1.44 15.34 -12.28
N LEU H 9 -2.31 15.57 -11.30
CA LEU H 9 -2.45 14.70 -10.14
C LEU H 9 -3.88 14.22 -10.07
N VAL H 10 -4.08 12.90 -10.18
CA VAL H 10 -5.43 12.32 -10.25
C VAL H 10 -5.55 11.24 -9.19
N ASN H 11 -6.69 11.21 -8.51
CA ASN H 11 -6.93 10.27 -7.41
C ASN H 11 -8.29 9.60 -7.62
N LEU H 12 -8.34 8.31 -7.33
CA LEU H 12 -9.55 7.49 -7.45
C LEU H 12 -10.12 7.59 -8.87
N GLU H 13 -9.33 7.05 -9.80
CA GLU H 13 -9.48 7.25 -11.23
C GLU H 13 -9.74 5.93 -11.95
N SER H 14 -10.66 5.99 -12.92
CA SER H 14 -10.82 4.91 -13.90
C SER H 14 -11.49 5.53 -15.13
N LEU H 15 -10.66 5.95 -16.09
CA LEU H 15 -11.16 6.53 -17.32
C LEU H 15 -10.94 5.65 -18.54
N ASN H 16 -10.01 4.72 -18.48
CA ASN H 16 -9.67 3.84 -19.59
C ASN H 16 -9.84 2.40 -19.17
N GLY H 17 -10.43 1.59 -20.06
CA GLY H 17 -10.73 0.22 -19.76
C GLY H 17 -10.17 -0.72 -20.82
N VAL H 18 -10.09 -2.00 -20.43
CA VAL H 18 -9.59 -3.08 -21.27
C VAL H 18 -10.53 -4.27 -21.09
N GLU H 19 -10.18 -5.39 -21.74
CA GLU H 19 -11.01 -6.59 -21.66
C GLU H 19 -11.20 -7.03 -20.22
N SER H 20 -12.39 -7.55 -19.93
CA SER H 20 -12.78 -7.92 -18.58
C SER H 20 -12.70 -9.44 -18.39
N ILE H 21 -12.35 -9.85 -17.17
CA ILE H 21 -12.27 -11.25 -16.81
C ILE H 21 -13.27 -11.51 -15.69
N GLY H 22 -14.20 -12.43 -15.93
CA GLY H 22 -15.23 -12.70 -14.94
C GLY H 22 -16.06 -11.47 -14.65
N ASN H 23 -16.22 -11.15 -13.37
CA ASN H 23 -16.94 -9.97 -12.94
C ASN H 23 -16.01 -8.82 -12.55
N LEU H 24 -14.84 -8.76 -13.16
CA LEU H 24 -13.83 -7.75 -12.86
C LEU H 24 -13.55 -6.90 -14.10
N THR H 25 -13.64 -5.59 -13.95
CA THR H 25 -13.27 -4.65 -15.00
C THR H 25 -11.86 -4.14 -14.73
N LYS H 26 -10.98 -4.31 -15.71
CA LYS H 26 -9.55 -4.07 -15.52
C LYS H 26 -9.16 -2.71 -16.08
N HIS H 27 -8.10 -2.15 -15.51
CA HIS H 27 -7.52 -0.89 -15.96
C HIS H 27 -6.29 -1.16 -16.79
N ARG H 28 -6.09 -0.35 -17.83
CA ARG H 28 -4.96 -0.54 -18.73
C ARG H 28 -3.64 -0.41 -17.98
N THR H 29 -2.74 -1.36 -18.23
CA THR H 29 -1.41 -1.37 -17.62
C THR H 29 -0.36 -1.62 -18.68
N ALA H 30 0.82 -1.03 -18.48
CA ALA H 30 1.91 -1.13 -19.43
C ALA H 30 3.22 -1.29 -18.68
N PRO H 31 4.22 -1.89 -19.32
CA PRO H 31 5.55 -1.99 -18.70
C PRO H 31 6.36 -0.72 -18.90
N VAL H 32 7.15 -0.39 -17.89
CA VAL H 32 8.02 0.77 -17.91
C VAL H 32 9.38 0.36 -17.37
N VAL H 33 10.44 0.92 -17.96
CA VAL H 33 11.80 0.71 -17.52
C VAL H 33 12.24 1.93 -16.73
N LEU H 34 12.65 1.72 -15.49
CA LEU H 34 12.98 2.81 -14.57
C LEU H 34 14.38 2.62 -14.02
N LYS H 35 15.08 3.73 -13.80
CA LYS H 35 16.46 3.70 -13.31
C LYS H 35 16.49 4.01 -11.82
N THR H 36 17.12 3.12 -11.06
CA THR H 36 17.33 3.29 -9.63
C THR H 36 18.82 3.24 -9.34
N SER H 37 19.17 3.52 -8.08
CA SER H 37 20.58 3.51 -7.68
C SER H 37 21.21 2.14 -7.85
N THR H 38 20.41 1.07 -7.91
CA THR H 38 20.92 -0.28 -8.10
C THR H 38 20.96 -0.70 -9.56
N GLY H 39 20.53 0.16 -10.48
CA GLY H 39 20.56 -0.19 -11.89
C GLY H 39 19.27 0.15 -12.63
N TYR H 40 18.75 -0.81 -13.37
CA TYR H 40 17.53 -0.63 -14.15
C TYR H 40 16.55 -1.74 -13.85
N LEU H 41 15.27 -1.38 -13.73
CA LEU H 41 14.23 -2.33 -13.37
C LEU H 41 13.03 -2.16 -14.30
N VAL H 42 12.21 -3.20 -14.36
CA VAL H 42 10.99 -3.22 -15.18
C VAL H 42 9.79 -3.34 -14.24
N ARG H 43 8.81 -2.47 -14.44
CA ARG H 43 7.62 -2.44 -13.59
C ARG H 43 6.38 -2.39 -14.45
N TYR H 44 5.25 -2.75 -13.86
CA TYR H 44 3.95 -2.67 -14.52
C TYR H 44 3.13 -1.57 -13.88
N VAL H 45 2.72 -0.59 -14.68
CA VAL H 45 2.06 0.61 -14.15
C VAL H 45 0.84 0.92 -14.98
N PRO H 46 -0.24 1.33 -14.32
CA PRO H 46 -1.43 1.78 -15.07
C PRO H 46 -1.12 2.99 -15.95
N VAL H 47 -1.74 3.00 -17.13
CA VAL H 47 -1.54 4.06 -18.12
C VAL H 47 -2.90 4.38 -18.74
N ILE H 48 -2.94 5.47 -19.50
CA ILE H 48 -4.12 5.91 -20.23
C ILE H 48 -3.74 6.14 -21.68
N SER H 49 -4.50 5.56 -22.60
CA SER H 49 -4.20 5.67 -24.01
C SER H 49 -4.45 7.09 -24.51
N GLY H 50 -3.77 7.44 -25.60
CA GLY H 50 -3.89 8.76 -26.18
C GLY H 50 -5.08 8.90 -27.12
N GLU H 51 -5.68 7.78 -27.49
CA GLU H 51 -6.83 7.81 -28.39
C GLU H 51 -8.04 8.46 -27.72
N ALA H 52 -8.20 8.26 -26.42
CA ALA H 52 -9.27 8.94 -25.69
C ALA H 52 -9.06 10.45 -25.71
N LEU H 53 -7.82 10.90 -25.53
CA LEU H 53 -7.52 12.33 -25.60
C LEU H 53 -7.82 12.88 -26.98
N ALA H 54 -7.44 12.13 -28.03
CA ALA H 54 -7.74 12.56 -29.39
C ALA H 54 -9.24 12.66 -29.63
N HIS H 55 -10.00 11.69 -29.13
CA HIS H 55 -11.45 11.73 -29.29
C HIS H 55 -12.06 12.93 -28.59
N ALA H 56 -11.60 13.21 -27.36
CA ALA H 56 -12.11 14.37 -26.64
C ALA H 56 -11.78 15.67 -27.37
N TYR H 57 -10.54 15.78 -27.86
CA TYR H 57 -10.14 16.98 -28.60
C TYR H 57 -10.99 17.14 -29.86
N GLN H 58 -11.24 16.06 -30.58
CA GLN H 58 -12.02 16.15 -31.81
C GLN H 58 -13.47 16.49 -31.52
N ALA H 59 -14.04 15.97 -30.43
CA ALA H 59 -15.40 16.31 -30.07
C ALA H 59 -15.52 17.79 -29.71
N SER H 60 -14.55 18.30 -28.95
CA SER H 60 -14.57 19.72 -28.61
C SER H 60 -14.41 20.58 -29.86
N LEU H 61 -13.56 20.15 -30.81
CA LEU H 61 -13.41 20.88 -32.06
C LEU H 61 -14.71 20.87 -32.85
N VAL H 62 -15.42 19.74 -32.85
CA VAL H 62 -16.71 19.66 -33.53
C VAL H 62 -17.69 20.66 -32.92
N ASP H 63 -17.75 20.71 -31.59
CA ASP H 63 -18.66 21.63 -30.92
C ASP H 63 -18.33 23.08 -31.27
N ILE H 64 -17.04 23.43 -31.21
CA ILE H 64 -16.62 24.80 -31.49
C ILE H 64 -16.92 25.17 -32.94
N ALA H 65 -16.62 24.27 -33.88
CA ALA H 65 -16.88 24.54 -35.28
C ALA H 65 -18.36 24.72 -35.56
N LYS H 66 -19.21 23.88 -34.96
CA LYS H 66 -20.64 24.04 -35.13
C LYS H 66 -21.13 25.36 -34.54
N LYS H 67 -20.56 25.77 -33.41
CA LYS H 67 -20.97 27.03 -32.80
C LYS H 67 -20.53 28.23 -33.64
N GLU H 68 -19.36 28.15 -34.28
CA GLU H 68 -18.80 29.27 -35.02
C GLU H 68 -19.17 29.28 -36.50
N GLY H 69 -19.97 28.31 -36.95
CA GLY H 69 -20.44 28.29 -38.33
C GLY H 69 -19.55 27.59 -39.32
N LEU H 70 -18.42 27.04 -38.89
CA LEU H 70 -17.56 26.30 -39.81
C LEU H 70 -18.24 25.00 -40.23
N PRO H 71 -18.00 24.54 -41.46
CA PRO H 71 -18.66 23.32 -41.93
C PRO H 71 -18.23 22.10 -41.14
N VAL H 72 -19.18 21.19 -40.94
CA VAL H 72 -18.95 19.93 -40.23
C VAL H 72 -19.58 18.81 -41.04
N GLY H 73 -18.88 17.68 -41.14
CA GLY H 73 -19.37 16.57 -41.91
C GLY H 73 -20.62 15.95 -41.33
N SER H 74 -21.36 15.25 -42.19
CA SER H 74 -22.62 14.65 -41.76
C SER H 74 -22.39 13.55 -40.74
N LEU H 75 -21.49 12.61 -41.04
CA LEU H 75 -21.18 11.56 -40.08
C LEU H 75 -20.43 12.12 -38.87
N SER H 76 -19.55 13.10 -39.09
CA SER H 76 -18.82 13.71 -37.99
C SER H 76 -19.70 14.60 -37.13
N SER H 77 -20.88 14.99 -37.62
CA SER H 77 -21.82 15.74 -36.79
C SER H 77 -22.22 14.93 -35.57
N GLN H 78 -22.56 13.66 -35.78
CA GLN H 78 -22.62 12.71 -34.67
C GLN H 78 -21.21 12.33 -34.26
N TYR H 79 -21.02 12.06 -32.97
CA TYR H 79 -19.69 11.80 -32.43
C TYR H 79 -19.25 10.38 -32.83
N GLU H 80 -19.00 10.22 -34.13
CA GLU H 80 -18.50 8.97 -34.69
C GLU H 80 -17.47 9.33 -35.75
N PHE H 81 -16.20 9.23 -35.39
CA PHE H 81 -15.11 9.70 -36.25
C PHE H 81 -14.59 8.60 -37.18
N ILE H 82 -15.49 8.03 -37.99
CA ILE H 82 -15.04 7.11 -39.02
C ILE H 82 -14.39 7.86 -40.16
N LYS H 83 -14.69 9.15 -40.30
CA LYS H 83 -14.12 10.05 -41.32
C LYS H 83 -14.50 9.48 -42.70
N PHE H 84 -13.56 9.40 -43.63
CA PHE H 84 -13.87 8.97 -44.99
C PHE H 84 -13.07 7.74 -45.36
N SER H 85 -13.00 6.77 -44.45
CA SER H 85 -12.19 5.57 -44.68
C SER H 85 -12.87 4.60 -45.63
N THR H 86 -14.13 4.26 -45.37
CA THR H 86 -14.85 3.26 -46.13
C THR H 86 -15.70 3.90 -47.22
N ASP H 87 -16.23 3.05 -48.09
CA ASP H 87 -17.09 3.54 -49.17
C ASP H 87 -18.47 3.95 -48.67
N GLU H 88 -18.93 3.33 -47.58
CA GLU H 88 -20.23 3.70 -47.03
C GLU H 88 -20.24 5.16 -46.56
N ALA H 89 -19.15 5.60 -45.93
CA ALA H 89 -19.05 7.00 -45.51
C ALA H 89 -19.09 7.94 -46.70
N LEU H 90 -18.39 7.58 -47.78
CA LEU H 90 -18.41 8.42 -48.99
C LEU H 90 -19.81 8.46 -49.58
N LYS H 91 -20.51 7.34 -49.61
CA LYS H 91 -21.87 7.31 -50.14
C LYS H 91 -22.81 8.15 -49.29
N ILE H 92 -22.67 8.09 -47.96
CA ILE H 92 -23.52 8.88 -47.08
C ILE H 92 -23.25 10.36 -47.27
N GLU H 93 -21.98 10.76 -47.28
CA GLU H 93 -21.65 12.17 -47.44
C GLU H 93 -21.94 12.65 -48.86
N GLY H 94 -21.66 11.81 -49.85
CA GLY H 94 -21.93 12.16 -51.24
C GLY H 94 -20.73 12.74 -51.96
N ILE H 95 -19.58 12.07 -51.85
CA ILE H 95 -18.36 12.47 -52.51
C ILE H 95 -17.89 11.33 -53.41
N LYS H 96 -17.63 11.65 -54.68
CA LYS H 96 -17.19 10.63 -55.61
C LYS H 96 -15.76 10.18 -55.30
N GLU H 97 -15.51 8.89 -55.48
CA GLU H 97 -14.18 8.35 -55.22
C GLU H 97 -13.20 8.83 -56.29
N PRO H 98 -11.93 8.96 -55.95
CA PRO H 98 -10.93 9.39 -56.94
C PRO H 98 -10.80 8.37 -58.07
N LYS H 99 -10.54 8.89 -59.27
CA LYS H 99 -10.42 8.02 -60.44
C LYS H 99 -8.99 7.52 -60.61
N ASP H 100 -8.03 8.45 -60.70
CA ASP H 100 -6.63 8.09 -60.87
C ASP H 100 -5.82 8.91 -59.87
N TYR H 101 -4.48 8.82 -60.00
CA TYR H 101 -3.62 9.58 -59.11
C TYR H 101 -3.78 11.08 -59.31
N ASN H 102 -3.87 11.52 -60.57
CA ASN H 102 -3.93 12.95 -60.86
C ASN H 102 -5.17 13.61 -60.27
N ASP H 103 -6.24 12.85 -60.02
CA ASP H 103 -7.45 13.40 -59.44
C ASP H 103 -7.41 13.43 -57.91
N ALA H 104 -6.40 12.81 -57.29
CA ALA H 104 -6.39 12.64 -55.84
C ALA H 104 -6.49 13.99 -55.13
N ARG H 105 -5.71 14.97 -55.58
CA ARG H 105 -5.74 16.29 -54.99
C ARG H 105 -7.17 16.84 -54.93
N ARG H 106 -7.89 16.73 -56.04
CA ARG H 106 -9.27 17.20 -56.08
C ARG H 106 -10.09 16.54 -54.98
N PHE H 107 -9.99 15.22 -54.86
CA PHE H 107 -10.71 14.51 -53.82
C PHE H 107 -10.35 15.05 -52.45
N GLU H 108 -9.06 15.28 -52.22
CA GLU H 108 -8.63 15.81 -50.92
C GLU H 108 -9.32 17.14 -50.64
N VAL H 109 -9.35 18.02 -51.64
CA VAL H 109 -9.98 19.32 -51.46
C VAL H 109 -11.46 19.14 -51.14
N GLU H 110 -12.11 18.20 -51.83
CA GLU H 110 -13.54 17.97 -51.58
C GLU H 110 -13.77 17.50 -50.15
N VAL H 111 -12.84 16.68 -49.63
CA VAL H 111 -12.96 16.26 -48.24
C VAL H 111 -12.65 17.41 -47.31
N MET H 112 -11.77 18.31 -47.72
CA MET H 112 -11.24 19.36 -46.86
C MET H 112 -12.16 20.56 -46.72
N LEU H 113 -13.08 20.74 -47.67
CA LEU H 113 -14.03 21.85 -47.64
C LEU H 113 -15.34 21.48 -46.96
N LYS H 114 -15.48 20.26 -46.47
CA LYS H 114 -16.73 19.81 -45.85
C LYS H 114 -16.61 19.53 -44.36
N ASP H 115 -15.46 19.05 -43.89
CA ASP H 115 -15.29 18.70 -42.48
C ASP H 115 -13.94 19.23 -42.00
N VAL H 116 -13.98 20.05 -40.95
CA VAL H 116 -12.75 20.55 -40.35
C VAL H 116 -12.00 19.43 -39.66
N ILE H 117 -12.70 18.40 -39.18
CA ILE H 117 -12.05 17.29 -38.48
C ILE H 117 -11.10 16.56 -39.41
N ALA H 118 -11.52 16.32 -40.66
CA ALA H 118 -10.62 15.68 -41.62
C ALA H 118 -9.40 16.53 -41.89
N ASP H 119 -9.58 17.85 -41.93
CA ASP H 119 -8.45 18.76 -42.17
C ASP H 119 -7.45 18.73 -41.01
N VAL H 120 -7.95 18.78 -39.77
CA VAL H 120 -7.05 18.90 -38.62
C VAL H 120 -6.47 17.55 -38.23
N GLY H 121 -7.33 16.57 -37.99
CA GLY H 121 -6.90 15.27 -37.54
C GLY H 121 -6.46 14.30 -38.62
N GLY H 122 -6.46 14.71 -39.88
CA GLY H 122 -6.04 13.85 -40.96
C GLY H 122 -7.06 12.77 -41.26
N PHE H 123 -6.79 12.03 -42.33
CA PHE H 123 -7.69 10.98 -42.75
C PHE H 123 -6.97 10.04 -43.72
N MET H 124 -7.62 8.93 -44.03
CA MET H 124 -7.10 7.92 -44.93
C MET H 124 -8.21 7.37 -45.81
N TYR H 125 -7.90 7.18 -47.08
CA TYR H 125 -8.79 6.46 -48.00
C TYR H 125 -7.98 5.40 -48.71
N ALA H 126 -8.45 4.17 -48.66
CA ALA H 126 -7.77 3.01 -49.25
C ALA H 126 -8.52 2.54 -50.47
N GLY H 127 -7.80 2.30 -51.56
CA GLY H 127 -8.43 1.87 -52.80
C GLY H 127 -7.43 1.88 -53.95
N GLY H 128 -7.98 2.07 -55.15
CA GLY H 128 -7.11 2.13 -56.32
C GLY H 128 -6.14 3.29 -56.27
N ALA H 129 -6.58 4.42 -55.73
CA ALA H 129 -5.74 5.61 -55.57
C ALA H 129 -5.83 6.05 -54.12
N PRO H 130 -5.00 5.45 -53.24
CA PRO H 130 -5.08 5.79 -51.82
C PRO H 130 -4.71 7.24 -51.56
N VAL H 131 -5.36 7.83 -50.56
CA VAL H 131 -5.13 9.22 -50.18
C VAL H 131 -4.83 9.25 -48.69
N ARG H 132 -3.76 9.96 -48.31
CA ARG H 132 -3.33 10.04 -46.93
C ARG H 132 -3.23 11.48 -46.49
N ARG H 133 -3.53 11.73 -45.21
CA ARG H 133 -3.32 13.04 -44.62
C ARG H 133 -2.99 12.84 -43.14
N THR H 134 -1.76 13.17 -42.76
CA THR H 134 -1.31 13.00 -41.39
C THR H 134 -1.99 14.03 -40.48
N SER H 135 -2.28 13.62 -39.26
CA SER H 135 -2.90 14.51 -38.28
C SER H 135 -1.97 15.67 -37.94
N ARG H 136 -2.57 16.83 -37.72
CA ARG H 136 -1.84 18.02 -37.33
C ARG H 136 -1.69 18.18 -35.83
N ILE H 137 -2.27 17.28 -35.04
CA ILE H 137 -2.11 17.26 -33.59
C ILE H 137 -1.56 15.89 -33.19
N LYS H 138 -0.51 15.90 -32.37
CA LYS H 138 0.18 14.68 -31.97
C LYS H 138 0.17 14.58 -30.45
N LEU H 139 -0.32 13.45 -29.95
CA LEU H 139 -0.40 13.16 -28.52
C LEU H 139 0.29 11.82 -28.25
N GLY H 140 0.34 11.45 -26.98
CA GLY H 140 0.97 10.21 -26.57
C GLY H 140 0.29 9.63 -25.36
N TYR H 141 0.78 8.48 -24.92
CA TYR H 141 0.24 7.83 -23.73
C TYR H 141 0.49 8.68 -22.49
N MET H 142 -0.40 8.56 -21.52
CA MET H 142 -0.29 9.29 -20.26
C MET H 142 0.40 8.40 -19.24
N ILE H 143 1.63 8.74 -18.90
CA ILE H 143 2.46 7.91 -18.03
C ILE H 143 2.79 8.70 -16.76
N PRO H 144 2.70 8.08 -15.57
CA PRO H 144 3.15 8.76 -14.36
C PRO H 144 4.64 8.99 -14.36
N ALA H 145 5.05 10.03 -13.62
CA ALA H 145 6.45 10.43 -13.59
C ALA H 145 7.31 9.31 -13.01
N LEU H 146 8.41 9.00 -13.71
CA LEU H 146 9.36 7.98 -13.26
C LEU H 146 10.51 8.64 -12.49
N ARG H 147 10.14 9.29 -11.39
CA ARG H 147 11.07 10.04 -10.57
C ARG H 147 11.48 9.22 -9.35
N GLY H 148 12.76 9.27 -9.02
CA GLY H 148 13.26 8.56 -7.85
C GLY H 148 13.24 7.06 -8.04
N ASP H 149 13.17 6.34 -6.92
CA ASP H 149 13.16 4.89 -6.92
C ASP H 149 11.78 4.29 -6.70
N GLU H 150 10.80 5.09 -6.29
CA GLU H 150 9.44 4.62 -6.04
C GLU H 150 8.49 5.33 -6.99
N ILE H 151 7.67 4.54 -7.68
CA ILE H 151 6.70 5.07 -8.63
C ILE H 151 5.48 5.59 -7.85
N PRO H 152 5.11 6.85 -8.01
CA PRO H 152 3.94 7.39 -7.28
C PRO H 152 2.61 7.02 -7.95
N ALA H 153 2.30 5.73 -7.91
CA ALA H 153 1.06 5.23 -8.51
C ALA H 153 0.59 4.01 -7.74
N GLN H 154 -0.72 3.78 -7.76
CA GLN H 154 -1.29 2.63 -7.08
C GLN H 154 -2.58 2.23 -7.76
N LEU H 155 -2.86 0.92 -7.72
CA LEU H 155 -4.05 0.34 -8.33
C LEU H 155 -4.65 -0.68 -7.39
N GLU H 156 -5.98 -0.72 -7.33
CA GLU H 156 -6.66 -1.67 -6.45
C GLU H 156 -8.02 -2.00 -7.06
N ALA H 157 -8.72 -2.94 -6.45
CA ALA H 157 -10.05 -3.35 -6.89
C ALA H 157 -11.07 -3.02 -5.82
N GLN H 158 -12.29 -2.70 -6.25
CA GLN H 158 -13.37 -2.32 -5.36
C GLN H 158 -14.59 -3.18 -5.63
N PHE H 159 -15.38 -3.39 -4.58
CA PHE H 159 -16.47 -4.35 -4.55
C PHE H 159 -17.80 -3.60 -4.62
N HIS H 160 -18.70 -4.07 -5.49
CA HIS H 160 -20.01 -3.43 -5.63
C HIS H 160 -21.09 -4.49 -5.83
N VAL H 161 -22.30 -4.16 -5.34
CA VAL H 161 -23.44 -5.07 -5.36
C VAL H 161 -24.63 -4.32 -5.93
N ARG H 162 -25.56 -5.06 -6.54
CA ARG H 162 -26.82 -4.53 -7.02
C ARG H 162 -27.95 -5.07 -6.17
N PHE H 163 -28.80 -4.18 -5.67
CA PHE H 163 -29.89 -4.57 -4.77
C PHE H 163 -31.03 -5.21 -5.56
N SER H 164 -31.66 -6.20 -4.94
CA SER H 164 -32.82 -6.86 -5.51
C SER H 164 -33.61 -7.53 -4.39
N ASN H 165 -34.94 -7.47 -4.48
CA ASN H 165 -35.80 -8.06 -3.47
C ASN H 165 -35.99 -9.55 -3.64
N LYS H 166 -35.64 -10.12 -4.79
CA LYS H 166 -35.78 -11.55 -5.07
C LYS H 166 -34.45 -12.07 -5.59
N PRO H 167 -33.51 -12.37 -4.70
CA PRO H 167 -32.21 -12.89 -5.15
C PRO H 167 -32.37 -14.21 -5.91
N VAL H 168 -31.57 -14.36 -6.95
CA VAL H 168 -31.60 -15.56 -7.78
C VAL H 168 -30.19 -16.05 -8.06
N ALA H 173 -25.28 -10.06 -9.59
CA ALA H 173 -25.60 -8.83 -8.87
C ALA H 173 -24.39 -8.32 -8.11
N ILE H 174 -23.22 -8.87 -8.41
CA ILE H 174 -21.97 -8.51 -7.76
C ILE H 174 -20.92 -8.30 -8.82
N PHE H 175 -20.17 -7.20 -8.72
CA PHE H 175 -19.11 -6.90 -9.67
C PHE H 175 -17.97 -6.18 -8.96
N ASN H 176 -16.84 -6.08 -9.66
CA ASN H 176 -15.64 -5.44 -9.15
C ASN H 176 -15.13 -4.44 -10.17
N VAL H 177 -14.60 -3.31 -9.68
CA VAL H 177 -14.13 -2.23 -10.53
C VAL H 177 -12.74 -1.82 -10.08
N GLU H 178 -11.82 -1.69 -11.04
CA GLU H 178 -10.45 -1.30 -10.75
C GLU H 178 -10.34 0.21 -10.66
N VAL H 179 -9.64 0.68 -9.63
CA VAL H 179 -9.47 2.11 -9.35
C VAL H 179 -8.00 2.39 -9.11
N SER H 180 -7.49 3.46 -9.73
CA SER H 180 -6.09 3.82 -9.66
C SER H 180 -5.92 5.25 -9.16
N SER H 181 -4.73 5.55 -8.66
CA SER H 181 -4.38 6.90 -8.22
C SER H 181 -2.92 7.15 -8.56
N ALA H 182 -2.63 8.27 -9.23
CA ALA H 182 -1.29 8.50 -9.71
C ALA H 182 -1.07 9.99 -9.97
N LEU H 183 0.18 10.31 -10.33
CA LEU H 183 0.60 11.64 -10.77
C LEU H 183 1.02 11.51 -12.23
N TYR H 184 0.11 11.81 -13.14
CA TYR H 184 0.30 11.60 -14.56
C TYR H 184 1.07 12.76 -15.20
N THR H 185 1.75 12.46 -16.31
CA THR H 185 2.42 13.46 -17.11
C THR H 185 2.22 13.13 -18.58
N PHE H 186 2.10 14.16 -19.41
CA PHE H 186 1.97 13.92 -20.85
C PHE H 186 2.38 15.16 -21.62
N SER H 187 2.74 14.95 -22.88
CA SER H 187 3.19 16.02 -23.77
C SER H 187 2.38 15.98 -25.06
N PHE H 188 2.31 17.14 -25.71
CA PHE H 188 1.55 17.28 -26.94
C PHE H 188 2.25 18.25 -27.89
N GLU H 189 1.93 18.11 -29.17
CA GLU H 189 2.49 18.95 -30.21
C GLU H 189 1.41 19.28 -31.24
N LEU H 190 1.43 20.52 -31.72
CA LEU H 190 0.46 20.98 -32.71
C LEU H 190 1.11 22.01 -33.61
N ASP H 191 1.20 21.70 -34.90
CA ASP H 191 1.76 22.62 -35.90
C ASP H 191 0.61 23.33 -36.61
N GLU H 192 0.45 24.61 -36.31
CA GLU H 192 -0.63 25.41 -36.87
C GLU H 192 -0.28 26.03 -38.22
N ASP H 193 0.97 25.91 -38.67
CA ASP H 193 1.38 26.49 -39.94
C ASP H 193 0.94 25.67 -41.14
N LEU H 194 0.44 24.45 -40.94
CA LEU H 194 -0.02 23.60 -42.02
C LEU H 194 -1.53 23.39 -42.03
N ILE H 195 -2.27 24.06 -41.13
CA ILE H 195 -3.71 23.93 -41.11
C ILE H 195 -4.30 24.62 -42.33
N ALA H 196 -5.30 23.99 -42.94
CA ALA H 196 -5.97 24.51 -44.14
C ALA H 196 -5.00 24.65 -45.31
N VAL H 197 -4.04 23.73 -45.42
CA VAL H 197 -3.10 23.70 -46.53
C VAL H 197 -3.10 22.29 -47.11
N PRO H 198 -3.34 22.12 -48.40
CA PRO H 198 -3.31 20.78 -48.99
C PRO H 198 -1.94 20.15 -48.88
N SER H 199 -1.92 18.81 -48.73
CA SER H 199 -0.69 18.07 -48.58
C SER H 199 -0.29 17.27 -49.80
N THR H 200 -1.25 16.83 -50.61
CA THR H 200 -0.94 16.06 -51.81
C THR H 200 -0.37 16.98 -52.89
N PHE H 201 0.75 16.57 -53.47
CA PHE H 201 1.39 17.37 -54.51
C PHE H 201 0.62 17.29 -55.81
N GLY H 202 0.53 18.42 -56.51
CA GLY H 202 -0.19 18.45 -57.77
C GLY H 202 -0.34 19.89 -58.26
N GLU H 203 -1.31 20.09 -59.13
CA GLU H 203 -1.61 21.39 -59.71
C GLU H 203 -2.72 22.08 -58.94
N LYS H 204 -2.89 23.37 -59.21
CA LYS H 204 -3.91 24.14 -58.54
C LYS H 204 -5.30 23.67 -58.95
N VAL H 205 -6.21 23.62 -57.97
CA VAL H 205 -7.58 23.17 -58.17
C VAL H 205 -8.53 24.21 -57.58
N LYS H 206 -9.60 24.50 -58.31
CA LYS H 206 -10.58 25.48 -57.84
C LYS H 206 -11.14 25.06 -56.47
N GLY H 207 -11.26 26.03 -55.58
CA GLY H 207 -11.70 25.81 -54.22
C GLY H 207 -10.66 26.11 -53.18
N GLU H 208 -9.42 26.39 -53.57
CA GLU H 208 -8.39 26.73 -52.59
C GLU H 208 -8.57 28.13 -52.04
N GLU H 209 -9.27 29.01 -52.78
CA GLU H 209 -9.52 30.36 -52.30
C GLU H 209 -10.38 30.34 -51.04
N GLU H 210 -11.40 29.47 -51.00
CA GLU H 210 -12.22 29.34 -49.81
C GLU H 210 -11.39 28.86 -48.62
N LEU H 211 -10.49 27.90 -48.86
CA LEU H 211 -9.60 27.44 -47.80
C LEU H 211 -8.71 28.56 -47.28
N GLU H 212 -8.18 29.38 -48.19
CA GLU H 212 -7.36 30.51 -47.77
C GLU H 212 -8.19 31.51 -46.96
N ARG H 213 -9.44 31.71 -47.35
CA ARG H 213 -10.31 32.61 -46.59
C ARG H 213 -10.58 32.09 -45.19
N GLN H 214 -10.80 30.78 -45.05
CA GLN H 214 -11.18 30.18 -43.78
C GLN H 214 -9.99 29.74 -42.94
N LYS H 215 -8.76 29.93 -43.42
CA LYS H 215 -7.58 29.46 -42.70
C LYS H 215 -7.50 30.06 -41.30
N ALA H 216 -7.75 31.36 -41.17
CA ALA H 216 -7.63 32.01 -39.87
C ALA H 216 -8.63 31.44 -38.88
N LYS H 217 -9.89 31.25 -39.30
CA LYS H 217 -10.90 30.71 -38.41
C LYS H 217 -10.57 29.27 -38.03
N ARG H 218 -10.08 28.48 -38.98
CA ARG H 218 -9.71 27.10 -38.67
C ARG H 218 -8.57 27.04 -37.65
N VAL H 219 -7.56 27.90 -37.82
CA VAL H 219 -6.45 27.94 -36.87
C VAL H 219 -6.95 28.37 -35.49
N LYS H 220 -7.81 29.38 -35.44
CA LYS H 220 -8.35 29.83 -34.16
C LYS H 220 -9.14 28.72 -33.47
N SER H 221 -9.97 28.00 -34.23
CA SER H 221 -10.73 26.90 -33.63
C SER H 221 -9.82 25.79 -33.15
N ALA H 222 -8.78 25.46 -33.92
CA ALA H 222 -7.85 24.42 -33.50
C ALA H 222 -7.13 24.81 -32.21
N ILE H 223 -6.73 26.08 -32.10
CA ILE H 223 -6.08 26.54 -30.88
C ILE H 223 -7.05 26.50 -29.70
N LYS H 224 -8.31 26.92 -29.93
CA LYS H 224 -9.29 26.93 -28.86
C LYS H 224 -9.61 25.52 -28.38
N ALA H 225 -9.54 24.53 -29.27
CA ALA H 225 -9.93 23.17 -28.90
C ALA H 225 -9.02 22.56 -27.84
N LEU H 226 -7.82 23.10 -27.64
CA LEU H 226 -6.90 22.56 -26.65
C LEU H 226 -7.35 22.81 -25.21
N TYR H 227 -8.33 23.69 -25.01
CA TYR H 227 -8.79 23.99 -23.65
C TYR H 227 -9.37 22.77 -22.97
N SER H 228 -10.12 21.94 -23.71
CA SER H 228 -10.70 20.74 -23.12
C SER H 228 -9.61 19.78 -22.66
N LEU H 229 -8.57 19.59 -23.47
CA LEU H 229 -7.48 18.71 -23.07
C LEU H 229 -6.72 19.27 -21.88
N LEU H 230 -6.49 20.60 -21.86
CA LEU H 230 -5.74 21.19 -20.76
C LEU H 230 -6.58 21.32 -19.48
N SER H 231 -7.90 21.17 -19.57
CA SER H 231 -8.76 21.31 -18.41
C SER H 231 -9.03 19.99 -17.71
N GLY H 232 -9.24 18.92 -18.48
CA GLY H 232 -9.48 17.62 -17.88
C GLY H 232 -10.79 16.97 -18.32
N ASN H 233 -11.28 17.33 -19.50
CA ASN H 233 -12.52 16.76 -20.03
C ASN H 233 -12.18 15.64 -21.01
N PHE H 234 -11.85 14.48 -20.46
CA PHE H 234 -11.54 13.31 -21.26
C PHE H 234 -11.76 12.06 -20.41
N GLY H 235 -11.85 10.92 -21.10
CA GLY H 235 -12.02 9.64 -20.45
C GLY H 235 -13.48 9.27 -20.24
N GLY H 236 -13.68 8.01 -19.86
CA GLY H 236 -15.00 7.47 -19.63
C GLY H 236 -15.26 7.14 -18.16
N LYS H 237 -16.44 6.58 -17.93
CA LYS H 237 -16.90 6.25 -16.59
C LYS H 237 -16.90 7.49 -15.68
N ARG H 238 -17.34 8.62 -16.23
CA ARG H 238 -17.44 9.86 -15.49
C ARG H 238 -18.77 10.02 -14.76
N SER H 239 -19.73 9.12 -14.99
CA SER H 239 -21.04 9.27 -14.37
C SER H 239 -21.00 8.92 -12.88
N ARG H 240 -20.26 7.87 -12.52
CA ARG H 240 -20.18 7.44 -11.14
C ARG H 240 -18.75 7.45 -10.58
N PHE H 241 -17.74 7.66 -11.42
CA PHE H 241 -16.34 7.67 -10.99
C PHE H 241 -15.66 8.95 -11.45
N LEU H 242 -16.30 10.09 -11.18
CA LEU H 242 -15.74 11.38 -11.56
C LEU H 242 -14.42 11.61 -10.83
N PRO H 243 -13.31 11.83 -11.53
CA PRO H 243 -12.02 11.96 -10.87
C PRO H 243 -11.78 13.36 -10.32
N SER H 244 -10.79 13.45 -9.44
CA SER H 244 -10.34 14.71 -8.86
C SER H 244 -9.00 15.08 -9.49
N MET H 245 -9.01 16.12 -10.32
CA MET H 245 -7.83 16.54 -11.06
C MET H 245 -7.35 17.90 -10.57
N LYS H 246 -6.03 18.10 -10.63
CA LYS H 246 -5.44 19.36 -10.20
C LYS H 246 -4.14 19.58 -10.98
N LEU H 247 -4.06 20.69 -11.69
CA LEU H 247 -2.86 21.02 -12.44
C LEU H 247 -1.72 21.36 -11.50
N MET H 248 -0.52 20.91 -11.86
CA MET H 248 0.68 21.15 -11.05
C MET H 248 1.78 21.89 -11.78
N SER H 249 2.02 21.57 -13.05
CA SER H 249 3.06 22.23 -13.82
C SER H 249 2.73 22.14 -15.31
N LEU H 250 3.04 23.22 -16.02
CA LEU H 250 2.74 23.29 -17.45
C LEU H 250 3.80 24.15 -18.13
N VAL H 251 4.32 23.65 -19.25
CA VAL H 251 5.27 24.40 -20.07
C VAL H 251 4.75 24.38 -21.51
N VAL H 252 4.72 25.55 -22.14
CA VAL H 252 4.28 25.70 -23.53
C VAL H 252 5.32 26.50 -24.29
N THR H 253 5.70 26.01 -25.46
CA THR H 253 6.72 26.64 -26.29
C THR H 253 6.17 26.87 -27.68
N LYS H 254 6.33 28.10 -28.19
CA LYS H 254 5.93 28.47 -29.53
C LYS H 254 7.18 28.81 -30.33
N THR H 255 7.42 28.08 -31.41
CA THR H 255 8.64 28.22 -32.20
C THR H 255 8.29 28.18 -33.68
N ASP H 256 9.22 28.67 -34.50
CA ASP H 256 9.14 28.56 -35.94
C ASP H 256 9.98 27.41 -36.49
N PHE H 257 10.61 26.64 -35.63
CA PHE H 257 11.47 25.52 -35.99
C PHE H 257 11.11 24.32 -35.13
N PRO H 258 11.41 23.11 -35.59
CA PRO H 258 11.09 21.92 -34.78
C PRO H 258 11.78 21.95 -33.42
N PHE H 259 11.06 21.51 -32.40
CA PHE H 259 11.57 21.52 -31.04
C PHE H 259 10.70 20.58 -30.20
N MET H 260 11.32 19.99 -29.18
CA MET H 260 10.62 19.07 -28.28
C MET H 260 11.03 19.34 -26.83
N PRO H 261 10.11 19.78 -25.98
CA PRO H 261 10.46 20.02 -24.58
C PRO H 261 10.73 18.72 -23.85
N GLU H 262 11.47 18.84 -22.75
CA GLU H 262 11.82 17.68 -21.95
C GLU H 262 10.58 17.06 -21.30
N PRO H 263 10.53 15.74 -21.19
CA PRO H 263 9.40 15.10 -20.52
C PRO H 263 9.35 15.47 -19.05
N ALA H 264 8.14 15.47 -18.50
CA ALA H 264 7.92 15.87 -17.10
C ALA H 264 8.20 14.71 -16.14
N HIS H 265 9.40 14.14 -16.24
CA HIS H 265 9.81 13.06 -15.36
C HIS H 265 10.72 13.52 -14.23
N ASP H 266 11.55 14.53 -14.47
CA ASP H 266 12.45 15.07 -13.46
C ASP H 266 11.87 16.35 -12.88
N ASP H 267 12.26 16.64 -11.64
CA ASP H 267 11.79 17.85 -10.98
C ASP H 267 12.28 19.12 -11.67
N ASP H 268 13.42 19.06 -12.34
CA ASP H 268 14.00 20.20 -13.06
C ASP H 268 13.89 19.92 -14.55
N TYR H 269 12.75 20.30 -15.15
CA TYR H 269 12.54 20.14 -16.58
C TYR H 269 12.04 21.42 -17.24
N ILE H 270 12.08 22.55 -16.53
CA ILE H 270 11.72 23.83 -17.12
C ILE H 270 12.96 24.64 -17.47
N LYS H 271 13.91 24.74 -16.55
CA LYS H 271 15.16 25.43 -16.84
C LYS H 271 15.89 24.76 -17.99
N THR H 272 15.92 23.42 -17.98
CA THR H 272 16.60 22.68 -19.04
C THR H 272 15.98 22.97 -20.40
N THR H 273 14.64 22.94 -20.47
CA THR H 273 13.99 23.13 -21.77
C THR H 273 14.11 24.58 -22.24
N ILE H 274 14.15 25.54 -21.32
CA ILE H 274 14.34 26.94 -21.71
C ILE H 274 15.74 27.14 -22.27
N MET H 275 16.75 26.59 -21.59
CA MET H 275 18.12 26.71 -22.10
C MET H 275 18.26 26.01 -23.45
N ARG H 276 17.65 24.84 -23.60
CA ARG H 276 17.70 24.12 -24.86
C ARG H 276 16.99 24.90 -25.96
N LEU H 277 15.88 25.56 -25.63
CA LEU H 277 15.19 26.39 -26.60
C LEU H 277 16.05 27.55 -27.07
N GLY H 278 16.72 28.23 -26.12
CA GLY H 278 17.59 29.32 -26.51
C GLY H 278 18.73 28.87 -27.41
N LYS H 279 19.39 27.76 -27.03
CA LYS H 279 20.50 27.27 -27.85
C LYS H 279 20.02 26.76 -29.21
N ALA H 280 18.84 26.14 -29.26
CA ALA H 280 18.32 25.65 -30.53
C ALA H 280 17.96 26.81 -31.45
N LYS H 281 17.39 27.89 -30.90
CA LYS H 281 17.15 29.07 -31.71
C LYS H 281 18.45 29.66 -32.22
N GLY H 282 19.48 29.66 -31.37
CA GLY H 282 20.78 30.15 -31.81
C GLY H 282 21.38 29.33 -32.94
N VAL H 283 21.24 28.01 -32.85
CA VAL H 283 21.98 27.13 -33.76
C VAL H 283 21.21 26.88 -35.06
N LEU H 284 19.87 26.89 -35.00
CA LEU H 284 19.07 26.53 -36.15
C LEU H 284 18.64 27.74 -36.99
N ASN H 285 19.12 28.93 -36.64
CA ASN H 285 18.80 30.16 -37.38
C ASN H 285 17.29 30.40 -37.44
N GLY H 286 16.69 30.46 -36.24
CA GLY H 286 15.28 30.74 -36.11
C GLY H 286 15.00 32.22 -36.03
N ASN H 287 13.70 32.55 -35.92
CA ASN H 287 13.29 33.94 -35.82
C ASN H 287 12.18 34.16 -34.81
N LEU H 288 11.77 33.13 -34.07
CA LEU H 288 10.70 33.27 -33.09
C LEU H 288 10.78 32.11 -32.10
N ALA H 289 10.82 32.44 -30.81
CA ALA H 289 10.88 31.42 -29.76
C ALA H 289 10.33 32.03 -28.48
N LYS H 290 9.15 31.58 -28.06
CA LYS H 290 8.50 32.09 -26.87
C LYS H 290 8.13 30.94 -25.95
N ALA H 291 8.15 31.21 -24.65
CA ALA H 291 7.86 30.19 -23.64
C ALA H 291 6.90 30.74 -22.60
N TYR H 292 5.98 29.88 -22.15
CA TYR H 292 5.05 30.19 -21.08
C TYR H 292 5.08 29.08 -20.06
N VAL H 293 5.08 29.45 -18.78
CA VAL H 293 5.23 28.51 -17.68
C VAL H 293 4.14 28.76 -16.65
N ILE H 294 3.44 27.69 -16.25
CA ILE H 294 2.49 27.74 -15.15
C ILE H 294 3.01 26.79 -14.07
N ASN H 295 3.25 27.34 -12.87
CA ASN H 295 3.84 26.60 -11.77
C ASN H 295 2.98 26.74 -10.54
N ASN H 296 2.69 25.60 -9.89
CA ASN H 296 1.90 25.61 -8.67
C ASN H 296 2.53 24.73 -7.58
N GLU H 297 3.75 24.22 -7.78
CA GLU H 297 4.40 23.35 -6.81
C GLU H 297 5.70 23.93 -6.27
N GLY H 298 6.05 25.15 -6.68
CA GLY H 298 7.23 25.82 -6.15
C GLY H 298 8.55 25.16 -6.50
N ILE H 299 8.72 24.78 -7.76
CA ILE H 299 9.96 24.21 -8.25
C ILE H 299 10.72 25.29 -9.02
N GLU H 300 11.98 25.01 -9.31
CA GLU H 300 12.83 25.98 -9.99
C GLU H 300 12.32 26.23 -11.40
N VAL H 301 12.35 27.50 -11.82
CA VAL H 301 11.86 27.90 -13.13
C VAL H 301 13.00 28.52 -13.93
N GLY H 302 13.57 29.61 -13.43
CA GLY H 302 14.63 30.30 -14.14
C GLY H 302 14.50 31.80 -14.09
N GLU H 303 14.98 32.48 -15.13
CA GLU H 303 14.93 33.93 -15.21
C GLU H 303 14.44 34.35 -16.58
N GLY H 304 13.79 35.51 -16.62
CA GLY H 304 13.27 36.04 -17.89
C GLY H 304 12.21 35.16 -18.52
N VAL H 305 11.29 34.63 -17.71
CA VAL H 305 10.25 33.72 -18.20
C VAL H 305 8.90 34.29 -17.79
N THR H 306 7.98 34.35 -18.74
CA THR H 306 6.62 34.80 -18.45
C THR H 306 5.92 33.76 -17.58
N VAL H 307 5.26 34.23 -16.51
CA VAL H 307 4.56 33.37 -15.57
C VAL H 307 3.08 33.72 -15.62
N LEU H 308 2.25 32.70 -15.84
CA LEU H 308 0.80 32.86 -15.90
C LEU H 308 0.18 32.33 -14.62
N SER H 309 -1.15 32.38 -14.58
CA SER H 309 -1.90 31.92 -13.41
C SER H 309 -2.86 30.79 -13.71
N THR H 310 -3.61 30.87 -14.81
CA THR H 310 -4.58 29.85 -15.18
C THR H 310 -4.29 29.39 -16.60
N VAL H 311 -5.18 28.56 -17.14
CA VAL H 311 -5.03 28.05 -18.50
C VAL H 311 -5.72 28.96 -19.51
N GLU H 312 -6.80 29.63 -19.11
CA GLU H 312 -7.51 30.51 -20.03
C GLU H 312 -6.63 31.65 -20.51
N ASP H 313 -5.79 32.19 -19.62
CA ASP H 313 -4.84 33.23 -20.02
C ASP H 313 -3.87 32.70 -21.08
N LEU H 314 -3.40 31.46 -20.90
CA LEU H 314 -2.52 30.85 -21.89
C LEU H 314 -3.22 30.72 -23.24
N VAL H 315 -4.48 30.28 -23.22
CA VAL H 315 -5.22 30.12 -24.47
C VAL H 315 -5.41 31.47 -25.17
N VAL H 316 -5.74 32.51 -24.39
CA VAL H 316 -5.91 33.84 -24.97
C VAL H 316 -4.60 34.33 -25.56
N LYS H 317 -3.49 34.14 -24.84
CA LYS H 317 -2.19 34.58 -25.35
C LYS H 317 -1.81 33.85 -26.63
N LEU H 318 -2.08 32.53 -26.68
CA LEU H 318 -1.81 31.78 -27.89
C LEU H 318 -2.65 32.26 -29.05
N GLU H 319 -3.92 32.57 -28.80
CA GLU H 319 -4.80 33.07 -29.86
C GLU H 319 -4.32 34.42 -30.38
N GLU H 320 -3.93 35.32 -29.47
CA GLU H 320 -3.55 36.67 -29.87
C GLU H 320 -2.30 36.65 -30.74
N MET I 1 -25.55 24.27 -17.41
CA MET I 1 -25.05 23.26 -16.49
C MET I 1 -24.98 23.79 -15.06
N ILE I 2 -25.07 22.88 -14.09
CA ILE I 2 -24.94 23.21 -12.69
C ILE I 2 -23.84 22.34 -12.10
N SER I 3 -22.75 22.97 -11.65
CA SER I 3 -21.62 22.26 -11.10
C SER I 3 -21.34 22.74 -9.69
N GLY I 4 -21.16 21.81 -8.77
CA GLY I 4 -21.03 22.15 -7.36
C GLY I 4 -19.91 21.41 -6.68
N SER I 5 -19.31 22.07 -5.69
CA SER I 5 -18.31 21.49 -4.81
C SER I 5 -18.75 21.72 -3.37
N VAL I 6 -18.73 20.65 -2.56
CA VAL I 6 -19.29 20.67 -1.22
C VAL I 6 -18.30 20.04 -0.25
N ARG I 7 -18.19 20.64 0.94
CA ARG I 7 -17.34 20.12 2.00
C ARG I 7 -18.20 19.81 3.22
N PHE I 8 -18.00 18.63 3.80
CA PHE I 8 -18.76 18.15 4.95
C PHE I 8 -17.80 17.72 6.05
N LEU I 9 -18.30 17.77 7.29
CA LEU I 9 -17.56 17.27 8.45
C LEU I 9 -18.42 16.21 9.13
N VAL I 10 -17.93 14.97 9.19
CA VAL I 10 -18.70 13.84 9.70
C VAL I 10 -17.89 13.13 10.77
N ASN I 11 -18.55 12.76 11.87
CA ASN I 11 -17.90 12.13 13.01
C ASN I 11 -18.67 10.89 13.42
N LEU I 12 -17.94 9.83 13.76
CA LEU I 12 -18.51 8.56 14.20
C LEU I 12 -19.48 8.01 13.13
N GLU I 13 -18.88 7.67 12.00
CA GLU I 13 -19.56 7.41 10.74
C GLU I 13 -19.31 5.99 10.27
N SER I 14 -20.38 5.37 9.76
CA SER I 14 -20.27 4.12 8.99
C SER I 14 -21.52 4.03 8.11
N LEU I 15 -21.40 4.52 6.87
CA LEU I 15 -22.50 4.48 5.93
C LEU I 15 -22.27 3.51 4.77
N ASN I 16 -21.02 3.15 4.49
CA ASN I 16 -20.66 2.29 3.39
C ASN I 16 -19.90 1.08 3.91
N GLY I 17 -20.24 -0.10 3.39
CA GLY I 17 -19.65 -1.34 3.85
C GLY I 17 -19.07 -2.14 2.71
N VAL I 18 -18.21 -3.09 3.10
CA VAL I 18 -17.53 -3.99 2.18
C VAL I 18 -17.58 -5.39 2.79
N GLU I 19 -16.94 -6.35 2.13
CA GLU I 19 -16.94 -7.73 2.59
C GLU I 19 -16.38 -7.83 4.01
N SER I 20 -16.95 -8.74 4.79
CA SER I 20 -16.62 -8.89 6.20
C SER I 20 -15.72 -10.09 6.42
N ILE I 21 -14.82 -9.97 7.40
CA ILE I 21 -13.90 -11.04 7.77
C ILE I 21 -14.19 -11.43 9.21
N GLY I 22 -14.53 -12.70 9.42
CA GLY I 22 -14.86 -13.15 10.77
C GLY I 22 -16.08 -12.41 11.30
N ASN I 23 -15.95 -11.88 12.52
CA ASN I 23 -17.00 -11.10 13.15
C ASN I 23 -16.73 -9.60 13.06
N LEU I 24 -16.05 -9.16 12.01
CA LEU I 24 -15.68 -7.76 11.82
C LEU I 24 -16.30 -7.24 10.53
N THR I 25 -17.01 -6.12 10.65
CA THR I 25 -17.55 -5.42 9.49
C THR I 25 -16.62 -4.27 9.13
N LYS I 26 -16.16 -4.26 7.88
CA LYS I 26 -15.10 -3.35 7.45
C LYS I 26 -15.69 -2.16 6.70
N HIS I 27 -14.95 -1.05 6.76
CA HIS I 27 -15.30 0.18 6.06
C HIS I 27 -14.47 0.29 4.80
N ARG I 28 -15.08 0.81 3.73
CA ARG I 28 -14.38 0.94 2.46
C ARG I 28 -13.16 1.84 2.58
N THR I 29 -12.03 1.39 2.03
CA THR I 29 -10.80 2.14 2.06
C THR I 29 -10.18 2.14 0.67
N ALA I 30 -9.49 3.23 0.33
CA ALA I 30 -8.89 3.41 -0.97
C ALA I 30 -7.53 4.06 -0.84
N PRO I 31 -6.63 3.85 -1.78
CA PRO I 31 -5.35 4.53 -1.77
C PRO I 31 -5.43 5.93 -2.35
N VAL I 32 -4.65 6.83 -1.77
CA VAL I 32 -4.57 8.22 -2.20
C VAL I 32 -3.11 8.63 -2.26
N VAL I 33 -2.77 9.44 -3.27
CA VAL I 33 -1.44 10.02 -3.41
C VAL I 33 -1.48 11.45 -2.93
N LEU I 34 -0.63 11.77 -1.96
CA LEU I 34 -0.65 13.08 -1.32
C LEU I 34 0.74 13.70 -1.38
N LYS I 35 0.79 15.02 -1.53
CA LYS I 35 2.04 15.76 -1.65
C LYS I 35 2.39 16.42 -0.32
N THR I 36 3.60 16.14 0.16
CA THR I 36 4.13 16.75 1.37
C THR I 36 5.43 17.47 1.01
N SER I 37 5.98 18.20 2.00
CA SER I 37 7.22 18.93 1.79
C SER I 37 8.39 18.01 1.44
N THR I 38 8.29 16.72 1.78
CA THR I 38 9.34 15.76 1.47
C THR I 38 9.11 15.04 0.14
N GLY I 39 8.02 15.35 -0.56
CA GLY I 39 7.76 14.70 -1.84
C GLY I 39 6.34 14.21 -2.00
N TYR I 40 6.18 12.96 -2.41
CA TYR I 40 4.87 12.36 -2.63
C TYR I 40 4.78 11.04 -1.88
N LEU I 41 3.62 10.78 -1.28
CA LEU I 41 3.41 9.59 -0.47
C LEU I 41 2.08 8.95 -0.83
N VAL I 42 1.96 7.67 -0.49
CA VAL I 42 0.75 6.89 -0.74
C VAL I 42 0.17 6.48 0.61
N ARG I 43 -1.13 6.71 0.79
CA ARG I 43 -1.79 6.41 2.05
C ARG I 43 -3.09 5.66 1.77
N TYR I 44 -3.60 4.99 2.80
CA TYR I 44 -4.87 4.29 2.73
C TYR I 44 -5.89 5.02 3.60
N VAL I 45 -6.98 5.46 2.99
CA VAL I 45 -7.95 6.31 3.67
C VAL I 45 -9.36 5.80 3.41
N PRO I 46 -10.20 5.82 4.43
CA PRO I 46 -11.62 5.47 4.22
C PRO I 46 -12.29 6.41 3.23
N VAL I 47 -13.17 5.84 2.41
CA VAL I 47 -13.89 6.57 1.38
C VAL I 47 -15.34 6.07 1.34
N ILE I 48 -16.19 6.79 0.61
CA ILE I 48 -17.58 6.43 0.42
C ILE I 48 -17.88 6.43 -1.08
N SER I 49 -18.47 5.35 -1.57
CA SER I 49 -18.75 5.22 -2.99
C SER I 49 -19.86 6.19 -3.41
N GLY I 50 -19.86 6.52 -4.70
CA GLY I 50 -20.84 7.43 -5.25
C GLY I 50 -22.15 6.77 -5.62
N GLU I 51 -22.15 5.44 -5.64
CA GLU I 51 -23.37 4.71 -6.00
C GLU I 51 -24.44 4.89 -4.93
N ALA I 52 -24.04 4.97 -3.66
CA ALA I 52 -25.00 5.24 -2.60
C ALA I 52 -25.64 6.62 -2.78
N LEU I 53 -24.83 7.62 -3.14
CA LEU I 53 -25.36 8.95 -3.40
C LEU I 53 -26.33 8.93 -4.57
N ALA I 54 -26.00 8.19 -5.63
CA ALA I 54 -26.90 8.08 -6.77
C ALA I 54 -28.21 7.42 -6.39
N HIS I 55 -28.14 6.36 -5.56
CA HIS I 55 -29.36 5.69 -5.12
C HIS I 55 -30.23 6.62 -4.28
N ALA I 56 -29.62 7.39 -3.37
CA ALA I 56 -30.40 8.32 -2.56
C ALA I 56 -31.04 9.39 -3.44
N TYR I 57 -30.29 9.92 -4.40
CA TYR I 57 -30.84 10.94 -5.30
C TYR I 57 -32.01 10.38 -6.10
N GLN I 58 -31.87 9.15 -6.61
CA GLN I 58 -32.94 8.55 -7.41
C GLN I 58 -34.17 8.25 -6.56
N ALA I 59 -33.97 7.82 -5.31
CA ALA I 59 -35.12 7.58 -4.43
C ALA I 59 -35.86 8.88 -4.13
N SER I 60 -35.12 9.96 -3.86
CA SER I 60 -35.77 11.25 -3.63
C SER I 60 -36.50 11.72 -4.87
N LEU I 61 -35.91 11.51 -6.06
CA LEU I 61 -36.59 11.88 -7.29
C LEU I 61 -37.86 11.06 -7.48
N VAL I 62 -37.83 9.77 -7.13
CA VAL I 62 -39.03 8.94 -7.21
C VAL I 62 -40.13 9.51 -6.31
N ASP I 63 -39.76 9.85 -5.08
CA ASP I 63 -40.75 10.40 -4.14
C ASP I 63 -41.34 11.70 -4.67
N ILE I 64 -40.49 12.60 -5.16
CA ILE I 64 -40.98 13.88 -5.66
C ILE I 64 -41.88 13.69 -6.88
N ALA I 65 -41.48 12.82 -7.80
CA ALA I 65 -42.28 12.57 -9.00
C ALA I 65 -43.64 11.97 -8.64
N LYS I 66 -43.67 11.03 -7.70
CA LYS I 66 -44.94 10.46 -7.27
C LYS I 66 -45.81 11.51 -6.61
N LYS I 67 -45.21 12.41 -5.82
CA LYS I 67 -46.00 13.45 -5.18
C LYS I 67 -46.55 14.46 -6.19
N GLU I 68 -45.79 14.76 -7.24
CA GLU I 68 -46.18 15.78 -8.20
C GLU I 68 -46.96 15.24 -9.39
N GLY I 69 -47.23 13.94 -9.43
CA GLY I 69 -48.04 13.36 -10.48
C GLY I 69 -47.30 12.90 -11.72
N LEU I 70 -45.98 13.07 -11.77
CA LEU I 70 -45.21 12.60 -12.92
C LEU I 70 -45.21 11.08 -12.96
N PRO I 71 -45.19 10.49 -14.15
CA PRO I 71 -45.22 9.02 -14.24
C PRO I 71 -43.98 8.38 -13.64
N VAL I 72 -44.19 7.22 -13.02
CA VAL I 72 -43.12 6.44 -12.40
C VAL I 72 -43.29 4.99 -12.82
N GLY I 73 -42.18 4.33 -13.14
CA GLY I 73 -42.24 2.95 -13.59
C GLY I 73 -42.72 2.00 -12.51
N SER I 74 -43.21 0.85 -12.95
CA SER I 74 -43.75 -0.13 -12.01
C SER I 74 -42.65 -0.70 -11.12
N LEU I 75 -41.55 -1.17 -11.72
CA LEU I 75 -40.44 -1.67 -10.91
C LEU I 75 -39.76 -0.55 -10.15
N SER I 76 -39.66 0.63 -10.77
CA SER I 76 -39.03 1.77 -10.09
C SER I 76 -39.92 2.35 -8.99
N SER I 77 -41.21 2.02 -8.98
CA SER I 77 -42.07 2.44 -7.88
C SER I 77 -41.56 1.87 -6.55
N GLN I 78 -41.23 0.59 -6.54
CA GLN I 78 -40.42 0.04 -5.46
C GLN I 78 -38.98 0.46 -5.66
N TYR I 79 -38.27 0.65 -4.54
CA TYR I 79 -36.90 1.18 -4.59
C TYR I 79 -35.95 0.07 -5.06
N GLU I 80 -36.09 -0.29 -6.32
CA GLU I 80 -35.23 -1.28 -6.98
C GLU I 80 -34.96 -0.76 -8.39
N PHE I 81 -33.78 -0.16 -8.58
CA PHE I 81 -33.45 0.51 -9.83
C PHE I 81 -32.77 -0.42 -10.83
N ILE I 82 -33.43 -1.52 -11.16
CA ILE I 82 -32.94 -2.37 -12.25
C ILE I 82 -33.19 -1.71 -13.60
N LYS I 83 -34.16 -0.80 -13.66
CA LYS I 83 -34.50 -0.04 -14.87
C LYS I 83 -34.95 -1.04 -15.94
N PHE I 84 -34.47 -0.91 -17.18
CA PHE I 84 -34.94 -1.77 -18.25
C PHE I 84 -33.79 -2.56 -18.85
N SER I 85 -32.93 -3.12 -18.01
CA SER I 85 -31.74 -3.82 -18.49
C SER I 85 -32.08 -5.20 -19.02
N THR I 86 -32.81 -6.00 -18.25
CA THR I 86 -33.09 -7.37 -18.60
C THR I 86 -34.47 -7.50 -19.27
N ASP I 87 -34.73 -8.69 -19.80
CA ASP I 87 -36.00 -8.94 -20.46
C ASP I 87 -37.13 -9.10 -19.46
N GLU I 88 -36.83 -9.55 -18.24
CA GLU I 88 -37.86 -9.70 -17.22
C GLU I 88 -38.48 -8.34 -16.87
N ALA I 89 -37.65 -7.31 -16.77
CA ALA I 89 -38.16 -5.97 -16.50
C ALA I 89 -39.08 -5.49 -17.61
N LEU I 90 -38.69 -5.74 -18.86
CA LEU I 90 -39.54 -5.36 -19.99
C LEU I 90 -40.86 -6.10 -19.97
N LYS I 91 -40.83 -7.40 -19.64
CA LYS I 91 -42.06 -8.17 -19.57
C LYS I 91 -42.96 -7.67 -18.45
N ILE I 92 -42.38 -7.32 -17.30
CA ILE I 92 -43.17 -6.83 -16.18
C ILE I 92 -43.80 -5.48 -16.54
N GLU I 93 -43.02 -4.57 -17.09
CA GLU I 93 -43.55 -3.26 -17.45
C GLU I 93 -44.48 -3.34 -18.64
N GLY I 94 -44.16 -4.18 -19.62
CA GLY I 94 -45.00 -4.35 -20.79
C GLY I 94 -44.59 -3.50 -21.98
N ILE I 95 -43.30 -3.52 -22.30
CA ILE I 95 -42.77 -2.78 -23.44
C ILE I 95 -42.09 -3.77 -24.38
N LYS I 96 -42.46 -3.71 -25.66
CA LYS I 96 -41.89 -4.61 -26.65
C LYS I 96 -40.43 -4.25 -26.91
N GLU I 97 -39.62 -5.28 -27.12
CA GLU I 97 -38.20 -5.07 -27.40
C GLU I 97 -38.03 -4.48 -28.81
N PRO I 98 -36.98 -3.70 -29.03
CA PRO I 98 -36.75 -3.13 -30.37
C PRO I 98 -36.48 -4.22 -31.39
N LYS I 99 -36.94 -3.98 -32.61
CA LYS I 99 -36.77 -4.95 -33.68
C LYS I 99 -35.45 -4.77 -34.41
N ASP I 100 -35.20 -3.57 -34.93
CA ASP I 100 -33.97 -3.26 -35.65
C ASP I 100 -33.43 -1.94 -35.11
N TYR I 101 -32.38 -1.43 -35.77
CA TYR I 101 -31.79 -0.16 -35.35
C TYR I 101 -32.77 0.99 -35.55
N ASN I 102 -33.49 1.00 -36.67
CA ASN I 102 -34.38 2.11 -36.99
C ASN I 102 -35.51 2.25 -35.98
N ASP I 103 -35.87 1.18 -35.28
CA ASP I 103 -36.92 1.24 -34.27
C ASP I 103 -36.41 1.68 -32.91
N ALA I 104 -35.09 1.77 -32.72
CA ALA I 104 -34.52 2.00 -31.41
C ALA I 104 -35.06 3.28 -30.78
N ARG I 105 -35.11 4.36 -31.57
CA ARG I 105 -35.64 5.64 -31.07
C ARG I 105 -37.03 5.45 -30.47
N ARG I 106 -37.90 4.74 -31.17
CA ARG I 106 -39.25 4.49 -30.67
C ARG I 106 -39.19 3.85 -29.29
N PHE I 107 -38.37 2.79 -29.17
CA PHE I 107 -38.24 2.12 -27.88
C PHE I 107 -37.79 3.10 -26.80
N GLU I 108 -36.81 3.95 -27.13
CA GLU I 108 -36.34 4.92 -26.16
C GLU I 108 -37.48 5.81 -25.70
N VAL I 109 -38.29 6.29 -26.64
CA VAL I 109 -39.40 7.16 -26.28
C VAL I 109 -40.38 6.41 -25.37
N GLU I 110 -40.62 5.13 -25.68
CA GLU I 110 -41.54 4.35 -24.86
C GLU I 110 -41.00 4.20 -23.44
N VAL I 111 -39.68 4.07 -23.30
CA VAL I 111 -39.09 4.01 -21.97
C VAL I 111 -39.16 5.37 -21.30
N MET I 112 -39.06 6.44 -22.09
CA MET I 112 -38.91 7.79 -21.57
C MET I 112 -40.23 8.42 -21.14
N LEU I 113 -41.35 7.91 -21.63
CA LEU I 113 -42.66 8.44 -21.26
C LEU I 113 -43.29 7.70 -20.09
N LYS I 114 -42.59 6.71 -19.52
CA LYS I 114 -43.14 5.92 -18.43
C LYS I 114 -42.42 6.11 -17.10
N ASP I 115 -41.11 6.35 -17.12
CA ASP I 115 -40.33 6.49 -15.91
C ASP I 115 -39.40 7.69 -16.04
N VAL I 116 -39.50 8.63 -15.10
CA VAL I 116 -38.61 9.78 -15.10
C VAL I 116 -37.20 9.34 -14.71
N ILE I 117 -37.06 8.26 -13.94
CA ILE I 117 -35.74 7.80 -13.51
C ILE I 117 -34.91 7.38 -14.71
N ALA I 118 -35.52 6.67 -15.66
CA ALA I 118 -34.79 6.28 -16.87
C ALA I 118 -34.37 7.50 -17.67
N ASP I 119 -35.21 8.55 -17.70
CA ASP I 119 -34.87 9.76 -18.42
C ASP I 119 -33.70 10.49 -17.78
N VAL I 120 -33.70 10.62 -16.46
CA VAL I 120 -32.69 11.43 -15.79
C VAL I 120 -31.40 10.65 -15.59
N GLY I 121 -31.48 9.48 -14.97
CA GLY I 121 -30.31 8.69 -14.68
C GLY I 121 -29.82 7.79 -15.78
N GLY I 122 -30.44 7.82 -16.95
CA GLY I 122 -30.00 7.00 -18.06
C GLY I 122 -30.36 5.54 -17.87
N PHE I 123 -30.09 4.75 -18.91
CA PHE I 123 -30.40 3.34 -18.87
C PHE I 123 -29.65 2.63 -20.00
N MET I 124 -29.70 1.30 -19.95
CA MET I 124 -29.04 0.45 -20.94
C MET I 124 -29.92 -0.75 -21.24
N TYR I 125 -30.00 -1.10 -22.52
CA TYR I 125 -30.61 -2.35 -22.95
C TYR I 125 -29.65 -3.06 -23.89
N ALA I 126 -29.36 -4.32 -23.58
CA ALA I 126 -28.41 -5.13 -24.34
C ALA I 126 -29.16 -6.19 -25.12
N GLY I 127 -28.83 -6.34 -26.40
CA GLY I 127 -29.50 -7.31 -27.24
C GLY I 127 -29.10 -7.15 -28.69
N GLY I 128 -30.01 -7.54 -29.58
CA GLY I 128 -29.75 -7.40 -31.01
C GLY I 128 -29.58 -5.95 -31.41
N ALA I 129 -30.33 -5.05 -30.80
CA ALA I 129 -30.25 -3.61 -31.06
C ALA I 129 -30.06 -2.91 -29.72
N PRO I 130 -28.82 -2.82 -29.23
CA PRO I 130 -28.59 -2.20 -27.93
C PRO I 130 -28.97 -0.73 -27.93
N VAL I 131 -29.46 -0.27 -26.78
CA VAL I 131 -29.87 1.12 -26.59
C VAL I 131 -29.17 1.67 -25.36
N ARG I 132 -28.59 2.85 -25.49
CA ARG I 132 -27.83 3.46 -24.42
C ARG I 132 -28.36 4.86 -24.14
N ARG I 133 -28.31 5.25 -22.86
CA ARG I 133 -28.64 6.62 -22.47
C ARG I 133 -27.80 6.98 -21.25
N THR I 134 -26.87 7.91 -21.44
CA THR I 134 -25.99 8.34 -20.36
C THR I 134 -26.76 9.14 -19.31
N SER I 135 -26.36 8.96 -18.06
CA SER I 135 -27.01 9.68 -16.96
C SER I 135 -26.77 11.18 -17.09
N ARG I 136 -27.78 11.96 -16.69
CA ARG I 136 -27.70 13.41 -16.71
C ARG I 136 -27.17 14.00 -15.41
N ILE I 137 -26.90 13.15 -14.41
CA ILE I 137 -26.30 13.59 -13.16
C ILE I 137 -25.02 12.79 -12.94
N LYS I 138 -23.93 13.49 -12.64
CA LYS I 138 -22.62 12.86 -12.48
C LYS I 138 -22.08 13.15 -11.10
N LEU I 139 -21.70 12.10 -10.38
CA LEU I 139 -21.15 12.18 -9.04
C LEU I 139 -19.83 11.43 -9.01
N GLY I 140 -19.17 11.46 -7.84
CA GLY I 140 -17.89 10.80 -7.68
C GLY I 140 -17.73 10.31 -6.25
N TYR I 141 -16.60 9.67 -6.00
CA TYR I 141 -16.30 9.17 -4.66
C TYR I 141 -16.13 10.33 -3.69
N MET I 142 -16.46 10.06 -2.42
CA MET I 142 -16.35 11.05 -1.37
C MET I 142 -15.01 10.87 -0.67
N ILE I 143 -14.09 11.82 -0.89
CA ILE I 143 -12.72 11.72 -0.39
C ILE I 143 -12.46 12.84 0.59
N PRO I 144 -11.82 12.60 1.72
CA PRO I 144 -11.44 13.69 2.62
C PRO I 144 -10.38 14.58 1.99
N ALA I 145 -10.36 15.82 2.44
CA ALA I 145 -9.45 16.82 1.87
C ALA I 145 -8.00 16.41 2.09
N LEU I 146 -7.20 16.47 1.03
CA LEU I 146 -5.78 16.16 1.11
C LEU I 146 -4.97 17.44 1.30
N ARG I 147 -5.23 18.10 2.41
CA ARG I 147 -4.62 19.38 2.74
C ARG I 147 -3.47 19.19 3.72
N GLY I 148 -2.37 19.90 3.49
CA GLY I 148 -1.24 19.82 4.39
C GLY I 148 -0.53 18.48 4.29
N ASP I 149 0.16 18.13 5.38
CA ASP I 149 0.91 16.89 5.46
C ASP I 149 0.20 15.80 6.26
N GLU I 150 -0.85 16.15 7.01
CA GLU I 150 -1.59 15.20 7.81
C GLU I 150 -3.02 15.10 7.30
N ILE I 151 -3.48 13.88 7.05
CA ILE I 151 -4.83 13.64 6.56
C ILE I 151 -5.81 13.73 7.74
N PRO I 152 -6.82 14.59 7.69
CA PRO I 152 -7.78 14.70 8.80
C PRO I 152 -8.85 13.61 8.75
N ALA I 153 -8.41 12.37 8.98
CA ALA I 153 -9.31 11.23 8.97
C ALA I 153 -8.79 10.17 9.93
N GLN I 154 -9.71 9.37 10.47
CA GLN I 154 -9.34 8.31 11.40
C GLN I 154 -10.37 7.19 11.32
N LEU I 155 -9.89 5.96 11.53
CA LEU I 155 -10.73 4.76 11.49
C LEU I 155 -10.35 3.86 12.65
N GLU I 156 -11.36 3.23 13.26
CA GLU I 156 -11.12 2.34 14.39
C GLU I 156 -12.22 1.28 14.42
N ALA I 157 -12.07 0.30 15.30
CA ALA I 157 -13.04 -0.76 15.47
C ALA I 157 -13.67 -0.67 16.85
N GLN I 158 -14.95 -1.07 16.94
CA GLN I 158 -15.70 -1.01 18.18
C GLN I 158 -16.31 -2.37 18.48
N PHE I 159 -16.47 -2.65 19.77
CA PHE I 159 -16.82 -3.96 20.30
C PHE I 159 -18.28 -3.95 20.74
N HIS I 160 -19.03 -4.98 20.35
CA HIS I 160 -20.44 -5.08 20.72
C HIS I 160 -20.80 -6.52 21.04
N VAL I 161 -21.76 -6.67 21.97
CA VAL I 161 -22.20 -7.97 22.45
C VAL I 161 -23.72 -8.02 22.40
N ARG I 162 -24.25 -9.24 22.26
CA ARG I 162 -25.69 -9.48 22.32
C ARG I 162 -26.01 -10.26 23.59
N PHE I 163 -26.98 -9.75 24.35
CA PHE I 163 -27.34 -10.35 25.62
C PHE I 163 -28.16 -11.62 25.41
N SER I 164 -27.94 -12.60 26.30
CA SER I 164 -28.69 -13.84 26.28
C SER I 164 -28.60 -14.49 27.66
N ASN I 165 -29.71 -15.07 28.11
CA ASN I 165 -29.76 -15.70 29.42
C ASN I 165 -29.17 -17.11 29.43
N LYS I 166 -28.98 -17.72 28.26
CA LYS I 166 -28.44 -19.07 28.14
C LYS I 166 -27.28 -19.04 27.15
N PRO I 167 -26.09 -18.64 27.59
CA PRO I 167 -24.94 -18.61 26.67
C PRO I 167 -24.63 -19.98 26.11
N VAL I 168 -24.26 -20.02 24.84
CA VAL I 168 -23.93 -21.26 24.16
C VAL I 168 -22.65 -21.11 23.35
N ALA I 173 -22.41 -14.15 19.63
CA ALA I 173 -23.08 -13.06 20.35
C ALA I 173 -22.14 -11.87 20.52
N ILE I 174 -21.03 -11.89 19.80
CA ILE I 174 -20.02 -10.85 19.86
C ILE I 174 -19.65 -10.44 18.43
N PHE I 175 -19.61 -9.14 18.17
CA PHE I 175 -19.24 -8.65 16.85
C PHE I 175 -18.49 -7.33 16.99
N ASN I 176 -17.87 -6.90 15.88
CA ASN I 176 -17.10 -5.68 15.82
C ASN I 176 -17.55 -4.85 14.63
N VAL I 177 -17.57 -3.54 14.81
CA VAL I 177 -18.05 -2.61 13.79
C VAL I 177 -17.01 -1.51 13.59
N GLU I 178 -16.67 -1.22 12.33
CA GLU I 178 -15.71 -0.19 12.01
C GLU I 178 -16.37 1.18 11.97
N VAL I 179 -15.73 2.17 12.60
CA VAL I 179 -16.26 3.52 12.71
C VAL I 179 -15.16 4.50 12.31
N SER I 180 -15.53 5.49 11.49
CA SER I 180 -14.58 6.46 10.95
C SER I 180 -15.05 7.88 11.26
N SER I 181 -14.10 8.81 11.21
CA SER I 181 -14.39 10.23 11.40
C SER I 181 -13.47 11.02 10.48
N ALA I 182 -14.05 11.94 9.70
CA ALA I 182 -13.27 12.63 8.68
C ALA I 182 -13.96 13.92 8.28
N LEU I 183 -13.27 14.67 7.42
CA LEU I 183 -13.77 15.89 6.79
C LEU I 183 -13.84 15.60 5.29
N TYR I 184 -15.02 15.22 4.82
CA TYR I 184 -15.22 14.75 3.45
C TYR I 184 -15.43 15.92 2.50
N THR I 185 -15.11 15.69 1.24
CA THR I 185 -15.36 16.65 0.17
C THR I 185 -15.82 15.90 -1.07
N PHE I 186 -16.73 16.51 -1.82
CA PHE I 186 -17.17 15.88 -3.07
C PHE I 186 -17.75 16.93 -4.00
N SER I 187 -17.77 16.59 -5.29
CA SER I 187 -18.27 17.48 -6.34
C SER I 187 -19.31 16.75 -7.18
N PHE I 188 -20.18 17.54 -7.80
CA PHE I 188 -21.26 16.98 -8.61
C PHE I 188 -21.51 17.88 -9.81
N GLU I 189 -22.11 17.29 -10.84
CA GLU I 189 -22.46 18.00 -12.07
C GLU I 189 -23.81 17.53 -12.57
N LEU I 190 -24.60 18.47 -13.09
CA LEU I 190 -25.93 18.16 -13.61
C LEU I 190 -26.25 19.10 -14.74
N ASP I 191 -26.45 18.55 -15.95
CA ASP I 191 -26.80 19.34 -17.13
C ASP I 191 -28.31 19.24 -17.34
N GLU I 192 -29.01 20.33 -17.06
CA GLU I 192 -30.46 20.36 -17.17
C GLU I 192 -30.95 20.71 -18.57
N ASP I 193 -30.05 21.06 -19.49
CA ASP I 193 -30.45 21.42 -20.84
C ASP I 193 -30.76 20.20 -21.72
N LEU I 194 -30.45 18.99 -21.26
CA LEU I 194 -30.73 17.79 -22.02
C LEU I 194 -31.80 16.92 -21.39
N ILE I 195 -32.43 17.37 -20.30
CA ILE I 195 -33.50 16.61 -19.68
C ILE I 195 -34.72 16.62 -20.59
N ALA I 196 -35.39 15.47 -20.70
CA ALA I 196 -36.58 15.29 -21.55
C ALA I 196 -36.27 15.56 -23.01
N VAL I 197 -35.06 15.18 -23.46
CA VAL I 197 -34.67 15.30 -24.85
C VAL I 197 -34.12 13.96 -25.31
N PRO I 198 -34.64 13.36 -26.38
CA PRO I 198 -34.11 12.08 -26.85
C PRO I 198 -32.66 12.21 -27.29
N SER I 199 -31.91 11.13 -27.09
CA SER I 199 -30.49 11.10 -27.42
C SER I 199 -30.16 10.28 -28.65
N THR I 200 -30.95 9.27 -28.97
CA THR I 200 -30.69 8.45 -30.16
C THR I 200 -31.08 9.21 -31.41
N PHE I 201 -30.18 9.23 -32.39
CA PHE I 201 -30.43 9.94 -33.64
C PHE I 201 -31.42 9.18 -34.50
N GLY I 202 -32.30 9.92 -35.16
CA GLY I 202 -33.30 9.31 -36.00
C GLY I 202 -34.33 10.32 -36.46
N GLU I 203 -35.49 9.82 -36.87
CA GLU I 203 -36.58 10.65 -37.34
C GLU I 203 -37.57 10.92 -36.21
N LYS I 204 -38.47 11.88 -36.46
CA LYS I 204 -39.47 12.24 -35.47
C LYS I 204 -40.44 11.09 -35.24
N VAL I 205 -40.82 10.89 -33.99
CA VAL I 205 -41.72 9.82 -33.57
C VAL I 205 -42.81 10.42 -32.70
N LYS I 206 -44.05 10.00 -32.93
CA LYS I 206 -45.18 10.49 -32.16
C LYS I 206 -44.96 10.23 -30.66
N GLY I 207 -45.27 11.24 -29.85
CA GLY I 207 -45.05 11.18 -28.42
C GLY I 207 -44.05 12.19 -27.91
N GLU I 208 -43.35 12.89 -28.79
CA GLU I 208 -42.39 13.91 -28.35
C GLU I 208 -43.10 15.16 -27.84
N GLU I 209 -44.34 15.38 -28.28
CA GLU I 209 -45.09 16.54 -27.80
C GLU I 209 -45.34 16.46 -26.30
N GLU I 210 -45.68 15.26 -25.81
CA GLU I 210 -45.87 15.09 -24.38
C GLU I 210 -44.57 15.36 -23.61
N LEU I 211 -43.44 14.90 -24.15
CA LEU I 211 -42.16 15.17 -23.52
C LEU I 211 -41.87 16.67 -23.47
N GLU I 212 -42.17 17.37 -24.57
CA GLU I 212 -41.99 18.82 -24.58
C GLU I 212 -42.89 19.50 -23.55
N ARG I 213 -44.12 19.00 -23.40
CA ARG I 213 -45.03 19.56 -22.40
C ARG I 213 -44.50 19.35 -20.98
N GLN I 214 -43.95 18.17 -20.71
CA GLN I 214 -43.52 17.81 -19.36
C GLN I 214 -42.08 18.20 -19.06
N LYS I 215 -41.37 18.80 -20.03
CA LYS I 215 -39.96 19.13 -19.83
C LYS I 215 -39.74 20.03 -18.61
N ALA I 216 -40.59 21.06 -18.46
CA ALA I 216 -40.41 22.00 -17.36
C ALA I 216 -40.57 21.31 -16.01
N LYS I 217 -41.60 20.48 -15.88
CA LYS I 217 -41.82 19.77 -14.62
C LYS I 217 -40.69 18.79 -14.33
N ARG I 218 -40.19 18.09 -15.36
CA ARG I 218 -39.08 17.17 -15.16
C ARG I 218 -37.83 17.91 -14.70
N VAL I 219 -37.53 19.06 -15.31
CA VAL I 219 -36.38 19.85 -14.91
C VAL I 219 -36.53 20.34 -13.47
N LYS I 220 -37.73 20.80 -13.12
CA LYS I 220 -37.97 21.28 -11.75
C LYS I 220 -37.78 20.15 -10.74
N SER I 221 -38.30 18.96 -11.05
CA SER I 221 -38.14 17.82 -10.14
C SER I 221 -36.68 17.42 -10.01
N ALA I 222 -35.95 17.42 -11.13
CA ALA I 222 -34.53 17.08 -11.08
C ALA I 222 -33.74 18.06 -10.23
N ILE I 223 -34.05 19.35 -10.35
CA ILE I 223 -33.39 20.36 -9.52
C ILE I 223 -33.76 20.18 -8.07
N LYS I 224 -35.03 19.91 -7.78
CA LYS I 224 -35.46 19.73 -6.40
C LYS I 224 -34.81 18.50 -5.75
N ALA I 225 -34.54 17.46 -6.54
CA ALA I 225 -34.01 16.22 -5.98
C ALA I 225 -32.63 16.39 -5.35
N LEU I 226 -31.90 17.46 -5.69
CA LEU I 226 -30.56 17.67 -5.14
C LEU I 226 -30.58 18.06 -3.66
N TYR I 227 -31.76 18.40 -3.11
CA TYR I 227 -31.83 18.80 -1.70
C TYR I 227 -31.42 17.66 -0.78
N SER I 228 -31.82 16.43 -1.12
CA SER I 228 -31.46 15.29 -0.28
C SER I 228 -29.95 15.09 -0.25
N LEU I 229 -29.29 15.20 -1.41
CA LEU I 229 -27.84 15.06 -1.45
C LEU I 229 -27.15 16.19 -0.71
N LEU I 230 -27.66 17.42 -0.84
CA LEU I 230 -27.03 18.55 -0.19
C LEU I 230 -27.33 18.61 1.31
N SER I 231 -28.33 17.85 1.78
CA SER I 231 -28.69 17.87 3.19
C SER I 231 -27.99 16.79 4.00
N GLY I 232 -27.84 15.60 3.44
CA GLY I 232 -27.15 14.52 4.15
C GLY I 232 -27.99 13.27 4.33
N ASN I 233 -28.95 13.04 3.44
CA ASN I 233 -29.81 11.86 3.50
C ASN I 233 -29.27 10.82 2.53
N PHE I 234 -28.22 10.12 2.95
CA PHE I 234 -27.63 9.05 2.16
C PHE I 234 -26.87 8.11 3.07
N GLY I 235 -26.57 6.92 2.54
CA GLY I 235 -25.83 5.92 3.28
C GLY I 235 -26.71 4.99 4.08
N GLY I 236 -26.09 3.91 4.58
CA GLY I 236 -26.76 2.91 5.36
C GLY I 236 -26.32 2.89 6.81
N LYS I 237 -26.88 1.93 7.55
CA LYS I 237 -26.64 1.79 8.98
C LYS I 237 -26.98 3.07 9.73
N ARG I 238 -28.10 3.68 9.36
CA ARG I 238 -28.58 4.89 10.01
C ARG I 238 -29.48 4.60 11.20
N SER I 239 -29.84 3.34 11.44
CA SER I 239 -30.75 3.02 12.53
C SER I 239 -30.05 3.12 13.89
N ARG I 240 -28.80 2.66 13.97
CA ARG I 240 -28.04 2.69 15.22
C ARG I 240 -26.76 3.50 15.14
N PHE I 241 -26.34 3.92 13.95
CA PHE I 241 -25.10 4.69 13.76
C PHE I 241 -25.39 5.97 13.00
N LEU I 242 -26.39 6.70 13.44
CA LEU I 242 -26.75 7.97 12.80
C LEU I 242 -25.59 8.95 12.91
N PRO I 243 -25.08 9.47 11.81
CA PRO I 243 -23.90 10.35 11.87
C PRO I 243 -24.27 11.79 12.20
N SER I 244 -23.25 12.55 12.59
CA SER I 244 -23.36 13.97 12.87
C SER I 244 -22.71 14.73 11.72
N MET I 245 -23.53 15.40 10.92
CA MET I 245 -23.06 16.12 9.74
C MET I 245 -23.24 17.62 9.91
N LYS I 246 -22.33 18.38 9.31
CA LYS I 246 -22.38 19.83 9.38
C LYS I 246 -21.72 20.41 8.14
N LEU I 247 -22.47 21.22 7.40
CA LEU I 247 -21.94 21.86 6.20
C LEU I 247 -20.91 22.91 6.57
N MET I 248 -19.85 22.99 5.77
CA MET I 248 -18.77 23.94 6.01
C MET I 248 -18.53 24.89 4.84
N SER I 249 -18.59 24.40 3.61
CA SER I 249 -18.36 25.25 2.44
C SER I 249 -19.05 24.65 1.24
N LEU I 250 -19.63 25.52 0.40
CA LEU I 250 -20.36 25.07 -0.78
C LEU I 250 -20.21 26.12 -1.88
N VAL I 251 -19.89 25.65 -3.09
CA VAL I 251 -19.80 26.51 -4.26
C VAL I 251 -20.66 25.89 -5.36
N VAL I 252 -21.52 26.71 -5.97
CA VAL I 252 -22.39 26.28 -7.06
C VAL I 252 -22.24 27.24 -8.23
N THR I 253 -22.06 26.70 -9.43
CA THR I 253 -21.86 27.49 -10.63
C THR I 253 -22.87 27.08 -11.68
N LYS I 254 -23.55 28.06 -12.28
CA LYS I 254 -24.50 27.86 -13.36
C LYS I 254 -23.95 28.52 -14.61
N THR I 255 -23.73 27.72 -15.65
CA THR I 255 -23.12 28.20 -16.88
C THR I 255 -23.85 27.63 -18.09
N ASP I 256 -23.63 28.27 -19.24
CA ASP I 256 -24.11 27.76 -20.51
C ASP I 256 -23.03 27.04 -21.30
N PHE I 257 -21.85 26.88 -20.73
CA PHE I 257 -20.70 26.24 -21.36
C PHE I 257 -20.08 25.27 -20.35
N PRO I 258 -19.37 24.25 -20.84
CA PRO I 258 -18.73 23.30 -19.91
C PRO I 258 -17.76 24.00 -18.97
N PHE I 259 -17.76 23.56 -17.71
CA PHE I 259 -16.92 24.14 -16.67
C PHE I 259 -16.83 23.17 -15.52
N MET I 260 -15.70 23.20 -14.81
CA MET I 260 -15.49 22.34 -13.65
C MET I 260 -14.83 23.12 -12.53
N PRO I 261 -15.50 23.29 -11.39
CA PRO I 261 -14.90 24.01 -10.27
C PRO I 261 -13.77 23.21 -9.65
N GLU I 262 -12.89 23.94 -8.96
CA GLU I 262 -11.74 23.32 -8.33
C GLU I 262 -12.19 22.39 -7.19
N PRO I 263 -11.50 21.27 -7.00
CA PRO I 263 -11.83 20.38 -5.89
C PRO I 263 -11.59 21.04 -4.55
N ALA I 264 -12.36 20.63 -3.55
CA ALA I 264 -12.29 21.22 -2.21
C ALA I 264 -11.14 20.61 -1.39
N HIS I 265 -9.94 20.65 -1.95
CA HIS I 265 -8.76 20.14 -1.26
C HIS I 265 -7.91 21.24 -0.63
N ASP I 266 -7.87 22.43 -1.24
CA ASP I 266 -7.11 23.54 -0.72
C ASP I 266 -8.04 24.53 -0.02
N ASP I 267 -7.48 25.28 0.93
CA ASP I 267 -8.27 26.26 1.66
C ASP I 267 -8.78 27.38 0.77
N ASP I 268 -8.07 27.68 -0.31
CA ASP I 268 -8.45 28.73 -1.25
C ASP I 268 -8.87 28.06 -2.56
N TYR I 269 -10.16 27.71 -2.64
CA TYR I 269 -10.71 27.12 -3.85
C TYR I 269 -11.98 27.81 -4.32
N ILE I 270 -12.32 28.96 -3.74
CA ILE I 270 -13.47 29.75 -4.20
C ILE I 270 -13.03 30.91 -5.07
N LYS I 271 -12.02 31.67 -4.63
CA LYS I 271 -11.50 32.75 -5.44
C LYS I 271 -10.94 32.22 -6.75
N THR I 272 -10.22 31.10 -6.70
CA THR I 272 -9.64 30.52 -7.91
C THR I 272 -10.73 30.12 -8.90
N THR I 273 -11.79 29.46 -8.42
CA THR I 273 -12.82 29.00 -9.33
C THR I 273 -13.64 30.17 -9.88
N ILE I 274 -13.81 31.23 -9.10
CA ILE I 274 -14.52 32.41 -9.62
C ILE I 274 -13.71 33.09 -10.72
N MET I 275 -12.40 33.26 -10.49
CA MET I 275 -11.55 33.85 -11.52
C MET I 275 -11.53 32.98 -12.77
N ARG I 276 -11.43 31.65 -12.58
CA ARG I 276 -11.43 30.75 -13.73
C ARG I 276 -12.77 30.81 -14.47
N LEU I 277 -13.88 30.94 -13.74
CA LEU I 277 -15.18 31.09 -14.38
C LEU I 277 -15.24 32.35 -15.23
N GLY I 278 -14.77 33.47 -14.67
CA GLY I 278 -14.77 34.71 -15.45
C GLY I 278 -13.93 34.60 -16.71
N LYS I 279 -12.72 34.07 -16.58
CA LYS I 279 -11.86 33.94 -17.75
C LYS I 279 -12.40 32.95 -18.77
N ALA I 280 -13.01 31.86 -18.30
CA ALA I 280 -13.60 30.89 -19.21
C ALA I 280 -14.78 31.48 -19.97
N LYS I 281 -15.62 32.27 -19.28
CA LYS I 281 -16.70 32.96 -19.98
C LYS I 281 -16.14 33.93 -21.01
N GLY I 282 -15.05 34.61 -20.66
CA GLY I 282 -14.43 35.52 -21.62
C GLY I 282 -13.90 34.81 -22.85
N VAL I 283 -13.28 33.64 -22.65
CA VAL I 283 -12.54 33.00 -23.74
C VAL I 283 -13.44 32.11 -24.58
N LEU I 284 -14.47 31.51 -23.99
CA LEU I 284 -15.30 30.54 -24.68
C LEU I 284 -16.54 31.16 -25.33
N ASN I 285 -16.69 32.47 -25.27
CA ASN I 285 -17.82 33.19 -25.88
C ASN I 285 -19.14 32.69 -25.32
N GLY I 286 -19.25 32.76 -23.99
CA GLY I 286 -20.47 32.39 -23.30
C GLY I 286 -21.45 33.55 -23.19
N ASN I 287 -22.59 33.26 -22.57
CA ASN I 287 -23.62 34.28 -22.39
C ASN I 287 -24.27 34.22 -21.01
N LEU I 288 -23.82 33.34 -20.13
CA LEU I 288 -24.42 33.22 -18.80
C LEU I 288 -23.42 32.53 -17.88
N ALA I 289 -23.14 33.15 -16.74
CA ALA I 289 -22.22 32.58 -15.76
C ALA I 289 -22.55 33.17 -14.38
N LYS I 290 -23.12 32.36 -13.50
CA LYS I 290 -23.50 32.81 -12.17
C LYS I 290 -22.89 31.88 -11.12
N ALA I 291 -22.58 32.45 -9.96
CA ALA I 291 -21.96 31.72 -8.87
C ALA I 291 -22.66 32.00 -7.56
N TYR I 292 -22.78 30.98 -6.73
CA TYR I 292 -23.34 31.08 -5.39
C TYR I 292 -22.40 30.40 -4.41
N VAL I 293 -22.18 31.05 -3.27
CA VAL I 293 -21.20 30.59 -2.28
C VAL I 293 -21.86 30.57 -0.91
N ILE I 294 -21.71 29.45 -0.20
CA ILE I 294 -22.12 29.33 1.19
C ILE I 294 -20.87 29.05 2.00
N ASN I 295 -20.58 29.92 2.97
CA ASN I 295 -19.36 29.84 3.76
C ASN I 295 -19.72 29.89 5.24
N ASN I 296 -19.15 28.95 6.00
CA ASN I 296 -19.35 28.91 7.44
C ASN I 296 -18.05 28.73 8.22
N GLU I 297 -16.90 28.80 7.56
CA GLU I 297 -15.60 28.62 8.21
C GLU I 297 -14.72 29.84 8.14
N GLY I 298 -15.20 30.94 7.57
CA GLY I 298 -14.46 32.18 7.53
C GLY I 298 -13.19 32.14 6.69
N ILE I 299 -13.28 31.56 5.50
CA ILE I 299 -12.15 31.53 4.57
C ILE I 299 -12.37 32.59 3.51
N GLU I 300 -11.32 32.87 2.73
CA GLU I 300 -11.38 33.90 1.71
C GLU I 300 -12.38 33.52 0.63
N VAL I 301 -13.15 34.52 0.17
CA VAL I 301 -14.17 34.29 -0.84
C VAL I 301 -13.86 35.13 -2.08
N GLY I 302 -13.82 36.45 -1.90
CA GLY I 302 -13.57 37.34 -3.02
C GLY I 302 -14.45 38.57 -3.00
N GLU I 303 -14.77 39.11 -4.18
CA GLU I 303 -15.60 40.30 -4.30
C GLU I 303 -16.65 40.08 -5.37
N GLY I 304 -17.78 40.76 -5.21
CA GLY I 304 -18.87 40.64 -6.16
C GLY I 304 -19.46 39.24 -6.26
N VAL I 305 -19.64 38.58 -5.13
CA VAL I 305 -20.14 37.21 -5.09
C VAL I 305 -21.36 37.17 -4.19
N THR I 306 -22.44 36.55 -4.68
CA THR I 306 -23.64 36.38 -3.88
C THR I 306 -23.38 35.41 -2.73
N VAL I 307 -23.79 35.78 -1.53
CA VAL I 307 -23.58 34.98 -0.33
C VAL I 307 -24.94 34.58 0.21
N LEU I 308 -25.14 33.28 0.40
CA LEU I 308 -26.38 32.73 0.92
C LEU I 308 -26.18 32.32 2.38
N SER I 309 -27.24 31.76 2.97
CA SER I 309 -27.21 31.33 4.36
C SER I 309 -27.47 29.84 4.54
N THR I 310 -28.46 29.29 3.84
CA THR I 310 -28.81 27.88 3.96
C THR I 310 -28.80 27.25 2.58
N VAL I 311 -29.24 26.00 2.50
CA VAL I 311 -29.30 25.30 1.22
C VAL I 311 -30.65 25.49 0.54
N GLU I 312 -31.73 25.67 1.30
CA GLU I 312 -33.05 25.85 0.73
C GLU I 312 -33.11 27.11 -0.14
N ASP I 313 -32.44 28.18 0.31
CA ASP I 313 -32.36 29.40 -0.51
C ASP I 313 -31.67 29.12 -1.84
N LEU I 314 -30.60 28.33 -1.81
CA LEU I 314 -29.91 27.97 -3.04
C LEU I 314 -30.82 27.17 -3.98
N VAL I 315 -31.59 26.24 -3.42
CA VAL I 315 -32.49 25.44 -4.25
C VAL I 315 -33.56 26.32 -4.87
N VAL I 316 -34.12 27.25 -4.08
CA VAL I 316 -35.14 28.16 -4.60
C VAL I 316 -34.56 29.03 -5.70
N LYS I 317 -33.35 29.56 -5.50
CA LYS I 317 -32.73 30.39 -6.51
C LYS I 317 -32.46 29.62 -7.79
N LEU I 318 -32.00 28.37 -7.67
CA LEU I 318 -31.78 27.55 -8.85
C LEU I 318 -33.08 27.27 -9.59
N GLU I 319 -34.16 27.00 -8.84
CA GLU I 319 -35.45 26.76 -9.48
C GLU I 319 -35.96 28.00 -10.21
N GLU I 320 -35.82 29.17 -9.59
CA GLU I 320 -36.37 30.40 -10.18
C GLU I 320 -35.66 30.74 -11.48
N MET J 1 58.12 -15.47 -37.47
CA MET J 1 56.78 -15.39 -38.00
C MET J 1 55.79 -14.94 -36.94
N ILE J 2 54.57 -14.61 -37.38
CA ILE J 2 53.49 -14.17 -36.50
C ILE J 2 52.27 -15.05 -36.77
N SER J 3 51.69 -15.59 -35.71
CA SER J 3 50.47 -16.38 -35.81
C SER J 3 49.44 -15.83 -34.83
N GLY J 4 48.18 -15.93 -35.18
CA GLY J 4 47.14 -15.37 -34.33
C GLY J 4 45.85 -16.16 -34.39
N SER J 5 45.19 -16.24 -33.24
CA SER J 5 43.84 -16.80 -33.13
C SER J 5 42.98 -15.82 -32.35
N VAL J 6 41.83 -15.45 -32.91
CA VAL J 6 41.00 -14.38 -32.39
C VAL J 6 39.55 -14.86 -32.33
N ARG J 7 38.85 -14.42 -31.29
CA ARG J 7 37.44 -14.74 -31.08
C ARG J 7 36.62 -13.45 -31.12
N PHE J 8 35.52 -13.47 -31.85
CA PHE J 8 34.70 -12.30 -32.09
C PHE J 8 33.26 -12.54 -31.68
N LEU J 9 32.54 -11.44 -31.42
CA LEU J 9 31.11 -11.49 -31.12
C LEU J 9 30.43 -10.41 -31.94
N VAL J 10 29.51 -10.80 -32.82
CA VAL J 10 28.88 -9.90 -33.77
C VAL J 10 27.37 -10.07 -33.67
N ASN J 11 26.64 -8.95 -33.73
CA ASN J 11 25.19 -8.95 -33.61
C ASN J 11 24.56 -8.15 -34.75
N LEU J 12 23.45 -8.68 -35.28
CA LEU J 12 22.65 -8.03 -36.31
C LEU J 12 23.52 -7.57 -37.49
N GLU J 13 24.05 -8.58 -38.18
CA GLU J 13 25.10 -8.42 -39.17
C GLU J 13 24.72 -9.06 -40.50
N SER J 14 25.12 -8.40 -41.59
CA SER J 14 25.03 -8.97 -42.93
C SER J 14 26.18 -8.38 -43.75
N LEU J 15 27.31 -9.10 -43.77
CA LEU J 15 28.51 -8.64 -44.45
C LEU J 15 28.81 -9.37 -45.75
N ASN J 16 28.56 -10.67 -45.81
CA ASN J 16 28.89 -11.48 -46.98
C ASN J 16 27.61 -12.08 -47.55
N GLY J 17 27.11 -11.48 -48.63
CA GLY J 17 25.96 -12.00 -49.32
C GLY J 17 26.32 -13.07 -50.33
N VAL J 18 25.28 -13.63 -50.96
CA VAL J 18 25.43 -14.66 -51.97
C VAL J 18 24.41 -14.38 -53.07
N GLU J 19 24.35 -15.27 -54.05
CA GLU J 19 23.47 -15.11 -55.20
C GLU J 19 22.04 -14.82 -54.78
N SER J 20 21.45 -13.81 -55.41
CA SER J 20 20.09 -13.38 -55.09
C SER J 20 19.07 -14.22 -55.84
N ILE J 21 18.01 -14.61 -55.15
CA ILE J 21 16.92 -15.38 -55.73
C ILE J 21 15.65 -14.57 -55.60
N GLY J 22 14.97 -14.33 -56.73
CA GLY J 22 13.76 -13.53 -56.74
C GLY J 22 14.02 -12.10 -56.32
N ASN J 23 13.53 -11.72 -55.14
CA ASN J 23 13.77 -10.41 -54.56
C ASN J 23 14.39 -10.53 -53.17
N LEU J 24 15.24 -11.53 -53.00
CA LEU J 24 15.82 -11.86 -51.70
C LEU J 24 17.34 -11.92 -51.80
N THR J 25 18.01 -11.34 -50.81
CA THR J 25 19.46 -11.43 -50.67
C THR J 25 19.76 -12.40 -49.54
N LYS J 26 20.56 -13.43 -49.83
CA LYS J 26 20.80 -14.52 -48.90
C LYS J 26 22.20 -14.44 -48.33
N HIS J 27 22.36 -14.99 -47.13
CA HIS J 27 23.63 -15.05 -46.45
C HIS J 27 24.37 -16.33 -46.82
N ARG J 28 25.67 -16.36 -46.55
CA ARG J 28 26.51 -17.50 -46.85
C ARG J 28 26.53 -18.46 -45.67
N THR J 29 26.11 -19.70 -45.91
CA THR J 29 26.03 -20.71 -44.87
C THR J 29 26.75 -21.98 -45.32
N ALA J 30 27.20 -22.75 -44.34
CA ALA J 30 27.87 -24.03 -44.56
C ALA J 30 27.26 -25.10 -43.66
N PRO J 31 27.31 -26.36 -44.07
CA PRO J 31 26.76 -27.43 -43.24
C PRO J 31 27.75 -27.93 -42.20
N VAL J 32 27.22 -28.25 -41.03
CA VAL J 32 28.00 -28.86 -39.95
C VAL J 32 27.21 -30.02 -39.40
N VAL J 33 27.91 -30.97 -38.80
CA VAL J 33 27.31 -32.14 -38.18
C VAL J 33 27.56 -32.07 -36.68
N LEU J 34 26.49 -32.16 -35.90
CA LEU J 34 26.55 -32.04 -34.45
C LEU J 34 26.16 -33.38 -33.85
N LYS J 35 26.89 -33.80 -32.81
CA LYS J 35 26.70 -35.09 -32.16
C LYS J 35 25.72 -34.96 -31.01
N THR J 36 24.71 -35.84 -30.98
CA THR J 36 23.74 -35.87 -29.90
C THR J 36 23.66 -37.29 -29.37
N SER J 37 22.99 -37.43 -28.21
CA SER J 37 22.77 -38.75 -27.65
C SER J 37 21.91 -39.61 -28.58
N THR J 38 20.86 -39.02 -29.16
CA THR J 38 20.04 -39.74 -30.12
C THR J 38 20.83 -40.10 -31.38
N GLY J 39 21.65 -39.18 -31.85
CA GLY J 39 22.44 -39.41 -33.05
C GLY J 39 23.15 -38.19 -33.57
N TYR J 40 23.03 -37.92 -34.87
CA TYR J 40 23.70 -36.80 -35.52
C TYR J 40 22.66 -35.87 -36.12
N LEU J 41 22.95 -34.57 -36.10
CA LEU J 41 22.08 -33.56 -36.68
C LEU J 41 22.88 -32.67 -37.62
N VAL J 42 22.34 -32.44 -38.82
CA VAL J 42 22.98 -31.59 -39.82
C VAL J 42 22.36 -30.22 -39.74
N ARG J 43 23.18 -29.19 -39.51
CA ARG J 43 22.70 -27.83 -39.34
C ARG J 43 23.47 -26.88 -40.25
N TYR J 44 22.76 -25.90 -40.79
CA TYR J 44 23.36 -24.88 -41.66
C TYR J 44 23.70 -23.67 -40.82
N VAL J 45 24.96 -23.23 -40.90
CA VAL J 45 25.48 -22.19 -40.01
C VAL J 45 26.11 -21.09 -40.87
N PRO J 46 25.84 -19.81 -40.58
CA PRO J 46 26.43 -18.75 -41.39
C PRO J 46 27.94 -18.68 -41.26
N VAL J 47 28.59 -18.25 -42.34
CA VAL J 47 30.04 -18.14 -42.42
C VAL J 47 30.40 -16.87 -43.18
N ILE J 48 31.66 -16.48 -43.10
CA ILE J 48 32.22 -15.37 -43.87
C ILE J 48 33.48 -15.87 -44.57
N SER J 49 33.57 -15.63 -45.88
CA SER J 49 34.66 -16.15 -46.67
C SER J 49 35.97 -15.41 -46.37
N GLY J 50 37.07 -16.00 -46.82
CA GLY J 50 38.39 -15.45 -46.64
C GLY J 50 38.87 -14.50 -47.70
N GLU J 51 38.03 -14.15 -48.67
CA GLU J 51 38.40 -13.21 -49.71
C GLU J 51 38.08 -11.77 -49.33
N ALA J 52 36.96 -11.55 -48.63
CA ALA J 52 36.63 -10.20 -48.18
C ALA J 52 37.67 -9.69 -47.19
N LEU J 53 38.15 -10.56 -46.31
CA LEU J 53 39.19 -10.17 -45.37
C LEU J 53 40.47 -9.77 -46.10
N ALA J 54 40.84 -10.54 -47.14
CA ALA J 54 42.03 -10.20 -47.92
C ALA J 54 41.85 -8.86 -48.64
N HIS J 55 40.65 -8.63 -49.18
CA HIS J 55 40.39 -7.36 -49.85
C HIS J 55 40.51 -6.19 -48.88
N ALA J 56 39.93 -6.34 -47.69
CA ALA J 56 40.02 -5.27 -46.69
C ALA J 56 41.47 -5.04 -46.26
N TYR J 57 42.22 -6.12 -46.07
CA TYR J 57 43.63 -5.98 -45.68
C TYR J 57 44.42 -5.27 -46.77
N GLN J 58 44.20 -5.62 -48.03
CA GLN J 58 44.93 -4.98 -49.12
C GLN J 58 44.56 -3.51 -49.25
N ALA J 59 43.27 -3.19 -49.08
CA ALA J 59 42.87 -1.78 -49.14
C ALA J 59 43.50 -0.98 -48.02
N SER J 60 43.53 -1.54 -46.80
CA SER J 60 44.15 -0.84 -45.68
C SER J 60 45.65 -0.67 -45.92
N LEU J 61 46.31 -1.69 -46.47
CA LEU J 61 47.73 -1.58 -46.78
C LEU J 61 47.98 -0.50 -47.83
N VAL J 62 47.11 -0.41 -48.84
CA VAL J 62 47.25 0.65 -49.85
C VAL J 62 47.13 2.02 -49.19
N ASP J 63 46.12 2.19 -48.33
CA ASP J 63 45.90 3.47 -47.67
C ASP J 63 47.09 3.86 -46.80
N ILE J 64 47.64 2.89 -46.07
CA ILE J 64 48.79 3.18 -45.20
C ILE J 64 50.03 3.49 -46.04
N ALA J 65 50.24 2.74 -47.12
CA ALA J 65 51.45 2.89 -47.92
C ALA J 65 51.47 4.21 -48.68
N LYS J 66 50.32 4.64 -49.20
CA LYS J 66 50.30 5.89 -49.95
C LYS J 66 50.61 7.10 -49.08
N LYS J 67 50.45 6.97 -47.77
CA LYS J 67 50.79 8.07 -46.86
C LYS J 67 52.30 8.16 -46.65
N GLU J 68 53.01 7.05 -46.67
CA GLU J 68 54.45 7.02 -46.42
C GLU J 68 55.28 7.16 -47.68
N GLY J 69 54.65 7.26 -48.85
CA GLY J 69 55.38 7.44 -50.09
C GLY J 69 55.89 6.19 -50.76
N LEU J 70 55.53 5.01 -50.26
CA LEU J 70 55.94 3.78 -50.90
C LEU J 70 55.28 3.65 -52.28
N PRO J 71 55.95 3.02 -53.24
CA PRO J 71 55.38 2.91 -54.59
C PRO J 71 54.09 2.13 -54.60
N VAL J 72 53.13 2.59 -55.39
CA VAL J 72 51.83 1.96 -55.54
C VAL J 72 51.47 1.93 -57.02
N GLY J 73 50.95 0.80 -57.49
CA GLY J 73 50.61 0.66 -58.89
C GLY J 73 49.44 1.53 -59.30
N SER J 74 49.33 1.74 -60.61
CA SER J 74 48.28 2.60 -61.15
C SER J 74 46.90 1.98 -60.94
N LEU J 75 46.73 0.71 -61.32
CA LEU J 75 45.45 0.05 -61.13
C LEU J 75 45.20 -0.34 -59.69
N SER J 76 46.24 -0.32 -58.85
CA SER J 76 46.06 -0.62 -57.43
C SER J 76 45.78 0.63 -56.61
N SER J 77 46.14 1.81 -57.12
CA SER J 77 45.72 3.04 -56.48
C SER J 77 44.21 3.15 -56.46
N GLN J 78 43.56 2.88 -57.58
CA GLN J 78 42.15 2.57 -57.58
C GLN J 78 41.93 1.21 -56.93
N TYR J 79 40.84 1.08 -56.19
CA TYR J 79 40.60 -0.16 -55.46
C TYR J 79 40.15 -1.26 -56.42
N GLU J 80 41.06 -1.67 -57.31
CA GLU J 80 40.79 -2.71 -58.32
C GLU J 80 42.03 -3.60 -58.36
N PHE J 81 42.01 -4.67 -57.57
CA PHE J 81 43.18 -5.51 -57.38
C PHE J 81 43.26 -6.61 -58.45
N ILE J 82 43.28 -6.17 -59.70
CA ILE J 82 43.53 -7.10 -60.80
C ILE J 82 44.99 -7.55 -60.80
N LYS J 83 45.91 -6.66 -60.41
CA LYS J 83 47.35 -6.92 -60.39
C LYS J 83 47.89 -7.26 -61.77
N PHE J 84 49.20 -7.45 -61.88
CA PHE J 84 49.86 -7.60 -63.18
C PHE J 84 49.64 -9.03 -63.65
N SER J 85 48.45 -9.28 -64.18
CA SER J 85 48.03 -10.63 -64.58
C SER J 85 48.17 -10.85 -66.09
N THR J 86 47.53 -10.01 -66.89
CA THR J 86 47.53 -10.17 -68.34
C THR J 86 48.23 -8.98 -69.00
N ASP J 87 48.33 -9.04 -70.34
CA ASP J 87 49.05 -8.02 -71.08
C ASP J 87 48.39 -6.66 -70.94
N GLU J 88 47.06 -6.62 -70.89
CA GLU J 88 46.36 -5.34 -70.75
C GLU J 88 46.71 -4.67 -69.43
N ALA J 89 46.85 -5.43 -68.35
CA ALA J 89 47.26 -4.85 -67.08
C ALA J 89 48.66 -4.27 -67.15
N LEU J 90 49.58 -4.98 -67.81
CA LEU J 90 50.96 -4.49 -67.91
C LEU J 90 51.05 -3.27 -68.82
N LYS J 91 50.16 -3.15 -69.80
CA LYS J 91 50.23 -2.01 -70.73
C LYS J 91 50.01 -0.69 -70.01
N ILE J 92 49.05 -0.65 -69.08
CA ILE J 92 48.76 0.59 -68.37
C ILE J 92 49.93 1.00 -67.49
N GLU J 93 50.52 0.04 -66.77
CA GLU J 93 51.61 0.36 -65.85
C GLU J 93 52.90 0.66 -66.58
N GLY J 94 53.16 -0.03 -67.70
CA GLY J 94 54.37 0.21 -68.47
C GLY J 94 55.52 -0.71 -68.10
N ILE J 95 55.27 -2.01 -68.10
CA ILE J 95 56.30 -3.01 -67.83
C ILE J 95 56.38 -3.96 -69.01
N LYS J 96 57.58 -4.18 -69.51
CA LYS J 96 57.80 -5.15 -70.58
C LYS J 96 57.66 -6.56 -70.05
N GLU J 97 57.07 -7.43 -70.88
CA GLU J 97 56.85 -8.81 -70.49
C GLU J 97 58.18 -9.56 -70.39
N PRO J 98 58.24 -10.61 -69.57
CA PRO J 98 59.47 -11.40 -69.48
C PRO J 98 59.83 -12.04 -70.80
N LYS J 99 61.13 -12.13 -71.06
CA LYS J 99 61.60 -12.68 -72.33
C LYS J 99 61.57 -14.21 -72.32
N ASP J 100 62.27 -14.82 -71.37
CA ASP J 100 62.31 -16.27 -71.27
C ASP J 100 62.36 -16.65 -69.79
N TYR J 101 62.60 -17.93 -69.52
CA TYR J 101 62.64 -18.40 -68.14
C TYR J 101 63.81 -17.77 -67.38
N ASN J 102 64.98 -17.70 -68.02
CA ASN J 102 66.18 -17.21 -67.33
C ASN J 102 66.03 -15.77 -66.88
N ASP J 103 65.25 -14.97 -67.61
CA ASP J 103 65.03 -13.58 -67.26
C ASP J 103 63.89 -13.39 -66.26
N ALA J 104 63.17 -14.47 -65.93
CA ALA J 104 61.95 -14.34 -65.13
C ALA J 104 62.19 -13.57 -63.85
N ARG J 105 63.25 -13.93 -63.11
CA ARG J 105 63.55 -13.25 -61.86
C ARG J 105 63.58 -11.74 -62.04
N ARG J 106 64.29 -11.27 -63.09
CA ARG J 106 64.37 -9.84 -63.34
C ARG J 106 62.98 -9.22 -63.39
N PHE J 107 62.09 -9.81 -64.20
CA PHE J 107 60.73 -9.30 -64.30
C PHE J 107 60.11 -9.16 -62.92
N GLU J 108 60.20 -10.22 -62.12
CA GLU J 108 59.64 -10.19 -60.78
C GLU J 108 60.14 -8.96 -60.02
N VAL J 109 61.46 -8.76 -60.01
CA VAL J 109 62.03 -7.65 -59.26
C VAL J 109 61.43 -6.33 -59.75
N GLU J 110 61.33 -6.17 -61.07
CA GLU J 110 60.74 -4.95 -61.61
C GLU J 110 59.33 -4.78 -61.09
N VAL J 111 58.51 -5.82 -61.19
CA VAL J 111 57.17 -5.76 -60.63
C VAL J 111 57.25 -5.49 -59.14
N MET J 112 58.17 -6.18 -58.46
CA MET J 112 58.31 -6.04 -57.02
C MET J 112 58.68 -4.62 -56.63
N LEU J 113 59.20 -3.83 -57.58
CA LEU J 113 59.56 -2.45 -57.29
C LEU J 113 58.49 -1.46 -57.74
N LYS J 114 57.57 -1.87 -58.61
CA LYS J 114 56.57 -0.94 -59.11
C LYS J 114 55.24 -1.03 -58.37
N ASP J 115 55.10 -1.98 -57.44
CA ASP J 115 53.84 -2.14 -56.71
C ASP J 115 54.11 -2.92 -55.44
N VAL J 116 53.85 -2.30 -54.29
CA VAL J 116 54.05 -2.98 -53.02
C VAL J 116 53.03 -4.11 -52.85
N ILE J 117 51.80 -3.89 -53.30
CA ILE J 117 50.74 -4.89 -53.12
C ILE J 117 51.10 -6.17 -53.85
N ALA J 118 51.73 -6.07 -55.01
CA ALA J 118 52.17 -7.26 -55.72
C ALA J 118 53.22 -8.03 -54.94
N ASP J 119 53.93 -7.38 -54.02
CA ASP J 119 54.93 -8.05 -53.21
C ASP J 119 54.28 -8.76 -52.02
N VAL J 120 53.65 -8.00 -51.13
CA VAL J 120 53.06 -8.60 -49.93
C VAL J 120 51.85 -9.46 -50.31
N GLY J 121 50.95 -8.91 -51.14
CA GLY J 121 49.77 -9.66 -51.51
C GLY J 121 50.07 -10.85 -52.41
N GLY J 122 51.04 -10.70 -53.30
CA GLY J 122 51.37 -11.73 -54.26
C GLY J 122 50.65 -11.54 -55.57
N PHE J 123 51.24 -12.09 -56.63
CA PHE J 123 50.72 -11.93 -57.98
C PHE J 123 51.00 -13.18 -58.79
N MET J 124 50.22 -13.36 -59.85
CA MET J 124 50.44 -14.43 -60.82
C MET J 124 50.27 -13.85 -62.21
N TYR J 125 51.22 -14.17 -63.10
CA TYR J 125 51.19 -13.71 -64.49
C TYR J 125 51.08 -14.93 -65.39
N ALA J 126 49.95 -15.06 -66.07
CA ALA J 126 49.75 -16.14 -67.03
C ALA J 126 50.38 -15.78 -68.36
N GLY J 127 50.98 -16.76 -69.01
CA GLY J 127 51.60 -16.55 -70.30
C GLY J 127 52.59 -17.65 -70.62
N GLY J 128 53.44 -17.37 -71.61
CA GLY J 128 54.45 -18.34 -72.00
C GLY J 128 55.46 -18.64 -70.92
N ALA J 129 55.82 -17.64 -70.12
CA ALA J 129 56.78 -17.78 -69.03
C ALA J 129 56.14 -17.27 -67.74
N PRO J 130 55.32 -18.10 -67.10
CA PRO J 130 54.60 -17.64 -65.90
C PRO J 130 55.55 -17.36 -64.75
N VAL J 131 55.16 -16.40 -63.91
CA VAL J 131 55.87 -16.05 -62.69
C VAL J 131 54.89 -16.12 -61.53
N ARG J 132 55.37 -16.56 -60.37
CA ARG J 132 54.52 -16.78 -59.21
C ARG J 132 55.07 -16.05 -57.99
N ARG J 133 54.16 -15.76 -57.06
CA ARG J 133 54.55 -15.18 -55.77
C ARG J 133 53.42 -15.48 -54.78
N THR J 134 53.70 -16.32 -53.79
CA THR J 134 52.72 -16.68 -52.79
C THR J 134 52.49 -15.51 -51.82
N SER J 135 51.26 -15.36 -51.37
CA SER J 135 50.91 -14.29 -50.46
C SER J 135 51.65 -14.44 -49.14
N ARG J 136 52.06 -13.30 -48.57
CA ARG J 136 52.74 -13.29 -47.29
C ARG J 136 51.78 -13.32 -46.11
N ILE J 137 50.50 -13.09 -46.33
CA ILE J 137 49.49 -13.16 -45.28
C ILE J 137 48.50 -14.25 -45.64
N LYS J 138 48.20 -15.13 -44.68
CA LYS J 138 47.28 -16.24 -44.88
C LYS J 138 46.12 -16.09 -43.91
N LEU J 139 44.91 -16.11 -44.45
CA LEU J 139 43.68 -15.94 -43.69
C LEU J 139 42.76 -17.12 -43.94
N GLY J 140 41.90 -17.41 -42.96
CA GLY J 140 40.98 -18.51 -43.05
C GLY J 140 39.54 -18.06 -42.96
N TYR J 141 38.64 -19.00 -43.18
CA TYR J 141 37.21 -18.72 -43.12
C TYR J 141 36.80 -18.39 -41.68
N MET J 142 35.81 -17.51 -41.56
CA MET J 142 35.26 -17.13 -40.27
C MET J 142 34.04 -18.00 -39.98
N ILE J 143 34.19 -18.95 -39.07
CA ILE J 143 33.12 -19.88 -38.71
C ILE J 143 32.90 -19.81 -37.20
N PRO J 144 31.66 -19.71 -36.74
CA PRO J 144 31.43 -19.66 -35.29
C PRO J 144 31.82 -20.96 -34.61
N ALA J 145 32.22 -20.84 -33.35
CA ALA J 145 32.78 -21.97 -32.62
C ALA J 145 31.73 -23.05 -32.42
N LEU J 146 32.11 -24.29 -32.69
CA LEU J 146 31.26 -25.46 -32.43
C LEU J 146 31.67 -26.02 -31.06
N ARG J 147 31.18 -25.36 -30.01
CA ARG J 147 31.54 -25.67 -28.64
C ARG J 147 30.32 -26.17 -27.88
N GLY J 148 30.52 -27.23 -27.10
CA GLY J 148 29.41 -27.80 -26.36
C GLY J 148 28.46 -28.55 -27.26
N ASP J 149 27.17 -28.51 -26.92
CA ASP J 149 26.13 -29.20 -27.67
C ASP J 149 25.15 -28.22 -28.30
N GLU J 150 25.54 -26.95 -28.41
CA GLU J 150 24.67 -25.92 -28.98
C GLU J 150 25.50 -25.01 -29.87
N ILE J 151 24.92 -24.62 -31.00
CA ILE J 151 25.55 -23.69 -31.93
C ILE J 151 25.01 -22.30 -31.66
N PRO J 152 25.82 -21.35 -31.20
CA PRO J 152 25.33 -19.98 -30.91
C PRO J 152 25.29 -19.11 -32.16
N ALA J 153 24.39 -19.43 -33.07
CA ALA J 153 24.23 -18.67 -34.31
C ALA J 153 22.81 -18.80 -34.80
N GLN J 154 22.29 -17.72 -35.40
CA GLN J 154 20.94 -17.70 -35.96
C GLN J 154 20.97 -16.96 -37.28
N LEU J 155 19.84 -17.00 -37.99
CA LEU J 155 19.73 -16.37 -39.30
C LEU J 155 18.25 -16.17 -39.61
N GLU J 156 17.84 -14.91 -39.76
CA GLU J 156 16.45 -14.58 -40.01
C GLU J 156 16.34 -13.69 -41.23
N ALA J 157 15.13 -13.59 -41.78
CA ALA J 157 14.84 -12.76 -42.94
C ALA J 157 14.04 -11.54 -42.50
N GLN J 158 14.44 -10.37 -42.98
CA GLN J 158 13.80 -9.10 -42.65
C GLN J 158 13.18 -8.50 -43.91
N PHE J 159 12.02 -7.88 -43.73
CA PHE J 159 11.17 -7.38 -44.80
C PHE J 159 11.28 -5.86 -44.86
N HIS J 160 11.57 -5.32 -46.05
CA HIS J 160 11.76 -3.88 -46.20
C HIS J 160 10.98 -3.38 -47.41
N VAL J 161 10.49 -2.14 -47.30
CA VAL J 161 9.60 -1.53 -48.28
C VAL J 161 10.07 -0.11 -48.55
N ARG J 162 9.96 0.30 -49.81
CA ARG J 162 10.22 1.67 -50.23
C ARG J 162 8.90 2.39 -50.50
N PHE J 163 8.82 3.64 -50.06
CA PHE J 163 7.59 4.42 -50.14
C PHE J 163 7.55 5.23 -51.42
N SER J 164 6.41 5.16 -52.12
CA SER J 164 6.19 5.94 -53.33
C SER J 164 4.76 6.46 -53.33
N ASN J 165 4.57 7.64 -53.94
CA ASN J 165 3.27 8.28 -53.98
C ASN J 165 2.37 7.75 -55.10
N LYS J 166 2.93 7.02 -56.06
CA LYS J 166 2.17 6.48 -57.19
C LYS J 166 2.48 4.99 -57.31
N PRO J 167 1.87 4.17 -56.45
CA PRO J 167 2.14 2.72 -56.52
C PRO J 167 1.72 2.14 -57.86
N VAL J 168 2.53 1.21 -58.36
CA VAL J 168 2.26 0.55 -59.63
C VAL J 168 2.45 -0.95 -59.49
N ALA J 173 9.31 -2.32 -54.90
CA ALA J 173 9.03 -1.58 -53.68
C ALA J 173 9.09 -2.49 -52.46
N ILE J 174 9.50 -3.74 -52.68
CA ILE J 174 9.57 -4.75 -51.64
C ILE J 174 10.84 -5.56 -51.82
N PHE J 175 11.55 -5.80 -50.71
CA PHE J 175 12.71 -6.69 -50.75
C PHE J 175 12.93 -7.30 -49.37
N ASN J 176 13.78 -8.32 -49.33
CA ASN J 176 14.09 -9.04 -48.11
C ASN J 176 15.60 -9.19 -47.97
N VAL J 177 16.07 -9.11 -46.72
CA VAL J 177 17.50 -9.19 -46.43
C VAL J 177 17.70 -10.15 -45.25
N GLU J 178 18.70 -11.01 -45.36
CA GLU J 178 19.00 -11.97 -44.30
C GLU J 178 20.00 -11.37 -43.31
N VAL J 179 19.69 -11.50 -42.03
CA VAL J 179 20.50 -10.96 -40.95
C VAL J 179 20.85 -12.09 -39.98
N SER J 180 21.99 -11.95 -39.32
CA SER J 180 22.50 -13.01 -38.46
C SER J 180 23.20 -12.40 -37.25
N SER J 181 23.42 -13.25 -36.24
CA SER J 181 24.16 -12.86 -35.04
C SER J 181 24.81 -14.12 -34.49
N ALA J 182 26.14 -14.17 -34.51
CA ALA J 182 26.88 -15.36 -34.13
C ALA J 182 28.07 -14.99 -33.24
N LEU J 183 28.87 -15.99 -32.92
CA LEU J 183 30.09 -15.84 -32.12
C LEU J 183 31.24 -16.41 -32.94
N TYR J 184 31.94 -15.54 -33.66
CA TYR J 184 32.89 -15.97 -34.67
C TYR J 184 34.30 -16.15 -34.10
N THR J 185 35.08 -16.98 -34.79
CA THR J 185 36.48 -17.23 -34.44
C THR J 185 37.27 -17.40 -35.73
N PHE J 186 38.46 -16.81 -35.79
CA PHE J 186 39.28 -16.93 -36.99
C PHE J 186 40.76 -16.82 -36.63
N SER J 187 41.59 -17.41 -37.48
CA SER J 187 43.02 -17.47 -37.26
C SER J 187 43.77 -17.02 -38.52
N PHE J 188 44.99 -16.55 -38.32
CA PHE J 188 45.76 -15.98 -39.42
C PHE J 188 47.25 -16.19 -39.19
N GLU J 189 48.01 -16.10 -40.28
CA GLU J 189 49.46 -16.25 -40.27
C GLU J 189 50.10 -15.17 -41.13
N LEU J 190 51.27 -14.71 -40.72
CA LEU J 190 52.02 -13.71 -41.46
C LEU J 190 53.51 -13.96 -41.27
N ASP J 191 54.30 -13.74 -42.32
CA ASP J 191 55.75 -13.96 -42.27
C ASP J 191 56.45 -12.65 -42.64
N GLU J 192 56.72 -11.84 -41.62
CA GLU J 192 57.42 -10.57 -41.83
C GLU J 192 58.88 -10.75 -42.22
N ASP J 193 59.44 -11.96 -42.06
CA ASP J 193 60.83 -12.19 -42.39
C ASP J 193 61.05 -12.28 -43.90
N LEU J 194 60.06 -12.78 -44.65
CA LEU J 194 60.20 -12.97 -46.08
C LEU J 194 59.80 -11.74 -46.89
N ILE J 195 59.37 -10.66 -46.22
CA ILE J 195 58.98 -9.45 -46.94
C ILE J 195 60.22 -8.83 -47.60
N ALA J 196 60.03 -8.34 -48.83
CA ALA J 196 61.08 -7.73 -49.63
C ALA J 196 62.19 -8.71 -50.00
N VAL J 197 61.85 -9.98 -50.19
CA VAL J 197 62.80 -11.01 -50.62
C VAL J 197 62.23 -11.67 -51.86
N PRO J 198 62.98 -11.73 -52.97
CA PRO J 198 62.48 -12.41 -54.17
C PRO J 198 62.31 -13.90 -53.93
N SER J 199 61.46 -14.51 -54.74
CA SER J 199 61.09 -15.92 -54.59
C SER J 199 61.37 -16.69 -55.88
N THR J 200 62.57 -16.49 -56.43
CA THR J 200 62.99 -17.23 -57.62
C THR J 200 64.51 -17.36 -57.61
N PHE J 201 65.00 -18.58 -57.83
CA PHE J 201 66.43 -18.81 -57.89
C PHE J 201 67.05 -18.19 -59.12
N GLY J 202 68.34 -17.90 -59.03
CA GLY J 202 69.08 -17.30 -60.11
C GLY J 202 70.20 -16.45 -59.56
N GLU J 203 70.70 -15.54 -60.39
CA GLU J 203 71.74 -14.61 -60.01
C GLU J 203 71.12 -13.25 -59.71
N LYS J 204 71.75 -12.51 -58.79
CA LYS J 204 71.21 -11.24 -58.38
C LYS J 204 71.16 -10.25 -59.54
N VAL J 205 70.05 -9.53 -59.65
CA VAL J 205 69.83 -8.56 -60.71
C VAL J 205 69.87 -7.16 -60.12
N LYS J 206 70.41 -6.22 -60.89
CA LYS J 206 70.53 -4.85 -60.44
C LYS J 206 69.17 -4.30 -60.00
N GLY J 207 69.15 -3.67 -58.84
CA GLY J 207 67.92 -3.15 -58.25
C GLY J 207 67.53 -3.78 -56.94
N GLU J 208 68.24 -4.81 -56.48
CA GLU J 208 67.91 -5.44 -55.20
C GLU J 208 68.29 -4.57 -54.01
N GLU J 209 69.22 -3.63 -54.19
CA GLU J 209 69.62 -2.75 -53.11
C GLU J 209 68.47 -1.85 -52.66
N GLU J 210 67.65 -1.41 -53.62
CA GLU J 210 66.46 -0.64 -53.26
C GLU J 210 65.51 -1.46 -52.41
N LEU J 211 65.34 -2.74 -52.75
CA LEU J 211 64.50 -3.61 -51.94
C LEU J 211 65.08 -3.79 -50.55
N GLU J 212 66.40 -3.95 -50.46
CA GLU J 212 67.03 -4.07 -49.14
C GLU J 212 66.82 -2.83 -48.30
N ARG J 213 66.89 -1.65 -48.93
CA ARG J 213 66.66 -0.41 -48.20
C ARG J 213 65.20 -0.29 -47.77
N GLN J 214 64.26 -0.73 -48.60
CA GLN J 214 62.83 -0.58 -48.33
C GLN J 214 62.25 -1.71 -47.49
N LYS J 215 63.05 -2.73 -47.17
CA LYS J 215 62.55 -3.87 -46.41
C LYS J 215 61.91 -3.44 -45.08
N ALA J 216 62.60 -2.58 -44.33
CA ALA J 216 62.10 -2.20 -43.01
C ALA J 216 60.76 -1.48 -43.11
N LYS J 217 60.65 -0.53 -44.04
CA LYS J 217 59.41 0.21 -44.20
C LYS J 217 58.27 -0.71 -44.67
N ARG J 218 58.57 -1.63 -45.59
CA ARG J 218 57.54 -2.55 -46.05
C ARG J 218 57.07 -3.46 -44.92
N VAL J 219 57.99 -3.94 -44.10
CA VAL J 219 57.63 -4.78 -42.96
C VAL J 219 56.76 -4.01 -41.98
N LYS J 220 57.14 -2.75 -41.69
CA LYS J 220 56.35 -1.94 -40.77
C LYS J 220 54.95 -1.71 -41.30
N SER J 221 54.82 -1.41 -42.60
CA SER J 221 53.49 -1.20 -43.18
C SER J 221 52.66 -2.47 -43.14
N ALA J 222 53.28 -3.62 -43.45
CA ALA J 222 52.55 -4.88 -43.43
C ALA J 222 52.05 -5.20 -42.03
N ILE J 223 52.88 -4.96 -41.01
CA ILE J 223 52.45 -5.20 -39.63
C ILE J 223 51.32 -4.22 -39.26
N LYS J 224 51.45 -2.96 -39.67
CA LYS J 224 50.43 -1.97 -39.36
C LYS J 224 49.09 -2.32 -39.98
N ALA J 225 49.09 -2.94 -41.16
CA ALA J 225 47.85 -3.23 -41.85
C ALA J 225 46.98 -4.25 -41.10
N LEU J 226 47.55 -4.99 -40.14
CA LEU J 226 46.75 -5.95 -39.37
C LEU J 226 45.78 -5.26 -38.42
N TYR J 227 46.00 -3.98 -38.12
CA TYR J 227 45.12 -3.28 -37.19
C TYR J 227 43.70 -3.19 -37.73
N SER J 228 43.56 -2.95 -39.04
CA SER J 228 42.23 -2.86 -39.63
C SER J 228 41.48 -4.17 -39.51
N LEU J 229 42.14 -5.29 -39.80
CA LEU J 229 41.49 -6.59 -39.66
C LEU J 229 41.14 -6.90 -38.22
N LEU J 230 42.04 -6.57 -37.29
CA LEU J 230 41.75 -6.85 -35.88
C LEU J 230 40.78 -5.86 -35.27
N SER J 231 40.44 -4.77 -35.97
CA SER J 231 39.48 -3.80 -35.46
C SER J 231 38.09 -3.96 -36.03
N GLY J 232 37.93 -4.67 -37.15
CA GLY J 232 36.62 -4.93 -37.71
C GLY J 232 36.20 -3.98 -38.81
N ASN J 233 37.07 -3.80 -39.81
CA ASN J 233 36.80 -2.93 -40.95
C ASN J 233 36.68 -3.73 -42.24
N PHE J 234 36.02 -4.88 -42.18
CA PHE J 234 35.87 -5.77 -43.32
C PHE J 234 34.39 -5.97 -43.63
N GLY J 235 34.13 -6.56 -44.80
CA GLY J 235 32.78 -6.87 -45.21
C GLY J 235 32.07 -5.71 -45.88
N GLY J 236 30.81 -5.95 -46.22
CA GLY J 236 30.00 -4.95 -46.90
C GLY J 236 28.68 -4.66 -46.22
N LYS J 237 27.83 -3.86 -46.89
CA LYS J 237 26.53 -3.46 -46.35
C LYS J 237 26.68 -2.76 -45.00
N ARG J 238 27.70 -1.91 -44.90
CA ARG J 238 27.94 -1.15 -43.69
C ARG J 238 27.22 0.19 -43.66
N SER J 239 26.61 0.60 -44.79
CA SER J 239 25.94 1.90 -44.82
C SER J 239 24.64 1.86 -44.03
N ARG J 240 23.85 0.81 -44.20
CA ARG J 240 22.59 0.66 -43.48
C ARG J 240 22.54 -0.52 -42.52
N PHE J 241 23.46 -1.48 -42.65
CA PHE J 241 23.49 -2.64 -41.77
C PHE J 241 24.82 -2.71 -41.03
N LEU J 242 25.27 -1.58 -40.48
CA LEU J 242 26.53 -1.55 -39.76
C LEU J 242 26.48 -2.48 -38.56
N PRO J 243 27.41 -3.42 -38.43
CA PRO J 243 27.34 -4.40 -37.35
C PRO J 243 27.87 -3.82 -36.04
N SER J 244 27.88 -4.67 -35.01
CA SER J 244 28.36 -4.31 -33.68
C SER J 244 29.29 -5.42 -33.21
N MET J 245 30.60 -5.24 -33.41
CA MET J 245 31.59 -6.24 -33.09
C MET J 245 32.18 -5.99 -31.70
N LYS J 246 32.86 -7.00 -31.19
CA LYS J 246 33.50 -6.93 -29.87
C LYS J 246 34.54 -8.03 -29.79
N LEU J 247 35.63 -7.74 -29.05
CA LEU J 247 36.73 -8.69 -28.88
C LEU J 247 36.57 -9.43 -27.57
N MET J 248 36.74 -10.74 -27.61
CA MET J 248 36.63 -11.58 -26.42
C MET J 248 37.95 -12.22 -26.03
N SER J 249 38.59 -12.96 -26.94
CA SER J 249 39.85 -13.63 -26.65
C SER J 249 40.79 -13.48 -27.84
N LEU J 250 42.08 -13.37 -27.54
CA LEU J 250 43.08 -13.20 -28.59
C LEU J 250 44.41 -13.78 -28.12
N VAL J 251 45.02 -14.60 -28.97
CA VAL J 251 46.35 -15.16 -28.72
C VAL J 251 47.22 -14.88 -29.94
N VAL J 252 48.38 -14.28 -29.72
CA VAL J 252 49.33 -13.98 -30.79
C VAL J 252 50.69 -14.53 -30.40
N THR J 253 51.31 -15.28 -31.30
CA THR J 253 52.61 -15.91 -31.06
C THR J 253 53.61 -15.39 -32.09
N LYS J 254 54.79 -15.01 -31.60
CA LYS J 254 55.90 -14.59 -32.44
C LYS J 254 57.08 -15.54 -32.20
N THR J 255 57.54 -16.18 -33.27
CA THR J 255 58.61 -17.16 -33.19
C THR J 255 59.61 -16.92 -34.31
N ASP J 256 60.60 -17.80 -34.39
CA ASP J 256 61.58 -17.81 -35.48
C ASP J 256 61.50 -19.09 -36.30
N PHE J 257 60.38 -19.81 -36.19
CA PHE J 257 60.21 -21.10 -36.84
C PHE J 257 58.72 -21.32 -37.07
N PRO J 258 58.34 -22.19 -38.01
CA PRO J 258 56.92 -22.41 -38.28
C PRO J 258 56.17 -22.91 -37.04
N PHE J 259 54.99 -22.36 -36.83
CA PHE J 259 54.15 -22.70 -35.69
C PHE J 259 52.79 -22.04 -35.87
N MET J 260 51.75 -22.70 -35.35
CA MET J 260 50.40 -22.15 -35.36
C MET J 260 49.69 -22.51 -34.07
N PRO J 261 48.78 -21.68 -33.60
CA PRO J 261 48.03 -22.00 -32.39
C PRO J 261 46.81 -22.87 -32.69
N GLU J 262 46.22 -23.40 -31.63
CA GLU J 262 45.05 -24.25 -31.77
C GLU J 262 43.84 -23.43 -32.22
N PRO J 263 42.91 -24.05 -32.94
CA PRO J 263 41.68 -23.34 -33.31
C PRO J 263 40.87 -22.97 -32.07
N ALA J 264 40.20 -21.82 -32.15
CA ALA J 264 39.41 -21.31 -31.02
C ALA J 264 38.00 -21.87 -31.02
N HIS J 265 37.89 -23.20 -31.11
CA HIS J 265 36.59 -23.87 -31.07
C HIS J 265 36.29 -24.49 -29.71
N ASP J 266 37.28 -24.56 -28.82
CA ASP J 266 37.09 -25.07 -27.47
C ASP J 266 37.20 -23.92 -26.46
N ASP J 267 36.73 -24.19 -25.25
CA ASP J 267 36.78 -23.18 -24.20
C ASP J 267 38.18 -23.01 -23.61
N ASP J 268 39.07 -23.97 -23.81
CA ASP J 268 40.44 -23.93 -23.28
C ASP J 268 41.39 -24.19 -24.45
N TYR J 269 41.78 -23.12 -25.15
CA TYR J 269 42.68 -23.23 -26.29
C TYR J 269 43.94 -22.41 -26.15
N ILE J 270 44.17 -21.76 -25.01
CA ILE J 270 45.40 -21.01 -24.79
C ILE J 270 46.44 -21.85 -24.06
N LYS J 271 46.00 -22.62 -23.06
CA LYS J 271 46.92 -23.50 -22.35
C LYS J 271 47.51 -24.53 -23.31
N THR J 272 46.68 -25.10 -24.18
CA THR J 272 47.15 -26.09 -25.14
C THR J 272 48.18 -25.50 -26.08
N THR J 273 47.94 -24.29 -26.59
CA THR J 273 48.87 -23.71 -27.54
C THR J 273 50.16 -23.27 -26.85
N ILE J 274 50.09 -22.85 -25.58
CA ILE J 274 51.32 -22.54 -24.85
C ILE J 274 52.17 -23.80 -24.66
N MET J 275 51.53 -24.90 -24.24
CA MET J 275 52.27 -26.14 -24.06
C MET J 275 52.86 -26.62 -25.37
N ARG J 276 52.10 -26.51 -26.46
CA ARG J 276 52.61 -26.94 -27.75
C ARG J 276 53.72 -26.03 -28.25
N LEU J 277 53.66 -24.74 -27.94
CA LEU J 277 54.76 -23.84 -28.28
C LEU J 277 56.04 -24.26 -27.58
N GLY J 278 55.93 -24.56 -26.28
CA GLY J 278 57.11 -25.06 -25.56
C GLY J 278 57.64 -26.34 -26.15
N LYS J 279 56.75 -27.29 -26.44
CA LYS J 279 57.18 -28.57 -26.98
C LYS J 279 57.82 -28.43 -28.37
N ALA J 280 57.27 -27.56 -29.22
CA ALA J 280 57.81 -27.37 -30.55
C ALA J 280 59.15 -26.65 -30.52
N LYS J 281 59.29 -25.64 -29.63
CA LYS J 281 60.59 -25.02 -29.47
C LYS J 281 61.62 -26.01 -28.96
N GLY J 282 61.19 -26.97 -28.14
CA GLY J 282 62.11 -27.99 -27.67
C GLY J 282 62.70 -28.84 -28.78
N VAL J 283 61.95 -29.11 -29.83
CA VAL J 283 62.36 -30.04 -30.87
C VAL J 283 62.96 -29.34 -32.08
N LEU J 284 62.47 -28.14 -32.42
CA LEU J 284 62.92 -27.45 -33.62
C LEU J 284 64.11 -26.52 -33.38
N ASN J 285 64.67 -26.52 -32.17
CA ASN J 285 65.87 -25.74 -31.85
C ASN J 285 65.66 -24.24 -32.13
N GLY J 286 64.52 -23.73 -31.71
CA GLY J 286 64.24 -22.31 -31.86
C GLY J 286 64.92 -21.48 -30.79
N ASN J 287 64.91 -20.17 -31.01
CA ASN J 287 65.52 -19.22 -30.09
C ASN J 287 64.53 -18.21 -29.54
N LEU J 288 63.63 -17.69 -30.37
CA LEU J 288 62.67 -16.69 -29.96
C LEU J 288 61.26 -17.30 -29.93
N ALA J 289 60.54 -17.08 -28.84
CA ALA J 289 59.17 -17.58 -28.71
C ALA J 289 58.46 -16.70 -27.69
N LYS J 290 57.51 -15.89 -28.16
CA LYS J 290 56.79 -14.98 -27.29
C LYS J 290 55.30 -15.08 -27.57
N ALA J 291 54.49 -14.98 -26.51
CA ALA J 291 53.04 -15.10 -26.61
C ALA J 291 52.39 -13.93 -25.89
N TYR J 292 51.43 -13.30 -26.58
CA TYR J 292 50.63 -12.21 -26.01
C TYR J 292 49.16 -12.63 -26.03
N VAL J 293 48.49 -12.46 -24.90
CA VAL J 293 47.12 -12.92 -24.73
C VAL J 293 46.26 -11.77 -24.20
N ILE J 294 45.11 -11.57 -24.84
CA ILE J 294 44.08 -10.65 -24.37
C ILE J 294 42.86 -11.49 -24.01
N ASN J 295 42.39 -11.37 -22.77
CA ASN J 295 41.31 -12.18 -22.23
C ASN J 295 40.20 -11.27 -21.72
N ASN J 296 38.98 -11.52 -22.16
CA ASN J 296 37.82 -10.77 -21.71
C ASN J 296 36.65 -11.65 -21.25
N GLU J 297 36.62 -12.93 -21.63
CA GLU J 297 35.56 -13.84 -21.21
C GLU J 297 35.93 -14.65 -19.99
N GLY J 298 37.10 -14.39 -19.40
CA GLY J 298 37.50 -15.05 -18.17
C GLY J 298 37.75 -16.54 -18.28
N ILE J 299 38.46 -16.96 -19.33
CA ILE J 299 38.86 -18.35 -19.48
C ILE J 299 40.27 -18.51 -18.95
N GLU J 300 40.64 -19.76 -18.67
CA GLU J 300 41.95 -20.05 -18.12
C GLU J 300 43.04 -19.75 -19.14
N VAL J 301 44.13 -19.15 -18.66
CA VAL J 301 45.23 -18.71 -19.52
C VAL J 301 46.47 -19.58 -19.31
N GLY J 302 47.02 -19.60 -18.10
CA GLY J 302 48.23 -20.34 -17.82
C GLY J 302 49.29 -19.48 -17.16
N GLU J 303 50.56 -19.79 -17.42
CA GLU J 303 51.67 -19.04 -16.85
C GLU J 303 52.73 -18.80 -17.91
N GLY J 304 53.41 -17.67 -17.78
CA GLY J 304 54.47 -17.31 -18.72
C GLY J 304 53.99 -16.56 -19.93
N VAL J 305 53.01 -15.67 -19.74
CA VAL J 305 52.43 -14.90 -20.83
C VAL J 305 52.23 -13.46 -20.37
N THR J 306 52.60 -12.52 -21.23
CA THR J 306 52.33 -11.11 -20.99
C THR J 306 50.88 -10.81 -21.36
N VAL J 307 50.17 -10.15 -20.46
CA VAL J 307 48.76 -9.86 -20.64
C VAL J 307 48.60 -8.40 -21.03
N LEU J 308 47.96 -8.15 -22.17
CA LEU J 308 47.71 -6.81 -22.68
C LEU J 308 46.26 -6.43 -22.39
N SER J 309 45.85 -5.26 -22.89
CA SER J 309 44.49 -4.77 -22.65
C SER J 309 43.78 -4.39 -23.94
N THR J 310 44.53 -3.93 -24.94
CA THR J 310 43.94 -3.47 -26.19
C THR J 310 44.73 -4.08 -27.35
N VAL J 311 44.38 -3.69 -28.57
CA VAL J 311 45.00 -4.23 -29.77
C VAL J 311 46.17 -3.35 -30.17
N GLU J 312 46.10 -2.06 -29.81
CA GLU J 312 47.18 -1.13 -30.16
C GLU J 312 48.49 -1.53 -29.50
N ASP J 313 48.43 -1.95 -28.24
CA ASP J 313 49.64 -2.41 -27.54
C ASP J 313 50.22 -3.64 -28.24
N LEU J 314 49.35 -4.52 -28.74
CA LEU J 314 49.82 -5.70 -29.47
C LEU J 314 50.60 -5.29 -30.71
N VAL J 315 50.08 -4.32 -31.46
CA VAL J 315 50.75 -3.86 -32.68
C VAL J 315 52.08 -3.20 -32.32
N VAL J 316 52.09 -2.39 -31.26
CA VAL J 316 53.33 -1.74 -30.84
C VAL J 316 54.39 -2.77 -30.48
N LYS J 317 54.00 -3.79 -29.70
CA LYS J 317 54.95 -4.81 -29.29
C LYS J 317 55.43 -5.62 -30.49
N LEU J 318 54.53 -5.92 -31.43
CA LEU J 318 54.94 -6.66 -32.63
C LEU J 318 55.94 -5.86 -33.46
N GLU J 319 55.71 -4.54 -33.59
CA GLU J 319 56.63 -3.71 -34.35
C GLU J 319 57.98 -3.59 -33.64
N GLU J 320 57.97 -3.52 -32.31
CA GLU J 320 59.22 -3.34 -31.58
C GLU J 320 60.18 -4.50 -31.80
N MET K 1 62.90 -49.82 -43.44
CA MET K 1 61.70 -49.05 -43.78
C MET K 1 61.13 -48.38 -42.53
N ILE K 2 61.25 -47.06 -42.47
CA ILE K 2 60.79 -46.30 -41.31
C ILE K 2 59.40 -45.73 -41.60
N TYR K 3 58.64 -45.55 -40.52
CA TYR K 3 57.27 -45.04 -40.59
C TYR K 3 57.08 -43.95 -39.55
N SER K 4 56.15 -43.05 -39.83
CA SER K 4 55.81 -41.95 -38.94
C SER K 4 54.31 -41.69 -39.03
N LYS K 5 53.72 -41.38 -37.88
CA LYS K 5 52.32 -41.03 -37.77
C LYS K 5 52.20 -39.60 -37.29
N VAL K 6 51.24 -38.86 -37.84
CA VAL K 6 50.98 -37.49 -37.41
C VAL K 6 49.48 -37.29 -37.24
N PHE K 7 49.12 -36.56 -36.19
CA PHE K 7 47.74 -36.20 -35.89
C PHE K 7 47.56 -34.72 -36.14
N LEU K 8 46.62 -34.37 -37.02
CA LEU K 8 46.34 -32.99 -37.41
C LEU K 8 44.94 -32.59 -36.98
N LYS K 9 44.80 -31.36 -36.51
CA LYS K 9 43.50 -30.79 -36.19
C LYS K 9 43.17 -29.74 -37.26
N LEU K 10 42.10 -29.99 -38.01
CA LEU K 10 41.68 -29.09 -39.08
C LEU K 10 40.85 -27.95 -38.53
N HIS K 11 40.90 -26.82 -39.23
CA HIS K 11 40.14 -25.64 -38.83
C HIS K 11 38.73 -25.65 -39.41
N TRP K 12 38.62 -25.75 -40.74
CA TRP K 12 37.32 -25.84 -41.39
C TRP K 12 37.22 -26.93 -42.45
N GLY K 13 38.32 -27.38 -43.02
CA GLY K 13 38.27 -28.42 -44.02
C GLY K 13 39.30 -28.18 -45.11
N PHE K 14 39.24 -29.04 -46.12
CA PHE K 14 40.15 -29.00 -47.25
C PHE K 14 39.36 -28.88 -48.55
N SER K 15 40.02 -28.37 -49.58
CA SER K 15 39.37 -28.17 -50.88
C SER K 15 40.40 -28.38 -51.98
N VAL K 16 40.24 -29.47 -52.74
CA VAL K 16 41.03 -29.73 -53.92
C VAL K 16 40.07 -30.00 -55.08
N VAL K 17 40.23 -29.25 -56.16
CA VAL K 17 39.32 -29.35 -57.31
C VAL K 17 39.89 -30.38 -58.29
N LYS K 18 38.99 -31.13 -58.91
CA LYS K 18 39.41 -32.12 -59.89
C LYS K 18 39.95 -31.44 -61.15
N PRO K 19 40.96 -32.02 -61.79
CA PRO K 19 41.41 -31.47 -63.07
C PRO K 19 40.39 -31.69 -64.16
N LEU K 20 40.49 -30.87 -65.21
CA LEU K 20 39.55 -30.91 -66.34
C LEU K 20 38.11 -30.70 -65.88
N ALA K 24 31.67 -25.73 -64.10
CA ALA K 24 31.62 -26.79 -63.09
C ALA K 24 33.00 -27.06 -62.51
N LYS K 25 33.09 -27.02 -61.18
CA LYS K 25 34.34 -27.25 -60.47
C LYS K 25 34.11 -28.24 -59.33
N PRO K 26 33.88 -29.51 -59.65
CA PRO K 26 33.73 -30.52 -58.59
C PRO K 26 35.05 -30.76 -57.87
N GLY K 27 34.94 -31.18 -56.60
CA GLY K 27 36.09 -31.45 -55.77
C GLY K 27 36.19 -32.90 -55.36
N PHE K 28 37.31 -33.21 -54.73
CA PHE K 28 37.61 -34.56 -54.25
C PHE K 28 37.09 -34.75 -52.83
N TYR K 29 36.99 -36.02 -52.42
CA TYR K 29 36.54 -36.36 -51.08
C TYR K 29 37.69 -36.39 -50.08
N LEU K 30 38.82 -36.99 -50.45
CA LEU K 30 40.01 -37.04 -49.61
C LEU K 30 41.22 -36.55 -50.40
N PRO K 31 42.20 -35.97 -49.71
CA PRO K 31 43.35 -35.40 -50.43
C PRO K 31 44.15 -36.47 -51.14
N PRO K 32 44.73 -36.15 -52.29
CA PRO K 32 45.57 -37.11 -53.00
C PRO K 32 46.93 -37.24 -52.34
N PRO K 33 47.69 -38.30 -52.66
CA PRO K 33 49.04 -38.41 -52.07
C PRO K 33 49.97 -37.30 -52.49
N THR K 34 49.73 -36.67 -53.64
CA THR K 34 50.58 -35.56 -54.07
C THR K 34 50.53 -34.41 -53.09
N THR K 35 49.33 -34.07 -52.60
CA THR K 35 49.20 -33.01 -51.60
C THR K 35 49.89 -33.40 -50.30
N LEU K 36 49.77 -34.66 -49.90
CA LEU K 36 50.41 -35.12 -48.68
C LEU K 36 51.93 -35.02 -48.78
N ILE K 37 52.50 -35.38 -49.93
CA ILE K 37 53.94 -35.25 -50.12
C ILE K 37 54.36 -33.79 -50.17
N GLY K 38 53.56 -32.95 -50.82
CA GLY K 38 53.89 -31.53 -50.86
C GLY K 38 53.87 -30.87 -49.49
N ALA K 39 52.92 -31.27 -48.64
CA ALA K 39 52.87 -30.74 -47.28
C ALA K 39 54.13 -31.10 -46.52
N LEU K 40 54.62 -32.32 -46.68
CA LEU K 40 55.87 -32.72 -46.04
C LEU K 40 57.04 -31.93 -46.60
N SER K 41 57.09 -31.74 -47.92
CA SER K 41 58.20 -31.02 -48.55
C SER K 41 58.20 -29.54 -48.19
N TYR K 42 57.05 -28.99 -47.77
CA TYR K 42 57.01 -27.59 -47.39
C TYR K 42 57.97 -27.26 -46.26
N GLY K 43 58.25 -28.25 -45.39
CA GLY K 43 59.12 -28.00 -44.25
C GLY K 43 60.56 -27.72 -44.60
N LYS K 44 61.01 -28.16 -45.78
CA LYS K 44 62.38 -27.97 -46.20
C LYS K 44 62.54 -26.96 -47.32
N PHE K 45 61.55 -26.82 -48.20
CA PHE K 45 61.62 -25.92 -49.34
C PHE K 45 60.81 -24.64 -49.13
N ARG K 46 60.73 -24.15 -47.91
CA ARG K 46 59.92 -22.98 -47.62
C ARG K 46 60.56 -21.73 -48.22
N GLY K 47 59.74 -20.93 -48.92
CA GLY K 47 60.17 -19.63 -49.43
C GLY K 47 60.44 -19.62 -50.93
N VAL K 48 60.57 -20.80 -51.54
CA VAL K 48 60.89 -20.92 -52.95
C VAL K 48 59.71 -21.56 -53.67
N ASP K 49 59.40 -21.04 -54.86
CA ASP K 49 58.25 -21.49 -55.64
C ASP K 49 58.62 -22.12 -56.97
N ASN K 50 59.84 -21.91 -57.47
CA ASN K 50 60.28 -22.48 -58.74
C ASN K 50 61.73 -22.88 -58.62
N ILE K 51 62.01 -24.16 -58.86
CA ILE K 51 63.37 -24.68 -58.88
C ILE K 51 63.63 -25.25 -60.27
N ASN K 52 64.85 -25.09 -60.75
CA ASN K 52 65.22 -25.63 -62.06
C ASN K 52 65.48 -27.13 -61.91
N TYR K 57 61.16 -25.62 -65.32
CA TYR K 57 60.68 -25.22 -63.99
C TYR K 57 59.32 -25.85 -63.77
N GLY K 58 59.22 -26.86 -62.91
CA GLY K 58 57.92 -27.44 -62.67
C GLY K 58 57.35 -27.34 -61.26
N SER K 59 58.20 -27.50 -60.24
CA SER K 59 57.79 -27.39 -58.85
C SER K 59 58.96 -27.60 -57.91
N PRO K 60 58.96 -27.02 -56.71
CA PRO K 60 59.94 -27.40 -55.70
C PRO K 60 59.50 -28.63 -54.92
N ALA K 61 59.00 -29.64 -55.62
CA ALA K 61 58.52 -30.85 -54.99
C ALA K 61 58.80 -32.10 -55.81
N TYR K 62 59.53 -31.98 -56.91
CA TYR K 62 59.86 -33.11 -57.76
C TYR K 62 61.01 -33.95 -57.21
N ASN K 63 61.38 -33.74 -55.95
CA ASN K 63 62.44 -34.49 -55.30
C ASN K 63 61.95 -35.43 -54.22
N PHE K 64 60.79 -35.16 -53.62
CA PHE K 64 60.19 -36.03 -52.62
C PHE K 64 59.19 -37.00 -53.24
N ARG K 65 59.35 -37.34 -54.53
CA ARG K 65 58.31 -38.07 -55.24
C ARG K 65 58.23 -39.53 -54.81
N ASN K 66 59.25 -40.04 -54.13
CA ASN K 66 59.29 -41.46 -53.79
CA ASN K 66 59.29 -41.46 -53.79
C ASN K 66 59.12 -41.69 -52.29
N ILE K 67 58.23 -40.94 -51.67
CA ILE K 67 57.90 -41.10 -50.25
C ILE K 67 56.46 -41.55 -50.18
N MET K 68 56.22 -42.70 -49.53
CA MET K 68 54.87 -43.26 -49.49
C MET K 68 54.06 -42.58 -48.39
N ALA K 69 52.80 -42.27 -48.71
CA ALA K 69 51.97 -41.53 -47.76
C ALA K 69 50.51 -41.95 -47.91
N THR K 70 49.83 -42.02 -46.77
CA THR K 70 48.39 -42.25 -46.73
C THR K 70 47.79 -41.39 -45.63
N ALA K 71 46.47 -41.20 -45.69
CA ALA K 71 45.79 -40.40 -44.70
C ALA K 71 44.36 -40.90 -44.52
N ARG K 72 43.79 -40.59 -43.36
CA ARG K 72 42.41 -40.98 -43.08
C ARG K 72 41.79 -40.00 -42.10
N LEU K 73 40.45 -40.02 -42.07
CA LEU K 73 39.65 -39.15 -41.22
C LEU K 73 39.36 -39.81 -39.88
N GLU K 74 38.88 -38.99 -38.94
CA GLU K 74 38.47 -39.50 -37.64
C GLU K 74 37.20 -38.83 -37.13
N SER K 75 36.52 -38.04 -37.95
CA SER K 75 35.32 -37.32 -37.53
C SER K 75 34.32 -37.35 -38.69
N GLU K 76 33.28 -36.51 -38.59
CA GLU K 76 32.21 -36.48 -39.56
C GLU K 76 32.19 -35.13 -40.27
N GLY K 77 31.87 -35.16 -41.57
CA GLY K 77 31.82 -33.96 -42.37
C GLY K 77 30.82 -34.11 -43.50
N VAL K 78 30.69 -33.04 -44.28
CA VAL K 78 29.76 -33.02 -45.42
C VAL K 78 30.47 -32.42 -46.63
N TYR K 79 30.25 -33.01 -47.79
CA TYR K 79 30.76 -32.48 -49.05
C TYR K 79 29.69 -31.61 -49.70
N THR K 80 30.05 -30.38 -50.04
CA THR K 80 29.11 -29.39 -50.55
C THR K 80 29.73 -28.61 -51.69
N GLU K 81 28.94 -28.40 -52.75
CA GLU K 81 29.33 -27.59 -53.89
C GLU K 81 28.57 -26.27 -53.82
N ASP K 82 29.28 -25.18 -53.59
CA ASP K 82 28.66 -23.86 -53.51
C ASP K 82 29.70 -22.76 -53.69
N THR K 109 32.73 -25.22 -57.14
CA THR K 109 33.79 -25.23 -56.15
C THR K 109 33.45 -26.20 -55.03
N GLY K 110 33.87 -27.45 -55.17
CA GLY K 110 33.58 -28.44 -54.17
C GLY K 110 34.42 -28.25 -52.92
N LYS K 111 33.78 -28.43 -51.76
CA LYS K 111 34.44 -28.31 -50.48
C LYS K 111 34.00 -29.45 -49.58
N VAL K 112 34.85 -29.77 -48.61
CA VAL K 112 34.60 -30.83 -47.65
C VAL K 112 34.66 -30.20 -46.26
N TYR K 113 33.51 -29.87 -45.71
CA TYR K 113 33.44 -29.25 -44.39
C TYR K 113 33.54 -30.31 -43.31
N ILE K 114 34.61 -30.23 -42.51
CA ILE K 114 34.78 -31.07 -41.33
C ILE K 114 35.46 -30.23 -40.25
N PRO K 115 34.78 -29.20 -39.72
CA PRO K 115 35.43 -28.32 -38.75
C PRO K 115 35.77 -29.06 -37.47
N ASN K 116 36.88 -28.66 -36.85
CA ASN K 116 37.38 -29.21 -35.60
C ASN K 116 37.65 -30.71 -35.68
N GLY K 117 37.78 -31.26 -36.89
CA GLY K 117 38.01 -32.69 -37.04
C GLY K 117 39.46 -33.08 -36.84
N ARG K 118 39.71 -34.38 -36.93
CA ARG K 118 41.04 -34.94 -36.77
C ARG K 118 41.42 -35.74 -38.01
N LEU K 119 42.66 -35.57 -38.44
CA LEU K 119 43.22 -36.29 -39.58
C LEU K 119 44.45 -37.06 -39.12
N VAL K 120 44.57 -38.30 -39.56
CA VAL K 120 45.72 -39.14 -39.22
C VAL K 120 46.48 -39.44 -40.51
N VAL K 121 47.76 -39.08 -40.55
CA VAL K 121 48.57 -39.25 -41.74
C VAL K 121 49.74 -40.16 -41.42
N VAL K 122 49.98 -41.13 -42.30
CA VAL K 122 51.04 -42.12 -42.15
C VAL K 122 52.03 -41.95 -43.29
N TYR K 123 53.30 -41.75 -42.95
CA TYR K 123 54.38 -41.64 -43.91
C TYR K 123 55.31 -42.84 -43.77
N VAL K 124 55.51 -43.57 -44.86
CA VAL K 124 56.41 -44.71 -44.90
C VAL K 124 57.46 -44.46 -45.97
N THR K 125 58.73 -44.59 -45.59
CA THR K 125 59.82 -44.34 -46.54
C THR K 125 61.12 -44.88 -45.95
N ASP K 126 62.20 -44.73 -46.73
CA ASP K 126 63.53 -45.05 -46.26
C ASP K 126 64.59 -44.07 -46.75
N SER K 127 64.20 -43.01 -47.47
CA SER K 127 65.19 -42.11 -48.06
C SER K 127 65.99 -41.38 -47.00
N ILE K 128 65.32 -40.90 -45.95
CA ILE K 128 65.98 -40.15 -44.89
C ILE K 128 65.84 -40.92 -43.58
N SER K 129 66.67 -40.53 -42.61
CA SER K 129 66.64 -41.17 -41.30
C SER K 129 65.41 -40.72 -40.51
N LYS K 130 65.31 -41.24 -39.28
CA LYS K 130 64.16 -40.90 -38.44
C LYS K 130 64.16 -39.42 -38.08
N GLU K 131 65.33 -38.85 -37.82
CA GLU K 131 65.40 -37.47 -37.34
C GLU K 131 64.85 -36.50 -38.37
N GLU K 132 65.25 -36.66 -39.64
CA GLU K 132 64.82 -35.72 -40.67
C GLU K 132 63.32 -35.82 -40.93
N LEU K 133 62.78 -37.05 -40.99
CA LEU K 133 61.35 -37.21 -41.19
C LEU K 133 60.55 -36.66 -40.02
N GLU K 134 61.03 -36.88 -38.80
CA GLU K 134 60.36 -36.32 -37.63
C GLU K 134 60.39 -34.80 -37.64
N LYS K 135 61.52 -34.21 -38.03
CA LYS K 135 61.62 -32.77 -38.09
C LYS K 135 60.70 -32.19 -39.14
N LEU K 136 60.63 -32.82 -40.32
CA LEU K 136 59.74 -32.35 -41.37
C LEU K 136 58.27 -32.62 -41.05
N CYS K 137 58.00 -33.56 -40.16
CA CYS K 137 56.61 -33.90 -39.84
C CYS K 137 55.94 -32.79 -39.03
N TRP K 138 56.70 -32.12 -38.16
CA TRP K 138 56.16 -31.02 -37.36
C TRP K 138 55.94 -29.76 -38.17
N SER K 139 56.41 -29.70 -39.41
CA SER K 139 56.40 -28.48 -40.21
C SER K 139 55.32 -28.49 -41.27
N ILE K 140 54.14 -29.04 -40.96
CA ILE K 140 53.00 -29.06 -41.87
C ILE K 140 52.08 -27.90 -41.51
N THR K 141 51.74 -27.08 -42.50
CA THR K 141 50.93 -25.90 -42.27
C THR K 141 49.56 -25.93 -42.94
N ARG K 142 49.43 -26.57 -44.10
CA ARG K 142 48.14 -26.61 -44.76
C ARG K 142 48.09 -27.82 -45.69
N ILE K 143 46.87 -28.19 -46.07
CA ILE K 143 46.62 -29.31 -46.98
C ILE K 143 45.68 -28.78 -48.06
N GLY K 144 46.22 -28.58 -49.26
CA GLY K 144 45.43 -28.05 -50.35
C GLY K 144 45.71 -26.59 -50.65
N CYS K 145 44.74 -25.73 -50.37
CA CYS K 145 44.87 -24.30 -50.63
C CYS K 145 45.23 -23.56 -49.34
N LYS K 146 45.30 -22.23 -49.44
CA LYS K 146 45.76 -21.42 -48.32
C LYS K 146 44.82 -21.52 -47.12
N GLU K 147 43.51 -21.49 -47.37
CA GLU K 147 42.55 -21.43 -46.27
C GLU K 147 42.54 -22.70 -45.43
N CYS K 148 43.05 -23.81 -45.95
CA CYS K 148 42.94 -25.11 -45.28
C CYS K 148 44.11 -25.30 -44.31
N LEU K 149 44.13 -24.45 -43.29
CA LEU K 149 45.13 -24.59 -42.25
C LEU K 149 44.84 -25.82 -41.39
N ALA K 150 45.91 -26.37 -40.79
CA ALA K 150 45.78 -27.58 -39.99
C ALA K 150 46.94 -27.63 -39.00
N SER K 151 46.63 -27.54 -37.70
CA SER K 151 47.64 -27.60 -36.68
C SER K 151 48.14 -29.04 -36.49
N VAL K 152 49.19 -29.19 -35.68
CA VAL K 152 49.81 -30.48 -35.40
C VAL K 152 49.70 -30.73 -33.90
N GLU K 153 49.19 -31.91 -33.54
CA GLU K 153 49.02 -32.29 -32.14
C GLU K 153 50.09 -33.25 -31.63
N ASN K 154 50.37 -34.32 -32.37
CA ASN K 154 51.36 -35.29 -31.91
C ASN K 154 51.89 -36.07 -33.10
N VAL K 155 53.09 -36.65 -32.91
CA VAL K 155 53.76 -37.46 -33.92
C VAL K 155 54.31 -38.71 -33.25
N GLU K 156 54.56 -39.73 -34.08
CA GLU K 156 55.19 -40.97 -33.66
C GLU K 156 56.13 -41.43 -34.76
N VAL K 157 57.28 -41.98 -34.38
CA VAL K 157 58.27 -42.46 -35.33
C VAL K 157 58.68 -43.88 -34.92
N GLY K 158 58.86 -44.74 -35.92
CA GLY K 158 59.27 -46.11 -35.60
C GLY K 158 59.69 -46.86 -36.83
N GLU K 159 59.99 -48.15 -36.63
CA GLU K 159 60.36 -49.06 -37.70
C GLU K 159 59.20 -49.99 -37.99
N ALA K 160 58.88 -50.15 -39.28
CA ALA K 160 57.73 -50.93 -39.70
C ALA K 160 58.15 -52.33 -40.16
N LYS K 161 57.18 -53.24 -40.16
CA LYS K 161 57.37 -54.61 -40.60
C LYS K 161 56.47 -54.91 -41.79
N LYS K 162 56.93 -55.77 -42.67
CA LYS K 162 56.24 -56.10 -43.91
C LYS K 162 55.58 -57.47 -43.79
N VAL K 163 54.30 -57.55 -44.16
CA VAL K 163 53.53 -58.79 -44.14
C VAL K 163 52.71 -58.88 -45.41
N SER K 164 52.12 -60.06 -45.62
CA SER K 164 51.29 -60.31 -46.78
C SER K 164 50.00 -61.06 -46.47
N GLY K 165 49.74 -61.40 -45.21
CA GLY K 165 48.53 -62.11 -44.86
C GLY K 165 47.30 -61.22 -44.92
N ARG K 166 46.14 -61.84 -44.71
CA ARG K 166 44.89 -61.09 -44.73
C ARG K 166 44.86 -60.09 -43.59
N VAL K 167 44.55 -58.83 -43.94
CA VAL K 167 44.58 -57.73 -42.98
C VAL K 167 43.32 -56.90 -43.12
N LYS K 168 43.09 -56.05 -42.11
CA LYS K 168 41.99 -55.09 -42.13
C LYS K 168 42.58 -53.69 -42.08
N THR K 169 42.11 -52.82 -42.97
CA THR K 169 42.68 -51.49 -43.10
C THR K 169 41.58 -50.45 -43.25
N ARG K 170 41.93 -49.21 -42.93
CA ARG K 170 41.05 -48.07 -43.14
C ARG K 170 41.55 -47.10 -44.20
N TYR K 171 42.86 -47.09 -44.48
CA TYR K 171 43.44 -46.19 -45.47
C TYR K 171 43.07 -46.65 -46.88
N TYR K 172 42.92 -45.68 -47.76
CA TYR K 172 42.60 -45.99 -49.15
C TYR K 172 43.82 -46.59 -49.85
N PHE K 173 43.55 -47.40 -50.88
CA PHE K 173 44.58 -48.14 -51.59
C PHE K 173 44.28 -48.10 -53.08
N ARG K 174 45.04 -48.88 -53.85
CA ARG K 174 44.94 -48.87 -55.29
C ARG K 174 43.79 -49.76 -55.77
N ASP K 175 43.48 -49.64 -57.05
CA ASP K 175 42.35 -50.38 -57.62
C ASP K 175 42.67 -51.85 -57.79
N THR K 176 43.91 -52.18 -58.16
CA THR K 176 44.26 -53.57 -58.47
C THR K 176 44.21 -54.47 -57.25
N VAL K 177 44.16 -53.91 -56.04
CA VAL K 177 44.12 -54.74 -54.84
C VAL K 177 42.77 -55.44 -54.75
N LYS K 178 42.81 -56.74 -54.49
CA LYS K 178 41.59 -57.54 -54.39
C LYS K 178 40.88 -57.27 -53.07
N VAL K 179 39.63 -57.75 -52.98
CA VAL K 179 38.81 -57.59 -51.80
C VAL K 179 38.10 -58.91 -51.50
N VAL K 180 37.99 -59.23 -50.22
CA VAL K 180 37.35 -60.46 -49.78
C VAL K 180 36.00 -60.17 -49.11
N GLY K 181 35.87 -59.02 -48.46
CA GLY K 181 34.65 -58.69 -47.76
C GLY K 181 33.51 -58.28 -48.68
N ARG K 182 32.46 -57.73 -48.10
CA ARG K 182 31.28 -57.32 -48.85
C ARG K 182 31.48 -55.93 -49.42
N LYS K 183 31.29 -55.80 -50.74
CA LYS K 183 31.42 -54.49 -51.39
C LYS K 183 30.22 -53.62 -51.05
N GLU K 184 30.35 -52.81 -50.00
CA GLU K 184 29.26 -51.94 -49.57
C GLU K 184 29.67 -50.49 -49.34
N PHE K 185 30.92 -50.21 -49.01
CA PHE K 185 31.38 -48.86 -48.69
C PHE K 185 32.59 -48.49 -49.52
N LEU K 186 32.57 -48.81 -50.82
CA LEU K 186 33.69 -48.56 -51.71
C LEU K 186 33.30 -47.52 -52.76
N GLU K 187 34.20 -46.57 -53.00
CA GLU K 187 34.03 -45.58 -54.04
C GLU K 187 35.26 -45.53 -54.92
N TYR K 188 35.09 -45.09 -56.16
CA TYR K 188 36.16 -45.03 -57.14
C TYR K 188 36.52 -43.59 -57.43
N VAL K 189 37.82 -43.27 -57.36
CA VAL K 189 38.31 -41.94 -57.69
C VAL K 189 39.49 -42.08 -58.64
N THR K 190 39.86 -40.95 -59.26
CA THR K 190 41.00 -40.89 -60.17
C THR K 190 42.01 -39.90 -59.63
N PHE K 191 43.24 -40.36 -59.44
CA PHE K 191 44.35 -39.54 -58.99
C PHE K 191 45.41 -39.49 -60.08
N TRP K 192 46.50 -38.78 -59.79
CA TRP K 192 47.57 -38.59 -60.75
C TRP K 192 48.92 -38.93 -60.11
N GLU K 193 49.87 -39.30 -60.95
CA GLU K 193 51.23 -39.58 -60.51
C GLU K 193 51.98 -38.27 -60.31
N GLU K 194 53.26 -38.38 -59.96
CA GLU K 194 54.09 -37.21 -59.74
C GLU K 194 54.46 -36.50 -61.03
N ASN K 195 54.22 -37.13 -62.19
CA ASN K 195 54.54 -36.48 -63.46
C ASN K 195 53.80 -35.15 -63.62
N GLY K 196 52.65 -35.01 -62.97
CA GLY K 196 51.91 -33.77 -63.02
C GLY K 196 52.49 -32.63 -62.22
N TYR K 197 53.62 -32.84 -61.53
CA TYR K 197 54.24 -31.76 -60.77
C TYR K 197 54.70 -30.62 -61.65
N ILE K 198 54.90 -30.84 -62.94
CA ILE K 198 55.41 -29.83 -63.85
C ILE K 198 54.24 -29.11 -64.52
N TRP K 199 54.35 -27.79 -64.65
CA TRP K 199 53.30 -27.01 -65.29
C TRP K 199 53.18 -27.36 -66.76
N GLY K 200 52.03 -27.02 -67.33
CA GLY K 200 51.79 -27.27 -68.75
C GLY K 200 51.82 -28.73 -69.13
N LYS K 201 51.46 -29.61 -68.20
CA LYS K 201 51.51 -31.05 -68.45
C LYS K 201 50.57 -31.74 -67.49
N GLU K 202 49.84 -32.73 -67.99
CA GLU K 202 48.86 -33.45 -67.19
C GLU K 202 49.42 -34.79 -66.75
N GLY K 203 49.21 -35.12 -65.48
CA GLY K 203 49.71 -36.37 -64.93
C GLY K 203 48.93 -37.58 -65.42
N SER K 204 49.54 -38.74 -65.23
CA SER K 204 48.92 -39.98 -65.66
C SER K 204 47.70 -40.29 -64.78
N PRO K 205 46.67 -40.90 -65.35
CA PRO K 205 45.48 -41.24 -64.55
C PRO K 205 45.62 -42.60 -63.87
N VAL K 206 45.40 -42.64 -62.56
CA VAL K 206 45.47 -43.87 -61.78
C VAL K 206 44.21 -44.00 -60.95
N ARG K 207 43.58 -45.18 -61.01
CA ARG K 207 42.36 -45.41 -60.25
C ARG K 207 42.67 -45.73 -58.80
N TYR K 208 41.78 -45.30 -57.91
CA TYR K 208 41.94 -45.53 -56.48
C TYR K 208 40.58 -45.87 -55.87
N ILE K 209 40.63 -46.69 -54.82
CA ILE K 209 39.43 -47.14 -54.11
C ILE K 209 39.42 -46.53 -52.72
N LEU K 210 38.31 -45.92 -52.36
CA LEU K 210 38.15 -45.24 -51.08
C LEU K 210 37.10 -45.96 -50.25
N PRO K 211 37.43 -46.42 -49.04
CA PRO K 211 36.43 -46.99 -48.10
C PRO K 211 35.72 -45.89 -47.30
N ILE K 212 34.79 -45.20 -47.97
CA ILE K 212 34.16 -44.01 -47.42
C ILE K 212 32.65 -44.09 -47.64
N THR K 213 31.91 -43.59 -46.65
CA THR K 213 30.47 -43.38 -46.79
C THR K 213 30.22 -41.98 -47.31
N THR K 214 29.35 -41.86 -48.32
CA THR K 214 29.19 -40.60 -49.02
C THR K 214 28.52 -39.53 -48.16
N TYR K 215 27.53 -39.91 -47.36
CA TYR K 215 26.79 -38.93 -46.59
C TYR K 215 26.14 -39.57 -45.36
N PRO K 216 26.55 -39.20 -44.15
CA PRO K 216 27.60 -38.22 -43.82
C PRO K 216 29.00 -38.80 -44.03
N LEU K 217 30.01 -37.94 -44.08
CA LEU K 217 31.37 -38.39 -44.38
C LEU K 217 31.96 -39.11 -43.18
N ALA K 218 32.52 -40.30 -43.41
CA ALA K 218 33.11 -41.10 -42.35
C ALA K 218 34.01 -42.15 -42.99
N SER K 219 34.72 -42.88 -42.13
CA SER K 219 35.65 -43.93 -42.57
C SER K 219 35.22 -45.27 -41.99
N LYS K 220 35.38 -46.32 -42.78
CA LYS K 220 35.01 -47.67 -42.39
C LYS K 220 36.15 -48.63 -42.71
N GLU K 221 36.15 -49.76 -42.00
CA GLU K 221 37.21 -50.76 -42.15
C GLU K 221 36.87 -51.74 -43.26
N VAL K 222 37.89 -52.11 -44.04
CA VAL K 222 37.75 -53.06 -45.13
C VAL K 222 38.87 -54.09 -45.02
N GLU K 223 38.52 -55.36 -45.23
CA GLU K 223 39.48 -56.46 -45.15
C GLU K 223 40.01 -56.76 -46.55
N VAL K 224 41.34 -56.79 -46.68
CA VAL K 224 41.99 -57.06 -47.95
C VAL K 224 43.10 -58.09 -47.74
N GLU K 225 43.40 -58.82 -48.81
CA GLU K 225 44.51 -59.77 -48.79
C GLU K 225 45.82 -59.07 -49.13
N ALA K 226 45.91 -58.51 -50.35
CA ALA K 226 47.06 -57.74 -50.82
C ALA K 226 48.34 -58.57 -50.85
N LYS K 227 49.44 -57.93 -51.25
CA LYS K 227 50.75 -58.56 -51.30
C LYS K 227 51.75 -57.89 -50.37
N GLU K 228 51.71 -56.57 -50.25
CA GLU K 228 52.60 -55.82 -49.38
C GLU K 228 51.77 -55.00 -48.40
N ALA K 229 52.00 -55.20 -47.11
CA ALA K 229 51.32 -54.39 -46.10
C ALA K 229 52.27 -54.13 -44.95
N TYR K 230 52.44 -52.86 -44.59
CA TYR K 230 53.30 -52.50 -43.48
C TYR K 230 52.49 -52.32 -42.21
N GLU K 231 52.94 -52.95 -41.13
CA GLU K 231 52.32 -52.80 -39.83
C GLU K 231 52.92 -51.58 -39.14
N VAL K 232 52.11 -50.56 -38.92
CA VAL K 232 52.58 -49.30 -38.35
C VAL K 232 51.92 -49.07 -37.00
N GLY K 233 51.59 -50.15 -36.30
CA GLY K 233 50.98 -50.04 -34.99
C GLY K 233 49.62 -50.70 -34.90
N GLY K 234 49.41 -51.75 -35.69
CA GLY K 234 48.14 -52.44 -35.69
C GLY K 234 47.26 -52.07 -36.87
N GLU K 235 47.26 -50.78 -37.21
CA GLU K 235 46.51 -50.29 -38.36
C GLU K 235 47.36 -50.51 -39.61
N TYR K 236 47.22 -51.71 -40.18
CA TYR K 236 48.00 -52.07 -41.35
C TYR K 236 47.73 -51.13 -42.51
N VAL K 237 48.80 -50.70 -43.19
CA VAL K 237 48.71 -49.83 -44.35
C VAL K 237 48.99 -50.67 -45.59
N VAL K 238 48.09 -50.57 -46.57
CA VAL K 238 48.15 -51.38 -47.78
C VAL K 238 48.63 -50.51 -48.93
N PHE K 239 49.61 -51.03 -49.69
CA PHE K 239 50.16 -50.30 -50.84
C PHE K 239 50.01 -51.05 -52.16
N SER K 240 50.05 -52.38 -52.16
CA SER K 240 49.89 -53.15 -53.39
C SER K 240 49.51 -54.59 -53.07
N MET M 1 -43.55 12.91 10.66
CA MET M 1 -42.23 12.57 11.24
C MET M 1 -41.91 13.46 12.43
N ILE M 2 -41.34 12.86 13.47
CA ILE M 2 -40.93 13.56 14.68
C ILE M 2 -39.42 13.45 14.78
N SER M 3 -38.74 14.59 14.68
CA SER M 3 -37.30 14.66 14.83
C SER M 3 -36.96 15.52 16.05
N GLY M 4 -35.78 15.31 16.61
CA GLY M 4 -35.41 16.05 17.80
C GLY M 4 -33.92 16.06 18.03
N SER M 5 -33.46 17.13 18.69
CA SER M 5 -32.09 17.25 19.18
C SER M 5 -32.13 17.66 20.65
N VAL M 6 -31.22 17.10 21.44
CA VAL M 6 -31.24 17.29 22.88
C VAL M 6 -29.81 17.45 23.40
N ARG M 7 -29.67 18.26 24.43
CA ARG M 7 -28.39 18.49 25.10
C ARG M 7 -28.53 18.14 26.57
N PHE M 8 -27.61 17.33 27.08
CA PHE M 8 -27.61 16.87 28.46
C PHE M 8 -26.30 17.26 29.13
N LEU M 9 -26.32 17.27 30.46
CA LEU M 9 -25.14 17.57 31.27
C LEU M 9 -24.99 16.45 32.29
N VAL M 10 -23.95 15.64 32.14
CA VAL M 10 -23.73 14.46 32.97
C VAL M 10 -22.41 14.60 33.71
N ASN M 11 -22.44 14.32 35.02
CA ASN M 11 -21.27 14.37 35.87
C ASN M 11 -21.14 13.07 36.63
N LEU M 12 -19.94 12.47 36.58
CA LEU M 12 -19.46 11.28 37.28
C LEU M 12 -20.36 10.07 36.98
N GLU M 13 -20.33 9.68 35.71
CA GLU M 13 -21.10 8.53 35.23
C GLU M 13 -20.20 7.56 34.49
N SER M 14 -20.58 6.29 34.53
CA SER M 14 -19.98 5.23 33.73
C SER M 14 -21.13 4.37 33.21
N LEU M 15 -21.66 4.74 32.04
CA LEU M 15 -22.88 4.14 31.54
C LEU M 15 -22.64 3.06 30.49
N ASN M 16 -21.52 3.11 29.77
CA ASN M 16 -21.22 2.12 28.75
C ASN M 16 -19.79 1.64 28.95
N GLY M 17 -19.62 0.32 29.05
CA GLY M 17 -18.32 -0.28 29.26
C GLY M 17 -17.91 -1.12 28.06
N VAL M 18 -16.60 -1.24 27.87
CA VAL M 18 -16.04 -2.02 26.76
C VAL M 18 -15.02 -3.01 27.33
N GLU M 19 -14.36 -3.76 26.45
CA GLU M 19 -13.41 -4.81 26.80
C GLU M 19 -12.48 -4.37 27.92
N SER M 20 -12.44 -5.11 29.05
CA SER M 20 -11.65 -4.73 30.28
C SER M 20 -10.18 -5.15 30.13
N ILE M 21 -9.29 -4.75 31.07
CA ILE M 21 -7.82 -5.04 31.01
C ILE M 21 -7.35 -5.60 32.37
N GLY M 22 -7.96 -6.69 32.87
CA GLY M 22 -7.53 -7.35 34.13
C GLY M 22 -8.34 -6.86 35.32
N ASN M 23 -8.20 -5.58 35.70
CA ASN M 23 -8.96 -4.96 36.85
C ASN M 23 -9.57 -3.60 36.45
N LEU M 24 -8.87 -2.74 35.69
CA LEU M 24 -9.44 -1.44 35.20
C LEU M 24 -10.61 -1.77 34.24
N THR M 25 -11.84 -1.27 34.46
CA THR M 25 -12.97 -1.42 33.49
C THR M 25 -12.85 -0.20 32.56
N LYS M 26 -12.92 -0.35 31.22
CA LYS M 26 -12.63 0.72 30.28
C LYS M 26 -13.92 1.35 29.77
N HIS M 27 -13.96 2.67 29.78
CA HIS M 27 -15.07 3.40 29.18
C HIS M 27 -14.86 3.53 27.68
N ARG M 28 -15.97 3.54 26.94
CA ARG M 28 -15.90 3.63 25.49
C ARG M 28 -15.40 5.00 25.06
N THR M 29 -14.48 5.00 24.09
CA THR M 29 -13.91 6.23 23.56
C THR M 29 -13.86 6.15 22.04
N ALA M 30 -13.93 7.30 21.39
CA ALA M 30 -13.92 7.40 19.94
C ALA M 30 -13.12 8.62 19.52
N PRO M 31 -12.56 8.61 18.31
CA PRO M 31 -11.86 9.79 17.81
C PRO M 31 -12.84 10.83 17.27
N VAL M 32 -12.36 12.09 17.28
CA VAL M 32 -13.12 13.20 16.72
C VAL M 32 -12.13 14.23 16.19
N VAL M 33 -12.54 14.93 15.14
CA VAL M 33 -11.77 16.00 14.51
C VAL M 33 -12.31 17.35 14.95
N LEU M 34 -11.43 18.18 15.51
CA LEU M 34 -11.79 19.48 16.03
C LEU M 34 -11.00 20.58 15.34
N LYS M 35 -11.68 21.67 15.01
CA LYS M 35 -11.11 22.81 14.31
C LYS M 35 -10.70 23.89 15.31
N THR M 36 -9.46 24.35 15.19
CA THR M 36 -8.92 25.40 16.04
C THR M 36 -8.21 26.43 15.17
N SER M 37 -7.89 27.57 15.79
CA SER M 37 -7.21 28.64 15.05
C SER M 37 -5.91 28.16 14.42
N THR M 38 -5.22 27.21 15.08
CA THR M 38 -3.96 26.72 14.57
C THR M 38 -4.13 25.61 13.54
N GLY M 39 -5.32 25.07 13.39
CA GLY M 39 -5.56 24.04 12.39
C GLY M 39 -6.60 23.02 12.78
N TYR M 40 -6.23 21.74 12.72
CA TYR M 40 -7.11 20.64 13.08
C TYR M 40 -6.40 19.73 14.09
N LEU M 41 -7.17 19.15 15.00
CA LEU M 41 -6.69 18.25 16.04
C LEU M 41 -7.55 17.01 16.08
N VAL M 42 -6.93 15.86 16.31
CA VAL M 42 -7.63 14.60 16.48
C VAL M 42 -7.59 14.25 17.97
N ARG M 43 -8.76 14.16 18.58
CA ARG M 43 -8.87 13.95 20.02
C ARG M 43 -9.74 12.72 20.30
N TYR M 44 -9.36 11.98 21.35
CA TYR M 44 -10.11 10.82 21.79
C TYR M 44 -11.05 11.25 22.92
N VAL M 45 -12.34 10.96 22.75
CA VAL M 45 -13.36 11.47 23.67
C VAL M 45 -14.30 10.34 24.05
N PRO M 46 -14.78 10.28 25.29
CA PRO M 46 -15.76 9.24 25.65
C PRO M 46 -17.06 9.41 24.87
N VAL M 47 -17.69 8.27 24.59
CA VAL M 47 -18.95 8.25 23.85
C VAL M 47 -19.84 7.15 24.42
N ILE M 48 -21.12 7.20 24.04
CA ILE M 48 -22.10 6.21 24.44
C ILE M 48 -22.80 5.69 23.19
N SER M 49 -22.94 4.38 23.07
CA SER M 49 -23.51 3.77 21.89
C SER M 49 -25.02 4.00 21.83
N GLY M 50 -25.56 3.89 20.62
CA GLY M 50 -27.00 4.02 20.44
C GLY M 50 -27.77 2.75 20.69
N GLU M 51 -27.10 1.60 20.67
CA GLU M 51 -27.77 0.33 20.93
C GLU M 51 -28.32 0.27 22.33
N ALA M 52 -27.59 0.83 23.31
CA ALA M 52 -28.11 0.88 24.68
C ALA M 52 -29.38 1.71 24.75
N LEU M 53 -29.38 2.86 24.06
CA LEU M 53 -30.58 3.70 24.04
C LEU M 53 -31.75 2.95 23.40
N ALA M 54 -31.48 2.23 22.31
CA ALA M 54 -32.54 1.44 21.67
C ALA M 54 -33.06 0.38 22.62
N HIS M 55 -32.17 -0.29 23.35
CA HIS M 55 -32.59 -1.31 24.30
C HIS M 55 -33.49 -0.72 25.37
N ALA M 56 -33.10 0.43 25.93
CA ALA M 56 -33.92 1.07 26.95
C ALA M 56 -35.28 1.47 26.40
N TYR M 57 -35.29 2.06 25.19
CA TYR M 57 -36.54 2.46 24.57
C TYR M 57 -37.46 1.27 24.36
N GLN M 58 -36.92 0.17 23.85
CA GLN M 58 -37.72 -1.01 23.59
C GLN M 58 -38.22 -1.65 24.88
N ALA M 59 -37.42 -1.64 25.94
CA ALA M 59 -37.87 -2.15 27.23
C ALA M 59 -39.03 -1.32 27.76
N SER M 60 -38.92 0.01 27.68
CA SER M 60 -40.02 0.86 28.12
C SER M 60 -41.27 0.61 27.28
N LEU M 61 -41.09 0.44 25.97
CA LEU M 61 -42.22 0.14 25.10
C LEU M 61 -42.88 -1.17 25.50
N VAL M 62 -42.08 -2.19 25.81
CA VAL M 62 -42.63 -3.48 26.24
C VAL M 62 -43.45 -3.30 27.51
N ASP M 63 -42.91 -2.58 28.48
CA ASP M 63 -43.61 -2.38 29.73
C ASP M 63 -44.95 -1.66 29.50
N ILE M 64 -44.92 -0.60 28.70
CA ILE M 64 -46.13 0.18 28.45
C ILE M 64 -47.17 -0.67 27.72
N ALA M 65 -46.73 -1.42 26.71
CA ALA M 65 -47.66 -2.25 25.95
C ALA M 65 -48.29 -3.31 26.83
N LYS M 66 -47.49 -3.96 27.68
CA LYS M 66 -48.04 -4.95 28.59
C LYS M 66 -49.04 -4.32 29.55
N LYS M 67 -48.75 -3.11 30.03
CA LYS M 67 -49.68 -2.43 30.92
C LYS M 67 -50.97 -2.05 30.20
N GLU M 68 -50.89 -1.78 28.90
CA GLU M 68 -52.07 -1.32 28.16
C GLU M 68 -52.96 -2.49 27.74
N GLY M 69 -52.39 -3.46 27.04
CA GLY M 69 -53.08 -4.65 26.56
C GLY M 69 -52.65 -5.10 25.18
N LEU M 70 -51.76 -4.34 24.55
CA LEU M 70 -51.29 -4.72 23.23
C LEU M 70 -50.47 -6.01 23.30
N PRO M 71 -50.47 -6.79 22.22
CA PRO M 71 -49.77 -8.08 22.26
C PRO M 71 -48.26 -7.91 22.40
N VAL M 72 -47.64 -8.89 23.05
CA VAL M 72 -46.20 -8.92 23.23
C VAL M 72 -45.73 -10.36 23.02
N GLY M 73 -44.56 -10.51 22.41
CA GLY M 73 -44.04 -11.83 22.10
C GLY M 73 -43.62 -12.57 23.35
N SER M 74 -43.41 -13.88 23.17
CA SER M 74 -43.01 -14.73 24.28
C SER M 74 -41.61 -14.38 24.75
N LEU M 75 -40.62 -14.46 23.86
CA LEU M 75 -39.26 -14.09 24.23
C LEU M 75 -39.19 -12.61 24.60
N SER M 76 -39.85 -11.76 23.82
CA SER M 76 -39.81 -10.32 24.08
C SER M 76 -40.39 -9.97 25.44
N SER M 77 -41.29 -10.81 25.97
CA SER M 77 -41.77 -10.57 27.33
C SER M 77 -40.60 -10.52 28.30
N GLN M 78 -39.68 -11.48 28.18
CA GLN M 78 -38.38 -11.34 28.80
C GLN M 78 -37.56 -10.31 28.02
N TYR M 79 -36.72 -9.57 28.72
CA TYR M 79 -35.90 -8.52 28.14
C TYR M 79 -34.75 -9.12 27.34
N GLU M 80 -35.09 -9.81 26.25
CA GLU M 80 -34.11 -10.42 25.36
C GLU M 80 -34.62 -10.20 23.93
N PHE M 81 -34.12 -9.16 23.28
CA PHE M 81 -34.64 -8.73 21.99
C PHE M 81 -33.93 -9.42 20.83
N ILE M 82 -33.88 -10.75 20.88
CA ILE M 82 -33.39 -11.50 19.73
C ILE M 82 -34.37 -11.40 18.58
N LYS M 83 -35.66 -11.38 18.86
CA LYS M 83 -36.70 -11.28 17.84
C LYS M 83 -36.66 -12.49 16.92
N PHE M 84 -37.32 -12.40 15.77
CA PHE M 84 -37.50 -13.56 14.88
C PHE M 84 -36.37 -13.59 13.85
N SER M 85 -35.19 -13.98 14.34
CA SER M 85 -33.99 -14.08 13.51
C SER M 85 -33.63 -15.52 13.18
N THR M 86 -33.55 -16.38 14.19
CA THR M 86 -33.17 -17.77 14.01
C THR M 86 -34.39 -18.68 14.11
N ASP M 87 -34.20 -19.93 13.68
CA ASP M 87 -35.30 -20.88 13.67
C ASP M 87 -35.76 -21.23 15.08
N GLU M 88 -34.85 -21.18 16.05
CA GLU M 88 -35.23 -21.52 17.43
C GLU M 88 -36.26 -20.55 17.97
N ALA M 89 -36.10 -19.26 17.67
CA ALA M 89 -37.08 -18.28 18.12
C ALA M 89 -38.45 -18.54 17.50
N LEU M 90 -38.48 -18.87 16.21
CA LEU M 90 -39.75 -19.20 15.57
C LEU M 90 -40.37 -20.43 16.19
N LYS M 91 -39.57 -21.46 16.46
CA LYS M 91 -40.09 -22.67 17.09
C LYS M 91 -40.68 -22.37 18.46
N ILE M 92 -39.99 -21.55 19.25
CA ILE M 92 -40.50 -21.19 20.57
C ILE M 92 -41.80 -20.42 20.44
N GLU M 93 -41.84 -19.44 19.53
CA GLU M 93 -43.04 -18.65 19.36
C GLU M 93 -44.15 -19.44 18.68
N GLY M 94 -43.78 -20.33 17.76
CA GLY M 94 -44.75 -21.17 17.10
C GLY M 94 -45.27 -20.55 15.81
N ILE M 95 -44.37 -20.12 14.94
CA ILE M 95 -44.72 -19.53 13.65
C ILE M 95 -44.03 -20.32 12.55
N LYS M 96 -44.79 -20.67 11.52
CA LYS M 96 -44.22 -21.43 10.41
C LYS M 96 -43.31 -20.54 9.57
N GLU M 97 -42.20 -21.12 9.13
CA GLU M 97 -41.26 -20.37 8.31
C GLU M 97 -41.86 -20.10 6.93
N PRO M 98 -41.44 -19.02 6.27
CA PRO M 98 -41.96 -18.75 4.92
C PRO M 98 -41.55 -19.82 3.94
N LYS M 99 -42.43 -20.06 2.97
CA LYS M 99 -42.19 -21.07 1.94
C LYS M 99 -41.48 -20.48 0.73
N ASP M 100 -41.99 -19.37 0.21
CA ASP M 100 -41.39 -18.70 -0.94
C ASP M 100 -41.64 -17.20 -0.82
N TYR M 101 -41.26 -16.46 -1.86
CA TYR M 101 -41.43 -15.01 -1.83
C TYR M 101 -42.90 -14.63 -1.72
N ASN M 102 -43.77 -15.31 -2.45
CA ASN M 102 -45.18 -14.95 -2.48
C ASN M 102 -45.80 -14.94 -1.09
N ASP M 103 -45.37 -15.85 -0.22
CA ASP M 103 -45.92 -15.95 1.12
C ASP M 103 -45.26 -14.99 2.12
N ALA M 104 -44.17 -14.33 1.72
CA ALA M 104 -43.41 -13.52 2.66
C ALA M 104 -44.31 -12.55 3.41
N ARG M 105 -45.12 -11.79 2.67
CA ARG M 105 -46.00 -10.81 3.29
C ARG M 105 -46.78 -11.44 4.43
N ARG M 106 -47.43 -12.58 4.17
CA ARG M 106 -48.20 -13.24 5.20
C ARG M 106 -47.37 -13.44 6.46
N PHE M 107 -46.18 -14.04 6.30
CA PHE M 107 -45.30 -14.25 7.43
C PHE M 107 -45.10 -12.96 8.20
N GLU M 108 -44.75 -11.89 7.49
CA GLU M 108 -44.53 -10.61 8.16
C GLU M 108 -45.75 -10.25 9.00
N VAL M 109 -46.93 -10.29 8.39
CA VAL M 109 -48.14 -9.90 9.10
C VAL M 109 -48.27 -10.72 10.37
N GLU M 110 -48.05 -12.03 10.27
CA GLU M 110 -48.17 -12.89 11.45
C GLU M 110 -47.27 -12.38 12.56
N VAL M 111 -45.98 -12.18 12.24
CA VAL M 111 -45.06 -11.68 13.26
C VAL M 111 -45.55 -10.33 13.77
N MET M 112 -46.01 -9.48 12.86
CA MET M 112 -46.45 -8.15 13.19
C MET M 112 -47.68 -8.14 14.08
N LEU M 113 -48.37 -9.28 14.20
CA LEU M 113 -49.51 -9.39 15.10
C LEU M 113 -49.16 -10.05 16.43
N LYS M 114 -47.93 -10.56 16.58
CA LYS M 114 -47.55 -11.25 17.80
C LYS M 114 -46.60 -10.44 18.68
N ASP M 115 -45.96 -9.40 18.14
CA ASP M 115 -45.01 -8.60 18.90
C ASP M 115 -45.03 -7.18 18.39
N VAL M 116 -45.39 -6.24 19.26
CA VAL M 116 -45.32 -4.83 18.90
C VAL M 116 -43.89 -4.39 18.68
N ILE M 117 -42.95 -4.95 19.46
CA ILE M 117 -41.55 -4.58 19.31
C ILE M 117 -41.06 -4.93 17.92
N ALA M 118 -41.40 -6.11 17.42
CA ALA M 118 -41.00 -6.49 16.07
C ALA M 118 -41.58 -5.56 15.02
N ASP M 119 -42.64 -4.83 15.37
CA ASP M 119 -43.24 -3.89 14.42
C ASP M 119 -42.53 -2.54 14.46
N VAL M 120 -42.44 -1.94 15.64
CA VAL M 120 -41.85 -0.61 15.75
C VAL M 120 -40.35 -0.67 15.47
N GLY M 121 -39.64 -1.60 16.09
CA GLY M 121 -38.21 -1.67 15.98
C GLY M 121 -37.69 -2.43 14.78
N GLY M 122 -38.56 -3.05 13.99
CA GLY M 122 -38.12 -3.80 12.84
C GLY M 122 -37.57 -5.16 13.23
N PHE M 123 -37.17 -5.92 12.22
CA PHE M 123 -36.62 -7.25 12.44
C PHE M 123 -36.04 -7.74 11.11
N MET M 124 -35.39 -8.91 11.18
CA MET M 124 -34.77 -9.52 10.02
C MET M 124 -34.81 -11.03 10.17
N TYR M 125 -35.16 -11.72 9.09
CA TYR M 125 -35.12 -13.17 9.01
C TYR M 125 -34.19 -13.57 7.87
N ALA M 126 -33.23 -14.45 8.18
CA ALA M 126 -32.26 -14.93 7.21
C ALA M 126 -32.55 -16.39 6.90
N GLY M 127 -32.60 -16.71 5.61
CA GLY M 127 -32.89 -18.08 5.20
C GLY M 127 -33.16 -18.14 3.70
N GLY M 128 -33.89 -19.18 3.31
CA GLY M 128 -34.23 -19.35 1.91
C GLY M 128 -35.06 -18.20 1.37
N ALA M 129 -35.94 -17.63 2.20
CA ALA M 129 -36.79 -16.50 1.84
C ALA M 129 -36.58 -15.40 2.87
N PRO M 130 -35.48 -14.66 2.78
CA PRO M 130 -35.19 -13.65 3.79
C PRO M 130 -36.27 -12.58 3.84
N VAL M 131 -36.51 -12.06 5.04
CA VAL M 131 -37.50 -11.01 5.25
C VAL M 131 -36.85 -9.89 6.04
N ARG M 132 -37.35 -8.67 5.84
CA ARG M 132 -36.76 -7.50 6.47
C ARG M 132 -37.87 -6.53 6.88
N ARG M 133 -37.56 -5.73 7.90
CA ARG M 133 -38.42 -4.62 8.30
C ARG M 133 -37.54 -3.61 9.01
N THR M 134 -37.30 -2.48 8.35
CA THR M 134 -36.45 -1.44 8.90
C THR M 134 -37.08 -0.81 10.13
N SER M 135 -36.23 -0.44 11.08
CA SER M 135 -36.71 0.16 12.32
C SER M 135 -37.37 1.50 12.03
N ARG M 136 -38.43 1.79 12.78
CA ARG M 136 -39.15 3.05 12.67
C ARG M 136 -38.59 4.13 13.58
N ILE M 137 -37.62 3.80 14.42
CA ILE M 137 -36.98 4.77 15.32
C ILE M 137 -35.48 4.72 15.05
N LYS M 138 -34.87 5.88 14.91
CA LYS M 138 -33.46 6.00 14.56
C LYS M 138 -32.74 6.85 15.60
N LEU M 139 -31.62 6.35 16.09
CA LEU M 139 -30.80 7.03 17.08
C LEU M 139 -29.36 7.01 16.62
N GLY M 140 -28.50 7.67 17.40
CA GLY M 140 -27.09 7.76 17.09
C GLY M 140 -26.26 7.82 18.35
N TYR M 141 -24.94 7.82 18.15
CA TYR M 141 -24.02 7.87 19.27
C TYR M 141 -24.15 9.22 20.00
N MET M 142 -23.88 9.18 21.31
CA MET M 142 -23.90 10.37 22.15
C MET M 142 -22.49 10.93 22.22
N ILE M 143 -22.32 12.16 21.79
CA ILE M 143 -21.00 12.80 21.75
C ILE M 143 -21.08 14.14 22.46
N PRO M 144 -20.03 14.55 23.19
CA PRO M 144 -20.04 15.89 23.76
C PRO M 144 -19.90 16.96 22.68
N ALA M 145 -20.41 18.15 23.00
CA ALA M 145 -20.41 19.24 22.04
C ALA M 145 -18.98 19.58 21.63
N LEU M 146 -18.77 19.67 20.32
CA LEU M 146 -17.48 20.08 19.76
C LEU M 146 -17.49 21.57 19.44
N ARG M 147 -17.61 22.36 20.51
CA ARG M 147 -17.75 23.81 20.41
C ARG M 147 -16.49 24.49 20.91
N GLY M 148 -16.08 25.54 20.22
CA GLY M 148 -14.90 26.27 20.62
C GLY M 148 -13.62 25.46 20.40
N ASP M 149 -12.57 25.89 21.10
CA ASP M 149 -11.27 25.24 21.02
C ASP M 149 -11.01 24.31 22.19
N GLU M 150 -12.01 24.09 23.05
CA GLU M 150 -11.87 23.22 24.21
C GLU M 150 -13.06 22.29 24.28
N ILE M 151 -12.79 21.01 24.52
CA ILE M 151 -13.83 19.99 24.64
C ILE M 151 -14.20 19.87 26.12
N PRO M 152 -15.45 20.14 26.50
CA PRO M 152 -15.84 20.04 27.92
C PRO M 152 -16.15 18.60 28.33
N ALA M 153 -15.09 17.80 28.42
CA ALA M 153 -15.21 16.40 28.79
C ALA M 153 -13.96 15.98 29.53
N GLN M 154 -14.15 15.16 30.56
CA GLN M 154 -13.05 14.63 31.35
C GLN M 154 -13.30 13.15 31.63
N LEU M 155 -12.20 12.39 31.71
CA LEU M 155 -12.23 10.98 32.01
C LEU M 155 -11.09 10.67 32.96
N GLU M 156 -11.35 9.83 33.97
CA GLU M 156 -10.35 9.52 34.98
C GLU M 156 -10.59 8.12 35.50
N ALA M 157 -9.64 7.62 36.28
CA ALA M 157 -9.71 6.31 36.91
C ALA M 157 -9.91 6.46 38.41
N GLN M 158 -10.60 5.49 38.99
CA GLN M 158 -10.89 5.47 40.42
C GLN M 158 -10.56 4.10 40.98
N PHE M 159 -10.08 4.11 42.21
CA PHE M 159 -9.53 2.93 42.89
C PHE M 159 -10.55 2.38 43.88
N HIS M 160 -10.74 1.07 43.87
CA HIS M 160 -11.67 0.42 44.79
C HIS M 160 -11.09 -0.88 45.28
N VAL M 161 -11.49 -1.27 46.50
CA VAL M 161 -10.97 -2.45 47.16
C VAL M 161 -12.13 -3.23 47.77
N ARG M 162 -11.92 -4.53 47.96
CA ARG M 162 -12.88 -5.41 48.62
C ARG M 162 -12.29 -5.85 49.95
N PHE M 163 -13.04 -5.61 51.03
CA PHE M 163 -12.57 -5.94 52.36
C PHE M 163 -12.68 -7.44 52.62
N SER M 164 -11.73 -7.96 53.38
CA SER M 164 -11.73 -9.36 53.76
C SER M 164 -10.94 -9.53 55.05
N ASN M 165 -11.39 -10.45 55.89
CA ASN M 165 -10.74 -10.70 57.17
C ASN M 165 -9.55 -11.64 57.04
N LYS M 166 -9.38 -12.32 55.91
CA LYS M 166 -8.29 -13.25 55.68
C LYS M 166 -7.65 -12.94 54.33
N PRO M 167 -6.84 -11.89 54.26
CA PRO M 167 -6.20 -11.54 52.98
C PRO M 167 -5.34 -12.68 52.47
N VAL M 168 -5.37 -12.87 51.15
CA VAL M 168 -4.60 -13.92 50.50
C VAL M 168 -4.03 -13.40 49.18
N ALA M 173 -9.06 -8.52 45.03
CA ALA M 173 -9.68 -7.67 46.04
C ALA M 173 -9.50 -6.19 45.71
N ILE M 174 -8.85 -5.91 44.58
CA ILE M 174 -8.57 -4.55 44.14
C ILE M 174 -8.99 -4.42 42.69
N PHE M 175 -9.64 -3.30 42.36
CA PHE M 175 -10.01 -3.04 40.98
C PHE M 175 -10.06 -1.53 40.75
N ASN M 176 -10.14 -1.15 39.48
CA ASN M 176 -10.19 0.24 39.07
C ASN M 176 -11.33 0.41 38.07
N VAL M 177 -11.98 1.57 38.12
CA VAL M 177 -13.14 1.86 37.28
C VAL M 177 -12.98 3.25 36.68
N GLU M 178 -13.31 3.37 35.40
CA GLU M 178 -13.23 4.64 34.70
C GLU M 178 -14.52 5.42 34.88
N VAL M 179 -14.37 6.70 35.23
CA VAL M 179 -15.50 7.60 35.45
C VAL M 179 -15.29 8.85 34.61
N SER M 180 -16.36 9.33 33.99
CA SER M 180 -16.29 10.45 33.06
C SER M 180 -17.29 11.53 33.46
N SER M 181 -17.17 12.67 32.78
CA SER M 181 -18.11 13.78 32.93
C SER M 181 -18.05 14.60 31.65
N ALA M 182 -19.19 15.14 31.22
CA ALA M 182 -19.21 15.87 29.97
C ALA M 182 -20.57 16.53 29.77
N LEU M 183 -20.67 17.28 28.68
CA LEU M 183 -21.90 17.91 28.22
C LEU M 183 -22.30 17.19 26.93
N TYR M 184 -23.19 16.22 27.04
CA TYR M 184 -23.52 15.36 25.92
C TYR M 184 -24.60 15.99 25.04
N THR M 185 -24.71 15.47 23.82
CA THR M 185 -25.74 15.90 22.88
C THR M 185 -26.08 14.73 21.98
N PHE M 186 -27.34 14.67 21.53
CA PHE M 186 -27.74 13.61 20.62
C PHE M 186 -29.06 13.96 19.96
N SER M 187 -29.29 13.31 18.81
CA SER M 187 -30.48 13.56 18.00
C SER M 187 -31.20 12.24 17.75
N PHE M 188 -32.51 12.34 17.56
CA PHE M 188 -33.36 11.17 17.36
C PHE M 188 -34.40 11.45 16.30
N GLU M 189 -34.86 10.37 15.66
CA GLU M 189 -35.90 10.44 14.64
C GLU M 189 -36.89 9.31 14.84
N LEU M 190 -38.15 9.58 14.50
CA LEU M 190 -39.21 8.59 14.63
C LEU M 190 -40.30 8.92 13.63
N ASP M 191 -40.61 7.98 12.74
CA ASP M 191 -41.67 8.15 11.74
C ASP M 191 -42.91 7.41 12.21
N GLU M 192 -43.94 8.17 12.60
CA GLU M 192 -45.17 7.59 13.11
C GLU M 192 -46.18 7.29 12.01
N ASP M 193 -45.92 7.72 10.78
CA ASP M 193 -46.85 7.50 9.68
C ASP M 193 -46.73 6.11 9.07
N LEU M 194 -45.70 5.34 9.44
CA LEU M 194 -45.51 4.00 8.92
C LEU M 194 -45.74 2.92 9.95
N ILE M 195 -46.05 3.27 11.21
CA ILE M 195 -46.34 2.27 12.22
C ILE M 195 -47.61 1.53 11.85
N ALA M 196 -47.65 0.23 12.17
CA ALA M 196 -48.81 -0.60 11.89
C ALA M 196 -49.11 -0.64 10.39
N VAL M 197 -48.07 -0.63 9.57
CA VAL M 197 -48.19 -0.68 8.12
C VAL M 197 -47.21 -1.71 7.58
N PRO M 198 -47.66 -2.73 6.85
CA PRO M 198 -46.71 -3.66 6.24
C PRO M 198 -45.77 -2.96 5.29
N SER M 199 -44.53 -3.46 5.22
CA SER M 199 -43.49 -2.87 4.38
C SER M 199 -43.16 -3.73 3.16
N THR M 200 -43.92 -4.79 2.93
CA THR M 200 -43.69 -5.68 1.80
C THR M 200 -44.81 -5.54 0.78
N PHE M 201 -44.45 -5.65 -0.49
CA PHE M 201 -45.40 -5.47 -1.58
C PHE M 201 -46.03 -6.79 -1.96
N GLY M 202 -47.36 -6.80 -2.05
CA GLY M 202 -48.07 -8.01 -2.42
C GLY M 202 -49.56 -7.81 -2.21
N GLU M 203 -50.31 -8.85 -2.55
CA GLU M 203 -51.76 -8.83 -2.40
C GLU M 203 -52.14 -8.81 -0.93
N LYS M 204 -53.28 -8.20 -0.64
CA LYS M 204 -53.75 -8.10 0.73
C LYS M 204 -54.03 -9.49 1.30
N VAL M 205 -53.78 -9.64 2.60
CA VAL M 205 -53.97 -10.89 3.31
C VAL M 205 -54.82 -10.63 4.55
N LYS M 206 -55.51 -11.67 5.01
CA LYS M 206 -56.38 -11.54 6.17
C LYS M 206 -55.57 -11.15 7.40
N GLY M 207 -56.19 -10.34 8.27
CA GLY M 207 -55.58 -9.90 9.50
C GLY M 207 -55.22 -8.43 9.52
N GLU M 208 -55.18 -7.77 8.35
CA GLU M 208 -54.83 -6.35 8.32
C GLU M 208 -55.86 -5.48 9.01
N GLU M 209 -57.10 -5.96 9.14
CA GLU M 209 -58.13 -5.18 9.83
C GLU M 209 -57.77 -4.97 11.29
N GLU M 210 -57.23 -6.00 11.94
CA GLU M 210 -56.80 -5.86 13.33
C GLU M 210 -55.67 -4.85 13.43
N LEU M 211 -54.75 -4.85 12.46
CA LEU M 211 -53.67 -3.87 12.46
C LEU M 211 -54.23 -2.46 12.34
N GLU M 212 -55.18 -2.25 11.43
CA GLU M 212 -55.79 -0.95 11.30
C GLU M 212 -56.48 -0.54 12.60
N ARG M 213 -57.11 -1.50 13.28
CA ARG M 213 -57.77 -1.20 14.54
C ARG M 213 -56.77 -0.76 15.61
N GLN M 214 -55.63 -1.43 15.69
CA GLN M 214 -54.66 -1.19 16.75
C GLN M 214 -53.62 -0.12 16.38
N LYS M 215 -53.70 0.45 15.18
CA LYS M 215 -52.72 1.45 14.76
C LYS M 215 -52.64 2.60 15.75
N ALA M 216 -53.79 3.13 16.17
CA ALA M 216 -53.79 4.31 17.04
C ALA M 216 -53.12 4.00 18.37
N LYS M 217 -53.47 2.87 18.98
CA LYS M 217 -52.87 2.51 20.26
C LYS M 217 -51.38 2.28 20.12
N ARG M 218 -50.96 1.62 19.03
CA ARG M 218 -49.53 1.39 18.84
C ARG M 218 -48.78 2.70 18.69
N VAL M 219 -49.34 3.64 17.93
CA VAL M 219 -48.68 4.93 17.73
C VAL M 219 -48.59 5.68 19.05
N LYS M 220 -49.68 5.66 19.83
CA LYS M 220 -49.66 6.35 21.11
C LYS M 220 -48.61 5.76 22.04
N SER M 221 -48.51 4.43 22.08
CA SER M 221 -47.51 3.79 22.92
C SER M 221 -46.10 4.14 22.46
N ALA M 222 -45.86 4.14 21.15
CA ALA M 222 -44.54 4.47 20.64
C ALA M 222 -44.16 5.90 21.01
N ILE M 223 -45.11 6.83 20.88
CA ILE M 223 -44.84 8.22 21.25
C ILE M 223 -44.54 8.32 22.74
N LYS M 224 -45.33 7.62 23.57
CA LYS M 224 -45.12 7.67 25.01
C LYS M 224 -43.75 7.13 25.40
N ALA M 225 -43.26 6.12 24.66
CA ALA M 225 -42.02 5.47 25.05
C ALA M 225 -40.83 6.42 25.05
N LEU M 226 -40.90 7.55 24.35
CA LEU M 226 -39.77 8.47 24.26
C LEU M 226 -39.50 9.16 25.59
N TYR M 227 -40.46 9.12 26.52
CA TYR M 227 -40.25 9.79 27.81
C TYR M 227 -39.09 9.18 28.57
N SER M 228 -38.92 7.86 28.48
CA SER M 228 -37.79 7.23 29.16
C SER M 228 -36.47 7.80 28.70
N LEU M 229 -36.26 7.87 27.37
CA LEU M 229 -35.02 8.42 26.86
C LEU M 229 -34.87 9.90 27.20
N LEU M 230 -35.95 10.67 27.08
CA LEU M 230 -35.86 12.11 27.33
C LEU M 230 -35.69 12.41 28.82
N SER M 231 -35.95 11.43 29.68
CA SER M 231 -35.83 11.66 31.12
C SER M 231 -34.46 11.29 31.67
N GLY M 232 -33.78 10.33 31.04
CA GLY M 232 -32.46 9.93 31.48
C GLY M 232 -32.42 8.56 32.11
N ASN M 233 -33.26 7.65 31.64
CA ASN M 233 -33.31 6.27 32.12
C ASN M 233 -32.68 5.37 31.06
N PHE M 234 -31.36 5.23 31.14
CA PHE M 234 -30.63 4.40 30.20
C PHE M 234 -29.22 4.19 30.75
N GLY M 235 -28.49 3.27 30.13
CA GLY M 235 -27.13 2.97 30.52
C GLY M 235 -27.07 1.91 31.61
N GLY M 236 -25.83 1.49 31.90
CA GLY M 236 -25.57 0.46 32.89
C GLY M 236 -24.81 1.01 34.09
N LYS M 237 -24.52 0.09 35.01
CA LYS M 237 -23.81 0.43 36.24
C LYS M 237 -24.51 1.55 37.01
N ARG M 238 -25.85 1.50 37.02
CA ARG M 238 -26.65 2.47 37.73
C ARG M 238 -26.87 2.11 39.19
N SER M 239 -26.44 0.92 39.62
CA SER M 239 -26.67 0.50 41.00
C SER M 239 -25.78 1.26 41.97
N ARG M 240 -24.50 1.45 41.61
CA ARG M 240 -23.55 2.13 42.49
C ARG M 240 -23.01 3.43 41.90
N PHE M 241 -23.19 3.67 40.60
CA PHE M 241 -22.67 4.88 39.96
C PHE M 241 -23.81 5.69 39.37
N LEU M 242 -24.87 5.88 40.13
CA LEU M 242 -26.03 6.62 39.64
C LEU M 242 -25.61 8.02 39.22
N PRO M 243 -25.88 8.44 37.99
CA PRO M 243 -25.42 9.75 37.53
C PRO M 243 -26.36 10.87 37.99
N SER M 244 -25.91 12.10 37.75
CA SER M 244 -26.67 13.31 38.03
C SER M 244 -26.90 14.01 36.71
N MET M 245 -28.08 13.83 36.13
CA MET M 245 -28.41 14.38 34.83
C MET M 245 -29.27 15.63 34.98
N LYS M 246 -29.23 16.48 33.95
CA LYS M 246 -29.99 17.72 33.95
C LYS M 246 -30.18 18.16 32.51
N LEU M 247 -31.40 18.54 32.15
CA LEU M 247 -31.70 18.99 30.80
C LEU M 247 -31.37 20.46 30.64
N MET M 248 -30.75 20.80 29.51
CA MET M 248 -30.37 22.18 29.21
C MET M 248 -31.11 22.74 28.01
N SER M 249 -31.08 22.05 26.87
CA SER M 249 -31.72 22.53 25.66
C SER M 249 -32.33 21.36 24.89
N LEU M 250 -33.50 21.61 24.31
CA LEU M 250 -34.19 20.58 23.54
C LEU M 250 -34.98 21.24 22.42
N VAL M 251 -34.90 20.65 21.22
CA VAL M 251 -35.67 21.10 20.07
C VAL M 251 -36.35 19.88 19.47
N VAL M 252 -37.64 20.02 19.17
CA VAL M 252 -38.42 18.95 18.55
C VAL M 252 -39.22 19.53 17.40
N THR M 253 -39.31 18.77 16.31
CA THR M 253 -40.01 19.21 15.12
C THR M 253 -40.92 18.10 14.63
N LYS M 254 -42.17 18.47 14.31
CA LYS M 254 -43.15 17.57 13.73
C LYS M 254 -43.53 18.09 12.36
N THR M 255 -43.40 17.24 11.35
CA THR M 255 -43.64 17.65 9.96
C THR M 255 -44.34 16.51 9.23
N ASP M 256 -44.50 16.68 7.92
CA ASP M 256 -45.04 15.66 7.04
C ASP M 256 -44.07 15.29 5.93
N PHE M 257 -42.86 15.86 5.94
CA PHE M 257 -41.85 15.64 4.93
C PHE M 257 -40.51 15.45 5.61
N PRO M 258 -39.54 14.85 4.92
CA PRO M 258 -38.24 14.61 5.55
C PRO M 258 -37.61 15.89 6.05
N PHE M 259 -36.99 15.82 7.23
CA PHE M 259 -36.35 16.97 7.84
C PHE M 259 -35.46 16.49 8.98
N MET M 260 -34.43 17.28 9.28
CA MET M 260 -33.51 16.95 10.36
C MET M 260 -32.96 18.22 10.98
N PRO M 261 -33.17 18.45 12.28
CA PRO M 261 -32.66 19.66 12.91
C PRO M 261 -31.13 19.65 13.00
N GLU M 262 -30.57 20.84 13.15
CA GLU M 262 -29.13 20.96 13.22
C GLU M 262 -28.60 20.29 14.49
N PRO M 263 -27.40 19.71 14.43
CA PRO M 263 -26.82 19.13 15.64
C PRO M 263 -26.58 20.18 16.71
N ALA M 264 -26.67 19.75 17.96
CA ALA M 264 -26.54 20.65 19.10
C ALA M 264 -25.08 20.89 19.46
N HIS M 265 -24.27 21.31 18.48
CA HIS M 265 -22.88 21.64 18.72
C HIS M 265 -22.66 23.14 18.92
N ASP M 266 -23.16 23.95 18.01
CA ASP M 266 -23.03 25.39 18.12
C ASP M 266 -24.00 25.94 19.16
N ASP M 267 -23.64 27.10 19.73
CA ASP M 267 -24.49 27.72 20.73
C ASP M 267 -25.83 28.13 20.14
N ASP M 268 -25.87 28.47 18.85
CA ASP M 268 -27.07 28.93 18.18
C ASP M 268 -27.46 27.90 17.12
N TYR M 269 -28.30 26.95 17.52
CA TYR M 269 -28.81 25.93 16.61
C TYR M 269 -30.32 25.87 16.58
N ILE M 270 -31.02 26.68 17.38
CA ILE M 270 -32.48 26.72 17.35
C ILE M 270 -32.96 27.64 16.24
N LYS M 271 -32.37 28.83 16.16
CA LYS M 271 -32.76 29.79 15.13
C LYS M 271 -32.52 29.22 13.74
N THR M 272 -31.35 28.60 13.53
CA THR M 272 -31.02 28.05 12.23
C THR M 272 -32.01 26.96 11.83
N THR M 273 -32.32 26.05 12.75
CA THR M 273 -33.24 24.97 12.42
C THR M 273 -34.65 25.50 12.17
N ILE M 274 -35.06 26.54 12.90
CA ILE M 274 -36.37 27.13 12.66
C ILE M 274 -36.45 27.72 11.26
N MET M 275 -35.44 28.51 10.89
CA MET M 275 -35.43 29.11 9.56
C MET M 275 -35.40 28.04 8.48
N ARG M 276 -34.59 27.00 8.68
CA ARG M 276 -34.52 25.92 7.70
C ARG M 276 -35.83 25.17 7.60
N LEU M 277 -36.54 24.99 8.73
CA LEU M 277 -37.84 24.34 8.69
C LEU M 277 -38.82 25.18 7.87
N GLY M 278 -38.84 26.49 8.10
CA GLY M 278 -39.73 27.34 7.33
C GLY M 278 -39.45 27.26 5.84
N LYS M 279 -38.17 27.36 5.47
CA LYS M 279 -37.82 27.32 4.06
C LYS M 279 -38.06 25.94 3.44
N ALA M 280 -37.87 24.87 4.22
CA ALA M 280 -38.14 23.54 3.72
C ALA M 280 -39.63 23.33 3.49
N LYS M 281 -40.47 23.84 4.38
CA LYS M 281 -41.90 23.81 4.12
C LYS M 281 -42.23 24.59 2.86
N GLY M 282 -41.58 25.73 2.67
CA GLY M 282 -41.82 26.51 1.47
C GLY M 282 -41.46 25.76 0.20
N VAL M 283 -40.32 25.06 0.22
CA VAL M 283 -39.82 24.43 -1.01
C VAL M 283 -40.54 23.12 -1.29
N LEU M 284 -40.72 22.27 -0.28
CA LEU M 284 -41.19 20.91 -0.47
C LEU M 284 -42.71 20.80 -0.44
N ASN M 285 -43.42 21.92 -0.57
CA ASN M 285 -44.88 21.90 -0.64
C ASN M 285 -45.47 21.20 0.57
N GLY M 286 -44.92 21.50 1.74
CA GLY M 286 -45.41 20.91 2.97
C GLY M 286 -46.73 21.50 3.41
N ASN M 287 -47.41 20.78 4.30
CA ASN M 287 -48.69 21.21 4.84
C ASN M 287 -48.67 21.38 6.36
N LEU M 288 -47.85 20.64 7.08
CA LEU M 288 -47.76 20.73 8.52
C LEU M 288 -46.30 20.86 8.92
N ALA M 289 -46.02 21.81 9.81
CA ALA M 289 -44.66 22.02 10.31
C ALA M 289 -44.75 22.76 11.62
N LYS M 290 -44.41 22.08 12.72
CA LYS M 290 -44.47 22.67 14.05
C LYS M 290 -43.19 22.38 14.81
N ALA M 291 -42.81 23.30 15.68
CA ALA M 291 -41.58 23.19 16.46
C ALA M 291 -41.86 23.51 17.92
N TYR M 292 -41.20 22.76 18.80
CA TYR M 292 -41.27 22.98 20.24
C TYR M 292 -39.85 23.10 20.78
N VAL M 293 -39.65 24.03 21.70
CA VAL M 293 -38.33 24.35 22.22
C VAL M 293 -38.39 24.40 23.73
N ILE M 294 -37.42 23.76 24.38
CA ILE M 294 -37.22 23.86 25.82
C ILE M 294 -35.84 24.44 26.04
N ASN M 295 -35.76 25.58 26.74
CA ASN M 295 -34.53 26.32 26.93
C ASN M 295 -34.35 26.63 28.41
N ASN M 296 -33.15 26.36 28.91
CA ASN M 296 -32.80 26.67 30.30
C ASN M 296 -31.44 27.33 30.45
N GLU M 297 -30.63 27.38 29.40
CA GLU M 297 -29.31 28.00 29.46
C GLU M 297 -29.30 29.43 28.93
N GLY M 298 -30.46 29.99 28.60
CA GLY M 298 -30.55 31.38 28.17
C GLY M 298 -29.83 31.67 26.88
N ILE M 299 -30.02 30.84 25.87
CA ILE M 299 -29.43 31.05 24.56
C ILE M 299 -30.49 31.66 23.63
N GLU M 300 -30.05 32.17 22.50
CA GLU M 300 -30.97 32.78 21.55
C GLU M 300 -31.95 31.75 21.02
N VAL M 301 -33.19 32.18 20.81
CA VAL M 301 -34.25 31.31 20.35
C VAL M 301 -34.84 31.85 19.06
N GLY M 302 -35.41 33.06 19.13
CA GLY M 302 -36.05 33.67 17.97
C GLY M 302 -37.45 34.15 18.27
N GLU M 303 -38.37 33.96 17.33
CA GLU M 303 -39.75 34.39 17.49
C GLU M 303 -40.68 33.38 16.86
N GLY M 304 -41.94 33.43 17.26
CA GLY M 304 -42.94 32.51 16.74
C GLY M 304 -42.68 31.06 17.08
N VAL M 305 -42.30 30.78 18.33
CA VAL M 305 -42.01 29.43 18.76
C VAL M 305 -42.68 29.18 20.11
N THR M 306 -43.33 28.03 20.24
CA THR M 306 -43.92 27.63 21.51
C THR M 306 -42.82 27.29 22.51
N VAL M 307 -42.96 27.78 23.74
CA VAL M 307 -41.99 27.54 24.80
C VAL M 307 -42.69 26.74 25.89
N LEU M 308 -42.10 25.61 26.25
CA LEU M 308 -42.61 24.74 27.30
C LEU M 308 -41.73 24.86 28.53
N SER M 309 -42.09 24.10 29.56
CA SER M 309 -41.36 24.09 30.82
C SER M 309 -40.71 22.75 31.14
N THR M 310 -41.32 21.64 30.74
CA THR M 310 -40.79 20.31 31.04
C THR M 310 -41.05 19.42 29.84
N VAL M 311 -40.59 18.16 29.96
CA VAL M 311 -40.76 17.20 28.87
C VAL M 311 -42.17 16.63 28.87
N GLU M 312 -42.83 16.60 30.03
CA GLU M 312 -44.18 16.03 30.10
C GLU M 312 -45.15 16.83 29.24
N ASP M 313 -45.04 18.15 29.27
CA ASP M 313 -45.90 18.98 28.42
C ASP M 313 -45.63 18.69 26.95
N LEU M 314 -44.36 18.50 26.59
CA LEU M 314 -44.02 18.18 25.21
C LEU M 314 -44.66 16.86 24.79
N VAL M 315 -44.58 15.84 25.65
CA VAL M 315 -45.17 14.55 25.33
C VAL M 315 -46.68 14.68 25.17
N VAL M 316 -47.32 15.42 26.08
CA VAL M 316 -48.77 15.60 26.01
C VAL M 316 -49.15 16.28 24.71
N LYS M 317 -48.42 17.33 24.34
CA LYS M 317 -48.73 18.05 23.10
C LYS M 317 -48.54 17.16 21.88
N LEU M 318 -47.46 16.37 21.87
CA LEU M 318 -47.24 15.45 20.76
C LEU M 318 -48.36 14.44 20.65
N GLU M 319 -48.81 13.89 21.79
CA GLU M 319 -49.91 12.93 21.78
C GLU M 319 -51.19 13.58 21.27
N GLU M 320 -51.44 14.82 21.69
CA GLU M 320 -52.69 15.48 21.30
C GLU M 320 -52.79 15.64 19.78
N MET N 1 -42.53 2.64 44.50
CA MET N 1 -41.13 3.12 44.49
C MET N 1 -40.96 4.33 45.40
N ILE N 2 -39.85 4.35 46.15
CA ILE N 2 -39.52 5.46 47.03
C ILE N 2 -38.24 6.09 46.50
N SER N 3 -38.34 7.35 46.07
CA SER N 3 -37.19 8.10 45.62
C SER N 3 -36.99 9.30 46.53
N GLY N 4 -35.76 9.82 46.56
CA GLY N 4 -35.48 10.93 47.45
C GLY N 4 -34.24 11.69 47.05
N SER N 5 -34.22 12.97 47.40
CA SER N 5 -33.05 13.83 47.26
C SER N 5 -32.83 14.55 48.58
N VAL N 6 -31.56 14.70 48.97
CA VAL N 6 -31.20 15.24 50.27
C VAL N 6 -30.01 16.15 50.14
N ARG N 7 -29.98 17.18 50.98
CA ARG N 7 -28.88 18.14 51.05
C ARG N 7 -28.33 18.17 52.46
N PHE N 8 -27.02 18.04 52.58
CA PHE N 8 -26.33 18.02 53.87
C PHE N 8 -25.29 19.13 53.92
N LEU N 9 -24.88 19.47 55.13
CA LEU N 9 -23.84 20.48 55.37
C LEU N 9 -22.79 19.87 56.29
N VAL N 10 -21.60 19.63 55.76
CA VAL N 10 -20.54 18.94 56.50
C VAL N 10 -19.34 19.86 56.63
N ASN N 11 -18.80 19.95 57.83
CA ASN N 11 -17.63 20.77 58.12
C ASN N 11 -16.58 19.92 58.83
N LEU N 12 -15.35 19.95 58.33
CA LEU N 12 -14.12 19.34 58.83
C LEU N 12 -14.28 17.82 58.99
N GLU N 13 -14.46 17.17 57.84
CA GLU N 13 -14.62 15.72 57.80
C GLU N 13 -13.65 15.11 56.80
N SER N 14 -13.26 13.87 57.07
CA SER N 14 -12.47 13.04 56.15
C SER N 14 -13.10 11.64 56.21
N LEU N 15 -14.09 11.42 55.35
CA LEU N 15 -14.90 10.21 55.43
C LEU N 15 -14.48 9.13 54.44
N ASN N 16 -13.87 9.49 53.32
CA ASN N 16 -13.44 8.53 52.31
C ASN N 16 -12.00 8.84 51.93
N GLY N 17 -11.13 7.82 52.04
CA GLY N 17 -9.72 7.96 51.72
C GLY N 17 -9.35 7.13 50.51
N VAL N 18 -8.31 7.57 49.79
CA VAL N 18 -7.83 6.88 48.60
C VAL N 18 -6.33 6.66 48.76
N GLU N 19 -5.68 5.98 47.81
CA GLU N 19 -4.19 5.75 47.80
C GLU N 19 -3.44 6.81 48.63
N SER N 20 -2.75 6.44 49.73
CA SER N 20 -2.02 7.37 50.65
C SER N 20 -0.57 7.53 50.18
N ILE N 21 -0.17 8.68 49.61
CA ILE N 21 1.23 8.95 49.16
C ILE N 21 2.11 9.14 50.41
N GLY N 22 3.26 8.47 50.52
CA GLY N 22 4.20 8.69 51.66
C GLY N 22 3.46 8.80 52.99
N ASN N 23 3.56 9.93 53.71
CA ASN N 23 2.94 10.13 55.07
C ASN N 23 1.55 10.77 54.91
N LEU N 24 1.27 11.47 53.79
CA LEU N 24 -0.02 12.19 53.57
C LEU N 24 -1.15 11.18 53.30
N THR N 25 -2.39 11.40 53.77
CA THR N 25 -3.60 10.57 53.44
C THR N 25 -4.43 11.41 52.46
N LYS N 26 -4.81 10.91 51.28
CA LYS N 26 -5.45 11.70 50.23
C LYS N 26 -6.96 11.51 50.28
N HIS N 27 -7.70 12.61 50.22
CA HIS N 27 -9.14 12.56 50.10
C HIS N 27 -9.54 12.37 48.63
N ARG N 28 -10.65 11.67 48.42
CA ARG N 28 -11.12 11.41 47.07
C ARG N 28 -11.58 12.68 46.39
N THR N 29 -11.18 12.86 45.13
CA THR N 29 -11.55 14.02 44.35
C THR N 29 -11.96 13.57 42.95
N ALA N 30 -12.84 14.35 42.33
CA ALA N 30 -13.35 14.06 41.00
C ALA N 30 -13.49 15.35 40.22
N PRO N 31 -13.45 15.28 38.89
CA PRO N 31 -13.69 16.48 38.08
C PRO N 31 -15.17 16.77 37.93
N VAL N 32 -15.46 18.05 37.68
CA VAL N 32 -16.82 18.50 37.42
C VAL N 32 -16.76 19.70 36.47
N VAL N 33 -17.79 19.82 35.64
CA VAL N 33 -17.95 20.91 34.69
C VAL N 33 -18.94 21.93 35.24
N LEU N 34 -18.51 23.18 35.33
CA LEU N 34 -19.31 24.26 35.89
C LEU N 34 -19.49 25.38 34.87
N LYS N 35 -20.70 25.90 34.79
CA LYS N 35 -21.10 26.94 33.85
C LYS N 35 -21.02 28.30 34.53
N THR N 36 -20.32 29.24 33.88
CA THR N 36 -20.17 30.60 34.38
C THR N 36 -20.44 31.57 33.23
N SER N 37 -20.59 32.85 33.59
CA SER N 37 -20.87 33.87 32.58
C SER N 37 -19.79 33.90 31.51
N THR N 38 -18.54 33.59 31.87
CA THR N 38 -17.44 33.62 30.91
C THR N 38 -17.33 32.34 30.11
N GLY N 39 -18.04 31.29 30.50
CA GLY N 39 -18.00 30.04 29.74
C GLY N 39 -18.16 28.79 30.58
N TYR N 40 -17.21 27.86 30.45
CA TYR N 40 -17.20 26.63 31.21
C TYR N 40 -15.85 26.45 31.88
N LEU N 41 -15.84 25.84 33.06
CA LEU N 41 -14.65 25.57 33.85
C LEU N 41 -14.67 24.13 34.32
N VAL N 42 -13.49 23.51 34.33
CA VAL N 42 -13.32 22.16 34.85
C VAL N 42 -12.64 22.27 36.20
N ARG N 43 -13.30 21.81 37.25
CA ARG N 43 -12.81 21.95 38.62
C ARG N 43 -12.75 20.60 39.31
N TYR N 44 -11.73 20.42 40.13
CA TYR N 44 -11.56 19.20 40.91
C TYR N 44 -12.16 19.43 42.29
N VAL N 45 -13.07 18.56 42.70
CA VAL N 45 -13.84 18.75 43.92
C VAL N 45 -13.85 17.45 44.72
N PRO N 46 -13.81 17.51 46.05
CA PRO N 46 -13.91 16.27 46.83
C PRO N 46 -15.27 15.61 46.67
N VAL N 47 -15.27 14.27 46.73
CA VAL N 47 -16.47 13.48 46.58
C VAL N 47 -16.41 12.29 47.53
N ILE N 48 -17.56 11.65 47.70
CA ILE N 48 -17.68 10.45 48.53
C ILE N 48 -18.37 9.37 47.70
N SER N 49 -17.81 8.16 47.74
CA SER N 49 -18.33 7.08 46.93
C SER N 49 -19.66 6.57 47.49
N GLY N 50 -20.42 5.89 46.62
CA GLY N 50 -21.67 5.29 47.03
C GLY N 50 -21.53 3.92 47.66
N GLU N 51 -20.40 3.26 47.42
CA GLU N 51 -20.18 1.94 48.01
C GLU N 51 -20.12 2.01 49.53
N ALA N 52 -19.53 3.07 50.09
CA ALA N 52 -19.51 3.23 51.53
C ALA N 52 -20.93 3.38 52.07
N LEU N 53 -21.76 4.16 51.39
CA LEU N 53 -23.15 4.32 51.81
C LEU N 53 -23.88 2.98 51.76
N ALA N 54 -23.65 2.20 50.70
CA ALA N 54 -24.27 0.88 50.60
C ALA N 54 -23.81 -0.02 51.74
N HIS N 55 -22.52 0.03 52.07
CA HIS N 55 -22.00 -0.79 53.17
C HIS N 55 -22.66 -0.42 54.49
N ALA N 56 -22.79 0.88 54.75
CA ALA N 56 -23.44 1.31 55.99
C ALA N 56 -24.90 0.88 56.02
N TYR N 57 -25.60 1.05 54.90
CA TYR N 57 -27.01 0.66 54.84
C TYR N 57 -27.17 -0.83 55.09
N GLN N 58 -26.32 -1.65 54.46
CA GLN N 58 -26.41 -3.09 54.62
C GLN N 58 -26.04 -3.52 56.05
N ALA N 59 -25.08 -2.85 56.67
CA ALA N 59 -24.76 -3.17 58.06
C ALA N 59 -25.93 -2.86 58.98
N SER N 60 -26.57 -1.71 58.78
CA SER N 60 -27.73 -1.37 59.59
C SER N 60 -28.86 -2.38 59.35
N LEU N 61 -29.05 -2.78 58.09
CA LEU N 61 -30.07 -3.79 57.80
C LEU N 61 -29.76 -5.10 58.50
N VAL N 62 -28.50 -5.51 58.51
CA VAL N 62 -28.11 -6.74 59.19
C VAL N 62 -28.44 -6.64 60.67
N ASP N 63 -28.08 -5.52 61.29
CA ASP N 63 -28.33 -5.35 62.72
C ASP N 63 -29.83 -5.42 63.02
N ILE N 64 -30.63 -4.71 62.22
CA ILE N 64 -32.07 -4.69 62.46
C ILE N 64 -32.68 -6.07 62.26
N ALA N 65 -32.26 -6.77 61.21
CA ALA N 65 -32.81 -8.10 60.94
C ALA N 65 -32.44 -9.06 62.07
N LYS N 66 -31.20 -9.01 62.55
CA LYS N 66 -30.83 -9.87 63.66
C LYS N 66 -31.63 -9.55 64.90
N LYS N 67 -31.87 -8.25 65.15
CA LYS N 67 -32.69 -7.88 66.31
C LYS N 67 -34.13 -8.34 66.17
N GLU N 68 -34.64 -8.41 64.94
CA GLU N 68 -36.04 -8.76 64.73
C GLU N 68 -36.26 -10.27 64.77
N GLY N 69 -35.52 -11.02 63.96
CA GLY N 69 -35.59 -12.47 63.87
C GLY N 69 -35.47 -13.02 62.47
N LEU N 70 -35.37 -12.13 61.49
CA LEU N 70 -35.24 -12.57 60.11
C LEU N 70 -33.89 -13.27 59.91
N PRO N 71 -33.82 -14.23 58.98
CA PRO N 71 -32.58 -14.98 58.79
C PRO N 71 -31.45 -14.11 58.29
N VAL N 72 -30.23 -14.47 58.68
CA VAL N 72 -29.02 -13.80 58.24
C VAL N 72 -27.96 -14.84 57.94
N GLY N 73 -27.17 -14.60 56.90
CA GLY N 73 -26.16 -15.56 56.49
C GLY N 73 -25.02 -15.67 57.49
N SER N 74 -24.24 -16.73 57.32
CA SER N 74 -23.11 -16.98 58.20
C SER N 74 -22.05 -15.91 58.04
N LEU N 75 -21.51 -15.75 56.83
CA LEU N 75 -20.53 -14.72 56.58
C LEU N 75 -21.13 -13.33 56.80
N SER N 76 -22.35 -13.11 56.31
CA SER N 76 -22.99 -11.81 56.45
C SER N 76 -23.20 -11.43 57.91
N SER N 77 -23.28 -12.41 58.81
CA SER N 77 -23.34 -12.08 60.23
C SER N 77 -22.13 -11.24 60.63
N GLN N 78 -20.95 -11.66 60.20
CA GLN N 78 -19.80 -10.77 60.21
C GLN N 78 -19.95 -9.74 59.11
N TYR N 79 -19.45 -8.53 59.35
CA TYR N 79 -19.55 -7.42 58.43
C TYR N 79 -18.60 -7.60 57.26
N GLU N 80 -18.85 -8.64 56.46
CA GLU N 80 -18.04 -8.94 55.27
C GLU N 80 -19.02 -9.36 54.17
N PHE N 81 -19.39 -8.41 53.32
CA PHE N 81 -20.45 -8.63 52.33
C PHE N 81 -19.90 -9.19 51.03
N ILE N 82 -19.15 -10.29 51.12
CA ILE N 82 -18.74 -11.00 49.92
C ILE N 82 -19.93 -11.66 49.26
N LYS N 83 -20.87 -12.17 50.06
CA LYS N 83 -22.06 -12.83 49.55
C LYS N 83 -21.69 -14.08 48.76
N PHE N 84 -22.63 -14.61 47.99
CA PHE N 84 -22.46 -15.90 47.32
C PHE N 84 -21.88 -15.67 45.93
N SER N 85 -20.60 -15.34 45.90
CA SER N 85 -19.87 -15.09 44.66
C SER N 85 -18.93 -16.23 44.29
N THR N 86 -18.08 -16.65 45.22
CA THR N 86 -17.11 -17.71 44.98
C THR N 86 -17.56 -19.01 45.63
N ASP N 87 -16.89 -20.10 45.22
CA ASP N 87 -17.27 -21.42 45.73
C ASP N 87 -16.97 -21.56 47.22
N GLU N 88 -15.97 -20.84 47.73
CA GLU N 88 -15.64 -20.94 49.14
C GLU N 88 -16.79 -20.45 50.01
N ALA N 89 -17.44 -19.36 49.60
CA ALA N 89 -18.59 -18.86 50.36
C ALA N 89 -19.71 -19.88 50.38
N LEU N 90 -19.98 -20.52 49.23
CA LEU N 90 -21.01 -21.55 49.19
C LEU N 90 -20.66 -22.71 50.09
N LYS N 91 -19.40 -23.15 50.06
CA LYS N 91 -18.97 -24.25 50.92
C LYS N 91 -19.15 -23.90 52.39
N ILE N 92 -18.78 -22.68 52.77
CA ILE N 92 -18.93 -22.26 54.17
C ILE N 92 -20.41 -22.25 54.54
N GLU N 93 -21.25 -21.68 53.68
CA GLU N 93 -22.67 -21.60 53.97
C GLU N 93 -23.33 -22.97 53.85
N GLY N 94 -22.87 -23.79 52.92
CA GLY N 94 -23.42 -25.13 52.77
C GLY N 94 -24.57 -25.18 51.78
N ILE N 95 -24.36 -24.63 50.58
CA ILE N 95 -25.38 -24.61 49.53
C ILE N 95 -24.77 -25.26 48.29
N LYS N 96 -25.51 -26.18 47.68
CA LYS N 96 -25.03 -26.85 46.49
C LYS N 96 -25.06 -25.90 45.30
N GLU N 97 -24.02 -25.98 44.47
CA GLU N 97 -23.94 -25.13 43.29
C GLU N 97 -25.01 -25.54 42.27
N PRO N 98 -25.46 -24.61 41.44
CA PRO N 98 -26.45 -24.97 40.41
C PRO N 98 -25.89 -25.95 39.41
N LYS N 99 -26.76 -26.82 38.91
CA LYS N 99 -26.38 -27.83 37.93
C LYS N 99 -26.52 -27.31 36.49
N ASP N 100 -27.67 -26.73 36.17
CA ASP N 100 -27.93 -26.21 34.84
C ASP N 100 -28.87 -25.01 34.97
N TYR N 101 -29.31 -24.49 33.82
CA TYR N 101 -30.19 -23.33 33.84
C TYR N 101 -31.51 -23.65 34.53
N ASN N 102 -32.07 -24.84 34.26
CA ASN N 102 -33.38 -25.17 34.79
C ASN N 102 -33.42 -25.08 36.31
N ASP N 103 -32.32 -25.42 36.98
CA ASP N 103 -32.26 -25.41 38.44
C ASP N 103 -31.94 -24.04 39.01
N ALA N 104 -31.55 -23.08 38.16
CA ALA N 104 -31.08 -21.80 38.66
C ALA N 104 -32.05 -21.19 39.65
N ARG N 105 -33.33 -21.12 39.28
CA ARG N 105 -34.33 -20.53 40.16
C ARG N 105 -34.25 -21.13 41.54
N ARG N 106 -34.24 -22.45 41.63
CA ARG N 106 -34.17 -23.11 42.94
C ARG N 106 -33.00 -22.56 43.74
N PHE N 107 -31.81 -22.56 43.13
CA PHE N 107 -30.63 -22.04 43.82
C PHE N 107 -30.91 -20.65 44.36
N GLU N 108 -31.42 -19.77 43.50
CA GLU N 108 -31.71 -18.41 43.95
C GLU N 108 -32.58 -18.45 45.20
N VAL N 109 -33.70 -19.19 45.13
CA VAL N 109 -34.61 -19.23 46.27
C VAL N 109 -33.87 -19.65 47.52
N GLU N 110 -33.04 -20.68 47.41
CA GLU N 110 -32.30 -21.16 48.57
C GLU N 110 -31.50 -20.01 49.18
N VAL N 111 -30.70 -19.33 48.36
CA VAL N 111 -29.91 -18.22 48.87
C VAL N 111 -30.83 -17.17 49.46
N MET N 112 -31.94 -16.91 48.78
CA MET N 112 -32.88 -15.89 49.19
C MET N 112 -33.56 -16.22 50.51
N LEU N 113 -33.47 -17.47 50.96
CA LEU N 113 -34.00 -17.85 52.26
C LEU N 113 -32.96 -17.90 53.35
N LYS N 114 -31.68 -17.73 53.02
CA LYS N 114 -30.61 -17.81 54.00
C LYS N 114 -30.01 -16.46 54.36
N ASP N 115 -30.24 -15.43 53.55
CA ASP N 115 -29.66 -14.12 53.81
C ASP N 115 -30.60 -13.05 53.26
N VAL N 116 -31.08 -12.18 54.15
CA VAL N 116 -31.90 -11.05 53.72
C VAL N 116 -31.07 -10.08 52.90
N ILE N 117 -29.79 -9.92 53.25
CA ILE N 117 -28.93 -8.99 52.52
C ILE N 117 -28.81 -9.43 51.07
N ALA N 118 -28.62 -10.72 50.83
CA ALA N 118 -28.54 -11.22 49.46
C ALA N 118 -29.83 -10.97 48.69
N ASP N 119 -30.94 -10.74 49.39
CA ASP N 119 -32.21 -10.47 48.74
C ASP N 119 -32.35 -8.99 48.40
N VAL N 120 -32.21 -8.13 49.40
CA VAL N 120 -32.41 -6.70 49.19
C VAL N 120 -31.31 -6.13 48.31
N GLY N 121 -30.05 -6.44 48.65
CA GLY N 121 -28.92 -5.87 47.95
C GLY N 121 -28.49 -6.57 46.68
N GLY N 122 -29.12 -7.71 46.36
CA GLY N 122 -28.75 -8.46 45.18
C GLY N 122 -27.47 -9.25 45.38
N PHE N 123 -27.10 -9.97 44.34
CA PHE N 123 -25.89 -10.79 44.38
C PHE N 123 -25.59 -11.28 42.97
N MET N 124 -24.45 -11.96 42.83
CA MET N 124 -24.02 -12.49 41.55
C MET N 124 -23.20 -13.76 41.79
N TYR N 125 -23.46 -14.77 40.98
CA TYR N 125 -22.69 -16.01 40.98
C TYR N 125 -22.11 -16.22 39.59
N ALA N 126 -20.81 -16.44 39.52
CA ALA N 126 -20.10 -16.66 38.26
C ALA N 126 -19.66 -18.11 38.17
N GLY N 127 -19.95 -18.76 37.04
CA GLY N 127 -19.59 -20.14 36.87
C GLY N 127 -20.25 -20.72 35.63
N GLY N 128 -20.40 -22.05 35.64
CA GLY N 128 -21.04 -22.71 34.51
C GLY N 128 -22.48 -22.25 34.30
N ALA N 129 -23.19 -21.96 35.39
CA ALA N 129 -24.58 -21.49 35.34
C ALA N 129 -24.65 -20.19 36.13
N PRO N 130 -24.21 -19.08 35.55
CA PRO N 130 -24.20 -17.82 36.30
C PRO N 130 -25.59 -17.40 36.72
N VAL N 131 -25.66 -16.76 37.88
CA VAL N 131 -26.92 -16.27 38.43
C VAL N 131 -26.74 -14.81 38.82
N ARG N 132 -27.84 -14.06 38.77
CA ARG N 132 -27.80 -12.64 39.04
C ARG N 132 -29.04 -12.21 39.81
N ARG N 133 -28.89 -11.12 40.58
CA ARG N 133 -30.02 -10.47 41.22
C ARG N 133 -29.64 -9.02 41.44
N THR N 134 -30.26 -8.12 40.68
CA THR N 134 -29.95 -6.71 40.77
C THR N 134 -30.39 -6.15 42.12
N SER N 135 -29.60 -5.19 42.61
CA SER N 135 -29.90 -4.58 43.90
C SER N 135 -31.21 -3.82 43.83
N ARG N 136 -31.96 -3.87 44.93
CA ARG N 136 -33.22 -3.16 45.06
C ARG N 136 -33.06 -1.75 45.60
N ILE N 137 -31.84 -1.36 45.98
CA ILE N 137 -31.56 -0.02 46.47
C ILE N 137 -30.44 0.56 45.62
N LYS N 138 -30.64 1.80 45.16
CA LYS N 138 -29.69 2.46 44.26
C LYS N 138 -29.25 3.78 44.86
N LEU N 139 -27.94 4.00 44.86
CA LEU N 139 -27.34 5.21 45.40
C LEU N 139 -26.34 5.74 44.38
N GLY N 140 -25.76 6.91 44.70
CA GLY N 140 -24.80 7.54 43.82
C GLY N 140 -23.77 8.32 44.63
N TYR N 141 -22.80 8.87 43.90
CA TYR N 141 -21.74 9.64 44.54
C TYR N 141 -22.32 10.90 45.18
N MET N 142 -21.66 11.33 46.25
CA MET N 142 -22.04 12.55 46.96
C MET N 142 -21.19 13.69 46.42
N ILE N 143 -21.85 14.72 45.88
CA ILE N 143 -21.17 15.85 45.26
C ILE N 143 -21.70 17.14 45.87
N PRO N 144 -20.87 18.15 46.08
CA PRO N 144 -21.38 19.45 46.52
C PRO N 144 -22.19 20.12 45.43
N ALA N 145 -23.12 20.98 45.86
CA ALA N 145 -24.00 21.66 44.92
C ALA N 145 -23.20 22.49 43.94
N LEU N 146 -23.50 22.33 42.65
CA LEU N 146 -22.89 23.12 41.60
C LEU N 146 -23.78 24.30 41.23
N ARG N 147 -23.95 25.19 42.19
CA ARG N 147 -24.86 26.33 42.07
C ARG N 147 -24.05 27.62 41.98
N GLY N 148 -24.52 28.52 41.12
CA GLY N 148 -23.84 29.79 40.95
C GLY N 148 -22.49 29.63 40.28
N ASP N 149 -21.66 30.66 40.45
CA ASP N 149 -20.32 30.70 39.88
C ASP N 149 -19.25 30.33 40.89
N GLU N 150 -19.63 29.91 42.10
CA GLU N 150 -18.69 29.54 43.14
C GLU N 150 -19.11 28.21 43.75
N ILE N 151 -18.15 27.32 43.94
CA ILE N 151 -18.39 26.01 44.53
C ILE N 151 -18.15 26.12 46.02
N PRO N 152 -19.15 25.88 46.88
CA PRO N 152 -18.93 25.99 48.33
C PRO N 152 -18.27 24.74 48.91
N ALA N 153 -17.00 24.56 48.59
CA ALA N 153 -16.23 23.42 49.07
C ALA N 153 -14.78 23.82 49.25
N GLN N 154 -14.17 23.32 50.31
CA GLN N 154 -12.76 23.57 50.61
C GLN N 154 -12.10 22.29 51.05
N LEU N 155 -10.82 22.17 50.70
CA LEU N 155 -9.99 21.03 51.07
C LEU N 155 -8.62 21.55 51.48
N GLU N 156 -8.06 20.99 52.55
CA GLU N 156 -6.78 21.45 53.07
C GLU N 156 -6.06 20.29 53.72
N ALA N 157 -4.80 20.51 54.07
CA ALA N 157 -3.97 19.52 54.74
C ALA N 157 -3.70 19.95 56.18
N GLN N 158 -3.55 18.96 57.05
CA GLN N 158 -3.31 19.18 58.47
C GLN N 158 -2.13 18.32 58.92
N PHE N 159 -1.36 18.88 59.84
CA PHE N 159 -0.10 18.30 60.29
C PHE N 159 -0.28 17.64 61.64
N HIS N 160 0.26 16.43 61.79
CA HIS N 160 0.16 15.70 63.05
C HIS N 160 1.47 14.98 63.33
N VAL N 161 1.75 14.79 64.61
CA VAL N 161 3.00 14.20 65.08
C VAL N 161 2.69 13.17 66.14
N ARG N 162 3.61 12.22 66.30
CA ARG N 162 3.53 11.20 67.35
C ARG N 162 4.65 11.45 68.35
N PHE N 163 4.29 11.58 69.62
CA PHE N 163 5.27 11.87 70.66
C PHE N 163 6.05 10.62 71.02
N SER N 164 7.32 10.81 71.35
CA SER N 164 8.19 9.72 71.77
C SER N 164 9.31 10.29 72.62
N ASN N 165 9.72 9.52 73.63
CA ASN N 165 10.78 9.93 74.54
C ASN N 165 12.17 9.66 73.98
N LYS N 166 12.28 8.87 72.92
CA LYS N 166 13.56 8.52 72.32
C LYS N 166 13.46 8.72 70.81
N PRO N 167 13.52 9.97 70.35
CA PRO N 167 13.42 10.22 68.90
C PRO N 167 14.53 9.51 68.14
N VAL N 168 14.18 8.99 66.97
CA VAL N 168 15.13 8.29 66.11
C VAL N 168 14.88 8.64 64.66
N ALA N 173 7.00 9.38 62.69
CA ALA N 173 6.41 10.09 63.82
C ALA N 173 5.66 11.33 63.36
N ILE N 174 5.65 11.56 62.04
CA ILE N 174 5.01 12.73 61.46
C ILE N 174 4.14 12.27 60.30
N PHE N 175 2.94 12.84 60.20
CA PHE N 175 2.06 12.53 59.10
C PHE N 175 1.14 13.72 58.83
N ASN N 176 0.47 13.68 57.68
CA ASN N 176 -0.44 14.72 57.25
C ASN N 176 -1.74 14.08 56.81
N VAL N 177 -2.85 14.78 57.05
CA VAL N 177 -4.18 14.27 56.75
C VAL N 177 -4.99 15.36 56.05
N GLU N 178 -5.73 14.97 55.02
CA GLU N 178 -6.56 15.90 54.27
C GLU N 178 -7.93 16.03 54.94
N VAL N 179 -8.38 17.27 55.12
CA VAL N 179 -9.66 17.57 55.73
C VAL N 179 -10.43 18.51 54.82
N SER N 180 -11.72 18.26 54.68
CA SER N 180 -12.56 18.99 53.73
C SER N 180 -13.77 19.55 54.45
N SER N 181 -14.51 20.39 53.72
CA SER N 181 -15.78 20.94 54.17
C SER N 181 -16.58 21.34 52.94
N ALA N 182 -17.90 21.16 53.00
CA ALA N 182 -18.71 21.43 51.82
C ALA N 182 -20.19 21.31 52.17
N LEU N 183 -21.02 21.62 51.18
CA LEU N 183 -22.47 21.45 51.23
C LEU N 183 -22.82 20.34 50.26
N TYR N 184 -22.98 19.13 50.78
CA TYR N 184 -23.15 17.95 49.95
C TYR N 184 -24.61 17.76 49.56
N THR N 185 -24.82 16.95 48.53
CA THR N 185 -26.16 16.59 48.08
C THR N 185 -26.10 15.20 47.46
N PHE N 186 -27.20 14.46 47.58
CA PHE N 186 -27.24 13.14 46.98
C PHE N 186 -28.68 12.65 46.90
N SER N 187 -28.90 11.69 45.99
CA SER N 187 -30.22 11.14 45.73
C SER N 187 -30.18 9.62 45.88
N PHE N 188 -31.32 9.05 46.24
CA PHE N 188 -31.43 7.62 46.48
C PHE N 188 -32.75 7.10 45.92
N GLU N 189 -32.75 5.80 45.60
CA GLU N 189 -33.93 5.12 45.09
C GLU N 189 -34.05 3.76 45.75
N LEU N 190 -35.29 3.32 45.94
CA LEU N 190 -35.56 2.01 46.55
C LEU N 190 -36.92 1.53 46.08
N ASP N 191 -36.95 0.37 45.45
CA ASP N 191 -38.19 -0.24 44.97
C ASP N 191 -38.62 -1.32 45.95
N GLU N 192 -39.70 -1.05 46.69
CA GLU N 192 -40.20 -1.98 47.68
C GLU N 192 -41.20 -2.98 47.13
N ASP N 193 -41.62 -2.82 45.87
CA ASP N 193 -42.59 -3.73 45.27
C ASP N 193 -41.95 -5.01 44.76
N LEU N 194 -40.63 -5.08 44.71
CA LEU N 194 -39.94 -6.27 44.22
C LEU N 194 -39.20 -7.03 45.33
N ILE N 195 -39.24 -6.55 46.56
CA ILE N 195 -38.61 -7.25 47.66
C ILE N 195 -39.34 -8.57 47.90
N ALA N 196 -38.58 -9.60 48.28
CA ALA N 196 -39.13 -10.92 48.54
C ALA N 196 -39.85 -11.49 47.32
N VAL N 197 -39.28 -11.21 46.13
CA VAL N 197 -39.83 -11.69 44.88
C VAL N 197 -38.69 -12.24 44.04
N PRO N 198 -38.74 -13.51 43.61
CA PRO N 198 -37.71 -14.03 42.73
C PRO N 198 -37.65 -13.25 41.43
N SER N 199 -36.44 -13.11 40.88
CA SER N 199 -36.20 -12.36 39.66
C SER N 199 -35.88 -13.26 38.46
N THR N 200 -35.99 -14.56 38.61
CA THR N 200 -35.71 -15.51 37.54
C THR N 200 -36.99 -16.18 37.08
N PHE N 201 -37.06 -16.43 35.78
CA PHE N 201 -38.26 -17.00 35.17
C PHE N 201 -38.18 -18.52 35.16
N GLY N 202 -39.25 -19.16 35.63
CA GLY N 202 -39.30 -20.61 35.67
C GLY N 202 -40.50 -21.07 36.46
N GLU N 203 -40.65 -22.39 36.51
CA GLU N 203 -41.75 -22.99 37.25
C GLU N 203 -41.58 -22.77 38.74
N LYS N 204 -42.71 -22.71 39.44
CA LYS N 204 -42.68 -22.48 40.88
C LYS N 204 -41.98 -23.63 41.59
N VAL N 205 -41.30 -23.31 42.68
CA VAL N 205 -40.55 -24.28 43.46
C VAL N 205 -40.95 -24.12 44.92
N LYS N 206 -40.79 -25.20 45.69
CA LYS N 206 -41.17 -25.18 47.09
C LYS N 206 -40.34 -24.15 47.85
N GLY N 207 -40.97 -23.52 48.85
CA GLY N 207 -40.33 -22.54 49.70
C GLY N 207 -40.82 -21.12 49.48
N GLU N 208 -41.51 -20.85 48.38
CA GLU N 208 -41.99 -19.51 48.12
C GLU N 208 -43.04 -19.06 49.13
N GLU N 209 -43.72 -20.01 49.78
CA GLU N 209 -44.71 -19.64 50.79
C GLU N 209 -44.06 -18.90 51.95
N GLU N 210 -42.88 -19.37 52.38
CA GLU N 210 -42.17 -18.67 53.46
C GLU N 210 -41.78 -17.27 53.03
N LEU N 211 -41.37 -17.11 51.77
CA LEU N 211 -41.04 -15.78 51.26
C LEU N 211 -42.26 -14.87 51.30
N GLU N 212 -43.41 -15.38 50.86
CA GLU N 212 -44.63 -14.58 50.93
C GLU N 212 -44.96 -14.21 52.36
N ARG N 213 -44.73 -15.14 53.29
CA ARG N 213 -45.00 -14.87 54.70
C ARG N 213 -44.10 -13.75 55.23
N GLN N 214 -42.83 -13.77 54.86
CA GLN N 214 -41.84 -12.84 55.41
C GLN N 214 -41.70 -11.55 54.59
N LYS N 215 -42.47 -11.42 53.50
CA LYS N 215 -42.35 -10.24 52.67
C LYS N 215 -42.58 -8.95 53.46
N ALA N 216 -43.63 -8.93 54.28
CA ALA N 216 -43.97 -7.70 55.01
C ALA N 216 -42.84 -7.31 55.96
N LYS N 217 -42.33 -8.27 56.72
CA LYS N 217 -41.25 -7.97 57.66
C LYS N 217 -40.01 -7.50 56.93
N ARG N 218 -39.67 -8.14 55.81
CA ARG N 218 -38.50 -7.74 55.06
C ARG N 218 -38.64 -6.32 54.53
N VAL N 219 -39.83 -5.98 54.01
CA VAL N 219 -40.05 -4.63 53.50
C VAL N 219 -39.96 -3.62 54.61
N LYS N 220 -40.54 -3.92 55.77
CA LYS N 220 -40.48 -2.99 56.89
C LYS N 220 -39.04 -2.77 57.33
N SER N 221 -38.25 -3.84 57.41
CA SER N 221 -36.85 -3.70 57.79
C SER N 221 -36.07 -2.87 56.77
N ALA N 222 -36.31 -3.12 55.49
CA ALA N 222 -35.62 -2.36 54.46
C ALA N 222 -35.96 -0.88 54.55
N ILE N 223 -37.24 -0.56 54.78
CA ILE N 223 -37.63 0.84 54.93
C ILE N 223 -36.97 1.46 56.15
N LYS N 224 -36.96 0.72 57.27
CA LYS N 224 -36.34 1.24 58.48
C LYS N 224 -34.86 1.51 58.29
N ALA N 225 -34.19 0.69 57.49
CA ALA N 225 -32.73 0.81 57.36
C ALA N 225 -32.29 2.17 56.82
N LEU N 226 -33.19 2.90 56.14
CA LEU N 226 -32.81 4.18 55.55
C LEU N 226 -32.53 5.25 56.61
N TYR N 227 -32.96 5.01 57.85
CA TYR N 227 -32.74 6.00 58.90
C TYR N 227 -31.25 6.23 59.15
N SER N 228 -30.45 5.17 59.06
CA SER N 228 -29.01 5.32 59.26
C SER N 228 -28.42 6.30 58.24
N LEU N 229 -28.73 6.11 56.96
CA LEU N 229 -28.21 7.02 55.95
C LEU N 229 -28.76 8.41 56.12
N LEU N 230 -30.06 8.54 56.40
CA LEU N 230 -30.65 9.87 56.52
C LEU N 230 -30.20 10.59 57.77
N SER N 231 -29.61 9.88 58.73
CA SER N 231 -29.17 10.50 59.98
C SER N 231 -27.72 10.96 59.92
N GLY N 232 -26.89 10.30 59.13
CA GLY N 232 -25.49 10.68 59.00
C GLY N 232 -24.53 9.70 59.64
N ASN N 233 -24.87 8.42 59.61
CA ASN N 233 -24.03 7.36 60.15
C ASN N 233 -23.40 6.62 58.97
N PHE N 234 -22.27 7.12 58.50
CA PHE N 234 -21.55 6.51 57.39
C PHE N 234 -20.16 7.12 57.32
N GLY N 235 -19.31 6.51 56.51
CA GLY N 235 -17.95 6.98 56.32
C GLY N 235 -16.99 6.41 57.34
N GLY N 236 -15.71 6.70 57.13
CA GLY N 236 -14.64 6.21 57.97
C GLY N 236 -13.94 7.33 58.72
N LYS N 237 -12.93 6.93 59.49
CA LYS N 237 -12.14 7.86 60.29
C LYS N 237 -13.04 8.69 61.22
N ARG N 238 -14.05 8.03 61.78
CA ARG N 238 -14.97 8.68 62.70
C ARG N 238 -14.48 8.65 64.15
N SER N 239 -13.38 7.95 64.42
CA SER N 239 -12.89 7.86 65.80
C SER N 239 -12.28 9.17 66.26
N ARG N 240 -11.49 9.81 65.40
CA ARG N 240 -10.82 11.06 65.76
C ARG N 240 -11.26 12.25 64.94
N PHE N 241 -11.96 12.04 63.82
CA PHE N 241 -12.40 13.12 62.96
C PHE N 241 -13.91 13.14 62.83
N LEU N 242 -14.60 13.02 63.96
CA LEU N 242 -16.05 12.98 63.95
C LEU N 242 -16.59 14.26 63.31
N PRO N 243 -17.43 14.16 62.29
CA PRO N 243 -17.91 15.36 61.60
C PRO N 243 -19.08 16.00 62.34
N SER N 244 -19.45 17.18 61.88
CA SER N 244 -20.60 17.93 62.38
C SER N 244 -21.58 18.09 61.22
N MET N 245 -22.59 17.22 61.20
CA MET N 245 -23.58 17.20 60.13
C MET N 245 -24.86 17.91 60.55
N LYS N 246 -25.61 18.37 59.55
CA LYS N 246 -26.87 19.07 59.79
C LYS N 246 -27.71 18.98 58.53
N LEU N 247 -28.98 18.65 58.69
CA LEU N 247 -29.89 18.53 57.56
C LEU N 247 -30.47 19.90 57.20
N MET N 248 -30.53 20.18 55.90
CA MET N 248 -31.05 21.44 55.39
C MET N 248 -32.32 21.25 54.58
N SER N 249 -32.30 20.39 53.56
CA SER N 249 -33.45 20.18 52.70
C SER N 249 -33.56 18.71 52.33
N LEU N 250 -34.79 18.23 52.26
CA LEU N 250 -35.04 16.83 51.90
C LEU N 250 -36.37 16.73 51.17
N VAL N 251 -36.39 15.97 50.09
CA VAL N 251 -37.61 15.68 49.33
C VAL N 251 -37.70 14.18 49.14
N VAL N 252 -38.88 13.62 49.39
CA VAL N 252 -39.12 12.19 49.21
C VAL N 252 -40.43 12.02 48.47
N THR N 253 -40.47 11.05 47.56
CA THR N 253 -41.63 10.78 46.73
C THR N 253 -41.93 9.29 46.73
N LYS N 254 -43.19 8.95 46.94
CA LYS N 254 -43.68 7.58 46.86
C LYS N 254 -44.70 7.49 45.74
N THR N 255 -44.48 6.57 44.81
CA THR N 255 -45.33 6.43 43.63
C THR N 255 -45.51 4.96 43.32
N ASP N 256 -46.16 4.69 42.18
CA ASP N 256 -46.33 3.34 41.67
C ASP N 256 -45.73 3.18 40.28
N PHE N 257 -45.08 4.21 39.76
CA PHE N 257 -44.50 4.23 38.44
C PHE N 257 -43.12 4.87 38.51
N PRO N 258 -42.27 4.63 37.52
CA PRO N 258 -40.91 5.18 37.57
C PRO N 258 -40.94 6.71 37.70
N PHE N 259 -40.02 7.23 38.50
CA PHE N 259 -39.93 8.66 38.73
C PHE N 259 -38.61 8.96 39.42
N MET N 260 -38.12 10.18 39.23
CA MET N 260 -36.88 10.61 39.85
C MET N 260 -36.92 12.11 40.11
N PRO N 261 -36.77 12.54 41.37
CA PRO N 261 -36.81 13.97 41.66
C PRO N 261 -35.57 14.69 41.12
N GLU N 262 -35.71 16.00 40.95
CA GLU N 262 -34.62 16.79 40.41
C GLU N 262 -33.44 16.79 41.38
N PRO N 263 -32.21 16.84 40.87
CA PRO N 263 -31.04 16.93 41.76
C PRO N 263 -31.08 18.21 42.58
N ALA N 264 -30.51 18.13 43.77
CA ALA N 264 -30.52 19.26 44.70
C ALA N 264 -29.38 20.23 44.42
N HIS N 265 -29.28 20.69 43.18
CA HIS N 265 -28.28 21.69 42.79
C HIS N 265 -28.84 23.10 42.80
N ASP N 266 -29.96 23.33 42.12
CA ASP N 266 -30.58 24.64 42.09
C ASP N 266 -31.29 24.93 43.41
N ASP N 267 -31.43 26.22 43.71
CA ASP N 267 -32.10 26.62 44.94
C ASP N 267 -33.57 26.20 44.94
N ASP N 268 -34.19 26.13 43.77
CA ASP N 268 -35.60 25.79 43.62
C ASP N 268 -35.70 24.46 42.88
N TYR N 269 -35.72 23.37 43.64
CA TYR N 269 -35.88 22.04 43.09
C TYR N 269 -37.06 21.27 43.68
N ILE N 270 -37.77 21.86 44.65
CA ILE N 270 -38.94 21.20 45.22
C ILE N 270 -40.17 21.48 44.37
N LYS N 271 -40.36 22.74 43.98
CA LYS N 271 -41.51 23.10 43.15
C LYS N 271 -41.46 22.35 41.82
N THR N 272 -40.29 22.31 41.19
CA THR N 272 -40.16 21.66 39.89
C THR N 272 -40.49 20.18 40.00
N THR N 273 -39.96 19.50 41.02
CA THR N 273 -40.22 18.08 41.16
C THR N 273 -41.69 17.82 41.49
N ILE N 274 -42.32 18.70 42.26
CA ILE N 274 -43.75 18.52 42.55
C ILE N 274 -44.57 18.63 41.28
N MET N 275 -44.31 19.67 40.48
CA MET N 275 -45.04 19.83 39.23
C MET N 275 -44.81 18.65 38.30
N ARG N 276 -43.56 18.20 38.20
CA ARG N 276 -43.26 17.06 37.34
C ARG N 276 -43.92 15.79 37.84
N LEU N 277 -44.02 15.60 39.16
CA LEU N 277 -44.72 14.45 39.70
C LEU N 277 -46.19 14.49 39.32
N GLY N 278 -46.83 15.66 39.47
CA GLY N 278 -48.22 15.76 39.08
C GLY N 278 -48.43 15.43 37.61
N LYS N 279 -47.61 16.01 36.75
CA LYS N 279 -47.77 15.77 35.32
C LYS N 279 -47.44 14.33 34.94
N ALA N 280 -46.47 13.72 35.62
CA ALA N 280 -46.13 12.32 35.35
C ALA N 280 -47.27 11.40 35.77
N LYS N 281 -47.91 11.69 36.90
CA LYS N 281 -49.10 10.92 37.26
C LYS N 281 -50.18 11.10 36.21
N GLY N 282 -50.34 12.33 35.70
CA GLY N 282 -51.33 12.55 34.66
C GLY N 282 -51.06 11.75 33.41
N VAL N 283 -49.79 11.69 32.99
CA VAL N 283 -49.46 11.08 31.70
C VAL N 283 -49.43 9.55 31.82
N LEU N 284 -48.79 9.02 32.86
CA LEU N 284 -48.51 7.60 32.96
C LEU N 284 -49.63 6.81 33.62
N ASN N 285 -50.82 7.40 33.73
CA ASN N 285 -51.98 6.69 34.27
C ASN N 285 -51.69 6.14 35.66
N GLY N 286 -51.02 6.96 36.47
CA GLY N 286 -50.71 6.55 37.82
C GLY N 286 -51.92 6.56 38.74
N ASN N 287 -51.78 5.86 39.87
CA ASN N 287 -52.83 5.78 40.87
C ASN N 287 -52.42 6.33 42.23
N LEU N 288 -51.14 6.27 42.58
CA LEU N 288 -50.65 6.76 43.85
C LEU N 288 -49.44 7.65 43.61
N ALA N 289 -49.44 8.83 44.24
CA ALA N 289 -48.32 9.76 44.12
C ALA N 289 -48.36 10.69 45.32
N LYS N 290 -47.37 10.56 46.21
CA LYS N 290 -47.30 11.38 47.41
C LYS N 290 -45.89 11.92 47.58
N ALA N 291 -45.80 13.10 48.17
CA ALA N 291 -44.52 13.78 48.37
C ALA N 291 -44.44 14.31 49.79
N TYR N 292 -43.24 14.21 50.37
CA TYR N 292 -42.94 14.74 51.69
C TYR N 292 -41.71 15.63 51.60
N VAL N 293 -41.75 16.76 52.29
CA VAL N 293 -40.71 17.78 52.20
C VAL N 293 -40.29 18.19 53.60
N ILE N 294 -38.99 18.26 53.83
CA ILE N 294 -38.41 18.81 55.05
C ILE N 294 -37.56 20.01 54.63
N ASN N 295 -37.88 21.18 55.18
CA ASN N 295 -37.24 22.43 54.81
C ASN N 295 -36.79 23.16 56.05
N ASN N 296 -35.53 23.62 56.03
CA ASN N 296 -34.97 24.41 57.12
C ASN N 296 -34.20 25.64 56.67
N GLU N 297 -33.94 25.78 55.37
CA GLU N 297 -33.21 26.93 54.84
C GLU N 297 -34.12 28.01 54.29
N GLY N 298 -35.43 27.86 54.43
CA GLY N 298 -36.37 28.88 54.00
C GLY N 298 -36.38 29.13 52.50
N ILE N 299 -36.42 28.06 51.72
CA ILE N 299 -36.50 28.17 50.27
C ILE N 299 -37.94 27.96 49.84
N GLU N 300 -38.24 28.30 48.58
CA GLU N 300 -39.59 28.14 48.07
C GLU N 300 -39.99 26.67 48.06
N VAL N 301 -41.27 26.42 48.36
CA VAL N 301 -41.79 25.06 48.42
C VAL N 301 -42.96 24.91 47.47
N GLY N 302 -44.02 25.69 47.70
CA GLY N 302 -45.21 25.62 46.88
C GLY N 302 -46.47 25.45 47.71
N GLU N 303 -47.40 24.63 47.23
CA GLU N 303 -48.66 24.40 47.93
C GLU N 303 -49.06 22.94 47.79
N GLY N 304 -49.94 22.51 48.68
CA GLY N 304 -50.42 21.14 48.67
C GLY N 304 -49.34 20.11 48.95
N VAL N 305 -48.49 20.37 49.94
CA VAL N 305 -47.40 19.47 50.30
C VAL N 305 -47.36 19.31 51.81
N THR N 306 -47.21 18.07 52.26
CA THR N 306 -47.07 17.80 53.68
C THR N 306 -45.70 18.27 54.15
N VAL N 307 -45.67 18.95 55.30
CA VAL N 307 -44.44 19.47 55.88
C VAL N 307 -44.21 18.75 57.20
N LEU N 308 -43.03 18.16 57.35
CA LEU N 308 -42.63 17.47 58.57
C LEU N 308 -41.60 18.29 59.31
N SER N 309 -41.15 17.75 60.45
CA SER N 309 -40.16 18.41 61.29
C SER N 309 -38.84 17.66 61.38
N THR N 310 -38.87 16.33 61.34
CA THR N 310 -37.67 15.52 61.46
C THR N 310 -37.77 14.33 60.53
N VAL N 311 -36.71 13.52 60.52
CA VAL N 311 -36.69 12.34 59.66
C VAL N 311 -37.50 11.19 60.27
N GLU N 312 -37.63 11.17 61.60
CA GLU N 312 -38.36 10.09 62.25
C GLU N 312 -39.82 10.09 61.82
N ASP N 313 -40.43 11.28 61.74
CA ASP N 313 -41.81 11.36 61.26
C ASP N 313 -41.93 10.86 59.84
N LEU N 314 -40.95 11.19 59.00
CA LEU N 314 -40.96 10.71 57.61
C LEU N 314 -40.91 9.18 57.58
N VAL N 315 -40.03 8.59 58.39
CA VAL N 315 -39.91 7.13 58.41
C VAL N 315 -41.21 6.50 58.89
N VAL N 316 -41.81 7.08 59.93
CA VAL N 316 -43.06 6.54 60.46
C VAL N 316 -44.15 6.60 59.40
N LYS N 317 -44.25 7.73 58.69
CA LYS N 317 -45.27 7.87 57.66
C LYS N 317 -45.05 6.88 56.53
N LEU N 318 -43.79 6.70 56.11
CA LEU N 318 -43.49 5.75 55.06
C LEU N 318 -43.87 4.34 55.48
N GLU N 319 -43.57 3.97 56.73
CA GLU N 319 -43.92 2.64 57.23
C GLU N 319 -45.44 2.47 57.26
N GLU N 320 -46.16 3.51 57.68
CA GLU N 320 -47.61 3.39 57.80
C GLU N 320 -48.26 3.09 56.46
N MET O 1 -25.64 3.43 75.54
CA MET O 1 -24.80 4.49 74.95
C MET O 1 -25.03 5.83 75.64
N ILE O 2 -23.93 6.56 75.88
CA ILE O 2 -23.98 7.88 76.49
C ILE O 2 -23.47 8.87 75.45
N SER O 3 -24.34 9.77 75.02
CA SER O 3 -23.97 10.83 74.10
C SER O 3 -24.16 12.17 74.77
N GLY O 4 -23.46 13.19 74.29
CA GLY O 4 -23.56 14.50 74.91
C GLY O 4 -23.10 15.60 74.00
N SER O 5 -23.66 16.80 74.24
CA SER O 5 -23.23 18.03 73.59
C SER O 5 -23.02 19.08 74.67
N VAL O 6 -21.99 19.91 74.50
CA VAL O 6 -21.59 20.86 75.53
C VAL O 6 -21.17 22.17 74.86
N ARG O 7 -21.43 23.27 75.55
CA ARG O 7 -21.05 24.60 75.11
C ARG O 7 -20.19 25.26 76.19
N PHE O 8 -19.04 25.79 75.79
CA PHE O 8 -18.09 26.42 76.68
C PHE O 8 -17.85 27.86 76.25
N LEU O 9 -17.32 28.66 77.18
CA LEU O 9 -16.97 30.05 76.91
C LEU O 9 -15.54 30.26 77.39
N VAL O 10 -14.62 30.48 76.44
CA VAL O 10 -13.20 30.58 76.74
C VAL O 10 -12.70 31.95 76.31
N ASN O 11 -11.94 32.60 77.19
CA ASN O 11 -11.36 33.90 76.94
C ASN O 11 -9.87 33.84 77.23
N LEU O 12 -9.07 34.32 76.27
CA LEU O 12 -7.62 34.51 76.28
C LEU O 12 -6.89 33.20 76.58
N GLU O 13 -7.04 32.26 75.65
CA GLU O 13 -6.41 30.95 75.76
C GLU O 13 -5.63 30.62 74.50
N SER O 14 -4.58 29.82 74.67
CA SER O 14 -3.81 29.25 73.57
C SER O 14 -3.55 27.79 73.95
N LEU O 15 -4.47 26.90 73.58
CA LEU O 15 -4.45 25.53 74.05
C LEU O 15 -3.85 24.55 73.04
N ASN O 16 -3.90 24.86 71.75
CA ASN O 16 -3.36 23.98 70.72
C ASN O 16 -2.51 24.81 69.77
N GLY O 17 -1.26 24.39 69.59
CA GLY O 17 -0.32 25.07 68.73
C GLY O 17 0.06 24.22 67.53
N VAL O 18 0.42 24.90 66.43
CA VAL O 18 0.79 24.23 65.19
C VAL O 18 2.14 24.78 64.75
N GLU O 19 2.63 24.33 63.59
CA GLU O 19 3.93 24.68 63.03
C GLU O 19 4.21 26.17 63.17
N THR O 25 4.48 31.79 67.29
CA THR O 25 3.73 30.54 67.50
C THR O 25 2.33 30.72 66.95
N LYS O 26 1.87 29.74 66.18
CA LYS O 26 0.63 29.84 65.43
C LYS O 26 -0.45 28.98 66.09
N HIS O 27 -1.63 29.56 66.26
CA HIS O 27 -2.78 28.81 66.72
C HIS O 27 -3.44 28.09 65.56
N ARG O 28 -4.02 26.93 65.85
CA ARG O 28 -4.67 26.13 64.82
C ARG O 28 -5.92 26.82 64.31
N THR O 29 -6.09 26.83 62.98
CA THR O 29 -7.24 27.43 62.33
C THR O 29 -7.76 26.50 61.24
N ALA O 30 -9.05 26.58 60.99
CA ALA O 30 -9.70 25.75 59.99
C ALA O 30 -10.75 26.57 59.25
N PRO O 31 -11.09 26.20 58.02
CA PRO O 31 -12.16 26.88 57.30
C PRO O 31 -13.54 26.40 57.73
N VAL O 32 -14.51 27.28 57.54
CA VAL O 32 -15.91 26.97 57.82
C VAL O 32 -16.78 27.76 56.85
N VAL O 33 -17.93 27.17 56.50
CA VAL O 33 -18.92 27.76 55.62
C VAL O 33 -20.07 28.31 56.45
N LEU O 34 -20.37 29.60 56.29
CA LEU O 34 -21.40 30.28 57.05
C LEU O 34 -22.44 30.87 56.12
N LYS O 35 -23.71 30.73 56.50
CA LYS O 35 -24.86 31.19 55.73
C LYS O 35 -25.32 32.55 56.24
N THR O 36 -25.45 33.50 55.31
CA THR O 36 -25.91 34.85 55.61
C THR O 36 -26.98 35.25 54.62
N SER O 37 -27.67 36.35 54.93
CA SER O 37 -28.74 36.83 54.04
C SER O 37 -28.23 37.08 52.63
N THR O 38 -26.97 37.49 52.49
CA THR O 38 -26.41 37.78 51.18
C THR O 38 -25.89 36.53 50.47
N GLY O 39 -25.77 35.41 51.17
CA GLY O 39 -25.32 34.17 50.54
C GLY O 39 -24.53 33.28 51.46
N TYR O 40 -23.33 32.89 51.02
CA TYR O 40 -22.43 32.05 51.79
C TYR O 40 -21.05 32.70 51.86
N LEU O 41 -20.37 32.50 52.98
CA LEU O 41 -19.04 33.03 53.24
C LEU O 41 -18.15 31.91 53.77
N VAL O 42 -16.88 31.94 53.36
CA VAL O 42 -15.87 31.01 53.84
C VAL O 42 -14.97 31.78 54.80
N ARG O 43 -14.93 31.35 56.06
CA ARG O 43 -14.20 32.06 57.10
C ARG O 43 -13.22 31.13 57.79
N TYR O 44 -12.07 31.66 58.15
CA TYR O 44 -11.04 30.91 58.87
C TYR O 44 -11.21 31.19 60.37
N VAL O 45 -11.35 30.13 61.15
CA VAL O 45 -11.68 30.25 62.57
C VAL O 45 -10.75 29.36 63.39
N PRO O 46 -10.34 29.77 64.58
CA PRO O 46 -9.53 28.89 65.41
C PRO O 46 -10.29 27.65 65.84
N VAL O 47 -9.58 26.54 65.98
CA VAL O 47 -10.16 25.27 66.38
C VAL O 47 -9.18 24.53 67.29
N ILE O 48 -9.70 23.50 67.95
CA ILE O 48 -8.90 22.65 68.83
C ILE O 48 -9.13 21.20 68.42
N SER O 49 -8.04 20.44 68.30
CA SER O 49 -8.12 19.07 67.84
C SER O 49 -8.73 18.18 68.91
N GLY O 50 -9.25 17.02 68.47
CA GLY O 50 -9.78 16.04 69.38
C GLY O 50 -8.75 15.11 69.97
N GLU O 51 -7.58 15.00 69.35
CA GLU O 51 -6.53 14.15 69.88
C GLU O 51 -6.05 14.63 71.24
N ALA O 52 -5.97 15.95 71.45
CA ALA O 52 -5.60 16.47 72.76
C ALA O 52 -6.63 16.08 73.81
N LEU O 53 -7.91 16.17 73.47
CA LEU O 53 -8.96 15.77 74.40
C LEU O 53 -8.85 14.28 74.72
N ALA O 54 -8.58 13.46 73.72
CA ALA O 54 -8.40 12.04 73.95
C ALA O 54 -7.21 11.78 74.87
N HIS O 55 -6.11 12.50 74.65
CA HIS O 55 -4.94 12.34 75.49
C HIS O 55 -5.25 12.68 76.95
N ALA O 56 -5.95 13.80 77.17
CA ALA O 56 -6.31 14.18 78.53
C ALA O 56 -7.23 13.14 79.17
N TYR O 57 -8.22 12.67 78.41
CA TYR O 57 -9.14 11.66 78.93
C TYR O 57 -8.40 10.40 79.32
N GLN O 58 -7.50 9.94 78.47
CA GLN O 58 -6.75 8.72 78.74
C GLN O 58 -5.80 8.89 79.92
N ALA O 59 -5.20 10.07 80.07
CA ALA O 59 -4.34 10.32 81.22
C ALA O 59 -5.15 10.27 82.51
N SER O 60 -6.32 10.90 82.52
CA SER O 60 -7.18 10.85 83.70
C SER O 60 -7.61 9.42 83.99
N LEU O 61 -7.93 8.65 82.95
CA LEU O 61 -8.30 7.26 83.13
C LEU O 61 -7.15 6.47 83.75
N VAL O 62 -5.93 6.72 83.27
CA VAL O 62 -4.76 6.03 83.82
C VAL O 62 -4.61 6.35 85.31
N ASP O 63 -4.73 7.64 85.66
CA ASP O 63 -4.58 8.01 87.05
C ASP O 63 -5.63 7.34 87.92
N ILE O 64 -6.89 7.36 87.48
CA ILE O 64 -7.97 6.78 88.26
C ILE O 64 -7.77 5.28 88.41
N ALA O 65 -7.41 4.60 87.32
CA ALA O 65 -7.21 3.16 87.38
C ALA O 65 -6.07 2.81 88.33
N LYS O 66 -4.97 3.55 88.27
CA LYS O 66 -3.87 3.28 89.18
C LYS O 66 -4.29 3.51 90.63
N LYS O 67 -5.09 4.55 90.87
CA LYS O 67 -5.57 4.79 92.24
C LYS O 67 -6.51 3.69 92.71
N GLU O 68 -7.25 3.07 91.78
CA GLU O 68 -8.24 2.07 92.18
C GLU O 68 -7.60 0.71 92.40
N GLY O 69 -6.88 0.21 91.41
CA GLY O 69 -6.20 -1.07 91.45
C GLY O 69 -6.24 -1.84 90.15
N LEU O 70 -6.94 -1.31 89.16
CA LEU O 70 -7.01 -1.98 87.87
C LEU O 70 -5.64 -2.01 87.19
N PRO O 71 -5.38 -3.01 86.37
CA PRO O 71 -4.05 -3.13 85.76
C PRO O 71 -3.77 -1.99 84.79
N VAL O 72 -2.49 -1.63 84.68
CA VAL O 72 -2.04 -0.61 83.75
C VAL O 72 -0.73 -1.09 83.13
N GLY O 73 -0.56 -0.78 81.84
CA GLY O 73 0.62 -1.22 81.13
C GLY O 73 1.89 -0.53 81.59
N SER O 74 3.02 -1.11 81.18
CA SER O 74 4.31 -0.56 81.56
C SER O 74 4.54 0.80 80.92
N LEU O 75 4.50 0.85 79.59
CA LEU O 75 4.65 2.14 78.90
C LEU O 75 3.51 3.07 79.26
N SER O 76 2.28 2.56 79.29
CA SER O 76 1.14 3.40 79.58
C SER O 76 1.21 4.01 80.98
N SER O 77 1.95 3.39 81.90
CA SER O 77 2.16 4.00 83.21
C SER O 77 2.79 5.37 83.03
N GLN O 78 3.82 5.46 82.19
CA GLN O 78 4.26 6.75 81.69
C GLN O 78 3.26 7.26 80.68
N TYR O 79 3.09 8.58 80.62
CA TYR O 79 2.13 9.24 79.75
C TYR O 79 2.62 9.22 78.31
N GLU O 80 2.73 8.03 77.74
CA GLU O 80 3.16 7.83 76.36
C GLU O 80 2.26 6.74 75.76
N PHE O 81 1.21 7.15 75.07
CA PHE O 81 0.18 6.21 74.60
C PHE O 81 0.51 5.64 73.22
N ILE O 82 1.72 5.10 73.08
CA ILE O 82 2.05 4.38 71.86
C ILE O 82 1.25 3.08 71.77
N LYS O 83 1.03 2.43 72.92
CA LYS O 83 0.27 1.18 72.97
C LYS O 83 0.99 0.09 72.18
N PHE O 84 0.29 -1.00 71.88
CA PHE O 84 0.90 -2.18 71.27
C PHE O 84 0.80 -2.09 69.76
N SER O 85 1.64 -1.22 69.19
CA SER O 85 1.69 -0.98 67.76
C SER O 85 2.93 -1.62 67.12
N THR O 86 4.11 -1.33 67.66
CA THR O 86 5.37 -1.84 67.11
C THR O 86 5.89 -2.98 67.96
N ASP O 87 6.87 -3.70 67.41
CA ASP O 87 7.43 -4.86 68.10
C ASP O 87 8.19 -4.45 69.35
N GLU O 88 8.76 -3.24 69.37
CA GLU O 88 9.52 -2.80 70.54
C GLU O 88 8.61 -2.70 71.77
N ALA O 89 7.39 -2.19 71.58
CA ALA O 89 6.47 -2.10 72.70
C ALA O 89 6.12 -3.49 73.23
N LEU O 90 5.89 -4.44 72.33
CA LEU O 90 5.60 -5.80 72.76
C LEU O 90 6.78 -6.40 73.52
N LYS O 91 8.00 -6.17 73.02
CA LYS O 91 9.18 -6.69 73.70
C LYS O 91 9.31 -6.09 75.09
N ILE O 92 9.08 -4.79 75.22
CA ILE O 92 9.17 -4.15 76.53
C ILE O 92 8.11 -4.72 77.47
N GLU O 93 6.88 -4.85 76.97
CA GLU O 93 5.80 -5.37 77.80
C GLU O 93 5.96 -6.87 78.05
N GLY O 94 6.48 -7.60 77.06
CA GLY O 94 6.70 -9.01 77.22
C GLY O 94 5.51 -9.86 76.78
N ILE O 95 5.02 -9.60 75.57
CA ILE O 95 3.90 -10.34 75.01
C ILE O 95 4.33 -10.93 73.68
N LYS O 96 4.03 -12.21 73.47
CA LYS O 96 4.41 -12.86 72.22
C LYS O 96 3.51 -12.37 71.08
N GLU O 97 4.12 -12.19 69.91
CA GLU O 97 3.36 -11.74 68.76
C GLU O 97 2.43 -12.84 68.28
N PRO O 98 1.32 -12.49 67.63
CA PRO O 98 0.41 -13.51 67.12
C PRO O 98 1.07 -14.34 66.03
N LYS O 99 0.68 -15.62 65.98
CA LYS O 99 1.21 -16.54 64.99
C LYS O 99 0.39 -16.54 63.71
N ASP O 100 -0.93 -16.68 63.83
CA ASP O 100 -1.83 -16.69 62.68
C ASP O 100 -3.15 -16.10 63.11
N TYR O 101 -4.14 -16.15 62.20
CA TYR O 101 -5.44 -15.57 62.50
C TYR O 101 -6.11 -16.29 63.67
N ASN O 102 -6.00 -17.61 63.72
CA ASN O 102 -6.69 -18.38 64.75
C ASN O 102 -6.30 -17.91 66.16
N ASP O 103 -5.04 -17.52 66.34
CA ASP O 103 -4.56 -17.11 67.66
C ASP O 103 -4.85 -15.64 67.96
N ALA O 104 -5.31 -14.87 66.98
CA ALA O 104 -5.46 -13.43 67.16
C ALA O 104 -6.25 -13.11 68.43
N ARG O 105 -7.41 -13.75 68.58
CA ARG O 105 -8.25 -13.49 69.75
C ARG O 105 -7.44 -13.60 71.02
N ARG O 106 -6.69 -14.69 71.18
CA ARG O 106 -5.90 -14.87 72.39
C ARG O 106 -5.01 -13.65 72.62
N PHE O 107 -4.26 -13.26 71.59
CA PHE O 107 -3.39 -12.09 71.72
C PHE O 107 -4.17 -10.90 72.24
N GLU O 108 -5.32 -10.62 71.61
CA GLU O 108 -6.13 -9.50 72.04
C GLU O 108 -6.41 -9.59 73.53
N VAL O 109 -6.91 -10.76 73.96
CA VAL O 109 -7.27 -10.92 75.37
C VAL O 109 -6.08 -10.61 76.24
N GLU O 110 -4.91 -11.13 75.88
CA GLU O 110 -3.71 -10.88 76.68
C GLU O 110 -3.49 -9.38 76.85
N VAL O 111 -3.48 -8.65 75.73
CA VAL O 111 -3.29 -7.21 75.81
C VAL O 111 -4.39 -6.59 76.66
N MET O 112 -5.61 -7.06 76.45
CA MET O 112 -6.77 -6.53 77.14
C MET O 112 -6.73 -6.79 78.64
N LEU O 113 -5.85 -7.68 79.10
CA LEU O 113 -5.67 -7.91 80.52
C LEU O 113 -4.48 -7.18 81.11
N LYS O 114 -3.66 -6.54 80.28
CA LYS O 114 -2.47 -5.86 80.76
C LYS O 114 -2.61 -4.33 80.77
N ASP O 115 -3.58 -3.78 80.05
CA ASP O 115 -3.73 -2.34 79.97
C ASP O 115 -5.20 -2.00 79.78
N VAL O 116 -5.78 -1.27 80.74
CA VAL O 116 -7.16 -0.80 80.60
C VAL O 116 -7.27 0.19 79.45
N ILE O 117 -6.24 1.02 79.26
CA ILE O 117 -6.26 2.00 78.18
C ILE O 117 -6.40 1.32 76.84
N ALA O 118 -5.63 0.25 76.62
CA ALA O 118 -5.73 -0.49 75.36
C ALA O 118 -7.11 -1.08 75.17
N ASP O 119 -7.89 -1.22 76.24
CA ASP O 119 -9.25 -1.76 76.12
C ASP O 119 -10.25 -0.67 75.78
N VAL O 120 -10.28 0.39 76.59
CA VAL O 120 -11.26 1.46 76.37
C VAL O 120 -10.96 2.22 75.10
N GLY O 121 -9.70 2.64 74.92
CA GLY O 121 -9.32 3.46 73.80
C GLY O 121 -9.01 2.73 72.52
N GLY O 122 -8.99 1.41 72.55
CA GLY O 122 -8.68 0.64 71.36
C GLY O 122 -7.19 0.61 71.09
N PHE O 123 -6.82 -0.10 70.02
CA PHE O 123 -5.42 -0.22 69.63
C PHE O 123 -5.36 -0.87 68.26
N MET O 124 -4.15 -0.95 67.72
CA MET O 124 -3.91 -1.52 66.41
C MET O 124 -2.53 -2.15 66.38
N TYR O 125 -2.44 -3.36 65.81
CA TYR O 125 -1.18 -4.04 65.58
C TYR O 125 -1.04 -4.32 64.08
N ALA O 126 0.08 -3.91 63.51
CA ALA O 126 0.37 -4.09 62.09
C ALA O 126 1.46 -5.14 61.94
N GLY O 127 1.23 -6.11 61.06
CA GLY O 127 2.19 -7.17 60.84
C GLY O 127 1.59 -8.28 60.01
N GLY O 128 2.17 -9.47 60.15
CA GLY O 128 1.67 -10.63 59.42
C GLY O 128 0.24 -10.96 59.77
N ALA O 129 -0.15 -10.76 61.03
CA ALA O 129 -1.51 -11.02 61.51
C ALA O 129 -2.01 -9.76 62.18
N PRO O 130 -2.43 -8.76 61.40
CA PRO O 130 -2.86 -7.49 62.00
C PRO O 130 -4.05 -7.67 62.93
N VAL O 131 -4.09 -6.86 63.97
CA VAL O 131 -5.18 -6.89 64.95
C VAL O 131 -5.69 -5.46 65.14
N ARG O 132 -6.96 -5.36 65.49
CA ARG O 132 -7.61 -4.06 65.64
C ARG O 132 -8.57 -4.08 66.80
N ARG O 133 -8.79 -2.89 67.37
CA ARG O 133 -9.83 -2.70 68.37
C ARG O 133 -10.23 -1.23 68.33
N THR O 134 -11.43 -0.97 67.83
CA THR O 134 -11.91 0.40 67.70
C THR O 134 -12.13 1.02 69.08
N SER O 135 -11.87 2.33 69.15
CA SER O 135 -12.04 3.04 70.40
C SER O 135 -13.49 3.06 70.83
N ARG O 136 -13.72 2.96 72.13
CA ARG O 136 -15.05 3.00 72.71
C ARG O 136 -15.50 4.41 73.05
N ILE O 137 -14.64 5.40 72.89
CA ILE O 137 -14.96 6.81 73.14
C ILE O 137 -14.66 7.59 71.88
N LYS O 138 -15.60 8.43 71.46
CA LYS O 138 -15.48 9.18 70.22
C LYS O 138 -15.65 10.66 70.51
N LEU O 139 -14.72 11.47 69.98
CA LEU O 139 -14.73 12.90 70.14
C LEU O 139 -14.53 13.56 68.78
N GLY O 140 -14.59 14.89 68.77
CA GLY O 140 -14.44 15.66 67.54
C GLY O 140 -13.79 17.00 67.81
N TYR O 141 -13.54 17.72 66.74
CA TYR O 141 -12.92 19.03 66.85
C TYR O 141 -13.83 20.00 67.58
N MET O 142 -13.22 20.95 68.27
CA MET O 142 -13.95 21.99 69.00
C MET O 142 -14.05 23.21 68.09
N ILE O 143 -15.27 23.63 67.81
CA ILE O 143 -15.52 24.74 66.90
C ILE O 143 -16.44 25.74 67.58
N PRO O 144 -16.25 27.05 67.37
CA PRO O 144 -17.21 28.01 67.91
C PRO O 144 -18.55 27.93 67.19
N ALA O 145 -19.60 28.33 67.90
CA ALA O 145 -20.94 28.25 67.36
C ALA O 145 -21.05 29.07 66.07
N LEU O 146 -21.60 28.46 65.04
CA LEU O 146 -21.86 29.14 63.77
C LEU O 146 -23.30 29.63 63.72
N ARG O 147 -23.61 30.55 64.62
CA ARG O 147 -24.96 31.06 64.80
C ARG O 147 -25.05 32.50 64.31
N GLY O 148 -26.15 32.83 63.65
CA GLY O 148 -26.34 34.17 63.15
C GLY O 148 -25.40 34.49 62.01
N ASP O 149 -25.23 35.79 61.76
CA ASP O 149 -24.37 36.29 60.70
C ASP O 149 -23.02 36.75 61.23
N GLU O 150 -22.73 36.52 62.50
CA GLU O 150 -21.47 36.93 63.11
C GLU O 150 -20.91 35.77 63.91
N ILE O 151 -19.62 35.51 63.76
CA ILE O 151 -18.94 34.43 64.48
C ILE O 151 -18.34 35.04 65.74
N PRO O 152 -18.73 34.59 66.94
CA PRO O 152 -18.18 35.16 68.17
C PRO O 152 -16.82 34.56 68.53
N GLU O 178 0.16 33.72 69.72
CA GLU O 178 -1.22 33.93 69.32
C GLU O 178 -2.16 33.57 70.46
N VAL O 179 -3.12 34.45 70.72
CA VAL O 179 -4.11 34.28 71.78
C VAL O 179 -5.49 34.47 71.19
N SER O 180 -6.43 33.62 71.58
CA SER O 180 -7.77 33.62 71.01
C SER O 180 -8.81 33.71 72.12
N SER O 181 -10.06 33.89 71.70
CA SER O 181 -11.21 33.87 72.58
C SER O 181 -12.44 33.52 71.75
N ALA O 182 -13.36 32.76 72.34
CA ALA O 182 -14.51 32.32 71.57
C ALA O 182 -15.50 31.62 72.49
N LEU O 183 -16.64 31.24 71.89
CA LEU O 183 -17.68 30.44 72.52
C LEU O 183 -17.66 29.08 71.84
N TYR O 184 -16.99 28.11 72.46
CA TYR O 184 -16.76 26.82 71.85
C TYR O 184 -17.93 25.88 72.08
N THR O 185 -17.98 24.82 71.27
CA THR O 185 -18.99 23.78 71.42
C THR O 185 -18.40 22.47 70.92
N PHE O 186 -18.84 21.37 71.51
CA PHE O 186 -18.36 20.07 71.06
C PHE O 186 -19.26 18.96 71.59
N SER O 187 -19.21 17.82 70.90
CA SER O 187 -20.04 16.67 71.23
C SER O 187 -19.16 15.44 71.44
N PHE O 188 -19.65 14.52 72.27
CA PHE O 188 -18.91 13.32 72.62
C PHE O 188 -19.84 12.12 72.66
N GLU O 189 -19.25 10.94 72.45
CA GLU O 189 -19.99 9.69 72.50
C GLU O 189 -19.16 8.65 73.24
N LEU O 190 -19.84 7.74 73.94
CA LEU O 190 -19.18 6.69 74.68
C LEU O 190 -20.14 5.52 74.83
N ASP O 191 -19.74 4.35 74.33
CA ASP O 191 -20.55 3.15 74.42
C ASP O 191 -20.02 2.28 75.56
N GLU O 192 -20.78 2.20 76.65
CA GLU O 192 -20.38 1.45 77.83
C GLU O 192 -20.82 -0.02 77.77
N ASP O 193 -21.62 -0.40 76.78
CA ASP O 193 -22.09 -1.78 76.68
C ASP O 193 -21.07 -2.71 76.02
N LEU O 194 -19.99 -2.16 75.46
CA LEU O 194 -18.97 -2.97 74.82
C LEU O 194 -17.65 -2.99 75.58
N ILE O 195 -17.55 -2.26 76.70
CA ILE O 195 -16.33 -2.29 77.49
C ILE O 195 -16.15 -3.68 78.09
N ALA O 196 -14.89 -4.10 78.19
CA ALA O 196 -14.55 -5.41 78.74
C ALA O 196 -15.18 -6.54 77.94
N VAL O 197 -15.25 -6.35 76.61
CA VAL O 197 -15.82 -7.34 75.71
C VAL O 197 -14.88 -7.50 74.51
N PRO O 198 -14.38 -8.71 74.23
CA PRO O 198 -13.56 -8.89 73.04
C PRO O 198 -14.34 -8.54 71.77
N SER O 199 -13.61 -8.00 70.79
CA SER O 199 -14.20 -7.58 69.53
C SER O 199 -13.84 -8.50 68.36
N THR O 200 -13.19 -9.61 68.63
CA THR O 200 -12.80 -10.56 67.59
C THR O 200 -13.61 -11.85 67.73
N PHE O 201 -13.93 -12.44 66.57
CA PHE O 201 -14.76 -13.63 66.53
C PHE O 201 -13.90 -14.88 66.59
N GLY O 202 -14.25 -15.79 67.48
CA GLY O 202 -13.51 -17.03 67.63
C GLY O 202 -13.97 -17.77 68.86
N GLU O 203 -13.38 -18.95 69.05
CA GLU O 203 -13.70 -19.78 70.19
C GLU O 203 -13.23 -19.13 71.49
N LYS O 204 -13.94 -19.41 72.57
CA LYS O 204 -13.59 -18.83 73.86
C LYS O 204 -12.20 -19.31 74.30
N VAL O 205 -11.50 -18.42 75.00
CA VAL O 205 -10.16 -18.69 75.49
C VAL O 205 -10.11 -18.35 76.97
N LYS O 206 -9.18 -19.00 77.67
CA LYS O 206 -9.05 -18.80 79.11
C LYS O 206 -8.71 -17.34 79.42
N GLY O 207 -9.22 -16.84 80.54
CA GLY O 207 -8.98 -15.49 81.00
C GLY O 207 -10.18 -14.58 80.90
N GLU O 208 -11.21 -14.96 80.15
CA GLU O 208 -12.38 -14.11 80.02
C GLU O 208 -13.13 -13.96 81.35
N GLU O 209 -12.97 -14.91 82.27
CA GLU O 209 -13.64 -14.79 83.56
C GLU O 209 -13.15 -13.56 84.32
N GLU O 210 -11.85 -13.29 84.27
CA GLU O 210 -11.32 -12.10 84.92
C GLU O 210 -11.89 -10.84 84.29
N LEU O 211 -12.04 -10.84 82.97
CA LEU O 211 -12.64 -9.70 82.30
C LEU O 211 -14.07 -9.48 82.76
N GLU O 212 -14.85 -10.56 82.85
CA GLU O 212 -16.21 -10.44 83.33
C GLU O 212 -16.22 -9.91 84.76
N ARG O 213 -15.27 -10.34 85.58
CA ARG O 213 -15.19 -9.86 86.96
C ARG O 213 -14.91 -8.37 87.01
N GLN O 214 -14.00 -7.89 86.17
CA GLN O 214 -13.55 -6.50 86.22
C GLN O 214 -14.37 -5.57 85.34
N LYS O 215 -15.38 -6.09 84.64
CA LYS O 215 -16.18 -5.25 83.75
C LYS O 215 -16.79 -4.07 84.49
N ALA O 216 -17.37 -4.32 85.66
CA ALA O 216 -18.07 -3.24 86.38
C ALA O 216 -17.10 -2.14 86.77
N LYS O 217 -15.95 -2.51 87.33
CA LYS O 217 -14.97 -1.52 87.74
C LYS O 217 -14.46 -0.73 86.54
N ARG O 218 -14.19 -1.42 85.43
CA ARG O 218 -13.71 -0.73 84.24
C ARG O 218 -14.74 0.27 83.74
N VAL O 219 -16.02 -0.13 83.71
CA VAL O 219 -17.07 0.77 83.24
C VAL O 219 -17.18 1.97 84.16
N LYS O 220 -17.13 1.75 85.48
CA LYS O 220 -17.23 2.85 86.42
C LYS O 220 -16.07 3.83 86.22
N SER O 221 -14.85 3.30 86.05
CA SER O 221 -13.70 4.17 85.84
C SER O 221 -13.84 4.97 84.55
N ALA O 222 -14.30 4.32 83.48
CA ALA O 222 -14.47 5.01 82.21
C ALA O 222 -15.50 6.14 82.34
N ILE O 223 -16.61 5.87 83.04
CA ILE O 223 -17.61 6.91 83.24
C ILE O 223 -17.04 8.05 84.06
N LYS O 224 -16.29 7.73 85.12
CA LYS O 224 -15.71 8.77 85.96
C LYS O 224 -14.73 9.64 85.18
N ALA O 225 -14.01 9.05 84.22
CA ALA O 225 -12.97 9.80 83.52
C ALA O 225 -13.52 11.00 82.76
N LEU O 226 -14.81 11.02 82.45
CA LEU O 226 -15.37 12.14 81.68
C LEU O 226 -15.39 13.45 82.47
N TYR O 227 -15.22 13.38 83.79
CA TYR O 227 -15.25 14.59 84.60
C TYR O 227 -14.12 15.53 84.22
N SER O 228 -12.95 14.99 83.89
CA SER O 228 -11.83 15.83 83.48
C SER O 228 -12.19 16.67 82.27
N LEU O 229 -12.73 16.03 81.22
CA LEU O 229 -13.12 16.78 80.03
C LEU O 229 -14.24 17.76 80.32
N LEU O 230 -15.25 17.33 81.08
CA LEU O 230 -16.39 18.20 81.35
C LEU O 230 -16.02 19.36 82.28
N SER O 231 -14.88 19.28 82.96
CA SER O 231 -14.48 20.32 83.88
C SER O 231 -13.59 21.38 83.23
N GLY O 232 -12.82 21.00 82.21
CA GLY O 232 -11.97 21.94 81.52
C GLY O 232 -10.50 21.72 81.78
N ASN O 233 -10.09 20.47 81.96
CA ASN O 233 -8.69 20.11 82.19
C ASN O 233 -8.17 19.47 80.91
N PHE O 234 -7.69 20.29 79.99
CA PHE O 234 -7.13 19.82 78.74
C PHE O 234 -6.39 20.97 78.07
N PRO O 243 -6.42 29.48 81.08
CA PRO O 243 -7.65 30.11 80.58
C PRO O 243 -8.69 30.29 81.69
N SER O 244 -9.75 31.00 81.32
CA SER O 244 -10.89 31.23 82.20
C SER O 244 -12.11 30.59 81.53
N MET O 245 -12.47 29.39 81.97
CA MET O 245 -13.56 28.64 81.37
C MET O 245 -14.81 28.76 82.23
N LYS O 246 -15.96 28.54 81.58
CA LYS O 246 -17.24 28.61 82.26
C LYS O 246 -18.26 27.81 81.44
N LEU O 247 -19.03 26.97 82.13
CA LEU O 247 -20.04 26.17 81.46
C LEU O 247 -21.33 26.95 81.27
N MET O 248 -21.93 26.82 80.09
CA MET O 248 -23.16 27.51 79.75
C MET O 248 -24.32 26.56 79.53
N SER O 249 -24.16 25.57 78.65
CA SER O 249 -25.23 24.63 78.33
C SER O 249 -24.65 23.24 78.11
N LEU O 250 -25.39 22.24 78.58
CA LEU O 250 -24.96 20.85 78.44
C LEU O 250 -26.19 19.96 78.32
N VAL O 251 -26.13 19.02 77.37
CA VAL O 251 -27.17 18.02 77.19
C VAL O 251 -26.51 16.65 77.14
N VAL O 252 -27.07 15.70 77.88
CA VAL O 252 -26.56 14.33 77.91
C VAL O 252 -27.73 13.38 77.75
N THR O 253 -27.52 12.31 76.99
CA THR O 253 -28.55 11.33 76.71
C THR O 253 -28.00 9.92 76.92
N LYS O 254 -28.77 9.10 77.64
CA LYS O 254 -28.44 7.70 77.86
C LYS O 254 -29.55 6.85 77.24
N THR O 255 -29.17 5.94 76.36
CA THR O 255 -30.14 5.12 75.63
C THR O 255 -29.60 3.70 75.51
N ASP O 256 -30.31 2.88 74.75
CA ASP O 256 -29.89 1.52 74.42
C ASP O 256 -29.77 1.31 72.92
N PHE O 257 -29.96 2.35 72.13
CA PHE O 257 -29.91 2.29 70.68
C PHE O 257 -29.14 3.49 70.16
N PRO O 258 -28.65 3.42 68.92
CA PRO O 258 -27.85 4.54 68.40
C PRO O 258 -28.64 5.84 68.43
N PHE O 259 -27.94 6.92 68.77
CA PHE O 259 -28.55 8.24 68.86
C PHE O 259 -27.46 9.28 68.95
N MET O 260 -27.78 10.49 68.50
CA MET O 260 -26.83 11.60 68.54
C MET O 260 -27.58 12.91 68.71
N PRO O 261 -27.31 13.68 69.76
CA PRO O 261 -28.01 14.95 69.95
C PRO O 261 -27.57 15.98 68.92
N GLU O 262 -28.43 16.98 68.74
CA GLU O 262 -28.15 18.02 67.77
C GLU O 262 -26.91 18.82 68.18
N PRO O 263 -26.12 19.30 67.22
CA PRO O 263 -24.99 20.15 67.57
C PRO O 263 -25.43 21.43 68.24
N ALA O 264 -24.57 21.94 69.12
CA ALA O 264 -24.89 23.13 69.90
C ALA O 264 -24.59 24.41 69.12
N HIS O 265 -25.15 24.53 67.92
CA HIS O 265 -25.00 25.73 67.11
C HIS O 265 -26.18 26.68 67.26
N ASP O 266 -27.40 26.17 67.07
CA ASP O 266 -28.59 26.98 67.20
C ASP O 266 -28.90 27.24 68.67
N ASP O 267 -29.60 28.34 68.92
CA ASP O 267 -29.97 28.68 70.29
C ASP O 267 -30.90 27.65 70.90
N ASP O 268 -31.72 27.00 70.08
CA ASP O 268 -32.70 26.02 70.52
C ASP O 268 -32.31 24.65 69.98
N TYR O 269 -31.50 23.91 70.75
CA TYR O 269 -31.10 22.57 70.38
C TYR O 269 -31.44 21.53 71.46
N ILE O 270 -32.01 21.94 72.58
CA ILE O 270 -32.42 21.00 73.61
C ILE O 270 -33.80 20.43 73.31
N LYS O 271 -34.73 21.31 72.95
CA LYS O 271 -36.08 20.87 72.62
C LYS O 271 -36.07 19.91 71.43
N THR O 272 -35.32 20.26 70.40
CA THR O 272 -35.27 19.43 69.20
C THR O 272 -34.71 18.05 69.52
N THR O 273 -33.62 17.99 70.29
CA THR O 273 -33.02 16.70 70.61
C THR O 273 -33.95 15.88 71.50
N ILE O 274 -34.69 16.53 72.40
CA ILE O 274 -35.62 15.81 73.26
C ILE O 274 -36.73 15.17 72.41
N MET O 275 -37.31 15.96 71.51
CA MET O 275 -38.37 15.43 70.65
C MET O 275 -37.84 14.30 69.79
N ARG O 276 -36.64 14.47 69.22
CA ARG O 276 -36.07 13.44 68.38
C ARG O 276 -35.76 12.18 69.19
N LEU O 277 -35.34 12.33 70.45
CA LEU O 277 -35.11 11.16 71.29
C LEU O 277 -36.41 10.40 71.53
N GLY O 278 -37.48 11.14 71.84
CA GLY O 278 -38.76 10.48 72.04
C GLY O 278 -39.21 9.72 70.80
N LYS O 279 -39.13 10.37 69.64
CA LYS O 279 -39.58 9.71 68.41
C LYS O 279 -38.66 8.56 68.02
N ALA O 280 -37.36 8.66 68.30
CA ALA O 280 -36.44 7.57 68.01
C ALA O 280 -36.72 6.37 68.90
N LYS O 281 -37.03 6.61 70.18
CA LYS O 281 -37.46 5.51 71.03
C LYS O 281 -38.74 4.88 70.49
N GLY O 282 -39.66 5.71 70.00
CA GLY O 282 -40.89 5.18 69.43
C GLY O 282 -40.63 4.29 68.24
N VAL O 283 -39.73 4.72 67.35
CA VAL O 283 -39.54 4.01 66.07
C VAL O 283 -38.67 2.77 66.26
N LEU O 284 -37.57 2.89 66.99
CA LEU O 284 -36.56 1.84 67.05
C LEU O 284 -36.83 0.83 68.16
N ASN O 285 -38.04 0.79 68.70
CA ASN O 285 -38.42 -0.20 69.70
C ASN O 285 -37.46 -0.16 70.89
N GLY O 286 -37.12 1.05 71.33
CA GLY O 286 -36.24 1.20 72.45
C GLY O 286 -36.92 0.89 73.78
N ASN O 287 -36.10 0.66 74.79
CA ASN O 287 -36.56 0.36 76.13
C ASN O 287 -36.12 1.37 77.18
N LEU O 288 -34.97 2.01 77.00
CA LEU O 288 -34.45 2.98 77.93
C LEU O 288 -34.04 4.24 77.18
N ALA O 289 -34.47 5.39 77.68
CA ALA O 289 -34.11 6.67 77.06
C ALA O 289 -34.26 7.75 78.11
N LYS O 290 -33.14 8.33 78.54
CA LYS O 290 -33.14 9.37 79.56
C LYS O 290 -32.27 10.52 79.12
N ALA O 291 -32.64 11.73 79.55
CA ALA O 291 -31.93 12.95 79.19
C ALA O 291 -31.70 13.80 80.42
N TYR O 292 -30.53 14.42 80.48
CA TYR O 292 -30.16 15.36 81.53
C TYR O 292 -29.69 16.66 80.89
N VAL O 293 -30.10 17.78 81.48
CA VAL O 293 -29.85 19.10 80.92
C VAL O 293 -29.30 20.00 82.01
N ILE O 294 -28.24 20.73 81.69
CA ILE O 294 -27.71 21.79 82.54
C ILE O 294 -27.79 23.08 81.75
N ASN O 295 -28.49 24.07 82.30
CA ASN O 295 -28.77 25.33 81.62
C ASN O 295 -28.41 26.48 82.54
N ASN O 296 -27.67 27.45 81.99
CA ASN O 296 -27.30 28.65 82.72
C ASN O 296 -27.48 29.94 81.92
N GLU O 297 -27.76 29.85 80.62
CA GLU O 297 -27.95 31.01 79.77
C GLU O 297 -29.42 31.36 79.57
N LEU O 308 -30.30 19.69 86.53
CA LEU O 308 -29.25 19.59 87.53
C LEU O 308 -28.62 20.97 87.74
N SER O 309 -27.64 21.01 88.64
CA SER O 309 -26.95 22.26 88.97
C SER O 309 -25.48 22.26 88.58
N THR O 310 -24.81 21.11 88.63
CA THR O 310 -23.40 21.02 88.32
C THR O 310 -23.14 19.72 87.58
N VAL O 311 -21.87 19.52 87.21
CA VAL O 311 -21.49 18.30 86.48
C VAL O 311 -21.33 17.12 87.43
N GLU O 312 -21.01 17.39 88.69
CA GLU O 312 -20.83 16.30 89.66
C GLU O 312 -22.11 15.51 89.84
N ASP O 313 -23.25 16.21 89.93
CA ASP O 313 -24.53 15.51 90.05
C ASP O 313 -24.79 14.66 88.82
N LEU O 314 -24.46 15.17 87.64
CA LEU O 314 -24.63 14.41 86.41
C LEU O 314 -23.79 13.13 86.45
N VAL O 315 -22.54 13.24 86.88
CA VAL O 315 -21.67 12.07 86.94
C VAL O 315 -22.21 11.06 87.94
N VAL O 316 -22.67 11.54 89.10
CA VAL O 316 -23.21 10.64 90.11
C VAL O 316 -24.43 9.91 89.57
N LYS O 317 -25.32 10.64 88.90
CA LYS O 317 -26.52 10.02 88.36
C LYS O 317 -26.18 8.99 87.29
N LEU O 318 -25.21 9.32 86.42
CA LEU O 318 -24.80 8.37 85.39
C LEU O 318 -24.22 7.11 86.03
N GLU O 319 -23.39 7.27 87.06
CA GLU O 319 -22.83 6.10 87.74
C GLU O 319 -23.92 5.26 88.39
N GLU O 320 -24.91 5.92 88.99
CA GLU O 320 -25.96 5.17 89.69
C GLU O 320 -26.72 4.26 88.74
C TRS P . 8.36 13.36 -44.16
C1 TRS P . 8.04 12.11 -43.35
C2 TRS P . 9.37 13.01 -45.25
C3 TRS P . 8.90 14.45 -43.25
N TRS P . 7.13 13.84 -44.79
O1 TRS P . 9.24 11.56 -42.86
O2 TRS P . 8.92 11.88 -45.95
O3 TRS P . 9.08 15.64 -43.98
H11 TRS P . 7.57 11.46 -43.90
H12 TRS P . 7.45 12.33 -42.61
H21 TRS P . 10.24 12.83 -44.84
H22 TRS P . 9.48 13.76 -45.84
H31 TRS P . 9.74 14.16 -42.86
H32 TRS P . 8.29 14.60 -42.51
HN1 TRS P . 6.45 13.67 -44.29
HN2 TRS P . 7.03 13.46 -45.56
HN3 TRS P . 7.19 14.69 -44.92
HO1 TRS P . 9.07 10.87 -42.41
HO2 TRS P . 9.57 11.40 -46.16
HO3 TRS P . 9.38 16.23 -43.48
C TRS Q . -19.01 11.06 -28.17
C1 TRS Q . -18.70 10.65 -26.70
C2 TRS Q . -18.84 9.85 -29.12
C3 TRS Q . -18.14 12.26 -28.58
N TRS Q . -20.45 11.50 -28.26
O1 TRS Q . -17.31 10.44 -26.44
O2 TRS Q . -19.96 8.96 -29.01
O3 TRS Q . -18.52 13.42 -27.84
H11 TRS Q . -19.21 9.84 -26.48
H12 TRS Q . -19.02 11.36 -26.10
H21 TRS Q . -18.01 9.38 -28.89
H22 TRS Q . -18.75 10.18 -30.04
H31 TRS Q . -18.25 12.42 -29.55
H32 TRS Q . -17.19 12.06 -28.42
HN1 TRS Q . -20.63 12.22 -27.72
HN2 TRS Q . -21.03 10.84 -28.01
HN3 TRS Q . -20.69 11.75 -29.10
HO1 TRS Q . -16.88 10.03 -27.04
HO2 TRS Q . -19.91 8.22 -29.47
HO3 TRS Q . -18.08 14.16 -28.00
C TRS R . -34.40 2.78 -0.27
C1 TRS R . -32.97 2.51 0.20
C2 TRS R . -34.48 2.56 -1.76
C3 TRS R . -34.82 4.20 0.09
N TRS R . -35.30 1.85 0.41
O1 TRS R . -32.10 2.85 -0.85
O2 TRS R . -33.57 1.55 -2.14
O3 TRS R . -36.15 4.41 -0.32
H11 TRS R . -32.87 1.58 0.44
H12 TRS R . -32.77 3.04 0.99
H21 TRS R . -34.28 3.38 -2.24
H22 TRS R . -35.38 2.31 -2.01
H31 TRS R . -34.23 4.84 -0.36
H32 TRS R . -34.73 4.36 1.04
HN1 TRS R . -35.02 1.68 1.20
HN2 TRS R . -35.35 1.11 -0.04
HN3 TRS R . -36.09 2.19 0.46
HO1 TRS R . -32.11 2.24 -1.43
HO2 TRS R . -33.19 1.78 -2.86
HO3 TRS R . -36.38 5.20 -0.13
C TRS S . 37.39 1.23 -50.06
C1 TRS S . 36.44 0.29 -49.32
C2 TRS S . 38.37 0.41 -50.89
C3 TRS S . 38.15 2.10 -49.06
N TRS S . 36.62 2.10 -50.95
O1 TRS S . 37.21 -0.61 -48.54
O2 TRS S . 37.64 -0.43 -51.75
O3 TRS S . 38.95 3.03 -49.75
H11 TRS S . 35.90 -0.18 -49.96
H12 TRS S . 35.84 0.80 -48.76
H21 TRS S . 38.95 -0.10 -50.32
H22 TRS S . 38.93 1.00 -51.42
H31 TRS S . 38.70 1.55 -48.49
H32 TRS S . 37.51 2.57 -48.49
HN1 TRS S . 35.87 2.30 -50.58
HN2 TRS S . 36.47 1.69 -51.69
HN3 TRS S . 37.06 2.82 -51.10
HO1 TRS S . 36.69 -1.12 -48.14
HO2 TRS S . 38.08 -1.14 -51.88
HO3 TRS S . 39.70 2.68 -49.92
C TRS T . -16.82 -2.71 59.24
C1 TRS T . -16.25 -1.28 59.41
C2 TRS T . -16.01 -3.50 58.19
C3 TRS T . -18.32 -2.65 58.91
N TRS T . -16.68 -3.43 60.57
O1 TRS T . -16.52 -0.41 58.32
O2 TRS T . -14.77 -3.95 58.75
O3 TRS T . -19.05 -2.13 60.03
H11 TRS T . -15.27 -1.33 59.55
H12 TRS T . -16.62 -0.88 60.21
H21 TRS T . -15.85 -2.94 57.42
H22 TRS T . -16.53 -4.28 57.90
H31 TRS T . -18.64 -3.55 58.68
H32 TRS T . -18.46 -2.08 58.12
HN1 TRS T . -17.15 -3.03 61.24
HN2 TRS T . -15.82 -3.50 60.84
HN3 TRS T . -17.01 -4.29 60.53
HO1 TRS T . -16.45 -0.77 57.54
HO2 TRS T . -14.22 -4.36 58.21
HO3 TRS T . -19.92 -2.06 59.92
C TRS U . 2.66 14.82 79.18
C1 TRS U . 2.47 15.88 78.09
C2 TRS U . 2.55 13.45 78.55
C3 TRS U . 1.62 14.97 80.27
N TRS U . 3.99 14.98 79.77
O1 TRS U . 1.60 15.36 77.11
O2 TRS U . 3.03 13.50 77.22
O3 TRS U . 1.84 14.02 81.27
H11 TRS U . 3.32 16.12 77.71
H12 TRS U . 2.10 16.69 78.48
H21 TRS U . 1.63 13.14 78.56
H22 TRS U . 3.07 12.81 79.06
H31 TRS U . 0.73 14.87 79.90
H32 TRS U . 1.66 15.87 80.65
HN1 TRS U . 4.21 15.81 79.78
HN2 TRS U . 4.57 14.55 79.29
HN3 TRS U . 3.99 14.67 80.57
HO1 TRS U . 2.02 14.82 76.63
HO2 TRS U . 2.53 13.05 76.72
HO3 TRS U . 1.27 14.10 81.88
C TRS V . -31.77 -5.43 30.23
C1 TRS V . -31.69 -3.94 30.59
C2 TRS V . -31.50 -5.68 28.76
C3 TRS V . -33.13 -5.97 30.65
N TRS V . -30.75 -6.14 31.00
O1 TRS V . -32.93 -3.34 30.30
O2 TRS V . -31.88 -4.58 27.96
O3 TRS V . -33.15 -6.22 32.03
H11 TRS V . -30.99 -3.52 30.07
H12 TRS V . -31.47 -3.84 31.52
H21 TRS V . -31.99 -6.48 28.47
H22 TRS V . -30.56 -5.87 28.63
H31 TRS V . -33.32 -6.79 30.16
H32 TRS V . -33.83 -5.33 30.41
HN1 TRS V . -30.46 -5.63 31.63
HN2 TRS V . -30.10 -6.35 30.48
HN3 TRS V . -31.09 -6.85 31.34
HO1 TRS V . -33.14 -3.46 29.50
HO3 TRS V . -33.90 -6.51 32.25
#